data_9BMH
#
_entry.id   9BMH
#
loop_
_entity.id
_entity.type
_entity.pdbx_description
1 polymer 'Cytoplasmic dynein 1 heavy chain 1'
2 non-polymer 'ADP ORTHOVANADATE'
3 non-polymer "ADENOSINE-5'-TRIPHOSPHATE"
4 non-polymer "ADENOSINE-5'-DIPHOSPHATE"
5 non-polymer 'MAGNESIUM ION'
#
_entity_poly.entity_id   1
_entity_poly.type   'polypeptide(L)'
_entity_poly.pdbx_seq_one_letter_code
;MSEPGGGGGEDGSAGLEVSAVQNVADVSVLQKHLRKLVPLLLEDGGEAPAALEAALEEKSALEQMRKFLSDPQVHTVLVE
RSTLKEDVGDEGEEEKEFISYNINIDIHYGVKSNSLAFIKRTPVIDADKPVSSQLRVLTLSEDSPYETLHSFISNAVAPF
FKSYIRESGKADRDGDKMAPSVEKKIAELEMGLLHLQQNIEIPEISLPIHPMITNVAKQCYERGEKPKVTDFGDKVEDPT
FLNQLQSGVNRWIREIQKVTKLDRDPASGTALQEISFWLNLERALYRIQEKRESPEVLLTLDILKHGKRFHATVSFDTDT
GLKQALETVNDYNPLMKDFPLNDLLSATELDKIRQALVAIFTHLRKIRNTKYPIQRALRLVEAISRDLSSQLLKVLGTRK
LMHVAYEEFEKVMVACFEVFQTWDDEYEKLQVLLRDIVKRKREENLKMVWRINPAHRKLQARLDQMRKFRRQHEQLRAVI
VRVLRPQVTAVAQQNQGEVPEPQDMKVAEVLFDAADANAIEEVNLAYENVKEVDGLDVSKEGTEAWEAAMKRYDERIDRV
ETRITARLRDQLGTAKNANEMFRIFSRFNALFVRPHIRGAIREYQTQLIQRVKDDIESLHDKFKVQYPQSQACKMSHVRD
LPPVSGSIIWAKQIDRQLTAYMKRVEDVLGKGWENHVEGQKLKQDGDSFRMKLNTQEIFDDWARKVQQRNLGVSGRIFTI
ESTRVRGRTGNVLKLKVNFLPEIITLSKEVRNLKWLGFRVPLAIVNKAHQANQLYPFAISLIESVRTYERTCEKVEERNT
ISLLVAGLKKEVQALIAEGIALVWESYKLDPYVQRLAETVFNFQEKVDDLLIIEEKIDLEVRSLETCMYDHKTFSEILNR
VQKAVDDLNLHSYSNLPIWVNKLDMEIERILGVRLQAGLRAWTQVLLGQAEDKAEVDMDTDAPQVSHKPGGEPKIKNVVH
ELRITNQVIYLNPPIEECRYKLYQEMFAWKMVVLSLPRIQSQRYQVGVHYELTEEEKFYRNALTRMPDGPVALEESYSAV
MGIVSEVEQYVKVWLQYQCLWDMQAENIYNRLGEDLNKWQALLVQIRKARGTFDNAETKKEFGPVVIDYGKVQSKVNLKY
DSWHKEVLSKFGQMLGSNMTEFHSQISKSRQELEQHSVDTASTSDAVTFITYVQSLKRKIKQFEKQVELYRNGQRLLEKQ
RFQFPPSWLYIDNIEGEWGAFNDIMRRKDSAIQQQVANLQMKIVQEDRAVESRTTDLLTDWEKTKPVTGNLRPEEALQAL
TIYEGKFGRLKDDREKCAKAKEALELTDTGLLSGSEERVQVALEELQDLKGVWSELSKVWEQIDQMKEQPWVSVQPRKLR
QNLDALLNQLKSFPARLRQYASYEFVQRLLKGYMKINMLVIELKSEALKDRHWKQLMKRLHVNWVVSELTLGQIWDVDLQ
KNEAIVKDVLLVAQGEMALEEFLKQIREVWNTYELDLVNYQNKCRLIRGWDDLFNKVKEHINSVSAMKLSPYYKVFEEDA
LSWEDKLNRIMALFDVWIDVQRRWVYLEGIFTGSADIKHLLPVETQRFQSISTEFLALMKKVSKSPLVMDVLNIQGVQRS
LERLADLLGKIQKALGEYLERERSSFPRFYFVGDEDLLEIIGNSKNVAKLQKHFKKMFAGVSSIILNEDNSVVLGISSRE
GEEVMFKTPVSITEHPKINEWLTLVEKEMRVTLAKLLAESVTEVEIFGKATSIDPNTYITWIDKYQAQLVVLSAQIAWSE
NVETALSSMGGGGDAAPLHSVLSNVEVTLNVLADSVLMEQPPLRRRKLEHLITELVHQRDVTRSLIKSKIDNAKSFEWLS
QMRFYFDPKQTDVLQQLSIQMANAKFNYGFEYLGVQDKLVQTPLTDRCYLTMTQALEARLGGSPFGPAGTGKTESVKALG
HQLGRFVLVFNCDETFDFQAMGRIFVGLCQVGAWGCFDEFNRLEERMLSAVSQQVQCIQEALREHSNPNYDKTSAPITCE
LLNKQVKVSPDMAIFITMNPGYAGRSNLPDNLKKLFRSLAMTKPDRQLIAQVMLYSQGFRTAEVLANKIVPFFKLCDEQL
SSQSHYDFGLRALKSVLVSAGNVKRERIQKIKREKEERGEAVDEGEIAENLPEQEILIQSVCETMVPKLVAEDIPLLFSL
LSDVFPGVQYHRGEMTALREELKKVCQEMYLTYGDGEEVGGMWVEKVLQLYQITQINHGLMMVGPSGSGKSMAWRVLLKA
LERLEGVEGVAHIIDPKAISKDHLYGTLDPNTREWTDGLFTHVLRKIIDSVRGELQKRQWIVFDGDVDPEWVENLNSVLD
DNKLLTLPNGERLSLPPNVRIMFEVQDLKYATLATVSRCGMVWFSEDVLSTDMIFNNFLARLRSIPLDEGEDEAQRRRKG
KEDEGEEAASPMLQIQRDAATIMQPYFTSNGLVTKALEHAFQLEHIMDLTRLRCLGSLFSMLHQACRNVAQYNANHPDFP
MQIEQLERYIQRYLVYAILWSLSGDSRLKMRAELGEYIRRITTVPLPTAPNIPIIDYEVSISGEWSPWQAKVPQIEVETH
KVAAPDVVVPTLDTVRHEALLYTWLAEHKPLVLCGPPGSGKTMTLFSALRALPDMEVVGLNFSSATTPELLLKTFDHYCE
YRRTPNGVVLAPVQLGKWLVLFCDEINLPDMDKYGTQRVISFIRQMVEHGGFYRTSDQTWVKLERIQFVGACNPPTDPGR
KPLSHRFLRHVPVVYVDYPGPASLTQIYGTFNRAMLRLIPSLRTYAEPLTAAMVEFYTMSQERFTQDTQPHYIYSPREMT
RWVRGIFEALRPLETLPVEGLIRIWAHEALRLFQDRLVEDEERRWTDENIDTVALKHFPNIDREKAMSRPILYSNWLSKD
YIPVDQEELRDYVKARLKVFYEEELDVPLVLFNEVLDHVLRIDRIFRQPQGHLLLIGVSGAGKTTLSRFVAWMNGLSVYQ
IKVHRKYTGEDFDEDLRTVLRRSGCKNEKIAFIMDESNVLDSGFLERMNTLLANGEVPGLFEGDEYATLMTQCKEGAQKE
GLMLDSHEELYKWFTSQVIRNLHVVFTMNPSSEGLKDRAATSPALFNRCVLNWFGDWSTEALYQVGKEFTSKMDLEKPNY
IVPDYMPVVYDKLPQPPSHREAIVNSCVFVHQTLHQANARLAKRGGRTMAITPRHYLDFINHYANLFHEKRSELEEQQMH
LNVGLRKIKETVDQVEELRRDLRIKSQELEVKNAAANDKLKKMVKDQQEAEKKKVMSQEIQEQLHKQQEVIADKQMSVKE
DLDKVEPAVIEAQNAVKSIKKQHLVEVRSMANPPAAVKLALESICLLLGESTTDWKQIRSIIMRENFIPTIVNFSAEEIS
DAIREKMKKNYMSNPSYNYEIVNRASLACGPMVKWAIAQLNYADMLKRVEPLRNELQKLEDDAKDNQQKANEVEQMIRDL
EASIARYKEEYAVLISEAQAIKADLAAVEAKVNRSTALLKSLSAERERWEKTSETFKNQMSTIAGDCLLSAAFIAYAGYF
DQQMRQNLFTTWSHHLQQANIQFRTDIARTEYLSNADERLRWQASSLPADDLCTENAIMLKRFNRYPLIIDPSGQATEFI
MNEYKDRKITRTSFLDDAFRKNLESALRFGNPLLVQDVESYDPVLNPVLNREVRRTGGRVLITLGDQDIDLSPSFVIFLS
TRDPTVEFPPDLCSRVTFVNFTVTRSSLQSQCLNEVLKAERPDVDEKRSDLLKLQGEFQLRLRQLEKSLLQALNEVKGRI
LDDDTIITTLENLKREAAEVTRKVEETDIVMQEVETVSQQYLPLSTACSSIYFTMESLKQIHFLYQYSLQFFLDIYHNVL
YENPNLKGVTDHTQRLSIITKDLFQVAFNRVARGMLHQDHITFAMLLARIKLKGTVGEPTYDAEFQHFLRGNEIVLSAGS
TPRIQGLTVEQAEAVVRLSCLPAFKDLIAKVQADEQFGIWLDSSSPEQTVPYLWSEETPATPIGQAIHRLLLIQAFRPDR
LLAMAHMFVSTNLGESFMSIMEQPLDLTHIVGTEVKPNTPVLMCSVPGYDASGHVEDLAAEQNTQITSIAIGSAEGFNQA
DKAINTAVKSGRWVMLKNVHLAPGWLMQLEKKLHSLQPHACFRLFLTMEINPKVPVNLLRAGRIFVFEPPPGVKANMLRT
FSSIPVSRICKSPNERARLYFLLAWFHAIIQERLRYAPLGWSKKYEFGESDLRSACDTVDTWLDDTAKGRQNISPDKIPW
SALKTLMAQSIYGGRVDNEFDQRLLNTFLERLFTTRSFDSEFKLACKVDGHKDIQMPDGIRREEFVQWVELLPDTQTPSW
LGLPNNAERVLLTTQGVDMISKMLKMQMLEDEDDLAYAETEKKTRTDSTSDGRPAWMRTLHTTASNWLHLIPQTLSHLKR
TVENIKDPLFRFFEREVKMGAKLLQDVRQDLADVVQVCEGKKKQTNYLRTLINELVKGILPRSWSHYTVPAGMTVIQWVS
DFSERIKQLQNISLAAASGGAKELKNIHVCLGGLFVPEAYITATRQYVAQANSWSLEELCLEVNVTTSQGATLDACSFGV
TGLKLQGATCNNNKLSLSNAISTALPLTQLRWVKQTNTEKKASVVTLPVYLNFTRADLIFTVDFEIATKEDPRSFYERGV
AVLCTE
;
_entity_poly.pdbx_strand_id   A
#
loop_
_chem_comp.id
_chem_comp.type
_chem_comp.name
_chem_comp.formula
ADP non-polymer ADENOSINE-5'-DIPHOSPHATE 'C10 H15 N5 O10 P2'
AOV non-polymer 'ADP ORTHOVANADATE' 'C10 H17 N5 O14 P2 V'
ATP non-polymer ADENOSINE-5'-TRIPHOSPHATE 'C10 H16 N5 O13 P3'
MG non-polymer 'MAGNESIUM ION' 'Mg 2'
#
# COMPACT_ATOMS: atom_id res chain seq x y z
N ASP A 1535 -32.47 23.58 17.03
CA ASP A 1535 -31.19 23.51 16.32
C ASP A 1535 -30.73 24.90 15.88
N VAL A 1536 -31.45 25.91 16.34
CA VAL A 1536 -31.16 27.29 15.97
C VAL A 1536 -30.62 28.11 17.14
N TRP A 1537 -31.08 27.86 18.37
CA TRP A 1537 -30.69 28.69 19.50
C TRP A 1537 -29.19 28.64 19.74
N ILE A 1538 -28.58 27.45 19.64
CA ILE A 1538 -27.15 27.32 19.88
C ILE A 1538 -26.36 28.12 18.85
N ASP A 1539 -26.75 28.03 17.58
CA ASP A 1539 -26.02 28.73 16.52
C ASP A 1539 -26.12 30.25 16.71
N VAL A 1540 -27.33 30.75 16.98
CA VAL A 1540 -27.51 32.18 17.17
C VAL A 1540 -26.75 32.66 18.40
N GLN A 1541 -26.77 31.87 19.48
CA GLN A 1541 -26.05 32.24 20.68
C GLN A 1541 -24.55 32.32 20.41
N ARG A 1542 -23.99 31.32 19.73
CA ARG A 1542 -22.57 31.35 19.41
C ARG A 1542 -22.21 32.54 18.53
N ARG A 1543 -23.04 32.79 17.50
CA ARG A 1543 -22.77 33.89 16.59
C ARG A 1543 -22.78 35.22 17.33
N TRP A 1544 -23.79 35.43 18.18
CA TRP A 1544 -23.83 36.65 18.98
C TRP A 1544 -22.64 36.75 19.91
N VAL A 1545 -22.23 35.64 20.52
CA VAL A 1545 -21.11 35.69 21.46
C VAL A 1545 -19.83 36.13 20.76
N TYR A 1546 -19.47 35.50 19.64
CA TYR A 1546 -18.20 35.91 19.06
C TYR A 1546 -18.30 37.25 18.34
N LEU A 1547 -19.47 37.60 17.80
CA LEU A 1547 -19.60 38.94 17.22
C LEU A 1547 -19.51 40.02 18.28
N GLU A 1548 -20.10 39.78 19.45
CA GLU A 1548 -19.97 40.72 20.55
C GLU A 1548 -18.53 40.83 21.03
N GLY A 1549 -17.82 39.69 21.10
CA GLY A 1549 -16.42 39.74 21.45
C GLY A 1549 -15.61 40.56 20.47
N ILE A 1550 -15.84 40.35 19.16
CA ILE A 1550 -15.12 41.10 18.14
C ILE A 1550 -15.43 42.59 18.24
N PHE A 1551 -16.72 42.94 18.40
CA PHE A 1551 -17.10 44.35 18.43
C PHE A 1551 -16.61 45.05 19.69
N THR A 1552 -16.62 44.36 20.83
CA THR A 1552 -16.21 44.98 22.09
C THR A 1552 -14.69 45.09 22.19
N GLY A 1553 -13.97 44.04 21.80
CA GLY A 1553 -12.52 44.10 21.84
C GLY A 1553 -11.95 45.16 20.92
N SER A 1554 -12.52 45.29 19.72
CA SER A 1554 -12.09 46.30 18.75
C SER A 1554 -13.04 47.48 18.88
N ALA A 1555 -12.68 48.43 19.74
CA ALA A 1555 -13.51 49.60 19.95
C ALA A 1555 -13.48 50.57 18.77
N ASP A 1556 -12.46 50.48 17.92
CA ASP A 1556 -12.33 51.35 16.77
C ASP A 1556 -12.91 50.74 15.49
N ILE A 1557 -13.54 49.57 15.58
CA ILE A 1557 -14.15 48.96 14.41
C ILE A 1557 -15.45 49.65 14.03
N LYS A 1558 -16.05 50.42 14.95
CA LYS A 1558 -17.31 51.07 14.66
C LYS A 1558 -17.13 52.30 13.77
N HIS A 1559 -15.99 52.99 13.90
CA HIS A 1559 -15.75 54.18 13.07
C HIS A 1559 -15.71 53.83 11.60
N LEU A 1560 -15.30 52.61 11.25
CA LEU A 1560 -15.10 52.22 9.86
C LEU A 1560 -16.09 51.16 9.40
N LEU A 1561 -16.94 50.66 10.30
CA LEU A 1561 -18.02 49.73 9.96
C LEU A 1561 -19.33 50.26 10.57
N PRO A 1562 -19.80 51.42 10.10
CA PRO A 1562 -20.88 52.12 10.82
C PRO A 1562 -22.25 51.43 10.75
N VAL A 1563 -22.70 51.09 9.54
CA VAL A 1563 -24.07 50.61 9.37
C VAL A 1563 -24.25 49.25 10.04
N GLU A 1564 -23.31 48.32 9.84
CA GLU A 1564 -23.41 47.05 10.55
C GLU A 1564 -23.12 47.20 12.04
N THR A 1565 -22.41 48.25 12.46
CA THR A 1565 -22.30 48.52 13.89
C THR A 1565 -23.65 48.89 14.48
N GLN A 1566 -24.42 49.73 13.79
CA GLN A 1566 -25.78 50.04 14.26
C GLN A 1566 -26.68 48.82 14.22
N ARG A 1567 -26.54 48.00 13.18
CA ARG A 1567 -27.32 46.78 13.09
C ARG A 1567 -27.01 45.84 14.26
N PHE A 1568 -25.74 45.69 14.61
CA PHE A 1568 -25.38 44.88 15.76
C PHE A 1568 -25.79 45.54 17.07
N GLN A 1569 -25.87 46.87 17.11
CA GLN A 1569 -26.40 47.54 18.29
C GLN A 1569 -27.86 47.16 18.51
N SER A 1570 -28.65 47.17 17.44
CA SER A 1570 -30.02 46.70 17.53
C SER A 1570 -30.10 45.22 17.91
N ILE A 1571 -29.21 44.41 17.35
CA ILE A 1571 -29.18 42.99 17.67
C ILE A 1571 -28.83 42.79 19.15
N SER A 1572 -27.92 43.60 19.68
CA SER A 1572 -27.55 43.50 21.08
C SER A 1572 -28.68 43.95 21.98
N THR A 1573 -29.44 44.96 21.55
CA THR A 1573 -30.64 45.35 22.30
C THR A 1573 -31.64 44.20 22.34
N GLU A 1574 -31.84 43.52 21.21
CA GLU A 1574 -32.72 42.36 21.18
C GLU A 1574 -32.19 41.25 22.09
N PHE A 1575 -30.87 41.05 22.09
CA PHE A 1575 -30.27 40.02 22.94
C PHE A 1575 -30.46 40.36 24.41
N LEU A 1576 -30.34 41.64 24.77
CA LEU A 1576 -30.57 42.06 26.16
C LEU A 1576 -32.03 41.85 26.54
N ALA A 1577 -32.96 42.14 25.62
CA ALA A 1577 -34.37 41.86 25.89
C ALA A 1577 -34.61 40.38 26.12
N LEU A 1578 -34.00 39.53 25.29
CA LEU A 1578 -34.11 38.09 25.49
C LEU A 1578 -33.51 37.67 26.83
N MET A 1579 -32.37 38.26 27.19
CA MET A 1579 -31.73 37.93 28.46
C MET A 1579 -32.63 38.29 29.64
N LYS A 1580 -33.29 39.45 29.57
CA LYS A 1580 -34.17 39.87 30.66
C LYS A 1580 -35.52 39.17 30.63
N LYS A 1581 -35.89 38.53 29.52
CA LYS A 1581 -37.15 37.80 29.45
C LYS A 1581 -37.02 36.32 29.80
N VAL A 1582 -36.10 35.59 29.18
CA VAL A 1582 -36.04 34.14 29.37
C VAL A 1582 -35.48 33.77 30.74
N SER A 1583 -34.61 34.59 31.33
CA SER A 1583 -34.01 34.26 32.61
C SER A 1583 -34.98 34.44 33.77
N LYS A 1584 -36.07 35.17 33.57
CA LYS A 1584 -37.06 35.35 34.63
C LYS A 1584 -37.73 34.02 34.99
N SER A 1585 -38.03 33.20 33.98
CA SER A 1585 -38.64 31.89 34.19
C SER A 1585 -37.67 30.80 33.74
N PRO A 1586 -36.96 30.15 34.68
CA PRO A 1586 -35.95 29.14 34.33
C PRO A 1586 -36.54 27.75 34.06
N LEU A 1587 -37.55 27.69 33.20
CA LEU A 1587 -38.17 26.43 32.83
C LEU A 1587 -38.38 26.39 31.32
N VAL A 1588 -38.13 25.22 30.72
CA VAL A 1588 -38.27 25.07 29.28
C VAL A 1588 -39.74 25.21 28.87
N MET A 1589 -40.65 24.61 29.64
CA MET A 1589 -42.07 24.71 29.33
C MET A 1589 -42.57 26.15 29.50
N ASP A 1590 -42.02 26.87 30.48
CA ASP A 1590 -42.44 28.25 30.72
C ASP A 1590 -41.99 29.20 29.62
N VAL A 1591 -41.01 28.81 28.80
CA VAL A 1591 -40.48 29.69 27.77
C VAL A 1591 -40.87 29.26 26.35
N LEU A 1592 -41.15 27.98 26.11
CA LEU A 1592 -41.64 27.61 24.78
C LEU A 1592 -43.10 27.98 24.57
N ASN A 1593 -43.85 28.26 25.63
CA ASN A 1593 -45.25 28.64 25.46
C ASN A 1593 -45.42 30.11 25.08
N ILE A 1594 -44.34 30.90 25.11
CA ILE A 1594 -44.42 32.33 24.80
C ILE A 1594 -44.36 32.52 23.29
N GLN A 1595 -45.35 33.22 22.76
CA GLN A 1595 -45.41 33.48 21.32
C GLN A 1595 -44.40 34.55 20.92
N GLY A 1596 -44.02 34.53 19.65
CA GLY A 1596 -43.07 35.49 19.11
C GLY A 1596 -41.62 35.15 19.36
N VAL A 1597 -41.32 34.01 19.97
CA VAL A 1597 -39.94 33.65 20.27
C VAL A 1597 -39.28 32.98 19.07
N GLN A 1598 -39.98 32.05 18.42
CA GLN A 1598 -39.38 31.31 17.32
C GLN A 1598 -39.22 32.18 16.07
N ARG A 1599 -40.22 33.01 15.76
CA ARG A 1599 -40.11 33.90 14.62
C ARG A 1599 -38.98 34.90 14.82
N SER A 1600 -38.89 35.48 16.01
CA SER A 1600 -37.79 36.39 16.31
C SER A 1600 -36.44 35.67 16.29
N LEU A 1601 -36.42 34.39 16.71
CA LEU A 1601 -35.17 33.62 16.64
C LEU A 1601 -34.73 33.41 15.20
N GLU A 1602 -35.67 33.09 14.31
CA GLU A 1602 -35.32 32.94 12.90
C GLU A 1602 -34.86 34.27 12.30
N ARG A 1603 -35.54 35.37 12.64
CA ARG A 1603 -35.13 36.68 12.17
C ARG A 1603 -33.72 37.03 12.66
N LEU A 1604 -33.43 36.72 13.93
CA LEU A 1604 -32.10 36.98 14.47
C LEU A 1604 -31.05 36.09 13.80
N ALA A 1605 -31.40 34.85 13.48
CA ALA A 1605 -30.47 33.98 12.76
C ALA A 1605 -30.15 34.54 11.39
N ASP A 1606 -31.17 34.99 10.67
CA ASP A 1606 -30.94 35.59 9.36
C ASP A 1606 -30.08 36.85 9.46
N LEU A 1607 -30.38 37.71 10.45
CA LEU A 1607 -29.60 38.92 10.63
C LEU A 1607 -28.15 38.62 10.98
N LEU A 1608 -27.93 37.63 11.86
CA LEU A 1608 -26.58 37.25 12.24
C LEU A 1608 -25.81 36.70 11.06
N GLY A 1609 -26.44 35.84 10.25
CA GLY A 1609 -25.79 35.34 9.06
C GLY A 1609 -25.44 36.46 8.09
N LYS A 1610 -26.36 37.42 7.91
CA LYS A 1610 -26.11 38.52 6.99
C LYS A 1610 -24.97 39.40 7.48
N ILE A 1611 -24.93 39.71 8.77
CA ILE A 1611 -23.86 40.56 9.29
C ILE A 1611 -22.53 39.83 9.28
N GLN A 1612 -22.54 38.52 9.52
CA GLN A 1612 -21.30 37.74 9.39
C GLN A 1612 -20.79 37.76 7.96
N LYS A 1613 -21.70 37.59 6.99
CA LYS A 1613 -21.29 37.66 5.59
C LYS A 1613 -20.76 39.05 5.24
N ALA A 1614 -21.40 40.10 5.77
CA ALA A 1614 -20.92 41.46 5.52
C ALA A 1614 -19.53 41.66 6.11
N LEU A 1615 -19.29 41.15 7.32
CA LEU A 1615 -17.97 41.27 7.93
C LEU A 1615 -16.92 40.51 7.12
N GLY A 1616 -17.26 39.32 6.64
CA GLY A 1616 -16.32 38.57 5.81
C GLY A 1616 -16.01 39.27 4.50
N GLU A 1617 -17.04 39.81 3.85
CA GLU A 1617 -16.81 40.55 2.60
C GLU A 1617 -15.98 41.80 2.85
N TYR A 1618 -16.22 42.49 3.97
CA TYR A 1618 -15.37 43.63 4.33
C TYR A 1618 -13.94 43.20 4.56
N LEU A 1619 -13.73 42.08 5.24
CA LEU A 1619 -12.36 41.62 5.47
C LEU A 1619 -11.67 41.30 4.15
N GLU A 1620 -12.39 40.65 3.23
CA GLU A 1620 -11.81 40.36 1.92
C GLU A 1620 -11.47 41.64 1.17
N ARG A 1621 -12.38 42.63 1.19
CA ARG A 1621 -12.14 43.88 0.49
C ARG A 1621 -10.95 44.64 1.09
N GLU A 1622 -10.85 44.64 2.42
CA GLU A 1622 -9.72 45.30 3.07
C GLU A 1622 -8.43 44.55 2.83
N ARG A 1623 -8.50 43.24 2.58
CA ARG A 1623 -7.32 42.48 2.19
C ARG A 1623 -6.93 42.74 0.74
N SER A 1624 -7.90 43.10 -0.11
CA SER A 1624 -7.56 43.43 -1.50
C SER A 1624 -6.62 44.63 -1.57
N SER A 1625 -6.90 45.67 -0.78
CA SER A 1625 -5.96 46.76 -0.63
C SER A 1625 -4.89 46.38 0.39
N PHE A 1626 -3.64 46.74 0.09
CA PHE A 1626 -2.50 46.33 0.90
C PHE A 1626 -2.53 44.81 1.07
N PRO A 1627 -2.18 44.04 0.03
CA PRO A 1627 -2.38 42.58 0.09
C PRO A 1627 -1.56 41.88 1.15
N ARG A 1628 -0.69 42.61 1.84
CA ARG A 1628 0.12 41.99 2.90
C ARG A 1628 -0.72 41.44 4.04
N PHE A 1629 -1.98 41.86 4.14
CA PHE A 1629 -2.87 41.34 5.17
C PHE A 1629 -3.23 39.87 4.95
N TYR A 1630 -2.92 39.31 3.78
CA TYR A 1630 -3.14 37.89 3.53
C TYR A 1630 -2.21 36.99 4.33
N PHE A 1631 -1.18 37.57 4.97
CA PHE A 1631 -0.25 36.80 5.77
C PHE A 1631 -0.56 36.83 7.26
N VAL A 1632 -1.66 37.47 7.65
CA VAL A 1632 -2.10 37.49 9.05
C VAL A 1632 -3.47 36.85 9.14
N GLY A 1633 -3.79 36.33 10.32
CA GLY A 1633 -5.05 35.66 10.54
C GLY A 1633 -6.22 36.63 10.55
N ASP A 1634 -7.42 36.05 10.45
CA ASP A 1634 -8.63 36.86 10.46
C ASP A 1634 -8.80 37.60 11.78
N GLU A 1635 -8.57 36.90 12.90
CA GLU A 1635 -8.62 37.57 14.19
C GLU A 1635 -7.46 38.54 14.37
N ASP A 1636 -6.29 38.21 13.82
CA ASP A 1636 -5.17 39.15 13.85
C ASP A 1636 -5.48 40.40 13.02
N LEU A 1637 -6.11 40.22 11.85
CA LEU A 1637 -6.51 41.36 11.05
C LEU A 1637 -7.55 42.21 11.78
N LEU A 1638 -8.50 41.57 12.46
CA LEU A 1638 -9.49 42.33 13.23
C LEU A 1638 -8.83 43.10 14.36
N GLU A 1639 -7.84 42.49 15.03
CA GLU A 1639 -7.09 43.18 16.06
C GLU A 1639 -6.36 44.39 15.49
N ILE A 1640 -5.77 44.24 14.31
CA ILE A 1640 -5.12 45.36 13.64
C ILE A 1640 -6.13 46.47 13.35
N ILE A 1641 -7.32 46.08 12.89
CA ILE A 1641 -8.36 47.06 12.56
C ILE A 1641 -8.77 47.84 13.81
N GLY A 1642 -9.01 47.13 14.92
CA GLY A 1642 -9.49 47.79 16.12
C GLY A 1642 -8.44 48.56 16.90
N ASN A 1643 -7.17 48.26 16.67
CA ASN A 1643 -6.07 48.93 17.37
C ASN A 1643 -5.24 49.79 16.41
N SER A 1644 -5.91 50.50 15.51
CA SER A 1644 -5.19 51.42 14.64
C SER A 1644 -4.79 52.69 15.39
N LYS A 1645 -5.52 53.05 16.45
CA LYS A 1645 -5.18 54.25 17.20
C LYS A 1645 -3.88 54.06 17.98
N ASN A 1646 -3.71 52.92 18.64
CA ASN A 1646 -2.50 52.61 19.39
C ASN A 1646 -1.61 51.71 18.54
N VAL A 1647 -0.43 52.21 18.18
CA VAL A 1647 0.47 51.50 17.28
C VAL A 1647 1.47 50.62 18.01
N ALA A 1648 1.43 50.60 19.36
CA ALA A 1648 2.32 49.70 20.10
C ALA A 1648 1.93 48.24 19.89
N LYS A 1649 0.63 47.97 19.78
CA LYS A 1649 0.16 46.60 19.58
C LYS A 1649 0.45 46.11 18.17
N LEU A 1650 0.62 47.01 17.21
CA LEU A 1650 0.90 46.64 15.82
C LEU A 1650 2.32 46.12 15.62
N GLN A 1651 3.21 46.32 16.59
CA GLN A 1651 4.62 46.00 16.39
C GLN A 1651 4.87 44.50 16.29
N LYS A 1652 4.01 43.67 16.83
CA LYS A 1652 4.22 42.23 16.83
C LYS A 1652 3.74 41.55 15.56
N HIS A 1653 3.16 42.31 14.63
CA HIS A 1653 2.65 41.75 13.38
C HIS A 1653 3.49 42.11 12.17
N PHE A 1654 4.42 43.06 12.29
CA PHE A 1654 5.25 43.43 11.15
C PHE A 1654 6.25 42.36 10.77
N LYS A 1655 6.60 41.46 11.70
CA LYS A 1655 7.56 40.41 11.39
C LYS A 1655 7.00 39.42 10.39
N LYS A 1656 5.70 39.14 10.44
CA LYS A 1656 5.08 38.16 9.55
C LYS A 1656 4.53 38.77 8.28
N MET A 1657 4.38 40.09 8.22
CA MET A 1657 3.94 40.77 7.01
C MET A 1657 5.09 41.32 6.17
N PHE A 1658 6.33 41.24 6.65
CA PHE A 1658 7.48 41.76 5.94
C PHE A 1658 8.65 40.79 6.11
N ALA A 1659 9.58 40.86 5.15
CA ALA A 1659 10.70 39.93 5.16
C ALA A 1659 11.66 40.22 6.32
N GLY A 1660 11.95 41.49 6.57
CA GLY A 1660 12.92 41.83 7.58
C GLY A 1660 12.52 42.97 8.50
N VAL A 1661 11.32 43.51 8.31
CA VAL A 1661 10.83 44.63 9.13
C VAL A 1661 10.35 44.05 10.45
N SER A 1662 11.20 44.11 11.48
CA SER A 1662 10.78 43.64 12.80
C SER A 1662 9.81 44.61 13.45
N SER A 1663 10.08 45.91 13.34
CA SER A 1663 9.22 46.92 13.93
C SER A 1663 9.43 48.23 13.18
N ILE A 1664 8.49 49.14 13.35
CA ILE A 1664 8.58 50.47 12.74
C ILE A 1664 9.11 51.44 13.77
N ILE A 1665 9.79 52.48 13.28
CA ILE A 1665 10.36 53.52 14.14
C ILE A 1665 9.40 54.70 14.17
N LEU A 1666 9.07 55.15 15.38
CA LEU A 1666 8.08 56.19 15.58
C LEU A 1666 8.63 57.26 16.50
N ASN A 1667 8.09 58.47 16.37
CA ASN A 1667 8.46 59.58 17.24
C ASN A 1667 7.83 59.38 18.62
N GLU A 1668 8.07 60.36 19.50
CA GLU A 1668 7.46 60.30 20.83
C GLU A 1668 5.95 60.44 20.76
N ASP A 1669 5.44 61.15 19.74
CA ASP A 1669 4.00 61.33 19.58
C ASP A 1669 3.30 60.09 19.04
N ASN A 1670 4.05 59.17 18.42
CA ASN A 1670 3.48 57.99 17.78
C ASN A 1670 2.43 58.37 16.74
N SER A 1671 2.71 59.43 15.98
CA SER A 1671 1.80 59.93 14.97
C SER A 1671 2.40 59.99 13.58
N VAL A 1672 3.71 59.84 13.44
CA VAL A 1672 4.39 59.83 12.14
C VAL A 1672 5.38 58.68 12.13
N VAL A 1673 5.50 58.00 11.00
CA VAL A 1673 6.37 56.84 10.88
C VAL A 1673 7.73 57.32 10.36
N LEU A 1674 8.71 57.38 11.25
CA LEU A 1674 10.06 57.81 10.85
C LEU A 1674 10.74 56.76 9.98
N GLY A 1675 10.68 55.51 10.40
CA GLY A 1675 11.36 54.45 9.68
C GLY A 1675 10.99 53.08 10.21
N ILE A 1676 11.80 52.10 9.83
CA ILE A 1676 11.59 50.71 10.19
C ILE A 1676 12.91 50.13 10.68
N SER A 1677 12.81 49.03 11.41
CA SER A 1677 13.98 48.38 12.00
C SER A 1677 13.92 46.89 11.74
N SER A 1678 15.10 46.28 11.69
CA SER A 1678 15.22 44.83 11.51
C SER A 1678 15.34 44.13 12.85
N ARG A 1679 15.33 42.79 12.82
CA ARG A 1679 15.45 42.03 14.04
C ARG A 1679 16.82 42.21 14.69
N GLU A 1680 17.84 42.50 13.90
CA GLU A 1680 19.19 42.70 14.43
C GLU A 1680 19.41 44.11 14.96
N GLY A 1681 18.40 44.98 14.86
CA GLY A 1681 18.53 46.37 15.26
C GLY A 1681 18.82 47.32 14.14
N GLU A 1682 19.24 46.82 12.98
CA GLU A 1682 19.50 47.68 11.84
C GLU A 1682 18.22 48.34 11.35
N GLU A 1683 18.33 49.60 10.97
CA GLU A 1683 17.17 50.41 10.62
C GLU A 1683 17.46 51.25 9.38
N VAL A 1684 16.39 51.65 8.70
CA VAL A 1684 16.47 52.57 7.57
C VAL A 1684 15.54 53.74 7.90
N MET A 1685 16.01 54.96 7.66
CA MET A 1685 15.18 56.14 7.87
C MET A 1685 14.54 56.57 6.56
N PHE A 1686 13.23 56.75 6.59
CA PHE A 1686 12.49 57.14 5.40
C PHE A 1686 12.91 58.52 4.93
N LYS A 1687 13.02 58.69 3.60
CA LYS A 1687 13.30 60.01 3.05
C LYS A 1687 12.17 60.98 3.37
N THR A 1688 10.93 60.53 3.22
CA THR A 1688 9.75 61.31 3.59
C THR A 1688 8.93 60.51 4.59
N PRO A 1689 9.02 60.81 5.88
CA PRO A 1689 8.29 60.03 6.89
C PRO A 1689 6.79 60.05 6.63
N VAL A 1690 6.14 58.92 6.92
CA VAL A 1690 4.71 58.74 6.68
C VAL A 1690 3.95 59.17 7.92
N SER A 1691 3.02 60.10 7.74
CA SER A 1691 2.26 60.68 8.85
C SER A 1691 0.95 59.92 9.01
N ILE A 1692 0.76 59.33 10.19
CA ILE A 1692 -0.48 58.61 10.47
C ILE A 1692 -1.65 59.57 10.60
N THR A 1693 -1.41 60.79 11.13
CA THR A 1693 -2.49 61.75 11.29
C THR A 1693 -3.11 62.16 9.96
N GLU A 1694 -2.27 62.35 8.94
CA GLU A 1694 -2.78 62.72 7.62
C GLU A 1694 -3.42 61.55 6.91
N HIS A 1695 -3.13 60.31 7.32
CA HIS A 1695 -3.70 59.11 6.73
C HIS A 1695 -4.21 58.20 7.84
N PRO A 1696 -5.35 58.56 8.45
CA PRO A 1696 -5.81 57.82 9.64
C PRO A 1696 -6.11 56.36 9.39
N LYS A 1697 -6.57 56.00 8.19
CA LYS A 1697 -6.95 54.61 7.93
C LYS A 1697 -5.72 53.70 7.93
N ILE A 1698 -5.87 52.51 8.50
CA ILE A 1698 -4.75 51.60 8.67
C ILE A 1698 -4.16 51.20 7.32
N ASN A 1699 -5.03 50.85 6.36
CA ASN A 1699 -4.53 50.33 5.08
C ASN A 1699 -3.74 51.38 4.32
N GLU A 1700 -4.21 52.62 4.32
CA GLU A 1700 -3.55 53.67 3.56
C GLU A 1700 -2.13 53.92 4.08
N TRP A 1701 -1.98 54.08 5.39
CA TRP A 1701 -0.66 54.40 5.91
C TRP A 1701 0.25 53.17 5.95
N LEU A 1702 -0.28 51.95 6.07
CA LEU A 1702 0.57 50.78 5.87
C LEU A 1702 1.07 50.68 4.43
N THR A 1703 0.21 50.96 3.46
CA THR A 1703 0.64 50.96 2.06
C THR A 1703 1.69 52.03 1.83
N LEU A 1704 1.50 53.21 2.41
CA LEU A 1704 2.49 54.28 2.29
C LEU A 1704 3.81 53.89 2.96
N VAL A 1705 3.74 53.19 4.09
CA VAL A 1705 4.96 52.74 4.76
C VAL A 1705 5.73 51.77 3.86
N GLU A 1706 5.02 50.82 3.24
CA GLU A 1706 5.69 49.88 2.34
C GLU A 1706 6.28 50.60 1.13
N LYS A 1707 5.52 51.51 0.52
CA LYS A 1707 6.01 52.24 -0.64
C LYS A 1707 7.23 53.09 -0.28
N GLU A 1708 7.19 53.74 0.89
CA GLU A 1708 8.32 54.57 1.31
C GLU A 1708 9.52 53.71 1.68
N MET A 1709 9.30 52.52 2.23
CA MET A 1709 10.39 51.56 2.40
C MET A 1709 11.11 51.31 1.09
N ARG A 1710 10.34 50.97 0.04
CA ARG A 1710 10.94 50.70 -1.25
C ARG A 1710 11.67 51.93 -1.80
N VAL A 1711 11.04 53.10 -1.69
CA VAL A 1711 11.62 54.32 -2.24
C VAL A 1711 12.92 54.68 -1.52
N THR A 1712 12.91 54.63 -0.18
CA THR A 1712 14.10 55.00 0.57
C THR A 1712 15.23 53.99 0.35
N LEU A 1713 14.90 52.71 0.19
CA LEU A 1713 15.94 51.75 -0.18
C LEU A 1713 16.52 52.05 -1.55
N ALA A 1714 15.67 52.46 -2.51
CA ALA A 1714 16.19 52.82 -3.83
C ALA A 1714 17.12 54.03 -3.76
N LYS A 1715 16.73 55.07 -3.01
CA LYS A 1715 17.58 56.26 -2.90
C LYS A 1715 18.89 55.94 -2.20
N LEU A 1716 18.81 55.16 -1.12
CA LEU A 1716 20.03 54.76 -0.41
C LEU A 1716 20.93 53.93 -1.30
N LEU A 1717 20.36 53.06 -2.14
CA LEU A 1717 21.16 52.30 -3.09
C LEU A 1717 21.83 53.23 -4.10
N ALA A 1718 21.10 54.24 -4.57
CA ALA A 1718 21.70 55.19 -5.52
C ALA A 1718 22.91 55.89 -4.90
N GLU A 1719 22.76 56.38 -3.66
CA GLU A 1719 23.88 57.05 -3.01
C GLU A 1719 25.04 56.09 -2.77
N SER A 1720 24.74 54.87 -2.32
CA SER A 1720 25.79 53.89 -2.05
C SER A 1720 26.52 53.50 -3.33
N VAL A 1721 25.79 53.39 -4.43
CA VAL A 1721 26.41 53.10 -5.72
C VAL A 1721 27.32 54.25 -6.15
N THR A 1722 26.85 55.49 -5.95
CA THR A 1722 27.68 56.64 -6.28
C THR A 1722 28.99 56.61 -5.50
N GLU A 1723 28.92 56.26 -4.21
CA GLU A 1723 30.13 56.22 -3.40
C GLU A 1723 31.05 55.06 -3.77
N VAL A 1724 30.48 53.86 -3.98
CA VAL A 1724 31.30 52.69 -4.28
C VAL A 1724 31.91 52.82 -5.66
N GLU A 1725 31.28 53.59 -6.57
CA GLU A 1725 31.91 53.87 -7.85
C GLU A 1725 33.21 54.65 -7.67
N ILE A 1726 33.23 55.59 -6.73
CA ILE A 1726 34.48 56.24 -6.35
C ILE A 1726 35.43 55.21 -5.75
N PHE A 1727 34.92 54.32 -4.91
CA PHE A 1727 35.75 53.26 -4.36
C PHE A 1727 36.26 52.31 -5.44
N GLY A 1728 35.52 52.19 -6.53
CA GLY A 1728 36.00 51.45 -7.68
C GLY A 1728 37.04 52.26 -8.45
N LYS A 1729 37.49 51.67 -9.55
CA LYS A 1729 38.48 52.25 -10.47
C LYS A 1729 39.60 52.99 -9.73
N ALA A 1730 40.08 52.40 -8.62
CA ALA A 1730 41.13 53.00 -7.81
C ALA A 1730 42.25 52.00 -7.58
N THR A 1731 43.49 52.48 -7.68
CA THR A 1731 44.64 51.61 -7.46
C THR A 1731 44.82 51.28 -5.98
N SER A 1732 44.42 52.20 -5.10
CA SER A 1732 44.50 51.98 -3.66
C SER A 1732 43.23 52.50 -3.00
N ILE A 1733 42.89 51.91 -1.85
CA ILE A 1733 41.70 52.26 -1.10
C ILE A 1733 42.11 52.62 0.32
N ASP A 1734 41.64 53.77 0.79
CA ASP A 1734 41.84 54.16 2.18
C ASP A 1734 40.93 53.31 3.06
N PRO A 1735 41.48 52.53 4.00
CA PRO A 1735 40.61 51.68 4.82
C PRO A 1735 39.58 52.46 5.61
N ASN A 1736 39.93 53.64 6.12
CA ASN A 1736 38.99 54.40 6.95
C ASN A 1736 37.74 54.79 6.16
N THR A 1737 37.93 55.28 4.93
CA THR A 1737 36.78 55.67 4.12
C THR A 1737 35.93 54.47 3.76
N TYR A 1738 36.55 53.33 3.45
CA TYR A 1738 35.79 52.14 3.10
C TYR A 1738 34.95 51.66 4.28
N ILE A 1739 35.54 51.63 5.48
CA ILE A 1739 34.78 51.23 6.66
C ILE A 1739 33.69 52.25 6.97
N THR A 1740 33.95 53.54 6.74
CA THR A 1740 32.92 54.55 6.94
C THR A 1740 31.73 54.30 6.02
N TRP A 1741 31.99 54.01 4.74
CA TRP A 1741 30.92 53.72 3.81
C TRP A 1741 30.18 52.45 4.19
N ILE A 1742 30.91 51.42 4.63
CA ILE A 1742 30.28 50.18 5.05
C ILE A 1742 29.34 50.44 6.23
N ASP A 1743 29.80 51.22 7.21
CA ASP A 1743 28.98 51.54 8.37
C ASP A 1743 27.77 52.39 7.98
N LYS A 1744 27.91 53.26 6.98
CA LYS A 1744 26.82 54.18 6.64
C LYS A 1744 25.59 53.45 6.12
N TYR A 1745 25.78 52.41 5.32
CA TYR A 1745 24.69 51.76 4.62
C TYR A 1745 24.43 50.36 5.18
N GLN A 1746 23.27 49.82 4.80
CA GLN A 1746 22.80 48.55 5.33
C GLN A 1746 23.53 47.38 4.70
N ALA A 1747 23.50 46.24 5.39
CA ALA A 1747 24.24 45.06 4.93
C ALA A 1747 23.75 44.59 3.56
N GLN A 1748 22.47 44.77 3.27
CA GLN A 1748 21.95 44.46 1.94
C GLN A 1748 22.55 45.40 0.90
N LEU A 1749 22.52 46.71 1.16
CA LEU A 1749 22.87 47.70 0.17
C LEU A 1749 24.36 47.75 -0.13
N VAL A 1750 25.21 47.47 0.86
CA VAL A 1750 26.65 47.48 0.59
C VAL A 1750 27.01 46.38 -0.40
N VAL A 1751 26.48 45.18 -0.21
CA VAL A 1751 26.73 44.08 -1.12
C VAL A 1751 26.11 44.36 -2.48
N LEU A 1752 24.89 44.90 -2.50
CA LEU A 1752 24.26 45.22 -3.77
C LEU A 1752 25.08 46.25 -4.55
N SER A 1753 25.58 47.27 -3.86
CA SER A 1753 26.38 48.30 -4.51
C SER A 1753 27.70 47.75 -5.02
N ALA A 1754 28.35 46.88 -4.23
CA ALA A 1754 29.58 46.26 -4.70
C ALA A 1754 29.34 45.44 -5.95
N GLN A 1755 28.28 44.63 -5.97
CA GLN A 1755 27.95 43.85 -7.15
C GLN A 1755 27.68 44.74 -8.35
N ILE A 1756 26.90 45.81 -8.16
CA ILE A 1756 26.63 46.75 -9.23
C ILE A 1756 27.95 47.29 -9.79
N ALA A 1757 28.71 48.00 -8.95
CA ALA A 1757 29.94 48.63 -9.40
C ALA A 1757 30.85 47.65 -10.13
N TRP A 1758 30.97 46.42 -9.63
CA TRP A 1758 31.77 45.43 -10.33
C TRP A 1758 31.16 45.10 -11.69
N SER A 1759 29.82 45.07 -11.78
CA SER A 1759 29.18 44.75 -13.05
C SER A 1759 29.46 45.82 -14.10
N GLU A 1760 29.28 47.11 -13.75
CA GLU A 1760 29.64 48.14 -14.73
C GLU A 1760 31.13 48.17 -15.02
N ASN A 1761 31.97 47.87 -14.04
CA ASN A 1761 33.41 47.83 -14.32
C ASN A 1761 33.74 46.77 -15.37
N VAL A 1762 33.21 45.56 -15.19
CA VAL A 1762 33.50 44.49 -16.13
C VAL A 1762 32.86 44.76 -17.48
N GLU A 1763 31.65 45.33 -17.49
CA GLU A 1763 31.00 45.67 -18.75
C GLU A 1763 31.79 46.72 -19.52
N THR A 1764 32.29 47.75 -18.84
CA THR A 1764 33.10 48.75 -19.49
C THR A 1764 34.41 48.16 -20.01
N ALA A 1765 35.04 47.29 -19.21
CA ALA A 1765 36.28 46.66 -19.64
C ALA A 1765 36.07 45.80 -20.87
N LEU A 1766 34.96 45.06 -20.92
CA LEU A 1766 34.67 44.24 -22.09
C LEU A 1766 34.31 45.09 -23.30
N SER A 1767 33.62 46.21 -23.08
CA SER A 1767 33.34 47.13 -24.18
C SER A 1767 34.63 47.70 -24.75
N SER A 1768 35.61 47.98 -23.90
CA SER A 1768 36.90 48.44 -24.38
C SER A 1768 37.57 47.37 -25.24
N MET A 1769 37.50 46.12 -24.81
CA MET A 1769 38.06 45.01 -25.57
C MET A 1769 37.20 44.64 -26.78
N GLY A 1770 36.00 45.21 -26.90
CA GLY A 1770 35.11 44.84 -27.99
C GLY A 1770 35.66 45.19 -29.36
N GLY A 1771 36.68 46.05 -29.41
CA GLY A 1771 37.29 46.39 -30.68
C GLY A 1771 38.02 45.22 -31.31
N GLY A 1772 38.43 44.24 -30.51
CA GLY A 1772 39.11 43.06 -31.02
C GLY A 1772 40.61 43.19 -30.95
N GLY A 1773 41.26 42.37 -30.12
CA GLY A 1773 42.69 42.43 -29.96
C GLY A 1773 43.20 43.55 -29.08
N ASP A 1774 42.30 44.28 -28.43
CA ASP A 1774 42.72 45.38 -27.57
C ASP A 1774 43.38 44.86 -26.30
N ALA A 1775 44.33 45.65 -25.77
CA ALA A 1775 44.95 45.32 -24.50
C ALA A 1775 43.89 45.26 -23.41
N ALA A 1776 44.01 44.26 -22.54
CA ALA A 1776 42.96 43.96 -21.57
C ALA A 1776 42.96 44.93 -20.40
N PRO A 1777 41.87 45.67 -20.19
CA PRO A 1777 41.68 46.38 -18.91
C PRO A 1777 40.96 45.53 -17.87
N LEU A 1778 40.61 44.29 -18.20
CA LEU A 1778 40.00 43.40 -17.23
C LEU A 1778 40.98 43.07 -16.11
N HIS A 1779 42.28 43.08 -16.41
CA HIS A 1779 43.29 42.91 -15.37
C HIS A 1779 43.19 44.01 -14.33
N SER A 1780 42.86 45.23 -14.77
CA SER A 1780 42.66 46.32 -13.82
C SER A 1780 41.47 46.05 -12.92
N VAL A 1781 40.38 45.52 -13.47
CA VAL A 1781 39.22 45.18 -12.65
C VAL A 1781 39.58 44.10 -11.64
N LEU A 1782 40.33 43.09 -12.07
CA LEU A 1782 40.76 42.04 -11.15
C LEU A 1782 41.65 42.59 -10.05
N SER A 1783 42.57 43.51 -10.40
CA SER A 1783 43.44 44.10 -9.41
C SER A 1783 42.67 44.95 -8.41
N ASN A 1784 41.67 45.70 -8.89
CA ASN A 1784 40.81 46.46 -7.98
C ASN A 1784 40.08 45.53 -7.03
N VAL A 1785 39.54 44.43 -7.54
CA VAL A 1785 38.86 43.47 -6.68
C VAL A 1785 39.81 42.90 -5.65
N GLU A 1786 41.05 42.61 -6.07
CA GLU A 1786 42.02 42.02 -5.14
C GLU A 1786 42.43 43.00 -4.05
N VAL A 1787 42.62 44.28 -4.40
CA VAL A 1787 43.00 45.24 -3.36
C VAL A 1787 41.84 45.50 -2.40
N THR A 1788 40.61 45.58 -2.92
CA THR A 1788 39.47 45.74 -2.02
C THR A 1788 39.30 44.52 -1.12
N LEU A 1789 39.54 43.33 -1.67
CA LEU A 1789 39.47 42.11 -0.86
C LEU A 1789 40.57 42.08 0.18
N ASN A 1790 41.75 42.62 -0.14
CA ASN A 1790 42.81 42.73 0.85
C ASN A 1790 42.41 43.66 1.99
N VAL A 1791 41.78 44.79 1.66
CA VAL A 1791 41.30 45.69 2.70
C VAL A 1791 40.28 44.99 3.58
N LEU A 1792 39.32 44.30 2.96
CA LEU A 1792 38.28 43.60 3.73
C LEU A 1792 38.88 42.50 4.60
N ALA A 1793 39.87 41.76 4.09
CA ALA A 1793 40.49 40.68 4.85
C ALA A 1793 41.32 41.22 6.00
N ASP A 1794 41.98 42.36 5.80
CA ASP A 1794 42.66 42.99 6.93
C ASP A 1794 41.67 43.52 7.96
N SER A 1795 40.46 43.87 7.52
CA SER A 1795 39.46 44.40 8.46
C SER A 1795 38.99 43.33 9.44
N VAL A 1796 38.88 42.08 9.01
CA VAL A 1796 38.25 41.06 9.85
C VAL A 1796 39.19 40.54 10.93
N LEU A 1797 40.50 40.77 10.81
CA LEU A 1797 41.40 40.37 11.88
C LEU A 1797 41.14 41.17 13.15
N MET A 1798 41.05 42.48 13.03
CA MET A 1798 40.86 43.36 14.17
C MET A 1798 39.40 43.32 14.62
N GLU A 1799 39.15 43.71 15.87
CA GLU A 1799 37.82 43.61 16.43
C GLU A 1799 36.86 44.60 15.80
N GLN A 1800 35.65 44.14 15.52
CA GLN A 1800 34.62 44.90 14.83
C GLN A 1800 33.30 44.75 15.57
N PRO A 1801 32.42 45.74 15.46
CA PRO A 1801 31.06 45.54 15.92
C PRO A 1801 30.39 44.42 15.15
N PRO A 1802 29.49 43.67 15.80
CA PRO A 1802 28.93 42.48 15.13
C PRO A 1802 28.26 42.78 13.80
N LEU A 1803 27.53 43.89 13.70
CA LEU A 1803 26.93 44.26 12.42
C LEU A 1803 27.99 44.59 11.38
N ARG A 1804 29.02 45.35 11.76
CA ARG A 1804 30.07 45.65 10.80
C ARG A 1804 30.88 44.41 10.45
N ARG A 1805 31.05 43.50 11.41
CA ARG A 1805 31.67 42.21 11.11
C ARG A 1805 30.86 41.42 10.08
N ARG A 1806 29.54 41.38 10.25
CA ARG A 1806 28.69 40.65 9.30
C ARG A 1806 28.72 41.29 7.93
N LYS A 1807 28.73 42.63 7.88
CA LYS A 1807 28.85 43.32 6.60
C LYS A 1807 30.18 42.99 5.92
N LEU A 1808 31.27 42.95 6.70
CA LEU A 1808 32.56 42.59 6.13
C LEU A 1808 32.56 41.16 5.61
N GLU A 1809 31.90 40.25 6.33
CA GLU A 1809 31.82 38.87 5.87
C GLU A 1809 31.04 38.76 4.56
N HIS A 1810 29.92 39.48 4.47
CA HIS A 1810 29.15 39.47 3.22
C HIS A 1810 29.97 40.03 2.07
N LEU A 1811 30.67 41.13 2.31
CA LEU A 1811 31.48 41.73 1.26
C LEU A 1811 32.64 40.83 0.85
N ILE A 1812 33.23 40.10 1.82
CA ILE A 1812 34.31 39.17 1.48
C ILE A 1812 33.78 38.05 0.60
N THR A 1813 32.62 37.48 0.95
CA THR A 1813 32.05 36.44 0.11
C THR A 1813 31.76 36.96 -1.30
N GLU A 1814 31.12 38.12 -1.38
CA GLU A 1814 30.76 38.66 -2.69
C GLU A 1814 31.99 38.96 -3.53
N LEU A 1815 33.03 39.54 -2.92
CA LEU A 1815 34.21 39.90 -3.70
C LEU A 1815 35.06 38.68 -4.04
N VAL A 1816 35.01 37.62 -3.23
CA VAL A 1816 35.64 36.37 -3.64
C VAL A 1816 34.96 35.82 -4.87
N HIS A 1817 33.62 35.86 -4.90
CA HIS A 1817 32.90 35.43 -6.09
C HIS A 1817 33.25 36.29 -7.30
N GLN A 1818 33.32 37.61 -7.10
CA GLN A 1818 33.66 38.52 -8.20
C GLN A 1818 35.06 38.26 -8.72
N ARG A 1819 36.02 38.03 -7.82
CA ARG A 1819 37.39 37.74 -8.22
C ARG A 1819 37.45 36.44 -9.01
N ASP A 1820 36.72 35.41 -8.57
CA ASP A 1820 36.72 34.15 -9.31
C ASP A 1820 36.12 34.33 -10.70
N VAL A 1821 35.02 35.08 -10.81
CA VAL A 1821 34.41 35.31 -12.11
C VAL A 1821 35.35 36.08 -13.02
N THR A 1822 36.01 37.11 -12.49
CA THR A 1822 36.93 37.90 -13.30
C THR A 1822 38.13 37.07 -13.74
N ARG A 1823 38.63 36.21 -12.86
CA ARG A 1823 39.72 35.31 -13.24
C ARG A 1823 39.29 34.36 -14.36
N SER A 1824 38.07 33.82 -14.26
CA SER A 1824 37.57 32.95 -15.32
C SER A 1824 37.43 33.70 -16.63
N LEU A 1825 36.95 34.94 -16.58
CA LEU A 1825 36.82 35.75 -17.79
C LEU A 1825 38.18 36.01 -18.41
N ILE A 1826 39.18 36.32 -17.58
CA ILE A 1826 40.52 36.58 -18.09
C ILE A 1826 41.10 35.33 -18.74
N LYS A 1827 40.95 34.18 -18.08
CA LYS A 1827 41.50 32.94 -18.61
C LYS A 1827 40.85 32.57 -19.94
N SER A 1828 39.54 32.74 -20.04
CA SER A 1828 38.81 32.41 -21.26
C SER A 1828 39.04 33.41 -22.37
N LYS A 1829 39.73 34.53 -22.10
CA LYS A 1829 40.02 35.55 -23.10
C LYS A 1829 38.73 36.11 -23.71
N ILE A 1830 37.79 36.49 -22.85
CA ILE A 1830 36.54 37.09 -23.31
C ILE A 1830 36.78 38.56 -23.60
N ASP A 1831 36.42 38.98 -24.81
CA ASP A 1831 36.56 40.38 -25.22
C ASP A 1831 35.25 41.01 -25.66
N ASN A 1832 34.13 40.32 -25.53
CA ASN A 1832 32.84 40.84 -25.94
C ASN A 1832 31.88 40.82 -24.76
N ALA A 1833 31.05 41.86 -24.66
CA ALA A 1833 30.02 41.92 -23.64
C ALA A 1833 28.81 41.06 -23.98
N LYS A 1834 28.67 40.64 -25.23
CA LYS A 1834 27.59 39.75 -25.64
C LYS A 1834 28.00 38.29 -25.63
N SER A 1835 29.24 37.98 -25.26
CA SER A 1835 29.66 36.59 -25.15
C SER A 1835 28.93 35.91 -24.01
N PHE A 1836 28.56 34.64 -24.22
CA PHE A 1836 27.79 33.93 -23.22
C PHE A 1836 28.59 33.67 -21.95
N GLU A 1837 29.91 33.66 -22.04
CA GLU A 1837 30.73 33.53 -20.83
C GLU A 1837 30.54 34.71 -19.89
N TRP A 1838 30.07 35.84 -20.41
CA TRP A 1838 29.66 36.99 -19.60
C TRP A 1838 28.15 37.08 -19.43
N LEU A 1839 27.39 36.70 -20.45
CA LEU A 1839 25.93 36.77 -20.36
C LEU A 1839 25.38 35.77 -19.34
N SER A 1840 26.04 34.62 -19.18
CA SER A 1840 25.56 33.63 -18.24
C SER A 1840 25.67 34.09 -16.79
N GLN A 1841 26.57 35.02 -16.49
CA GLN A 1841 26.74 35.51 -15.13
C GLN A 1841 25.58 36.42 -14.75
N MET A 1842 25.43 36.64 -13.45
CA MET A 1842 24.47 37.61 -12.94
C MET A 1842 25.07 39.00 -13.02
N ARG A 1843 24.42 39.89 -13.75
CA ARG A 1843 24.93 41.23 -14.02
C ARG A 1843 23.91 42.27 -13.56
N PHE A 1844 24.38 43.30 -12.88
CA PHE A 1844 23.53 44.34 -12.35
C PHE A 1844 23.71 45.62 -13.15
N TYR A 1845 22.60 46.21 -13.57
CA TYR A 1845 22.61 47.44 -14.37
C TYR A 1845 21.73 48.47 -13.67
N PHE A 1846 22.36 49.54 -13.20
CA PHE A 1846 21.70 50.55 -12.38
C PHE A 1846 21.45 51.80 -13.20
N ASP A 1847 20.20 52.24 -13.24
CA ASP A 1847 19.78 53.44 -13.98
C ASP A 1847 18.96 54.30 -13.03
N PRO A 1848 19.63 55.11 -12.20
CA PRO A 1848 18.88 55.96 -11.25
C PRO A 1848 18.03 57.02 -11.91
N LYS A 1849 18.30 57.35 -13.18
CA LYS A 1849 17.56 58.40 -13.85
C LYS A 1849 16.09 58.07 -13.99
N GLN A 1850 15.77 56.80 -14.17
CA GLN A 1850 14.37 56.39 -14.35
C GLN A 1850 13.59 56.64 -13.06
N THR A 1851 12.35 57.11 -13.21
CA THR A 1851 11.60 57.59 -12.07
C THR A 1851 11.06 56.45 -11.21
N ASP A 1852 10.68 55.33 -11.84
CA ASP A 1852 10.04 54.25 -11.10
C ASP A 1852 11.02 53.63 -10.12
N VAL A 1853 10.51 53.34 -8.92
CA VAL A 1853 11.36 52.83 -7.84
C VAL A 1853 11.83 51.41 -8.12
N LEU A 1854 10.94 50.57 -8.66
CA LEU A 1854 11.33 49.20 -8.94
C LEU A 1854 12.30 49.11 -10.12
N GLN A 1855 12.36 50.15 -10.95
CA GLN A 1855 13.00 50.02 -12.25
C GLN A 1855 14.35 50.71 -12.34
N GLN A 1856 14.89 51.27 -11.26
CA GLN A 1856 16.24 51.84 -11.32
C GLN A 1856 17.27 50.75 -11.55
N LEU A 1857 17.15 49.62 -10.85
CA LEU A 1857 18.11 48.54 -10.92
C LEU A 1857 17.49 47.34 -11.63
N SER A 1858 18.23 46.78 -12.57
CA SER A 1858 17.78 45.61 -13.34
C SER A 1858 18.80 44.50 -13.18
N ILE A 1859 18.32 43.31 -12.84
CA ILE A 1859 19.18 42.14 -12.67
C ILE A 1859 18.97 41.20 -13.85
N GLN A 1860 20.06 40.82 -14.51
CA GLN A 1860 19.99 40.01 -15.71
C GLN A 1860 20.93 38.82 -15.60
N MET A 1861 20.43 37.64 -15.96
CA MET A 1861 21.20 36.41 -16.03
C MET A 1861 20.80 35.67 -17.29
N ALA A 1862 21.74 35.51 -18.22
CA ALA A 1862 21.48 34.94 -19.55
C ALA A 1862 20.41 35.80 -20.21
N ASN A 1863 19.24 35.27 -20.57
CA ASN A 1863 18.19 36.05 -21.17
C ASN A 1863 17.10 36.45 -20.18
N ALA A 1864 17.29 36.18 -18.89
CA ALA A 1864 16.30 36.50 -17.88
C ALA A 1864 16.60 37.86 -17.27
N LYS A 1865 15.59 38.73 -17.24
CA LYS A 1865 15.72 40.07 -16.70
C LYS A 1865 14.77 40.24 -15.53
N PHE A 1866 15.30 40.72 -14.41
CA PHE A 1866 14.50 40.97 -13.22
C PHE A 1866 14.78 42.36 -12.69
N ASN A 1867 13.76 42.96 -12.08
CA ASN A 1867 13.89 44.24 -11.39
C ASN A 1867 13.97 44.00 -9.90
N TYR A 1868 14.90 44.68 -9.24
CA TYR A 1868 15.07 44.52 -7.81
C TYR A 1868 13.79 44.90 -7.07
N GLY A 1869 13.34 44.02 -6.18
CA GLY A 1869 12.10 44.27 -5.46
C GLY A 1869 12.21 45.30 -4.36
N PHE A 1870 13.43 45.60 -3.92
CA PHE A 1870 13.68 46.60 -2.87
C PHE A 1870 12.89 46.30 -1.60
N GLU A 1871 12.77 45.02 -1.26
CA GLU A 1871 12.19 44.63 0.01
C GLU A 1871 13.27 44.63 1.09
N TYR A 1872 13.01 45.30 2.20
CA TYR A 1872 13.98 45.36 3.28
C TYR A 1872 14.16 43.97 3.88
N LEU A 1873 15.31 43.37 3.62
CA LEU A 1873 15.58 42.00 4.02
C LEU A 1873 16.29 41.88 5.36
N GLY A 1874 16.59 43.00 6.01
CA GLY A 1874 17.34 42.94 7.24
C GLY A 1874 18.79 42.53 6.99
N VAL A 1875 19.33 41.74 7.90
CA VAL A 1875 20.70 41.23 7.79
C VAL A 1875 20.60 39.72 7.69
N GLN A 1876 20.79 39.19 6.49
CA GLN A 1876 20.73 37.75 6.26
C GLN A 1876 22.13 37.17 6.16
N ASP A 1877 22.21 35.84 6.27
CA ASP A 1877 23.47 35.12 6.17
C ASP A 1877 23.69 34.73 4.71
N LYS A 1878 24.82 35.16 4.15
CA LYS A 1878 25.09 34.97 2.72
C LYS A 1878 25.75 33.64 2.40
N LEU A 1879 25.42 33.10 1.24
CA LEU A 1879 25.91 31.78 0.84
C LEU A 1879 27.09 31.93 -0.12
N VAL A 1880 28.20 31.26 0.12
CA VAL A 1880 29.29 31.26 -0.87
C VAL A 1880 28.66 30.88 -2.21
N GLN A 1881 28.75 31.73 -3.24
CA GLN A 1881 28.22 31.37 -4.58
C GLN A 1881 29.24 30.44 -5.19
N THR A 1882 28.90 29.18 -5.36
CA THR A 1882 29.86 28.17 -5.81
C THR A 1882 29.42 27.73 -7.17
N PRO A 1883 30.17 26.89 -7.91
CA PRO A 1883 29.68 26.39 -9.17
C PRO A 1883 28.29 25.73 -9.17
N LEU A 1884 27.65 25.55 -8.04
CA LEU A 1884 26.30 24.92 -7.93
C LEU A 1884 25.25 25.96 -7.55
N THR A 1885 25.60 27.05 -6.90
CA THR A 1885 24.66 28.12 -6.57
C THR A 1885 24.61 28.97 -7.78
N ASP A 1886 25.45 28.73 -8.77
CA ASP A 1886 25.52 29.52 -10.00
C ASP A 1886 24.75 28.73 -11.00
N ARG A 1887 24.87 27.42 -10.93
CA ARG A 1887 24.00 26.59 -11.74
C ARG A 1887 22.55 26.68 -11.27
N CYS A 1888 22.35 26.70 -9.95
CA CYS A 1888 21.01 26.85 -9.41
C CYS A 1888 20.41 28.19 -9.81
N TYR A 1889 21.20 29.26 -9.71
CA TYR A 1889 20.72 30.57 -10.12
C TYR A 1889 20.31 30.56 -11.59
N LEU A 1890 21.15 30.00 -12.46
CA LEU A 1890 20.86 29.97 -13.88
C LEU A 1890 19.58 29.18 -14.17
N THR A 1891 19.48 27.97 -13.61
CA THR A 1891 18.31 27.13 -13.87
C THR A 1891 17.04 27.77 -13.34
N MET A 1892 17.09 28.33 -12.12
CA MET A 1892 15.89 28.91 -11.53
C MET A 1892 15.47 30.18 -12.25
N THR A 1893 16.44 30.98 -12.71
CA THR A 1893 16.08 32.17 -13.47
C THR A 1893 15.54 31.81 -14.85
N GLN A 1894 16.05 30.74 -15.46
CA GLN A 1894 15.48 30.27 -16.71
C GLN A 1894 14.05 29.78 -16.50
N ALA A 1895 13.78 29.12 -15.37
CA ALA A 1895 12.42 28.74 -15.03
C ALA A 1895 11.54 29.97 -14.83
N LEU A 1896 12.05 30.99 -14.14
CA LEU A 1896 11.27 32.20 -13.90
C LEU A 1896 10.94 32.92 -15.21
N GLU A 1897 11.90 33.01 -16.12
CA GLU A 1897 11.64 33.65 -17.40
C GLU A 1897 10.64 32.86 -18.23
N ALA A 1898 10.56 31.55 -18.01
CA ALA A 1898 9.57 30.72 -18.68
C ALA A 1898 8.22 30.73 -17.98
N ARG A 1899 8.09 31.50 -16.89
CA ARG A 1899 6.85 31.63 -16.14
C ARG A 1899 6.37 30.27 -15.61
N LEU A 1900 7.32 29.45 -15.18
CA LEU A 1900 7.00 28.20 -14.51
C LEU A 1900 7.99 27.97 -13.38
N GLY A 1901 7.54 27.25 -12.36
CA GLY A 1901 8.30 27.14 -11.14
C GLY A 1901 9.59 26.37 -11.30
N GLY A 1902 10.41 26.40 -10.25
CA GLY A 1902 11.66 25.69 -10.20
C GLY A 1902 11.64 24.66 -9.08
N SER A 1903 12.26 23.51 -9.33
CA SER A 1903 12.20 22.37 -8.42
C SER A 1903 13.60 21.81 -8.17
N PRO A 1904 14.40 22.47 -7.34
CA PRO A 1904 15.70 21.90 -6.97
C PRO A 1904 15.52 20.67 -6.10
N PHE A 1905 16.13 19.57 -6.50
CA PHE A 1905 15.97 18.30 -5.81
C PHE A 1905 17.33 17.65 -5.58
N GLY A 1906 17.36 16.74 -4.62
CA GLY A 1906 18.59 16.02 -4.35
C GLY A 1906 18.59 15.39 -3.00
N PRO A 1907 19.77 15.01 -2.47
CA PRO A 1907 19.85 14.47 -1.13
C PRO A 1907 19.72 15.54 -0.06
N ALA A 1908 20.12 15.30 1.19
CA ALA A 1908 19.87 16.25 2.28
C ALA A 1908 21.09 17.09 2.58
N GLY A 1909 20.97 18.40 2.72
CA GLY A 1909 22.08 19.27 3.09
C GLY A 1909 22.85 19.64 1.88
N THR A 1910 22.18 20.08 0.83
CA THR A 1910 22.87 20.35 -0.43
C THR A 1910 22.69 21.79 -0.81
N GLY A 1911 21.94 22.55 -0.06
CA GLY A 1911 21.77 23.97 -0.32
C GLY A 1911 20.57 24.30 -1.15
N LYS A 1912 19.57 23.44 -1.17
CA LYS A 1912 18.36 23.61 -1.97
C LYS A 1912 17.50 24.76 -1.47
N THR A 1913 17.17 24.81 -0.19
CA THR A 1913 16.26 25.83 0.36
C THR A 1913 17.02 27.08 0.49
N GLU A 1914 18.24 26.98 0.96
CA GLU A 1914 19.10 28.16 1.17
C GLU A 1914 19.48 28.83 -0.14
N SER A 1915 19.49 28.11 -1.26
CA SER A 1915 19.89 28.64 -2.58
C SER A 1915 18.67 29.27 -3.20
N VAL A 1916 17.52 28.69 -2.94
CA VAL A 1916 16.31 29.37 -3.37
C VAL A 1916 16.12 30.66 -2.60
N LYS A 1917 16.33 30.61 -1.27
CA LYS A 1917 16.20 31.82 -0.46
C LYS A 1917 17.24 32.86 -0.85
N ALA A 1918 18.47 32.43 -1.14
CA ALA A 1918 19.53 33.37 -1.50
C ALA A 1918 19.25 34.01 -2.85
N LEU A 1919 18.71 33.25 -3.81
CA LEU A 1919 18.33 33.84 -5.08
C LEU A 1919 17.19 34.82 -4.91
N GLY A 1920 16.21 34.49 -4.07
CA GLY A 1920 15.13 35.43 -3.80
C GLY A 1920 15.61 36.71 -3.15
N HIS A 1921 16.56 36.59 -2.23
CA HIS A 1921 17.14 37.78 -1.61
C HIS A 1921 18.02 38.54 -2.58
N GLN A 1922 18.59 37.85 -3.56
CA GLN A 1922 19.43 38.51 -4.55
C GLN A 1922 18.62 39.49 -5.39
N LEU A 1923 17.39 39.12 -5.72
CA LEU A 1923 16.48 39.99 -6.46
C LEU A 1923 15.63 40.86 -5.55
N GLY A 1924 15.87 40.81 -4.25
CA GLY A 1924 15.10 41.61 -3.31
C GLY A 1924 13.65 41.20 -3.22
N ARG A 1925 13.37 39.90 -3.21
CA ARG A 1925 12.02 39.38 -3.15
C ARG A 1925 11.68 38.93 -1.73
N PHE A 1926 10.38 38.95 -1.43
CA PHE A 1926 9.88 38.40 -0.18
C PHE A 1926 9.72 36.90 -0.37
N VAL A 1927 10.56 36.12 0.29
CA VAL A 1927 10.58 34.67 0.15
C VAL A 1927 9.99 34.07 1.41
N LEU A 1928 8.88 33.34 1.26
CA LEU A 1928 8.23 32.66 2.35
C LEU A 1928 8.49 31.17 2.24
N VAL A 1929 9.00 30.58 3.32
CA VAL A 1929 9.34 29.16 3.35
C VAL A 1929 8.22 28.42 4.07
N PHE A 1930 7.69 27.38 3.42
CA PHE A 1930 6.65 26.55 3.99
C PHE A 1930 7.16 25.13 4.09
N ASN A 1931 7.05 24.53 5.27
CA ASN A 1931 7.41 23.12 5.46
C ASN A 1931 6.15 22.31 5.22
N CYS A 1932 6.10 21.64 4.07
CA CYS A 1932 4.90 20.96 3.63
C CYS A 1932 4.76 19.59 4.29
N ASP A 1933 3.53 19.21 4.57
CA ASP A 1933 3.21 17.89 5.10
C ASP A 1933 1.84 17.48 4.56
N GLU A 1934 1.39 16.29 4.98
CA GLU A 1934 0.16 15.74 4.42
C GLU A 1934 -1.07 16.56 4.78
N THR A 1935 -0.98 17.43 5.79
CA THR A 1935 -2.11 18.29 6.13
C THR A 1935 -2.21 19.53 5.26
N PHE A 1936 -1.23 19.77 4.37
CA PHE A 1936 -1.31 20.85 3.39
C PHE A 1936 -2.21 20.38 2.26
N ASP A 1937 -3.52 20.45 2.52
CA ASP A 1937 -4.51 19.94 1.59
C ASP A 1937 -4.74 20.96 0.47
N PHE A 1938 -5.78 20.72 -0.32
CA PHE A 1938 -6.10 21.60 -1.44
C PHE A 1938 -6.44 23.00 -0.96
N GLN A 1939 -7.21 23.11 0.12
CA GLN A 1939 -7.68 24.41 0.59
C GLN A 1939 -6.55 25.23 1.20
N ALA A 1940 -5.70 24.59 2.02
CA ALA A 1940 -4.59 25.32 2.64
C ALA A 1940 -3.61 25.83 1.58
N MET A 1941 -3.25 24.98 0.63
CA MET A 1941 -2.39 25.39 -0.46
C MET A 1941 -3.06 26.48 -1.30
N GLY A 1942 -4.38 26.41 -1.45
CA GLY A 1942 -5.08 27.47 -2.17
C GLY A 1942 -5.00 28.82 -1.49
N ARG A 1943 -5.20 28.84 -0.17
CA ARG A 1943 -5.03 30.10 0.57
C ARG A 1943 -3.60 30.62 0.49
N ILE A 1944 -2.61 29.72 0.59
CA ILE A 1944 -1.22 30.15 0.49
C ILE A 1944 -0.95 30.74 -0.89
N PHE A 1945 -1.44 30.10 -1.95
CA PHE A 1945 -1.27 30.63 -3.29
C PHE A 1945 -1.96 31.96 -3.46
N VAL A 1946 -3.15 32.13 -2.86
CA VAL A 1946 -3.84 33.43 -2.93
C VAL A 1946 -2.99 34.52 -2.30
N GLY A 1947 -2.43 34.23 -1.12
CA GLY A 1947 -1.57 35.21 -0.48
C GLY A 1947 -0.35 35.55 -1.31
N LEU A 1948 0.32 34.53 -1.88
CA LEU A 1948 1.50 34.80 -2.69
C LEU A 1948 1.14 35.58 -3.95
N CYS A 1949 0.01 35.23 -4.59
CA CYS A 1949 -0.43 35.95 -5.78
C CYS A 1949 -0.68 37.42 -5.49
N GLN A 1950 -1.40 37.70 -4.39
CA GLN A 1950 -1.78 39.09 -4.13
C GLN A 1950 -0.60 39.92 -3.65
N VAL A 1951 0.22 39.37 -2.75
CA VAL A 1951 1.36 40.12 -2.24
C VAL A 1951 2.43 40.27 -3.33
N GLY A 1952 2.70 39.20 -4.06
CA GLY A 1952 3.77 39.22 -5.03
C GLY A 1952 5.07 38.71 -4.43
N ALA A 1953 4.98 37.57 -3.75
CA ALA A 1953 6.11 37.00 -3.02
C ALA A 1953 6.50 35.64 -3.61
N TRP A 1954 7.67 35.17 -3.21
CA TRP A 1954 8.18 33.87 -3.61
C TRP A 1954 7.78 32.84 -2.56
N GLY A 1955 7.34 31.68 -3.02
CA GLY A 1955 6.97 30.62 -2.10
C GLY A 1955 7.85 29.40 -2.23
N CYS A 1956 8.66 29.13 -1.22
CA CYS A 1956 9.54 27.96 -1.19
C CYS A 1956 8.84 26.87 -0.40
N PHE A 1957 8.37 25.84 -1.10
CA PHE A 1957 7.61 24.76 -0.48
C PHE A 1957 8.56 23.57 -0.29
N ASP A 1958 9.22 23.53 0.84
CA ASP A 1958 10.19 22.47 1.14
C ASP A 1958 9.47 21.22 1.57
N GLU A 1959 10.09 20.08 1.38
CA GLU A 1959 9.44 18.81 1.74
C GLU A 1959 8.07 18.87 1.11
N PHE A 1960 7.98 18.96 -0.20
CA PHE A 1960 6.68 19.11 -0.90
C PHE A 1960 6.16 17.78 -1.29
N ASN A 1961 7.06 16.84 -1.58
CA ASN A 1961 6.58 15.50 -1.87
C ASN A 1961 6.09 14.79 -0.61
N ARG A 1962 6.07 15.51 0.52
CA ARG A 1962 5.45 14.98 1.73
C ARG A 1962 3.93 15.09 1.68
N LEU A 1963 3.37 15.78 0.69
CA LEU A 1963 1.94 15.84 0.50
C LEU A 1963 1.42 14.48 0.03
N GLU A 1964 0.12 14.29 0.17
CA GLU A 1964 -0.52 13.12 -0.41
C GLU A 1964 -0.50 13.24 -1.93
N GLU A 1965 -0.43 12.08 -2.59
CA GLU A 1965 -0.37 12.08 -4.05
C GLU A 1965 -1.61 12.71 -4.66
N ARG A 1966 -2.78 12.42 -4.11
CA ARG A 1966 -4.01 13.04 -4.58
C ARG A 1966 -3.98 14.54 -4.36
N MET A 1967 -3.41 14.99 -3.23
CA MET A 1967 -3.32 16.42 -2.98
C MET A 1967 -2.31 17.11 -3.89
N LEU A 1968 -1.21 16.42 -4.22
CA LEU A 1968 -0.30 16.95 -5.23
C LEU A 1968 -1.01 17.10 -6.57
N SER A 1969 -1.79 16.09 -6.95
CA SER A 1969 -2.54 16.15 -8.20
C SER A 1969 -3.53 17.32 -8.19
N ALA A 1970 -4.21 17.53 -7.07
CA ALA A 1970 -5.16 18.63 -6.98
C ALA A 1970 -4.45 19.99 -7.03
N VAL A 1971 -3.31 20.10 -6.35
CA VAL A 1971 -2.58 21.37 -6.29
C VAL A 1971 -1.99 21.71 -7.66
N SER A 1972 -1.70 20.70 -8.47
CA SER A 1972 -1.19 20.95 -9.81
C SER A 1972 -2.13 21.84 -10.61
N GLN A 1973 -3.44 21.72 -10.39
CA GLN A 1973 -4.40 22.56 -11.10
C GLN A 1973 -4.23 24.03 -10.74
N GLN A 1974 -4.08 24.33 -9.45
CA GLN A 1974 -3.86 25.70 -9.02
C GLN A 1974 -2.55 26.25 -9.54
N VAL A 1975 -1.49 25.43 -9.51
CA VAL A 1975 -0.20 25.86 -10.02
C VAL A 1975 -0.30 26.18 -11.51
N GLN A 1976 -0.98 25.32 -12.27
CA GLN A 1976 -1.14 25.56 -13.70
C GLN A 1976 -1.94 26.83 -13.97
N CYS A 1977 -3.00 27.07 -13.20
CA CYS A 1977 -3.78 28.29 -13.38
C CYS A 1977 -2.95 29.54 -13.10
N ILE A 1978 -2.16 29.51 -12.02
CA ILE A 1978 -1.32 30.65 -11.69
C ILE A 1978 -0.29 30.89 -12.78
N GLN A 1979 0.32 29.82 -13.28
CA GLN A 1979 1.34 29.96 -14.31
C GLN A 1979 0.74 30.46 -15.62
N GLU A 1980 -0.49 30.03 -15.95
CA GLU A 1980 -1.16 30.56 -17.13
C GLU A 1980 -1.47 32.04 -16.96
N ALA A 1981 -1.85 32.46 -15.76
CA ALA A 1981 -2.05 33.88 -15.50
C ALA A 1981 -0.76 34.66 -15.69
N LEU A 1982 0.36 34.11 -15.21
CA LEU A 1982 1.65 34.76 -15.40
C LEU A 1982 2.01 34.86 -16.87
N ARG A 1983 1.77 33.78 -17.64
CA ARG A 1983 2.08 33.79 -19.06
C ARG A 1983 1.26 34.82 -19.81
N GLU A 1984 -0.06 34.89 -19.52
CA GLU A 1984 -0.86 35.91 -20.18
C GLU A 1984 -0.47 37.32 -19.73
N HIS A 1985 0.04 37.47 -18.50
CA HIS A 1985 0.58 38.76 -18.09
C HIS A 1985 1.81 39.12 -18.92
N SER A 1986 2.68 38.15 -19.18
CA SER A 1986 3.96 38.44 -19.84
C SER A 1986 3.82 38.86 -21.29
N ASN A 1987 2.65 38.69 -21.90
CA ASN A 1987 2.49 39.02 -23.30
C ASN A 1987 2.62 40.53 -23.51
N PRO A 1988 3.26 40.97 -24.60
CA PRO A 1988 3.39 42.42 -24.84
C PRO A 1988 2.07 43.10 -25.13
N ASN A 1989 1.04 42.37 -25.56
CA ASN A 1989 -0.24 43.00 -25.85
C ASN A 1989 -0.91 43.53 -24.59
N TYR A 1990 -0.62 42.92 -23.43
CA TYR A 1990 -1.23 43.37 -22.19
C TYR A 1990 -0.69 44.74 -21.78
N ASP A 1991 -1.58 45.58 -21.28
CA ASP A 1991 -1.20 46.89 -20.74
C ASP A 1991 -1.72 47.02 -19.32
N LYS A 1992 -0.94 47.71 -18.48
CA LYS A 1992 -1.32 47.89 -17.09
C LYS A 1992 -2.59 48.70 -16.94
N THR A 1993 -2.96 49.49 -17.95
CA THR A 1993 -4.21 50.24 -17.91
C THR A 1993 -5.42 49.38 -18.25
N SER A 1994 -5.21 48.17 -18.75
CA SER A 1994 -6.30 47.26 -19.09
C SER A 1994 -6.74 46.52 -17.82
N ALA A 1995 -7.54 45.48 -18.01
CA ALA A 1995 -8.05 44.71 -16.88
C ALA A 1995 -6.90 44.04 -16.16
N PRO A 1996 -6.91 44.00 -14.83
CA PRO A 1996 -5.83 43.36 -14.08
C PRO A 1996 -5.82 41.86 -14.33
N ILE A 1997 -4.61 41.29 -14.24
CA ILE A 1997 -4.41 39.89 -14.59
C ILE A 1997 -4.83 39.02 -13.40
N THR A 1998 -5.82 38.16 -13.63
CA THR A 1998 -6.43 37.38 -12.56
C THR A 1998 -6.49 35.91 -12.96
N CYS A 1999 -6.53 35.06 -11.93
CA CYS A 1999 -6.69 33.62 -12.10
C CYS A 1999 -7.71 33.11 -11.10
N GLU A 2000 -8.32 31.98 -11.42
CA GLU A 2000 -9.35 31.38 -10.57
C GLU A 2000 -8.68 30.50 -9.52
N LEU A 2001 -8.58 31.00 -8.29
CA LEU A 2001 -8.12 30.22 -7.15
C LEU A 2001 -9.27 30.10 -6.15
N LEU A 2002 -9.69 28.86 -5.89
CA LEU A 2002 -10.70 28.56 -4.88
C LEU A 2002 -12.02 29.28 -5.18
N ASN A 2003 -12.47 29.11 -6.43
CA ASN A 2003 -13.75 29.66 -6.90
C ASN A 2003 -13.81 31.18 -6.75
N LYS A 2004 -12.66 31.83 -6.89
CA LYS A 2004 -12.60 33.29 -6.83
C LYS A 2004 -11.55 33.78 -7.81
N GLN A 2005 -11.74 35.02 -8.28
CA GLN A 2005 -10.77 35.66 -9.17
C GLN A 2005 -9.74 36.38 -8.32
N VAL A 2006 -8.49 35.96 -8.42
CA VAL A 2006 -7.40 36.46 -7.59
C VAL A 2006 -6.40 37.17 -8.48
N LYS A 2007 -6.06 38.41 -8.15
CA LYS A 2007 -5.05 39.14 -8.90
C LYS A 2007 -3.69 38.49 -8.71
N VAL A 2008 -3.00 38.25 -9.82
CA VAL A 2008 -1.70 37.57 -9.81
C VAL A 2008 -0.64 38.62 -10.08
N SER A 2009 0.24 38.82 -9.10
CA SER A 2009 1.37 39.73 -9.30
C SER A 2009 2.43 39.07 -10.15
N PRO A 2010 3.04 39.80 -11.08
CA PRO A 2010 4.11 39.21 -11.92
C PRO A 2010 5.33 38.81 -11.12
N ASP A 2011 5.51 39.34 -9.90
CA ASP A 2011 6.66 39.00 -9.08
C ASP A 2011 6.55 37.65 -8.41
N MET A 2012 5.40 36.99 -8.49
CA MET A 2012 5.21 35.71 -7.82
C MET A 2012 6.13 34.64 -8.39
N ALA A 2013 6.62 33.76 -7.52
CA ALA A 2013 7.36 32.59 -7.92
C ALA A 2013 6.98 31.44 -6.99
N ILE A 2014 7.05 30.23 -7.53
CA ILE A 2014 6.81 29.02 -6.75
C ILE A 2014 8.03 28.13 -6.88
N PHE A 2015 8.58 27.70 -5.75
CA PHE A 2015 9.72 26.81 -5.72
C PHE A 2015 9.41 25.66 -4.78
N ILE A 2016 9.79 24.45 -5.18
CA ILE A 2016 9.60 23.25 -4.38
C ILE A 2016 10.93 22.51 -4.29
N THR A 2017 11.32 22.14 -3.07
CA THR A 2017 12.54 21.39 -2.83
C THR A 2017 12.17 20.03 -2.29
N MET A 2018 12.67 19.01 -2.95
CA MET A 2018 12.24 17.65 -2.64
C MET A 2018 13.45 16.77 -2.44
N ASN A 2019 13.33 15.79 -1.57
CA ASN A 2019 14.40 14.83 -1.23
C ASN A 2019 13.90 13.48 -1.76
N PRO A 2020 14.00 13.19 -3.07
CA PRO A 2020 13.49 11.95 -3.67
C PRO A 2020 13.93 10.58 -3.17
N GLY A 2021 13.08 9.56 -3.21
CA GLY A 2021 13.47 8.28 -2.68
C GLY A 2021 13.54 8.19 -1.17
N TYR A 2022 13.28 9.28 -0.45
CA TYR A 2022 13.33 9.23 1.00
C TYR A 2022 12.03 8.64 1.55
N ALA A 2023 12.11 8.15 2.79
CA ALA A 2023 10.95 7.58 3.44
C ALA A 2023 9.96 8.68 3.82
N GLY A 2024 8.67 8.33 3.76
CA GLY A 2024 7.63 9.28 4.06
C GLY A 2024 7.32 10.28 2.97
N ARG A 2025 7.82 10.05 1.76
CA ARG A 2025 7.65 10.95 0.64
C ARG A 2025 6.79 10.30 -0.44
N SER A 2026 6.04 11.13 -1.15
CA SER A 2026 5.13 10.68 -2.20
C SER A 2026 5.76 10.90 -3.57
N ASN A 2027 5.09 10.39 -4.60
CA ASN A 2027 5.52 10.54 -5.97
C ASN A 2027 4.68 11.61 -6.65
N LEU A 2028 5.34 12.56 -7.31
CA LEU A 2028 4.63 13.64 -7.96
C LEU A 2028 3.94 13.13 -9.22
N PRO A 2029 2.71 13.55 -9.48
CA PRO A 2029 2.08 13.23 -10.77
C PRO A 2029 2.83 13.87 -11.91
N ASP A 2030 2.78 13.23 -13.08
CA ASP A 2030 3.56 13.69 -14.22
C ASP A 2030 3.05 15.01 -14.77
N ASN A 2031 1.78 15.33 -14.57
CA ASN A 2031 1.29 16.64 -14.99
C ASN A 2031 1.79 17.74 -14.07
N LEU A 2032 2.12 17.40 -12.82
CA LEU A 2032 2.68 18.38 -11.91
C LEU A 2032 4.17 18.63 -12.18
N LYS A 2033 4.89 17.61 -12.65
CA LYS A 2033 6.32 17.77 -12.85
C LYS A 2033 6.65 18.63 -14.07
N LYS A 2034 5.74 18.71 -15.05
CA LYS A 2034 6.00 19.55 -16.20
C LYS A 2034 5.80 21.03 -15.91
N LEU A 2035 5.26 21.38 -14.75
CA LEU A 2035 5.07 22.77 -14.35
C LEU A 2035 6.30 23.32 -13.63
N PHE A 2036 7.33 22.52 -13.44
CA PHE A 2036 8.53 22.94 -12.73
C PHE A 2036 9.77 22.56 -13.53
N ARG A 2037 10.81 23.39 -13.42
CA ARG A 2037 12.12 23.09 -13.99
C ARG A 2037 12.98 22.51 -12.88
N SER A 2038 13.24 21.21 -12.95
CA SER A 2038 14.00 20.54 -11.91
C SER A 2038 15.49 20.83 -12.05
N LEU A 2039 16.21 20.62 -10.95
CA LEU A 2039 17.66 20.75 -10.95
C LEU A 2039 18.23 19.85 -9.88
N ALA A 2040 19.13 18.95 -10.26
CA ALA A 2040 19.76 18.04 -9.30
C ALA A 2040 20.87 18.77 -8.56
N MET A 2041 20.68 18.94 -7.25
CA MET A 2041 21.70 19.54 -6.38
C MET A 2041 22.14 18.43 -5.43
N THR A 2042 23.16 17.68 -5.85
CA THR A 2042 23.60 16.49 -5.13
C THR A 2042 24.98 16.62 -4.49
N LYS A 2043 25.88 17.36 -5.13
CA LYS A 2043 27.28 17.46 -4.67
C LYS A 2043 27.64 18.94 -4.49
N PRO A 2044 27.34 19.52 -3.33
CA PRO A 2044 27.77 20.90 -3.09
C PRO A 2044 29.29 21.02 -3.09
N ASP A 2045 29.78 22.18 -3.53
CA ASP A 2045 31.22 22.42 -3.61
C ASP A 2045 31.72 22.80 -2.23
N ARG A 2046 31.91 21.78 -1.40
CA ARG A 2046 32.20 21.99 0.01
C ARG A 2046 33.56 22.62 0.25
N GLN A 2047 34.54 22.33 -0.62
CA GLN A 2047 35.87 22.89 -0.43
C GLN A 2047 35.85 24.41 -0.58
N LEU A 2048 35.07 24.96 -1.50
CA LEU A 2048 34.94 26.42 -1.63
C LEU A 2048 34.17 27.02 -0.44
N ILE A 2049 33.10 26.41 0.01
CA ILE A 2049 32.28 27.02 1.09
C ILE A 2049 33.18 27.14 2.31
N ALA A 2050 34.03 26.16 2.57
CA ALA A 2050 34.91 26.14 3.75
C ALA A 2050 36.05 27.10 3.55
N GLN A 2051 36.58 27.16 2.34
CA GLN A 2051 37.64 28.15 2.16
C GLN A 2051 37.10 29.56 2.32
N VAL A 2052 35.96 29.87 1.71
CA VAL A 2052 35.42 31.23 1.81
C VAL A 2052 34.92 31.51 3.22
N MET A 2053 34.32 30.51 3.87
CA MET A 2053 33.83 30.72 5.24
C MET A 2053 34.98 30.98 6.21
N LEU A 2054 36.08 30.26 6.06
CA LEU A 2054 37.22 30.50 6.94
C LEU A 2054 37.92 31.81 6.58
N TYR A 2055 37.97 32.14 5.29
CA TYR A 2055 38.61 33.39 4.87
C TYR A 2055 37.84 34.60 5.38
N SER A 2056 36.51 34.55 5.34
CA SER A 2056 35.69 35.67 5.79
C SER A 2056 35.66 35.79 7.30
N GLN A 2057 36.09 34.77 8.03
CA GLN A 2057 36.13 34.81 9.48
C GLN A 2057 37.48 35.24 10.03
N GLY A 2058 38.45 35.55 9.16
CA GLY A 2058 39.76 35.98 9.60
C GLY A 2058 40.79 34.90 9.74
N PHE A 2059 40.54 33.71 9.19
CA PHE A 2059 41.50 32.62 9.27
C PHE A 2059 42.56 32.82 8.20
N ARG A 2060 43.76 33.21 8.62
CA ARG A 2060 44.90 33.14 7.71
C ARG A 2060 45.17 31.69 7.33
N THR A 2061 45.61 31.50 6.09
CA THR A 2061 45.76 30.17 5.49
C THR A 2061 44.44 29.40 5.54
N ALA A 2062 43.40 30.03 4.98
CA ALA A 2062 42.09 29.37 4.93
C ALA A 2062 42.06 28.30 3.84
N GLU A 2063 42.83 28.45 2.78
CA GLU A 2063 42.86 27.45 1.73
C GLU A 2063 43.43 26.13 2.24
N VAL A 2064 44.50 26.19 3.03
CA VAL A 2064 45.08 24.98 3.60
C VAL A 2064 44.08 24.30 4.53
N LEU A 2065 43.42 25.08 5.38
CA LEU A 2065 42.45 24.52 6.30
C LEU A 2065 41.28 23.89 5.56
N ALA A 2066 40.81 24.51 4.47
CA ALA A 2066 39.72 23.93 3.70
C ALA A 2066 40.16 22.63 3.01
N ASN A 2067 41.34 22.66 2.38
CA ASN A 2067 41.89 21.49 1.72
C ASN A 2067 42.19 20.36 2.67
N LYS A 2068 42.31 20.64 3.96
CA LYS A 2068 42.42 19.59 4.96
C LYS A 2068 41.08 19.15 5.54
N ILE A 2069 40.12 20.07 5.66
CA ILE A 2069 38.91 19.76 6.41
C ILE A 2069 37.85 19.11 5.54
N VAL A 2070 37.83 19.38 4.23
CA VAL A 2070 36.82 18.74 3.39
C VAL A 2070 37.22 17.30 3.07
N PRO A 2071 38.45 17.02 2.65
CA PRO A 2071 38.86 15.60 2.54
C PRO A 2071 38.76 14.86 3.85
N PHE A 2072 38.95 15.53 4.99
CA PHE A 2072 38.76 14.87 6.27
C PHE A 2072 37.33 14.36 6.43
N PHE A 2073 36.34 15.18 6.08
CA PHE A 2073 34.96 14.75 6.16
C PHE A 2073 34.65 13.64 5.16
N LYS A 2074 35.21 13.73 3.96
CA LYS A 2074 34.98 12.65 2.99
C LYS A 2074 35.56 11.32 3.49
N LEU A 2075 36.77 11.36 4.06
CA LEU A 2075 37.38 10.14 4.56
C LEU A 2075 36.67 9.62 5.80
N CYS A 2076 36.12 10.52 6.63
CA CYS A 2076 35.29 10.08 7.75
C CYS A 2076 34.04 9.37 7.26
N ASP A 2077 33.40 9.91 6.21
CA ASP A 2077 32.23 9.26 5.65
C ASP A 2077 32.59 7.88 5.09
N GLU A 2078 33.72 7.78 4.40
CA GLU A 2078 34.09 6.52 3.77
C GLU A 2078 34.52 5.47 4.80
N GLN A 2079 35.37 5.85 5.76
CA GLN A 2079 36.04 4.88 6.61
C GLN A 2079 35.18 4.44 7.79
N LEU A 2080 34.46 5.36 8.41
CA LEU A 2080 33.74 5.04 9.63
C LEU A 2080 32.58 4.10 9.35
N SER A 2081 32.17 3.36 10.39
CA SER A 2081 31.11 2.38 10.27
C SER A 2081 29.78 3.07 9.96
N SER A 2082 28.87 2.31 9.36
CA SER A 2082 27.57 2.83 8.96
C SER A 2082 26.63 2.78 10.15
N GLN A 2083 26.35 3.94 10.75
CA GLN A 2083 25.40 4.06 11.84
C GLN A 2083 24.25 4.95 11.40
N SER A 2084 23.07 4.69 11.98
CA SER A 2084 21.88 5.42 11.58
C SER A 2084 21.92 6.90 11.95
N HIS A 2085 22.72 7.28 12.95
CA HIS A 2085 22.79 8.65 13.39
C HIS A 2085 24.02 9.38 12.87
N TYR A 2086 24.79 8.76 11.99
CA TYR A 2086 25.99 9.39 11.44
C TYR A 2086 25.62 10.32 10.29
N ASP A 2087 26.28 11.48 10.27
CA ASP A 2087 26.10 12.43 9.18
C ASP A 2087 27.37 13.25 9.03
N PHE A 2088 28.01 13.17 7.88
CA PHE A 2088 29.21 13.95 7.60
C PHE A 2088 29.03 14.76 6.33
N GLY A 2089 28.01 15.62 6.30
CA GLY A 2089 27.68 16.41 5.12
C GLY A 2089 28.01 17.87 5.25
N LEU A 2090 27.28 18.74 4.56
CA LEU A 2090 27.53 20.20 4.58
C LEU A 2090 26.93 20.79 5.84
N ARG A 2091 26.01 20.07 6.48
CA ARG A 2091 25.42 20.54 7.74
C ARG A 2091 26.43 20.29 8.85
N ALA A 2092 27.32 19.35 8.68
CA ALA A 2092 28.38 19.06 9.64
C ALA A 2092 29.55 20.00 9.38
N LEU A 2093 29.97 20.19 8.13
CA LEU A 2093 31.00 21.18 7.82
C LEU A 2093 30.48 22.50 8.35
N LYS A 2094 29.33 22.95 7.90
CA LYS A 2094 28.87 24.27 8.33
C LYS A 2094 28.86 24.37 9.86
N SER A 2095 28.66 23.30 10.61
CA SER A 2095 28.59 23.41 12.08
C SER A 2095 30.00 23.42 12.61
N VAL A 2096 30.90 22.75 11.93
CA VAL A 2096 32.30 22.76 12.31
C VAL A 2096 32.93 24.12 12.01
N LEU A 2097 32.61 24.71 10.86
CA LEU A 2097 33.18 26.02 10.51
C LEU A 2097 32.67 27.12 11.42
N VAL A 2098 31.38 27.10 11.75
CA VAL A 2098 30.83 28.11 12.66
C VAL A 2098 31.48 27.97 14.04
N SER A 2099 31.62 26.73 14.52
CA SER A 2099 32.30 26.50 15.79
C SER A 2099 33.76 26.94 15.73
N ALA A 2100 34.42 26.78 14.57
CA ALA A 2100 35.79 27.25 14.43
C ALA A 2100 35.88 28.75 14.56
N GLY A 2101 34.96 29.47 13.92
CA GLY A 2101 34.94 30.92 14.08
C GLY A 2101 34.70 31.34 15.53
N ASN A 2102 33.75 30.68 16.20
CA ASN A 2102 33.48 31.01 17.60
C ASN A 2102 34.68 30.69 18.49
N VAL A 2103 35.35 29.56 18.25
CA VAL A 2103 36.52 29.19 19.05
C VAL A 2103 37.64 30.18 18.83
N LYS A 2104 37.84 30.63 17.59
CA LYS A 2104 38.87 31.63 17.33
C LYS A 2104 38.55 32.94 18.04
N ARG A 2105 37.29 33.38 18.01
CA ARG A 2105 36.93 34.60 18.73
C ARG A 2105 37.16 34.45 20.24
N GLU A 2106 36.76 33.31 20.80
CA GLU A 2106 36.96 33.07 22.23
C GLU A 2106 38.44 33.05 22.59
N ARG A 2107 39.27 32.43 21.75
CA ARG A 2107 40.70 32.37 22.04
C ARG A 2107 41.35 33.74 21.93
N ILE A 2108 40.90 34.56 20.97
CA ILE A 2108 41.41 35.93 20.88
C ILE A 2108 41.04 36.72 22.14
N GLN A 2109 39.80 36.57 22.61
CA GLN A 2109 39.40 37.26 23.84
C GLN A 2109 40.23 36.78 25.03
N LYS A 2110 40.49 35.48 25.10
CA LYS A 2110 41.29 34.93 26.19
C LYS A 2110 42.72 35.48 26.14
N ILE A 2111 43.31 35.58 24.94
CA ILE A 2111 44.65 36.14 24.82
C ILE A 2111 44.66 37.60 25.24
N LYS A 2112 43.61 38.34 24.89
CA LYS A 2112 43.53 39.73 25.31
C LYS A 2112 43.45 39.84 26.83
N ARG A 2113 42.66 38.99 27.47
CA ARG A 2113 42.57 39.00 28.93
C ARG A 2113 43.92 38.63 29.56
N GLU A 2114 44.61 37.64 29.00
CA GLU A 2114 45.91 37.26 29.53
C GLU A 2114 46.93 38.38 29.36
N LYS A 2115 46.88 39.10 28.24
CA LYS A 2115 47.75 40.25 28.05
C LYS A 2115 47.42 41.34 29.05
N GLU A 2116 46.15 41.51 29.39
CA GLU A 2116 45.78 42.44 30.45
C GLU A 2116 46.36 42.01 31.79
N GLU A 2117 46.33 40.70 32.07
CA GLU A 2117 46.91 40.21 33.32
C GLU A 2117 48.42 40.39 33.34
N ARG A 2118 49.09 40.14 32.22
CA ARG A 2118 50.54 40.27 32.11
C ARG A 2118 50.86 41.18 30.93
N GLY A 2119 51.28 42.41 31.23
CA GLY A 2119 51.57 43.37 30.19
C GLY A 2119 50.40 44.29 29.92
N GLU A 2120 50.56 45.12 28.88
CA GLU A 2120 49.48 46.02 28.47
C GLU A 2120 49.30 46.02 26.96
N ALA A 2121 50.33 45.61 26.22
CA ALA A 2121 50.30 45.73 24.77
C ALA A 2121 49.39 44.68 24.15
N VAL A 2122 48.30 45.14 23.53
CA VAL A 2122 47.38 44.25 22.84
C VAL A 2122 47.40 44.58 21.35
N ASP A 2123 48.24 43.88 20.60
CA ASP A 2123 48.34 44.09 19.15
C ASP A 2123 47.54 43.00 18.44
N GLU A 2124 46.42 43.40 17.84
CA GLU A 2124 45.55 42.44 17.19
C GLU A 2124 46.23 41.78 15.98
N GLY A 2125 47.09 42.52 15.28
CA GLY A 2125 47.81 41.91 14.18
C GLY A 2125 48.74 40.81 14.63
N GLU A 2126 49.47 41.03 15.73
CA GLU A 2126 50.33 39.98 16.27
C GLU A 2126 49.53 38.82 16.80
N ILE A 2127 48.37 39.09 17.42
CA ILE A 2127 47.53 38.03 17.94
C ILE A 2127 47.03 37.15 16.80
N ALA A 2128 46.57 37.76 15.71
CA ALA A 2128 46.11 37.00 14.56
C ALA A 2128 47.25 36.27 13.86
N GLU A 2129 48.44 36.88 13.83
CA GLU A 2129 49.58 36.23 13.18
C GLU A 2129 49.95 34.93 13.88
N ASN A 2130 50.15 34.98 15.20
CA ASN A 2130 50.57 33.83 15.97
C ASN A 2130 49.37 33.16 16.64
N LEU A 2131 48.58 32.46 15.81
CA LEU A 2131 47.38 31.81 16.28
C LEU A 2131 47.28 30.41 15.69
N PRO A 2132 47.10 29.37 16.52
CA PRO A 2132 47.04 27.98 16.03
C PRO A 2132 45.70 27.63 15.39
N GLU A 2133 45.58 27.94 14.10
CA GLU A 2133 44.32 27.75 13.40
C GLU A 2133 43.98 26.29 13.17
N GLN A 2134 45.00 25.45 12.92
CA GLN A 2134 44.73 24.02 12.80
C GLN A 2134 44.26 23.43 14.13
N GLU A 2135 44.83 23.92 15.24
CA GLU A 2135 44.36 23.50 16.56
C GLU A 2135 42.91 23.93 16.79
N ILE A 2136 42.56 25.13 16.34
CA ILE A 2136 41.18 25.59 16.47
C ILE A 2136 40.24 24.71 15.67
N LEU A 2137 40.64 24.36 14.44
CA LEU A 2137 39.80 23.49 13.61
C LEU A 2137 39.65 22.11 14.23
N ILE A 2138 40.74 21.55 14.78
CA ILE A 2138 40.65 20.24 15.43
C ILE A 2138 39.75 20.32 16.65
N GLN A 2139 39.85 21.42 17.41
CA GLN A 2139 38.96 21.58 18.57
C GLN A 2139 37.51 21.61 18.15
N SER A 2140 37.19 22.32 17.06
CA SER A 2140 35.81 22.36 16.58
C SER A 2140 35.35 20.99 16.11
N VAL A 2141 36.22 20.25 15.41
CA VAL A 2141 35.87 18.92 14.95
C VAL A 2141 35.58 18.00 16.15
N CYS A 2142 36.41 18.08 17.18
CA CYS A 2142 36.22 17.25 18.36
C CYS A 2142 34.99 17.67 19.15
N GLU A 2143 34.66 18.95 19.13
CA GLU A 2143 33.47 19.43 19.84
C GLU A 2143 32.18 19.19 19.07
N THR A 2144 32.26 18.88 17.77
CA THR A 2144 31.06 18.64 16.98
C THR A 2144 30.90 17.21 16.51
N MET A 2145 31.98 16.57 16.08
CA MET A 2145 31.90 15.23 15.48
C MET A 2145 32.15 14.11 16.49
N VAL A 2146 33.01 14.34 17.47
CA VAL A 2146 33.33 13.28 18.44
C VAL A 2146 32.12 12.83 19.25
N PRO A 2147 31.24 13.72 19.76
CA PRO A 2147 30.15 13.24 20.63
C PRO A 2147 29.28 12.16 20.02
N LYS A 2148 29.08 12.16 18.71
CA LYS A 2148 28.19 11.20 18.08
C LYS A 2148 28.84 9.86 17.77
N LEU A 2149 30.16 9.76 17.87
CA LEU A 2149 30.85 8.55 17.45
C LEU A 2149 30.62 7.41 18.43
N VAL A 2150 30.52 6.20 17.89
CA VAL A 2150 30.41 4.99 18.70
C VAL A 2150 31.81 4.62 19.18
N ALA A 2151 31.88 3.64 20.10
CA ALA A 2151 33.14 3.34 20.76
C ALA A 2151 34.21 2.88 19.76
N GLU A 2152 33.83 2.07 18.77
CA GLU A 2152 34.83 1.53 17.85
C GLU A 2152 35.21 2.50 16.74
N ASP A 2153 34.52 3.64 16.61
CA ASP A 2153 34.84 4.61 15.58
C ASP A 2153 35.72 5.76 16.05
N ILE A 2154 35.81 5.97 17.36
CA ILE A 2154 36.63 7.08 17.88
C ILE A 2154 38.10 6.94 17.50
N PRO A 2155 38.75 5.78 17.67
CA PRO A 2155 40.14 5.68 17.22
C PRO A 2155 40.32 5.95 15.74
N LEU A 2156 39.36 5.54 14.90
CA LEU A 2156 39.47 5.80 13.48
C LEU A 2156 39.46 7.30 13.18
N LEU A 2157 38.55 8.04 13.81
CA LEU A 2157 38.48 9.48 13.57
C LEU A 2157 39.70 10.19 14.12
N PHE A 2158 40.23 9.73 15.26
CA PHE A 2158 41.42 10.39 15.79
C PHE A 2158 42.65 10.08 14.95
N SER A 2159 42.74 8.88 14.38
CA SER A 2159 43.81 8.60 13.42
C SER A 2159 43.66 9.46 12.17
N LEU A 2160 42.43 9.64 11.69
CA LEU A 2160 42.20 10.50 10.54
C LEU A 2160 42.60 11.94 10.85
N LEU A 2161 42.31 12.41 12.06
CA LEU A 2161 42.73 13.76 12.45
C LEU A 2161 44.25 13.86 12.53
N SER A 2162 44.91 12.87 13.11
CA SER A 2162 46.36 12.90 13.23
C SER A 2162 47.06 12.74 11.90
N ASP A 2163 46.38 12.23 10.87
CA ASP A 2163 46.96 12.13 9.54
C ASP A 2163 46.66 13.34 8.67
N VAL A 2164 45.43 13.84 8.69
CA VAL A 2164 45.08 15.02 7.92
C VAL A 2164 45.73 16.27 8.51
N PHE A 2165 45.76 16.37 9.85
CA PHE A 2165 46.41 17.47 10.55
C PHE A 2165 47.60 16.91 11.32
N PRO A 2166 48.68 16.54 10.64
CA PRO A 2166 49.81 15.91 11.34
C PRO A 2166 50.50 16.90 12.28
N GLY A 2167 50.90 16.39 13.43
CA GLY A 2167 51.61 17.18 14.43
C GLY A 2167 50.72 18.02 15.32
N VAL A 2168 49.59 18.50 14.78
CA VAL A 2168 48.70 19.35 15.55
C VAL A 2168 47.92 18.50 16.54
N GLN A 2169 47.94 18.90 17.81
CA GLN A 2169 47.24 18.20 18.88
C GLN A 2169 46.37 19.18 19.65
N TYR A 2170 45.22 18.70 20.12
CA TYR A 2170 44.31 19.49 20.93
C TYR A 2170 44.02 18.76 22.23
N HIS A 2171 44.04 19.48 23.33
CA HIS A 2171 43.69 18.96 24.64
C HIS A 2171 42.44 19.67 25.12
N ARG A 2172 41.42 18.89 25.48
CA ARG A 2172 40.14 19.46 25.90
C ARG A 2172 40.30 20.29 27.17
N GLY A 2173 39.72 21.49 27.15
CA GLY A 2173 39.75 22.35 28.31
C GLY A 2173 38.74 21.93 29.35
N GLU A 2174 39.16 21.80 30.60
CA GLU A 2174 38.26 21.36 31.66
C GLU A 2174 37.28 22.45 32.03
N MET A 2175 36.00 22.09 32.12
CA MET A 2175 34.97 23.00 32.63
C MET A 2175 34.85 22.81 34.14
N THR A 2176 35.82 23.41 34.85
CA THR A 2176 35.93 23.18 36.29
C THR A 2176 34.68 23.66 37.02
N ALA A 2177 34.16 24.83 36.69
CA ALA A 2177 32.96 25.34 37.33
C ALA A 2177 31.76 24.43 37.05
N LEU A 2178 31.60 24.04 35.79
CA LEU A 2178 30.50 23.15 35.44
C LEU A 2178 30.68 21.78 36.07
N ARG A 2179 31.92 21.30 36.16
CA ARG A 2179 32.16 20.02 36.81
C ARG A 2179 31.80 20.06 38.29
N GLU A 2180 32.13 21.16 38.98
CA GLU A 2180 31.72 21.31 40.37
C GLU A 2180 30.20 21.35 40.50
N GLU A 2181 29.55 22.09 39.61
CA GLU A 2181 28.10 22.25 39.72
C GLU A 2181 27.42 20.90 39.45
N LEU A 2182 27.94 20.14 38.49
CA LEU A 2182 27.45 18.79 38.22
C LEU A 2182 27.70 17.86 39.40
N LYS A 2183 28.85 18.02 40.06
CA LYS A 2183 29.10 17.25 41.28
C LYS A 2183 27.99 17.46 42.28
N LYS A 2184 27.64 18.72 42.53
CA LYS A 2184 26.57 19.01 43.48
C LYS A 2184 25.24 18.42 43.03
N VAL A 2185 24.93 18.51 41.73
CA VAL A 2185 23.66 17.97 41.23
C VAL A 2185 23.62 16.45 41.40
N CYS A 2186 24.72 15.77 41.09
CA CYS A 2186 24.77 14.32 41.22
C CYS A 2186 24.67 13.91 42.68
N GLN A 2187 25.28 14.68 43.58
CA GLN A 2187 25.14 14.37 45.00
C GLN A 2187 23.69 14.51 45.46
N GLU A 2188 23.01 15.58 45.05
CA GLU A 2188 21.64 15.75 45.51
C GLU A 2188 20.65 14.83 44.80
N MET A 2189 21.05 14.23 43.67
CA MET A 2189 20.19 13.34 42.91
C MET A 2189 20.57 11.88 43.05
N TYR A 2190 21.46 11.55 44.01
CA TYR A 2190 21.91 10.19 44.26
C TYR A 2190 22.58 9.55 43.05
N LEU A 2191 23.26 10.37 42.24
CA LEU A 2191 23.95 9.88 41.05
C LEU A 2191 25.45 9.86 41.29
N THR A 2192 26.14 9.06 40.49
CA THR A 2192 27.57 8.87 40.60
C THR A 2192 28.31 9.81 39.67
N TYR A 2193 29.25 10.57 40.21
CA TYR A 2193 30.08 11.48 39.45
C TYR A 2193 31.51 10.95 39.40
N GLY A 2194 32.18 11.19 38.28
CA GLY A 2194 33.57 10.79 38.14
C GLY A 2194 34.31 11.71 37.19
N ASP A 2195 35.63 11.66 37.28
CA ASP A 2195 36.52 12.43 36.42
C ASP A 2195 37.39 11.47 35.62
N GLY A 2196 37.33 11.58 34.30
CA GLY A 2196 38.20 10.81 33.43
C GLY A 2196 37.97 9.30 33.51
N GLU A 2197 38.90 8.60 34.12
CA GLU A 2197 38.84 7.15 34.21
C GLU A 2197 38.16 6.65 35.49
N GLU A 2198 37.69 7.55 36.34
CA GLU A 2198 36.94 7.14 37.52
C GLU A 2198 35.58 6.60 37.11
N VAL A 2199 34.93 5.91 38.05
CA VAL A 2199 33.58 5.40 37.81
C VAL A 2199 32.63 6.57 37.62
N GLY A 2200 31.86 6.54 36.54
CA GLY A 2200 31.04 7.67 36.17
C GLY A 2200 31.74 8.72 35.34
N GLY A 2201 33.03 8.54 35.03
CA GLY A 2201 33.75 9.53 34.25
C GLY A 2201 33.23 9.64 32.82
N MET A 2202 32.93 8.50 32.21
CA MET A 2202 32.38 8.52 30.85
C MET A 2202 31.03 9.22 30.79
N TRP A 2203 30.18 9.02 31.80
CA TRP A 2203 28.87 9.67 31.81
C TRP A 2203 29.01 11.17 31.99
N VAL A 2204 29.95 11.62 32.83
CA VAL A 2204 30.16 13.05 32.99
C VAL A 2204 30.74 13.66 31.72
N GLU A 2205 31.63 12.93 31.04
CA GLU A 2205 32.12 13.38 29.75
C GLU A 2205 30.99 13.52 28.75
N LYS A 2206 30.05 12.58 28.76
CA LYS A 2206 28.89 12.67 27.88
C LYS A 2206 28.02 13.87 28.23
N VAL A 2207 27.88 14.18 29.52
CA VAL A 2207 27.12 15.36 29.94
C VAL A 2207 27.78 16.63 29.42
N LEU A 2208 29.11 16.71 29.53
CA LEU A 2208 29.82 17.87 29.02
C LEU A 2208 29.70 17.98 27.50
N GLN A 2209 29.75 16.85 26.80
CA GLN A 2209 29.55 16.86 25.35
C GLN A 2209 28.16 17.34 24.99
N LEU A 2210 27.15 16.92 25.76
CA LEU A 2210 25.80 17.40 25.55
C LEU A 2210 25.70 18.90 25.78
N TYR A 2211 26.41 19.40 26.79
CA TYR A 2211 26.44 20.85 27.03
C TYR A 2211 27.02 21.58 25.85
N GLN A 2212 28.15 21.10 25.32
CA GLN A 2212 28.76 21.77 24.17
C GLN A 2212 27.87 21.73 22.93
N ILE A 2213 27.30 20.56 22.63
CA ILE A 2213 26.43 20.44 21.48
C ILE A 2213 25.19 21.30 21.64
N THR A 2214 24.72 21.46 22.88
CA THR A 2214 23.67 22.43 23.16
C THR A 2214 24.14 23.84 22.85
N GLN A 2215 25.39 24.15 23.19
CA GLN A 2215 25.93 25.48 22.91
C GLN A 2215 25.94 25.77 21.41
N ILE A 2216 26.29 24.79 20.60
CA ILE A 2216 26.45 25.02 19.17
C ILE A 2216 25.19 24.72 18.34
N ASN A 2217 24.31 23.85 18.81
CA ASN A 2217 23.12 23.44 18.06
C ASN A 2217 21.86 23.84 18.81
N HIS A 2218 20.81 24.16 18.06
CA HIS A 2218 19.49 24.37 18.64
C HIS A 2218 18.56 23.18 18.44
N GLY A 2219 19.05 22.10 17.84
CA GLY A 2219 18.33 20.85 17.72
C GLY A 2219 19.23 19.69 18.12
N LEU A 2220 18.73 18.81 18.99
CA LEU A 2220 19.57 17.87 19.71
C LEU A 2220 18.98 16.47 19.65
N MET A 2221 19.86 15.47 19.66
CA MET A 2221 19.45 14.09 19.85
C MET A 2221 20.39 13.37 20.80
N MET A 2222 19.83 12.68 21.79
CA MET A 2222 20.56 11.77 22.67
C MET A 2222 20.25 10.36 22.20
N VAL A 2223 21.12 9.81 21.38
CA VAL A 2223 20.91 8.46 20.85
C VAL A 2223 21.70 7.48 21.69
N GLY A 2224 21.14 6.29 21.89
CA GLY A 2224 21.81 5.24 22.60
C GLY A 2224 20.84 4.23 23.17
N PRO A 2225 21.33 3.02 23.46
CA PRO A 2225 20.46 1.96 23.97
C PRO A 2225 19.73 2.39 25.23
N SER A 2226 18.64 1.68 25.52
CA SER A 2226 17.85 1.99 26.70
C SER A 2226 18.68 1.79 27.96
N GLY A 2227 18.48 2.68 28.93
CA GLY A 2227 19.24 2.63 30.15
C GLY A 2227 20.71 2.94 29.98
N SER A 2228 21.04 3.98 29.21
CA SER A 2228 22.41 4.41 29.03
C SER A 2228 22.72 5.73 29.72
N GLY A 2229 21.74 6.35 30.36
CA GLY A 2229 21.99 7.56 31.12
C GLY A 2229 21.59 8.86 30.46
N LYS A 2230 20.78 8.81 29.39
CA LYS A 2230 20.47 10.03 28.64
C LYS A 2230 19.57 10.97 29.45
N SER A 2231 18.49 10.43 30.04
CA SER A 2231 17.56 11.27 30.78
C SER A 2231 18.24 11.91 31.98
N MET A 2232 19.00 11.12 32.74
CA MET A 2232 19.77 11.68 33.84
C MET A 2232 20.80 12.68 33.35
N ALA A 2233 21.43 12.41 32.21
CA ALA A 2233 22.41 13.35 31.66
C ALA A 2233 21.77 14.72 31.44
N TRP A 2234 20.65 14.78 30.72
CA TRP A 2234 20.10 16.09 30.42
C TRP A 2234 19.40 16.72 31.63
N ARG A 2235 18.84 15.93 32.55
CA ARG A 2235 18.28 16.51 33.76
C ARG A 2235 19.35 17.12 34.65
N VAL A 2236 20.44 16.39 34.86
CA VAL A 2236 21.57 16.91 35.63
C VAL A 2236 22.16 18.14 34.95
N LEU A 2237 22.27 18.11 33.61
CA LEU A 2237 22.78 19.28 32.91
C LEU A 2237 21.86 20.48 33.10
N LEU A 2238 20.55 20.27 33.05
CA LEU A 2238 19.61 21.38 33.24
C LEU A 2238 19.76 21.99 34.64
N LYS A 2239 19.84 21.14 35.67
CA LYS A 2239 19.98 21.66 37.02
C LYS A 2239 21.32 22.36 37.22
N ALA A 2240 22.40 21.78 36.69
CA ALA A 2240 23.71 22.41 36.82
C ALA A 2240 23.76 23.74 36.10
N LEU A 2241 23.17 23.83 34.92
CA LEU A 2241 23.11 25.10 34.21
C LEU A 2241 22.28 26.13 34.97
N GLU A 2242 21.19 25.69 35.60
CA GLU A 2242 20.40 26.61 36.42
C GLU A 2242 21.21 27.16 37.58
N ARG A 2243 21.95 26.30 38.27
CA ARG A 2243 22.73 26.78 39.41
C ARG A 2243 24.03 27.48 39.01
N LEU A 2244 24.54 27.26 37.80
CA LEU A 2244 25.78 27.88 37.36
C LEU A 2244 25.56 29.23 36.68
N GLU A 2245 24.53 29.33 35.83
CA GLU A 2245 24.27 30.56 35.10
C GLU A 2245 23.18 31.41 35.72
N GLY A 2246 22.39 30.86 36.63
CA GLY A 2246 21.30 31.58 37.25
C GLY A 2246 20.02 31.61 36.45
N VAL A 2247 20.00 30.98 35.29
CA VAL A 2247 18.81 30.96 34.43
C VAL A 2247 17.99 29.71 34.76
N GLU A 2248 16.74 29.92 35.15
CA GLU A 2248 15.87 28.80 35.49
C GLU A 2248 15.66 27.89 34.28
N GLY A 2249 15.73 26.58 34.53
CA GLY A 2249 15.60 25.60 33.47
C GLY A 2249 14.24 24.92 33.50
N VAL A 2250 13.53 25.00 32.38
CA VAL A 2250 12.22 24.40 32.23
C VAL A 2250 12.30 23.35 31.13
N ALA A 2251 11.80 22.16 31.41
CA ALA A 2251 11.80 21.06 30.46
C ALA A 2251 10.37 20.63 30.17
N HIS A 2252 10.04 20.49 28.89
CA HIS A 2252 8.73 20.02 28.45
C HIS A 2252 8.96 18.70 27.73
N ILE A 2253 8.69 17.59 28.42
CA ILE A 2253 8.92 16.26 27.87
C ILE A 2253 7.65 15.80 27.18
N ILE A 2254 7.75 15.44 25.90
CA ILE A 2254 6.62 15.03 25.09
C ILE A 2254 6.93 13.66 24.51
N ASP A 2255 5.96 12.75 24.60
CA ASP A 2255 6.05 11.50 23.87
C ASP A 2255 5.37 11.69 22.52
N PRO A 2256 6.14 11.88 21.46
CA PRO A 2256 5.55 12.24 20.17
C PRO A 2256 4.67 11.16 19.57
N LYS A 2257 4.92 9.90 19.89
CA LYS A 2257 4.19 8.78 19.29
C LYS A 2257 3.15 8.19 20.23
N ALA A 2258 3.04 8.69 21.45
CA ALA A 2258 1.95 8.28 22.33
C ALA A 2258 0.65 8.99 22.00
N ILE A 2259 0.69 10.00 21.13
CA ILE A 2259 -0.49 10.73 20.69
C ILE A 2259 -0.45 10.83 19.18
N SER A 2260 -1.61 11.07 18.59
CA SER A 2260 -1.69 11.24 17.14
C SER A 2260 -1.01 12.53 16.72
N LYS A 2261 -0.51 12.54 15.48
CA LYS A 2261 0.13 13.74 14.94
C LYS A 2261 -0.82 14.92 14.96
N ASP A 2262 -2.13 14.66 14.84
CA ASP A 2262 -3.13 15.72 14.97
C ASP A 2262 -3.09 16.35 16.35
N HIS A 2263 -2.93 15.51 17.39
CA HIS A 2263 -2.82 16.02 18.75
C HIS A 2263 -1.43 16.52 19.09
N LEU A 2264 -0.42 16.20 18.27
CA LEU A 2264 0.93 16.66 18.51
C LEU A 2264 1.19 18.03 17.90
N TYR A 2265 0.68 18.29 16.69
CA TYR A 2265 0.92 19.56 16.03
C TYR A 2265 -0.32 20.44 15.91
N GLY A 2266 -1.51 19.85 15.84
CA GLY A 2266 -2.72 20.64 15.72
C GLY A 2266 -3.53 20.27 14.50
N THR A 2267 -4.79 20.72 14.46
CA THR A 2267 -5.70 20.42 13.36
C THR A 2267 -6.32 21.69 12.83
N LEU A 2268 -6.60 21.69 11.54
CA LEU A 2268 -7.34 22.76 10.88
C LEU A 2268 -8.69 22.20 10.46
N ASP A 2269 -9.76 22.82 10.95
CA ASP A 2269 -11.10 22.31 10.67
C ASP A 2269 -11.41 22.46 9.18
N PRO A 2270 -11.74 21.38 8.47
CA PRO A 2270 -12.03 21.51 7.04
C PRO A 2270 -13.25 22.36 6.73
N ASN A 2271 -14.16 22.54 7.69
CA ASN A 2271 -15.40 23.28 7.44
C ASN A 2271 -15.25 24.76 7.74
N THR A 2272 -14.93 25.10 8.99
CA THR A 2272 -14.83 26.49 9.42
C THR A 2272 -13.43 27.04 9.38
N ARG A 2273 -12.44 26.24 8.96
CA ARG A 2273 -11.04 26.68 8.86
C ARG A 2273 -10.53 27.23 10.20
N GLU A 2274 -10.89 26.56 11.28
CA GLU A 2274 -10.49 26.96 12.62
C GLU A 2274 -9.33 26.09 13.08
N TRP A 2275 -8.23 26.74 13.46
CA TRP A 2275 -7.02 26.04 13.87
C TRP A 2275 -7.06 25.75 15.37
N THR A 2276 -6.82 24.49 15.73
CA THR A 2276 -6.70 24.07 17.11
C THR A 2276 -5.27 23.64 17.37
N ASP A 2277 -4.64 24.25 18.37
CA ASP A 2277 -3.24 23.97 18.64
C ASP A 2277 -3.05 22.54 19.13
N GLY A 2278 -1.94 21.94 18.71
CA GLY A 2278 -1.52 20.65 19.21
C GLY A 2278 -0.73 20.81 20.50
N LEU A 2279 0.00 19.75 20.85
CA LEU A 2279 0.79 19.79 22.08
C LEU A 2279 2.05 20.63 21.90
N PHE A 2280 2.89 20.24 20.94
CA PHE A 2280 4.12 20.98 20.69
C PHE A 2280 3.83 22.40 20.23
N THR A 2281 2.81 22.58 19.39
CA THR A 2281 2.45 23.92 18.94
C THR A 2281 2.02 24.79 20.10
N HIS A 2282 1.20 24.25 21.01
CA HIS A 2282 0.77 25.01 22.17
C HIS A 2282 1.95 25.37 23.06
N VAL A 2283 2.86 24.43 23.28
CA VAL A 2283 4.03 24.70 24.13
C VAL A 2283 4.89 25.80 23.52
N LEU A 2284 5.18 25.68 22.23
CA LEU A 2284 6.03 26.67 21.56
C LEU A 2284 5.37 28.04 21.54
N ARG A 2285 4.06 28.09 21.26
CA ARG A 2285 3.36 29.36 21.25
C ARG A 2285 3.34 29.99 22.64
N LYS A 2286 3.18 29.17 23.68
CA LYS A 2286 3.22 29.67 25.04
C LYS A 2286 4.60 30.23 25.38
N ILE A 2287 5.67 29.57 24.93
CA ILE A 2287 7.01 30.11 25.18
C ILE A 2287 7.20 31.42 24.44
N ILE A 2288 6.74 31.49 23.18
CA ILE A 2288 6.92 32.70 22.38
C ILE A 2288 6.14 33.87 22.99
N ASP A 2289 4.92 33.61 23.47
CA ASP A 2289 4.09 34.67 24.04
C ASP A 2289 4.75 35.29 25.26
N SER A 2290 5.38 34.48 26.10
CA SER A 2290 6.15 34.95 27.25
C SER A 2290 5.29 35.78 28.20
N VAL A 2291 4.07 35.30 28.44
CA VAL A 2291 3.19 35.97 29.38
C VAL A 2291 3.74 35.86 30.81
N ARG A 2292 4.32 34.72 31.14
CA ARG A 2292 4.87 34.46 32.47
C ARG A 2292 6.40 34.40 32.44
N GLY A 2293 7.01 35.22 31.59
CA GLY A 2293 8.46 35.26 31.50
C GLY A 2293 9.11 33.98 31.03
N GLU A 2294 8.54 33.32 30.02
CA GLU A 2294 9.14 32.09 29.52
C GLU A 2294 10.33 32.36 28.61
N LEU A 2295 10.51 33.59 28.14
CA LEU A 2295 11.65 33.88 27.29
C LEU A 2295 12.92 34.16 28.08
N GLN A 2296 12.81 34.40 29.38
CA GLN A 2296 13.98 34.62 30.23
C GLN A 2296 14.47 33.35 30.89
N LYS A 2297 13.81 32.23 30.65
CA LYS A 2297 14.20 30.93 31.19
C LYS A 2297 14.73 30.04 30.07
N ARG A 2298 15.58 29.09 30.46
CA ARG A 2298 16.12 28.13 29.51
C ARG A 2298 15.07 27.04 29.28
N GLN A 2299 14.45 27.06 28.10
CA GLN A 2299 13.37 26.15 27.78
C GLN A 2299 13.87 25.03 26.89
N TRP A 2300 13.66 23.79 27.31
CA TRP A 2300 14.06 22.61 26.54
C TRP A 2300 12.82 21.78 26.26
N ILE A 2301 12.53 21.56 24.99
CA ILE A 2301 11.42 20.72 24.57
C ILE A 2301 12.00 19.35 24.22
N VAL A 2302 11.76 18.36 25.07
CA VAL A 2302 12.35 17.04 24.94
C VAL A 2302 11.33 16.10 24.34
N PHE A 2303 11.73 15.40 23.28
CA PHE A 2303 10.88 14.39 22.63
C PHE A 2303 11.43 13.03 23.05
N ASP A 2304 10.82 12.46 24.09
CA ASP A 2304 11.24 11.17 24.63
C ASP A 2304 10.35 10.10 24.02
N GLY A 2305 10.75 9.63 22.84
CA GLY A 2305 9.97 8.62 22.15
C GLY A 2305 10.60 8.26 20.82
N ASP A 2306 9.88 7.45 20.05
CA ASP A 2306 10.37 7.00 18.76
C ASP A 2306 10.29 8.12 17.72
N VAL A 2307 11.16 8.04 16.73
CA VAL A 2307 11.24 9.04 15.66
C VAL A 2307 10.96 8.35 14.34
N ASP A 2308 10.01 8.88 13.58
CA ASP A 2308 9.73 8.41 12.23
C ASP A 2308 9.52 9.63 11.34
N PRO A 2309 9.71 9.49 10.02
CA PRO A 2309 9.58 10.64 9.13
C PRO A 2309 8.18 11.19 9.01
N GLU A 2310 7.19 10.67 9.75
CA GLU A 2310 5.84 11.21 9.64
C GLU A 2310 5.65 12.44 10.51
N TRP A 2311 6.13 12.40 11.75
CA TRP A 2311 5.96 13.51 12.68
C TRP A 2311 7.20 14.38 12.81
N VAL A 2312 8.40 13.83 12.63
CA VAL A 2312 9.60 14.60 12.90
C VAL A 2312 9.95 15.54 11.74
N GLU A 2313 9.45 15.26 10.54
CA GLU A 2313 9.77 16.11 9.39
C GLU A 2313 8.93 17.38 9.36
N ASN A 2314 7.91 17.50 10.20
CA ASN A 2314 7.25 18.77 10.39
C ASN A 2314 8.14 19.77 11.11
N LEU A 2315 9.24 19.29 11.66
CA LEU A 2315 10.12 20.12 12.48
C LEU A 2315 11.38 20.34 11.67
N ASN A 2316 11.29 20.30 10.36
CA ASN A 2316 12.47 20.44 9.48
C ASN A 2316 12.80 21.90 9.37
N SER A 2317 11.83 22.77 9.31
CA SER A 2317 12.02 24.24 9.21
C SER A 2317 12.34 24.77 10.58
N VAL A 2318 11.96 24.04 11.61
CA VAL A 2318 12.32 24.45 12.97
C VAL A 2318 13.80 24.18 13.23
N LEU A 2319 14.23 22.95 12.95
CA LEU A 2319 15.59 22.46 13.30
C LEU A 2319 16.58 22.81 12.20
N ASP A 2320 16.23 23.74 11.34
CA ASP A 2320 17.10 24.18 10.24
C ASP A 2320 17.61 25.56 10.55
N ASP A 2321 17.88 26.35 9.52
CA ASP A 2321 18.46 27.70 9.67
C ASP A 2321 17.31 28.68 9.56
N ASN A 2322 16.11 28.16 9.37
CA ASN A 2322 14.91 28.99 9.26
C ASN A 2322 14.38 29.19 10.67
N LYS A 2323 14.57 28.22 11.55
CA LYS A 2323 14.15 28.27 12.95
C LYS A 2323 12.70 28.72 13.06
N LEU A 2324 11.83 28.01 12.35
CA LEU A 2324 10.46 28.45 12.14
C LEU A 2324 9.54 27.25 12.03
N LEU A 2325 8.40 27.32 12.70
CA LEU A 2325 7.36 26.29 12.62
C LEU A 2325 6.22 26.84 11.77
N THR A 2326 5.99 26.22 10.62
CA THR A 2326 4.95 26.66 9.69
C THR A 2326 3.77 25.70 9.77
N LEU A 2327 2.58 26.26 9.96
CA LEU A 2327 1.35 25.50 10.06
C LEU A 2327 0.54 25.61 8.78
N PRO A 2328 -0.33 24.63 8.50
CA PRO A 2328 -1.11 24.69 7.25
C PRO A 2328 -2.02 25.91 7.15
N ASN A 2329 -2.43 26.51 8.26
CA ASN A 2329 -3.25 27.71 8.22
C ASN A 2329 -2.44 28.97 7.94
N GLY A 2330 -1.19 28.84 7.49
CA GLY A 2330 -0.36 29.96 7.13
C GLY A 2330 0.42 30.59 8.26
N GLU A 2331 0.20 30.15 9.50
CA GLU A 2331 0.89 30.75 10.63
C GLU A 2331 2.33 30.26 10.70
N ARG A 2332 3.23 31.16 11.09
CA ARG A 2332 4.65 30.85 11.23
C ARG A 2332 5.10 31.28 12.62
N LEU A 2333 5.71 30.36 13.35
CA LEU A 2333 6.17 30.60 14.71
C LEU A 2333 7.69 30.50 14.74
N SER A 2334 8.36 31.62 14.98
CA SER A 2334 9.81 31.65 15.05
C SER A 2334 10.29 31.02 16.36
N LEU A 2335 11.27 30.14 16.26
CA LEU A 2335 11.85 29.53 17.45
C LEU A 2335 12.69 30.55 18.20
N PRO A 2336 12.43 30.79 19.49
CA PRO A 2336 13.25 31.77 20.22
C PRO A 2336 14.66 31.25 20.43
N PRO A 2337 15.63 32.14 20.64
CA PRO A 2337 17.02 31.68 20.79
C PRO A 2337 17.30 30.93 22.08
N ASN A 2338 16.39 30.95 23.05
CA ASN A 2338 16.60 30.26 24.32
C ASN A 2338 15.99 28.88 24.35
N VAL A 2339 15.35 28.43 23.27
CA VAL A 2339 14.66 27.15 23.22
C VAL A 2339 15.54 26.15 22.48
N ARG A 2340 15.66 24.95 23.04
CA ARG A 2340 16.36 23.85 22.41
C ARG A 2340 15.39 22.70 22.20
N ILE A 2341 15.31 22.21 20.97
CA ILE A 2341 14.50 21.04 20.65
C ILE A 2341 15.39 19.82 20.78
N MET A 2342 15.04 18.92 21.70
CA MET A 2342 15.89 17.79 22.07
C MET A 2342 15.10 16.51 21.88
N PHE A 2343 15.74 15.50 21.30
CA PHE A 2343 15.14 14.18 21.15
C PHE A 2343 15.97 13.19 21.96
N GLU A 2344 15.29 12.42 22.80
CA GLU A 2344 15.93 11.34 23.55
C GLU A 2344 15.41 10.03 22.97
N VAL A 2345 16.23 9.39 22.14
CA VAL A 2345 15.82 8.21 21.39
C VAL A 2345 16.80 7.08 21.68
N GLN A 2346 16.38 5.87 21.35
CA GLN A 2346 17.25 4.71 21.45
C GLN A 2346 17.82 4.28 20.12
N ASP A 2347 17.20 4.65 19.00
CA ASP A 2347 17.75 4.39 17.68
C ASP A 2347 17.13 5.38 16.71
N LEU A 2348 17.80 5.55 15.57
CA LEU A 2348 17.33 6.41 14.49
C LEU A 2348 17.20 5.62 13.20
N LYS A 2349 16.80 4.36 13.31
CA LYS A 2349 16.79 3.47 12.16
C LYS A 2349 15.65 3.74 11.19
N TYR A 2350 14.69 4.58 11.57
CA TYR A 2350 13.58 4.91 10.69
C TYR A 2350 13.56 6.37 10.26
N ALA A 2351 14.33 7.23 10.92
CA ALA A 2351 14.44 8.62 10.49
C ALA A 2351 15.23 8.70 9.19
N THR A 2352 14.86 9.66 8.35
CA THR A 2352 15.58 9.90 7.11
C THR A 2352 16.83 10.74 7.36
N LEU A 2353 17.65 10.97 6.35
CA LEU A 2353 18.93 11.71 6.55
C LEU A 2353 18.63 13.20 6.61
N ALA A 2354 17.38 13.59 6.49
CA ALA A 2354 16.99 15.00 6.49
C ALA A 2354 16.84 15.42 7.93
N THR A 2355 16.45 14.50 8.80
CA THR A 2355 16.32 14.77 10.23
C THR A 2355 17.67 14.53 10.87
N VAL A 2356 18.38 13.48 10.46
CA VAL A 2356 19.66 13.21 11.10
C VAL A 2356 20.65 14.33 10.84
N SER A 2357 20.61 14.89 9.65
CA SER A 2357 21.54 15.97 9.25
C SER A 2357 21.25 17.29 9.95
N ARG A 2358 20.11 17.46 10.59
CA ARG A 2358 19.77 18.81 11.10
C ARG A 2358 19.96 18.85 12.61
N CYS A 2359 20.41 17.75 13.21
CA CYS A 2359 20.50 17.70 14.68
C CYS A 2359 21.92 17.33 15.13
N GLY A 2360 22.39 17.85 16.24
CA GLY A 2360 23.67 17.47 16.81
C GLY A 2360 23.53 16.24 17.68
N MET A 2361 24.25 15.18 17.33
CA MET A 2361 24.06 13.88 17.97
C MET A 2361 25.00 13.74 19.16
N VAL A 2362 24.50 13.14 20.23
CA VAL A 2362 25.33 12.65 21.33
C VAL A 2362 24.99 11.19 21.54
N TRP A 2363 26.00 10.33 21.45
CA TRP A 2363 25.81 8.89 21.50
C TRP A 2363 26.11 8.38 22.90
N PHE A 2364 25.09 7.81 23.55
CA PHE A 2364 25.20 7.24 24.89
C PHE A 2364 25.23 5.72 24.76
N SER A 2365 26.42 5.14 24.79
CA SER A 2365 26.51 3.68 24.81
C SER A 2365 26.11 3.15 26.17
N GLU A 2366 25.77 1.85 26.21
CA GLU A 2366 25.44 1.24 27.49
C GLU A 2366 26.66 1.17 28.41
N ASP A 2367 27.86 1.19 27.82
CA ASP A 2367 29.08 1.22 28.63
C ASP A 2367 29.26 2.54 29.36
N VAL A 2368 28.57 3.60 28.92
CA VAL A 2368 28.64 4.88 29.62
C VAL A 2368 28.10 4.74 31.03
N LEU A 2369 26.97 4.06 31.19
CA LEU A 2369 26.36 3.82 32.48
C LEU A 2369 26.76 2.40 32.93
N SER A 2370 27.79 2.31 33.74
CA SER A 2370 28.23 1.02 34.25
C SER A 2370 27.28 0.52 35.34
N THR A 2371 27.28 -0.79 35.54
CA THR A 2371 26.38 -1.39 36.51
C THR A 2371 26.71 -0.95 37.93
N ASP A 2372 27.99 -0.68 38.21
CA ASP A 2372 28.37 -0.17 39.53
C ASP A 2372 27.68 1.14 39.84
N MET A 2373 27.48 1.98 38.82
CA MET A 2373 26.79 3.25 39.02
C MET A 2373 25.35 3.03 39.42
N ILE A 2374 24.67 2.07 38.78
CA ILE A 2374 23.29 1.75 39.14
C ILE A 2374 23.22 1.20 40.55
N PHE A 2375 24.17 0.34 40.92
CA PHE A 2375 24.21 -0.17 42.29
C PHE A 2375 24.39 0.96 43.30
N ASN A 2376 25.28 1.91 42.99
CA ASN A 2376 25.51 3.05 43.87
C ASN A 2376 24.25 3.88 44.00
N ASN A 2377 23.54 4.12 42.89
CA ASN A 2377 22.31 4.90 42.94
C ASN A 2377 21.26 4.20 43.80
N PHE A 2378 21.11 2.89 43.63
CA PHE A 2378 20.15 2.13 44.43
C PHE A 2378 20.49 2.22 45.90
N LEU A 2379 21.76 2.04 46.25
CA LEU A 2379 22.14 2.05 47.66
C LEU A 2379 22.00 3.44 48.27
N ALA A 2380 22.32 4.49 47.51
CA ALA A 2380 22.15 5.85 48.02
C ALA A 2380 20.68 6.16 48.26
N ARG A 2381 19.81 5.81 47.31
CA ARG A 2381 18.38 6.04 47.52
C ARG A 2381 17.85 5.24 48.69
N LEU A 2382 18.33 3.99 48.84
CA LEU A 2382 17.90 3.17 49.97
C LEU A 2382 18.34 3.77 51.30
N ARG A 2383 19.57 4.27 51.37
CA ARG A 2383 20.07 4.87 52.60
C ARG A 2383 19.49 6.25 52.88
N SER A 2384 18.88 6.89 51.89
CA SER A 2384 18.38 8.25 52.09
C SER A 2384 16.87 8.34 52.12
N ILE A 2385 16.17 7.70 51.19
CA ILE A 2385 14.72 7.88 51.02
C ILE A 2385 14.02 6.80 51.84
N PRO A 2386 13.20 7.16 52.82
CA PRO A 2386 12.43 6.16 53.55
C PRO A 2386 11.38 5.51 52.67
N LEU A 2387 11.15 4.21 52.90
CA LEU A 2387 10.20 3.47 52.08
C LEU A 2387 8.76 3.77 52.47
N ASP A 2388 8.48 3.95 53.76
CA ASP A 2388 7.11 4.20 54.18
C ASP A 2388 6.59 5.54 53.67
N GLU A 2389 7.43 6.57 53.66
CA GLU A 2389 7.05 7.86 53.11
C GLU A 2389 8.28 8.69 52.75
N SER A 2410 13.66 7.85 61.92
CA SER A 2410 12.66 6.93 61.41
C SER A 2410 13.16 5.50 61.48
N PRO A 2411 12.42 4.63 62.18
CA PRO A 2411 12.82 3.22 62.28
C PRO A 2411 12.89 2.51 60.93
N MET A 2412 11.99 2.86 60.00
CA MET A 2412 12.04 2.25 58.68
C MET A 2412 13.31 2.64 57.94
N LEU A 2413 13.72 3.91 58.05
CA LEU A 2413 14.98 4.32 57.45
C LEU A 2413 16.17 3.64 58.11
N GLN A 2414 16.10 3.41 59.42
CA GLN A 2414 17.17 2.67 60.07
C GLN A 2414 17.26 1.24 59.57
N ILE A 2415 16.10 0.59 59.37
CA ILE A 2415 16.09 -0.74 58.78
C ILE A 2415 16.68 -0.72 57.39
N GLN A 2416 16.32 0.29 56.59
CA GLN A 2416 16.88 0.42 55.25
C GLN A 2416 18.39 0.58 55.28
N ARG A 2417 18.90 1.40 56.20
CA ARG A 2417 20.34 1.62 56.28
C ARG A 2417 21.07 0.34 56.69
N ASP A 2418 20.52 -0.39 57.66
CA ASP A 2418 21.14 -1.67 58.04
C ASP A 2418 21.12 -2.65 56.89
N ALA A 2419 20.00 -2.74 56.17
CA ALA A 2419 19.91 -3.64 55.01
C ALA A 2419 20.91 -3.26 53.93
N ALA A 2420 21.06 -1.95 53.68
CA ALA A 2420 22.02 -1.49 52.68
C ALA A 2420 23.44 -1.82 53.10
N THR A 2421 23.75 -1.68 54.39
CA THR A 2421 25.07 -2.07 54.87
C THR A 2421 25.30 -3.58 54.68
N ILE A 2422 24.27 -4.38 54.90
CA ILE A 2422 24.42 -5.83 54.70
C ILE A 2422 24.62 -6.16 53.23
N MET A 2423 23.87 -5.50 52.34
CA MET A 2423 23.91 -5.81 50.91
C MET A 2423 25.08 -5.18 50.18
N GLN A 2424 25.81 -4.28 50.82
CA GLN A 2424 26.91 -3.58 50.15
C GLN A 2424 27.95 -4.53 49.56
N PRO A 2425 28.43 -5.56 50.27
CA PRO A 2425 29.48 -6.41 49.67
C PRO A 2425 29.06 -7.10 48.39
N TYR A 2426 27.77 -7.43 48.23
CA TYR A 2426 27.31 -8.14 47.05
C TYR A 2426 27.02 -7.21 45.87
N PHE A 2427 26.88 -5.91 46.10
CA PHE A 2427 26.57 -4.95 45.06
C PHE A 2427 27.80 -4.19 44.57
N THR A 2428 28.95 -4.86 44.52
CA THR A 2428 30.18 -4.28 44.03
C THR A 2428 30.50 -4.82 42.65
N SER A 2429 31.37 -4.11 41.94
CA SER A 2429 31.87 -4.61 40.66
C SER A 2429 32.59 -5.93 40.87
N ASN A 2430 32.35 -6.88 39.96
CA ASN A 2430 32.78 -8.27 40.09
C ASN A 2430 32.22 -8.90 41.36
N GLY A 2431 30.99 -8.55 41.74
CA GLY A 2431 30.34 -9.13 42.88
C GLY A 2431 29.39 -10.25 42.50
N LEU A 2432 28.62 -10.69 43.50
CA LEU A 2432 27.63 -11.74 43.26
C LEU A 2432 26.56 -11.29 42.27
N VAL A 2433 26.04 -10.09 42.45
CA VAL A 2433 24.98 -9.61 41.57
C VAL A 2433 25.51 -9.41 40.16
N THR A 2434 26.72 -8.85 40.03
CA THR A 2434 27.29 -8.62 38.71
C THR A 2434 27.56 -9.93 37.98
N LYS A 2435 28.17 -10.90 38.67
CA LYS A 2435 28.45 -12.19 38.05
C LYS A 2435 27.16 -12.92 37.69
N ALA A 2436 26.16 -12.86 38.57
CA ALA A 2436 24.88 -13.49 38.27
C ALA A 2436 24.22 -12.86 37.06
N LEU A 2437 24.27 -11.53 36.97
CA LEU A 2437 23.70 -10.84 35.81
C LEU A 2437 24.44 -11.22 34.53
N GLU A 2438 25.76 -11.31 34.61
CA GLU A 2438 26.54 -11.71 33.43
C GLU A 2438 26.18 -13.13 32.99
N HIS A 2439 26.00 -14.04 33.95
CA HIS A 2439 25.59 -15.40 33.61
C HIS A 2439 24.16 -15.43 33.08
N ALA A 2440 23.28 -14.60 33.65
CA ALA A 2440 21.88 -14.61 33.23
C ALA A 2440 21.71 -14.19 31.77
N PHE A 2441 22.63 -13.38 31.26
CA PHE A 2441 22.55 -12.96 29.86
C PHE A 2441 22.88 -14.08 28.90
N GLN A 2442 23.46 -15.18 29.37
CA GLN A 2442 23.77 -16.33 28.54
C GLN A 2442 22.62 -17.34 28.47
N LEU A 2443 21.62 -17.22 29.34
CA LEU A 2443 20.44 -18.05 29.28
C LEU A 2443 19.43 -17.44 28.32
N GLU A 2444 18.43 -18.22 27.95
CA GLU A 2444 17.38 -17.77 27.05
C GLU A 2444 16.11 -17.50 27.84
N HIS A 2445 15.53 -16.31 27.63
CA HIS A 2445 14.37 -15.85 28.37
C HIS A 2445 13.20 -15.67 27.41
N ILE A 2446 11.99 -15.66 27.95
CA ILE A 2446 10.81 -15.50 27.11
C ILE A 2446 10.73 -14.10 26.52
N MET A 2447 11.51 -13.16 27.02
CA MET A 2447 11.62 -11.83 26.46
C MET A 2447 13.08 -11.43 26.41
N ASP A 2448 13.41 -10.51 25.50
CA ASP A 2448 14.78 -10.04 25.38
C ASP A 2448 15.23 -9.40 26.69
N LEU A 2449 16.23 -10.03 27.32
CA LEU A 2449 16.68 -9.58 28.64
C LEU A 2449 17.44 -8.27 28.52
N THR A 2450 17.15 -7.34 29.43
CA THR A 2450 17.87 -6.10 29.56
C THR A 2450 18.33 -5.93 30.99
N ARG A 2451 19.46 -5.23 31.17
CA ARG A 2451 20.06 -5.10 32.49
C ARG A 2451 19.12 -4.40 33.47
N LEU A 2452 18.49 -3.32 33.03
CA LEU A 2452 17.68 -2.51 33.94
C LEU A 2452 16.36 -3.16 34.32
N ARG A 2453 15.80 -4.03 33.49
CA ARG A 2453 14.61 -4.77 33.92
C ARG A 2453 14.93 -5.66 35.11
N CYS A 2454 16.02 -6.45 35.00
CA CYS A 2454 16.44 -7.29 36.11
C CYS A 2454 16.79 -6.46 37.33
N LEU A 2455 17.51 -5.35 37.13
CA LEU A 2455 17.92 -4.53 38.27
C LEU A 2455 16.72 -3.91 38.97
N GLY A 2456 15.74 -3.41 38.20
CA GLY A 2456 14.55 -2.86 38.82
C GLY A 2456 13.75 -3.90 39.59
N SER A 2457 13.62 -5.10 39.01
CA SER A 2457 12.96 -6.17 39.75
C SER A 2457 13.67 -6.48 41.05
N LEU A 2458 15.00 -6.59 41.00
CA LEU A 2458 15.77 -6.90 42.19
C LEU A 2458 15.64 -5.80 43.25
N PHE A 2459 15.67 -4.54 42.81
CA PHE A 2459 15.58 -3.43 43.76
C PHE A 2459 14.21 -3.38 44.42
N SER A 2460 13.14 -3.58 43.64
CA SER A 2460 11.81 -3.63 44.24
C SER A 2460 11.68 -4.79 45.21
N MET A 2461 12.26 -5.95 44.87
CA MET A 2461 12.20 -7.09 45.76
C MET A 2461 12.94 -6.80 47.07
N LEU A 2462 14.07 -6.11 47.00
CA LEU A 2462 14.80 -5.76 48.21
C LEU A 2462 14.05 -4.72 49.05
N HIS A 2463 13.36 -3.79 48.39
CA HIS A 2463 12.46 -2.89 49.13
C HIS A 2463 11.38 -3.67 49.86
N GLN A 2464 10.82 -4.69 49.21
CA GLN A 2464 9.85 -5.54 49.88
C GLN A 2464 10.47 -6.29 51.06
N ALA A 2465 11.74 -6.68 50.94
CA ALA A 2465 12.42 -7.30 52.08
C ALA A 2465 12.54 -6.34 53.25
N CYS A 2466 12.88 -5.07 52.97
CA CYS A 2466 12.92 -4.08 54.03
C CYS A 2466 11.55 -3.89 54.67
N ARG A 2467 10.49 -3.87 53.86
CA ARG A 2467 9.14 -3.77 54.40
C ARG A 2467 8.78 -4.99 55.24
N ASN A 2468 9.25 -6.17 54.84
CA ASN A 2468 9.03 -7.38 55.64
C ASN A 2468 9.70 -7.26 57.00
N VAL A 2469 10.93 -6.73 57.03
CA VAL A 2469 11.61 -6.53 58.31
C VAL A 2469 10.84 -5.53 59.17
N ALA A 2470 10.33 -4.46 58.55
CA ALA A 2470 9.54 -3.48 59.29
C ALA A 2470 8.28 -4.11 59.87
N GLN A 2471 7.62 -4.97 59.09
CA GLN A 2471 6.43 -5.65 59.57
C GLN A 2471 6.77 -6.59 60.73
N TYR A 2472 7.91 -7.29 60.63
CA TYR A 2472 8.34 -8.15 61.73
C TYR A 2472 8.58 -7.33 63.00
N ASN A 2473 9.21 -6.16 62.86
CA ASN A 2473 9.43 -5.31 64.03
C ASN A 2473 8.11 -4.84 64.61
N ALA A 2474 7.15 -4.50 63.75
CA ALA A 2474 5.85 -4.06 64.24
C ALA A 2474 5.08 -5.19 64.93
N ASN A 2475 5.28 -6.44 64.48
CA ASN A 2475 4.61 -7.57 65.09
C ASN A 2475 5.32 -8.09 66.33
N HIS A 2476 6.55 -7.65 66.58
CA HIS A 2476 7.31 -8.03 67.78
C HIS A 2476 7.86 -6.77 68.44
N PRO A 2477 6.97 -5.94 69.02
CA PRO A 2477 7.46 -4.71 69.66
C PRO A 2477 8.40 -4.98 70.82
N ASP A 2478 8.21 -6.08 71.55
CA ASP A 2478 9.12 -6.42 72.64
C ASP A 2478 10.49 -6.81 72.12
N PHE A 2479 10.53 -7.58 71.03
CA PHE A 2479 11.78 -8.14 70.51
C PHE A 2479 11.92 -7.78 69.04
N PRO A 2480 12.40 -6.57 68.74
CA PRO A 2480 12.68 -6.22 67.34
C PRO A 2480 13.80 -7.06 66.78
N MET A 2481 13.80 -7.19 65.46
CA MET A 2481 14.80 -8.02 64.79
C MET A 2481 16.20 -7.49 65.04
N GLN A 2482 17.11 -8.38 65.46
CA GLN A 2482 18.47 -7.99 65.77
C GLN A 2482 19.33 -8.02 64.50
N ILE A 2483 20.59 -7.63 64.65
CA ILE A 2483 21.47 -7.49 63.50
C ILE A 2483 21.77 -8.84 62.86
N GLU A 2484 21.88 -9.90 63.66
CA GLU A 2484 22.22 -11.21 63.11
C GLU A 2484 21.06 -11.79 62.30
N GLN A 2485 19.85 -11.74 62.87
CA GLN A 2485 18.68 -12.22 62.15
C GLN A 2485 18.44 -11.39 60.89
N LEU A 2486 18.61 -10.08 60.98
CA LEU A 2486 18.45 -9.22 59.83
C LEU A 2486 19.49 -9.55 58.76
N GLU A 2487 20.72 -9.82 59.17
CA GLU A 2487 21.77 -10.18 58.22
C GLU A 2487 21.45 -11.47 57.49
N ARG A 2488 21.07 -12.51 58.25
CA ARG A 2488 20.75 -13.79 57.62
C ARG A 2488 19.57 -13.64 56.66
N TYR A 2489 18.51 -12.96 57.10
CA TYR A 2489 17.34 -12.78 56.25
C TYR A 2489 17.70 -12.00 54.99
N ILE A 2490 18.50 -10.94 55.12
CA ILE A 2490 18.79 -10.10 53.97
C ILE A 2490 19.68 -10.84 52.97
N GLN A 2491 20.65 -11.62 53.45
CA GLN A 2491 21.49 -12.38 52.53
C GLN A 2491 20.68 -13.44 51.78
N ARG A 2492 19.88 -14.22 52.50
CA ARG A 2492 19.10 -15.24 51.83
C ARG A 2492 18.08 -14.62 50.88
N TYR A 2493 17.46 -13.50 51.29
CA TYR A 2493 16.50 -12.85 50.42
C TYR A 2493 17.18 -12.22 49.21
N LEU A 2494 18.43 -11.79 49.34
CA LEU A 2494 19.16 -11.30 48.17
C LEU A 2494 19.38 -12.41 47.17
N VAL A 2495 19.76 -13.60 47.65
CA VAL A 2495 19.91 -14.73 46.72
C VAL A 2495 18.58 -15.07 46.06
N TYR A 2496 17.51 -15.12 46.84
CA TYR A 2496 16.19 -15.43 46.33
C TYR A 2496 15.72 -14.40 45.30
N ALA A 2497 15.95 -13.11 45.59
CA ALA A 2497 15.56 -12.05 44.69
C ALA A 2497 16.40 -12.04 43.42
N ILE A 2498 17.69 -12.36 43.51
CA ILE A 2498 18.50 -12.49 42.29
C ILE A 2498 17.95 -13.60 41.41
N LEU A 2499 17.62 -14.74 42.02
CA LEU A 2499 17.04 -15.84 41.25
C LEU A 2499 15.74 -15.42 40.57
N TRP A 2500 14.85 -14.74 41.30
CA TRP A 2500 13.55 -14.44 40.73
C TRP A 2500 13.55 -13.22 39.82
N SER A 2501 14.59 -12.39 39.88
CA SER A 2501 14.66 -11.22 39.02
C SER A 2501 15.48 -11.45 37.77
N LEU A 2502 16.42 -12.40 37.81
CA LEU A 2502 17.28 -12.66 36.66
C LEU A 2502 16.79 -13.83 35.81
N SER A 2503 15.96 -14.71 36.37
CA SER A 2503 15.44 -15.86 35.64
C SER A 2503 13.93 -16.03 35.81
N GLY A 2504 13.22 -14.99 36.24
CA GLY A 2504 11.79 -15.10 36.40
C GLY A 2504 11.07 -15.31 35.08
N ASP A 2505 11.55 -14.70 34.00
CA ASP A 2505 10.94 -14.81 32.69
C ASP A 2505 11.53 -15.93 31.85
N SER A 2506 12.08 -16.96 32.51
CA SER A 2506 12.66 -18.10 31.82
C SER A 2506 12.07 -19.38 32.37
N ARG A 2507 12.15 -20.45 31.58
CA ARG A 2507 11.53 -21.71 31.95
C ARG A 2507 12.31 -22.38 33.09
N LEU A 2508 11.82 -23.55 33.49
CA LEU A 2508 12.34 -24.21 34.69
C LEU A 2508 13.81 -24.57 34.54
N LYS A 2509 14.23 -25.01 33.36
CA LYS A 2509 15.61 -25.40 33.15
C LYS A 2509 16.56 -24.22 33.36
N MET A 2510 16.19 -23.05 32.86
CA MET A 2510 17.06 -21.89 32.97
C MET A 2510 17.11 -21.38 34.40
N ARG A 2511 15.99 -21.46 35.13
CA ARG A 2511 16.00 -21.12 36.53
C ARG A 2511 16.90 -22.05 37.32
N ALA A 2512 16.83 -23.35 37.02
CA ALA A 2512 17.73 -24.31 37.66
C ALA A 2512 19.19 -24.03 37.34
N GLU A 2513 19.47 -23.65 36.09
CA GLU A 2513 20.85 -23.33 35.71
C GLU A 2513 21.36 -22.12 36.47
N LEU A 2514 20.55 -21.07 36.57
CA LEU A 2514 20.98 -19.89 37.31
C LEU A 2514 21.16 -20.20 38.79
N GLY A 2515 20.28 -21.04 39.35
CA GLY A 2515 20.47 -21.45 40.73
C GLY A 2515 21.75 -22.23 40.94
N GLU A 2516 22.07 -23.13 40.00
CA GLU A 2516 23.31 -23.89 40.10
C GLU A 2516 24.53 -22.99 40.00
N TYR A 2517 24.50 -22.02 39.08
CA TYR A 2517 25.62 -21.09 38.95
C TYR A 2517 25.79 -20.26 40.23
N ILE A 2518 24.68 -19.77 40.78
CA ILE A 2518 24.75 -18.99 42.01
C ILE A 2518 25.32 -19.85 43.13
N ARG A 2519 24.87 -21.10 43.24
CA ARG A 2519 25.42 -21.99 44.25
C ARG A 2519 26.91 -22.19 44.07
N ARG A 2520 27.37 -22.28 42.82
CA ARG A 2520 28.79 -22.43 42.56
C ARG A 2520 29.58 -21.20 42.98
N ILE A 2521 29.05 -20.00 42.73
CA ILE A 2521 29.83 -18.79 42.93
C ILE A 2521 29.63 -18.11 44.29
N THR A 2522 28.49 -18.32 44.94
CA THR A 2522 28.18 -17.51 46.12
C THR A 2522 28.77 -18.12 47.38
N THR A 2523 28.81 -17.30 48.44
CA THR A 2523 29.17 -17.73 49.77
C THR A 2523 28.03 -17.63 50.76
N VAL A 2524 26.87 -17.13 50.33
CA VAL A 2524 25.68 -17.05 51.18
C VAL A 2524 25.24 -18.47 51.53
N PRO A 2525 24.76 -18.73 52.74
CA PRO A 2525 24.24 -20.07 53.05
C PRO A 2525 23.07 -20.42 52.13
N LEU A 2526 23.06 -21.68 51.70
CA LEU A 2526 22.10 -22.20 50.73
C LEU A 2526 21.56 -23.53 51.22
N PRO A 2527 20.38 -23.93 50.76
CA PRO A 2527 19.82 -25.22 51.19
C PRO A 2527 20.73 -26.39 50.82
N THR A 2528 20.77 -27.38 51.70
CA THR A 2528 21.66 -28.52 51.56
C THR A 2528 21.04 -29.69 50.82
N ALA A 2529 19.86 -29.51 50.24
CA ALA A 2529 19.22 -30.60 49.52
C ALA A 2529 20.06 -30.97 48.30
N PRO A 2530 20.16 -32.26 47.97
CA PRO A 2530 21.07 -32.66 46.89
C PRO A 2530 20.51 -32.46 45.49
N ASN A 2531 19.19 -32.45 45.33
CA ASN A 2531 18.62 -32.39 43.99
C ASN A 2531 17.60 -31.27 43.85
N ILE A 2532 16.99 -30.85 44.95
CA ILE A 2532 15.96 -29.81 44.89
C ILE A 2532 16.62 -28.47 44.57
N PRO A 2533 16.16 -27.76 43.55
CA PRO A 2533 16.79 -26.47 43.21
C PRO A 2533 16.51 -25.41 44.26
N ILE A 2534 17.35 -24.37 44.24
CA ILE A 2534 17.17 -23.25 45.15
C ILE A 2534 15.90 -22.48 44.84
N ILE A 2535 15.45 -22.52 43.59
CA ILE A 2535 14.26 -21.78 43.18
C ILE A 2535 13.00 -22.29 43.88
N ASP A 2536 13.05 -23.49 44.46
CA ASP A 2536 11.91 -24.08 45.15
C ASP A 2536 11.85 -23.70 46.62
N TYR A 2537 12.72 -22.81 47.09
CA TYR A 2537 12.77 -22.41 48.48
C TYR A 2537 12.39 -20.94 48.62
N GLU A 2538 11.87 -20.59 49.78
CA GLU A 2538 11.64 -19.20 50.17
C GLU A 2538 12.51 -18.88 51.37
N VAL A 2539 12.43 -17.63 51.83
CA VAL A 2539 13.17 -17.17 52.98
C VAL A 2539 12.17 -16.76 54.06
N SER A 2540 12.18 -17.47 55.17
CA SER A 2540 11.34 -17.09 56.30
C SER A 2540 11.91 -15.84 56.96
N ILE A 2541 11.03 -15.08 57.61
CA ILE A 2541 11.46 -13.84 58.25
C ILE A 2541 12.46 -14.11 59.38
N SER A 2542 12.49 -15.33 59.90
CA SER A 2542 13.50 -15.69 60.89
C SER A 2542 14.90 -15.78 60.29
N GLY A 2543 15.01 -15.79 58.96
CA GLY A 2543 16.31 -15.83 58.32
C GLY A 2543 16.80 -17.21 57.98
N GLU A 2544 15.89 -18.09 57.57
CA GLU A 2544 16.25 -19.45 57.21
C GLU A 2544 15.49 -19.85 55.94
N TRP A 2545 16.12 -20.72 55.15
CA TRP A 2545 15.47 -21.26 53.97
C TRP A 2545 14.38 -22.23 54.38
N SER A 2546 13.19 -22.05 53.81
CA SER A 2546 12.08 -22.96 54.04
C SER A 2546 11.50 -23.35 52.68
N PRO A 2547 11.23 -24.63 52.45
CA PRO A 2547 10.72 -25.05 51.14
C PRO A 2547 9.35 -24.47 50.87
N TRP A 2548 9.08 -24.22 49.58
CA TRP A 2548 7.76 -23.77 49.18
C TRP A 2548 6.72 -24.87 49.32
N GLN A 2549 7.13 -26.14 49.33
CA GLN A 2549 6.19 -27.25 49.46
C GLN A 2549 5.49 -27.25 50.81
N ALA A 2550 6.09 -26.64 51.84
CA ALA A 2550 5.40 -26.49 53.11
C ALA A 2550 4.21 -25.56 53.00
N LYS A 2551 4.19 -24.67 52.01
CA LYS A 2551 3.08 -23.78 51.75
C LYS A 2551 2.06 -24.40 50.79
N VAL A 2552 2.29 -25.63 50.35
CA VAL A 2552 1.39 -26.30 49.41
C VAL A 2552 0.66 -27.42 50.13
N PRO A 2553 -0.53 -27.18 50.69
CA PRO A 2553 -1.26 -28.25 51.36
C PRO A 2553 -2.25 -28.94 50.44
N GLN A 2554 -2.35 -30.26 50.58
CA GLN A 2554 -3.35 -31.02 49.86
C GLN A 2554 -4.72 -30.68 50.42
N ILE A 2555 -5.53 -29.96 49.64
CA ILE A 2555 -6.80 -29.46 50.11
C ILE A 2555 -7.91 -30.39 49.62
N GLU A 2556 -9.11 -30.19 50.16
CA GLU A 2556 -10.32 -30.88 49.70
C GLU A 2556 -11.32 -29.80 49.29
N VAL A 2557 -11.57 -29.69 47.98
CA VAL A 2557 -12.51 -28.70 47.49
C VAL A 2557 -13.93 -29.13 47.83
N GLU A 2558 -14.78 -28.16 48.15
CA GLU A 2558 -16.19 -28.45 48.33
C GLU A 2558 -16.79 -28.94 47.02
N THR A 2559 -17.74 -29.87 47.13
CA THR A 2559 -18.29 -30.50 45.94
C THR A 2559 -19.03 -29.51 45.05
N HIS A 2560 -19.49 -28.40 45.60
CA HIS A 2560 -20.16 -27.38 44.82
C HIS A 2560 -19.21 -26.32 44.27
N LYS A 2561 -17.93 -26.38 44.62
CA LYS A 2561 -16.91 -25.46 44.11
C LYS A 2561 -15.95 -26.16 43.14
N VAL A 2562 -16.40 -27.23 42.52
CA VAL A 2562 -15.56 -28.05 41.65
C VAL A 2562 -15.28 -27.28 40.36
N ALA A 2563 -14.00 -27.04 40.07
CA ALA A 2563 -13.58 -26.34 38.87
C ALA A 2563 -14.25 -24.97 38.73
N ALA A 2564 -14.45 -24.29 39.85
CA ALA A 2564 -15.04 -22.96 39.82
C ALA A 2564 -14.02 -21.94 39.32
N PRO A 2565 -14.48 -20.83 38.74
CA PRO A 2565 -13.52 -19.83 38.23
C PRO A 2565 -12.62 -19.23 39.31
N ASP A 2566 -13.10 -19.17 40.54
CA ASP A 2566 -12.31 -18.52 41.63
C ASP A 2566 -11.58 -19.57 42.46
N VAL A 2567 -11.55 -20.83 42.00
CA VAL A 2567 -10.92 -21.92 42.81
C VAL A 2567 -9.53 -22.24 42.25
N VAL A 2568 -8.51 -22.21 43.11
CA VAL A 2568 -7.11 -22.48 42.66
C VAL A 2568 -6.51 -23.57 43.54
N VAL A 2569 -6.37 -24.79 43.01
CA VAL A 2569 -5.71 -25.88 43.79
C VAL A 2569 -4.27 -25.43 44.05
N PRO A 2570 -3.78 -25.44 45.32
CA PRO A 2570 -2.44 -24.94 45.63
C PRO A 2570 -1.34 -25.80 44.99
N THR A 2571 -0.52 -25.20 44.13
CA THR A 2571 0.60 -25.94 43.48
C THR A 2571 1.89 -25.16 43.74
N LEU A 2572 3.05 -25.83 43.66
CA LEU A 2572 4.34 -25.15 43.98
C LEU A 2572 4.47 -23.89 43.13
N ASP A 2573 4.14 -23.97 41.84
CA ASP A 2573 4.29 -22.80 40.94
C ASP A 2573 3.31 -21.71 41.33
N THR A 2574 2.09 -22.09 41.73
CA THR A 2574 1.06 -21.10 42.16
C THR A 2574 1.55 -20.37 43.41
N VAL A 2575 2.09 -21.10 44.39
CA VAL A 2575 2.52 -20.47 45.68
C VAL A 2575 3.76 -19.61 45.41
N ARG A 2576 4.60 -20.00 44.45
CA ARG A 2576 5.78 -19.21 44.11
C ARG A 2576 5.40 -17.96 43.32
N HIS A 2577 4.56 -18.11 42.29
CA HIS A 2577 4.17 -16.98 41.48
C HIS A 2577 3.28 -16.01 42.26
N GLU A 2578 2.44 -16.52 43.16
CA GLU A 2578 1.64 -15.64 44.00
C GLU A 2578 2.52 -14.79 44.89
N ALA A 2579 3.56 -15.39 45.49
CA ALA A 2579 4.46 -14.61 46.32
C ALA A 2579 5.22 -13.57 45.51
N LEU A 2580 5.70 -13.94 44.32
CA LEU A 2580 6.41 -12.99 43.48
C LEU A 2580 5.50 -11.84 43.06
N LEU A 2581 4.27 -12.15 42.67
CA LEU A 2581 3.33 -11.11 42.26
C LEU A 2581 2.94 -10.23 43.43
N TYR A 2582 2.81 -10.79 44.63
CA TYR A 2582 2.56 -9.96 45.80
C TYR A 2582 3.71 -9.00 46.04
N THR A 2583 4.94 -9.49 45.91
CA THR A 2583 6.10 -8.62 46.11
C THR A 2583 6.11 -7.48 45.09
N TRP A 2584 5.80 -7.78 43.83
CA TRP A 2584 5.84 -6.74 42.80
C TRP A 2584 4.65 -5.78 42.90
N LEU A 2585 3.48 -6.30 43.29
CA LEU A 2585 2.28 -5.45 43.35
C LEU A 2585 2.31 -4.55 44.58
N ALA A 2586 2.80 -5.06 45.71
CA ALA A 2586 2.83 -4.26 46.94
C ALA A 2586 3.68 -3.01 46.77
N GLU A 2587 4.66 -3.05 45.87
CA GLU A 2587 5.45 -1.87 45.54
C GLU A 2587 4.80 -1.02 44.46
N HIS A 2588 3.63 -1.43 43.97
CA HIS A 2588 2.92 -0.74 42.89
C HIS A 2588 3.77 -0.67 41.61
N LYS A 2589 4.64 -1.65 41.44
CA LYS A 2589 5.47 -1.74 40.25
C LYS A 2589 4.69 -2.37 39.11
N PRO A 2590 4.77 -1.82 37.90
CA PRO A 2590 4.14 -2.50 36.76
C PRO A 2590 4.80 -3.84 36.50
N LEU A 2591 4.02 -4.79 35.98
CA LEU A 2591 4.53 -6.13 35.76
C LEU A 2591 3.79 -6.76 34.59
N VAL A 2592 4.43 -7.77 34.01
CA VAL A 2592 3.88 -8.48 32.86
C VAL A 2592 3.98 -9.97 33.15
N LEU A 2593 2.88 -10.69 32.94
CA LEU A 2593 2.87 -12.15 33.02
C LEU A 2593 2.91 -12.69 31.60
N CYS A 2594 3.92 -13.51 31.31
CA CYS A 2594 4.10 -14.09 29.99
C CYS A 2594 3.94 -15.60 30.07
N GLY A 2595 3.38 -16.19 29.02
CA GLY A 2595 3.25 -17.65 29.01
C GLY A 2595 2.24 -18.12 27.99
N PRO A 2596 2.13 -19.45 27.74
CA PRO A 2596 1.20 -19.97 26.75
C PRO A 2596 -0.22 -19.62 27.15
N PRO A 2597 -1.20 -19.55 26.22
CA PRO A 2597 -2.59 -19.30 26.58
C PRO A 2597 -3.14 -20.44 27.45
N GLY A 2598 -3.78 -20.11 28.57
CA GLY A 2598 -4.33 -21.14 29.48
C GLY A 2598 -3.32 -21.56 30.54
N SER A 2599 -2.14 -20.95 30.53
CA SER A 2599 -1.06 -21.30 31.50
C SER A 2599 -1.55 -21.01 32.93
N GLY A 2600 -2.38 -19.99 33.10
CA GLY A 2600 -2.90 -19.64 34.45
C GLY A 2600 -2.37 -18.29 34.91
N LYS A 2601 -2.13 -17.37 33.97
CA LYS A 2601 -1.58 -16.03 34.31
C LYS A 2601 -2.65 -15.22 35.05
N THR A 2602 -3.87 -15.17 34.51
CA THR A 2602 -4.98 -14.40 35.14
C THR A 2602 -5.38 -15.07 36.47
N MET A 2603 -5.41 -16.39 36.52
CA MET A 2603 -5.72 -17.10 37.79
C MET A 2603 -4.69 -16.69 38.83
N THR A 2604 -3.42 -16.67 38.45
CA THR A 2604 -2.34 -16.28 39.40
C THR A 2604 -2.53 -14.81 39.80
N LEU A 2605 -2.78 -13.93 38.83
CA LEU A 2605 -2.92 -12.52 39.18
C LEU A 2605 -4.09 -12.30 40.11
N PHE A 2606 -5.23 -12.94 39.83
CA PHE A 2606 -6.41 -12.75 40.67
C PHE A 2606 -6.24 -13.43 42.02
N SER A 2607 -5.44 -14.49 42.09
CA SER A 2607 -5.16 -15.12 43.37
C SER A 2607 -4.22 -14.28 44.22
N ALA A 2608 -3.27 -13.60 43.58
CA ALA A 2608 -2.36 -12.73 44.31
C ALA A 2608 -3.07 -11.44 44.73
N LEU A 2609 -3.99 -10.94 43.91
CA LEU A 2609 -4.72 -9.73 44.23
C LEU A 2609 -5.72 -9.95 45.36
N ARG A 2610 -6.10 -11.20 45.63
CA ARG A 2610 -7.00 -11.46 46.74
C ARG A 2610 -6.34 -11.18 48.08
N ALA A 2611 -5.01 -11.33 48.15
CA ALA A 2611 -4.27 -11.01 49.37
C ALA A 2611 -4.01 -9.52 49.53
N LEU A 2612 -4.36 -8.70 48.54
CA LEU A 2612 -4.23 -7.26 48.61
C LEU A 2612 -5.62 -6.64 48.56
N PRO A 2613 -6.19 -6.25 49.71
CA PRO A 2613 -7.60 -5.84 49.72
C PRO A 2613 -7.86 -4.42 49.27
N ASP A 2614 -6.83 -3.59 49.15
CA ASP A 2614 -6.99 -2.20 48.76
C ASP A 2614 -6.77 -1.97 47.27
N MET A 2615 -6.61 -3.05 46.50
CA MET A 2615 -6.38 -2.96 45.06
C MET A 2615 -7.56 -3.58 44.33
N GLU A 2616 -8.12 -2.85 43.38
CA GLU A 2616 -9.21 -3.34 42.55
C GLU A 2616 -8.73 -3.42 41.10
N VAL A 2617 -8.91 -4.57 40.49
CA VAL A 2617 -8.44 -4.82 39.14
C VAL A 2617 -9.54 -4.48 38.14
N VAL A 2618 -9.14 -3.93 37.00
CA VAL A 2618 -10.03 -3.62 35.90
C VAL A 2618 -9.49 -4.30 34.65
N GLY A 2619 -10.32 -5.12 34.01
CA GLY A 2619 -9.89 -5.91 32.87
C GLY A 2619 -9.93 -5.11 31.58
N LEU A 2620 -8.78 -5.06 30.90
CA LEU A 2620 -8.67 -4.46 29.58
C LEU A 2620 -8.14 -5.51 28.63
N ASN A 2621 -8.84 -5.69 27.51
CA ASN A 2621 -8.47 -6.69 26.50
C ASN A 2621 -7.98 -5.96 25.27
N PHE A 2622 -6.68 -6.05 25.01
CA PHE A 2622 -6.10 -5.39 23.85
C PHE A 2622 -6.22 -6.28 22.61
N SER A 2623 -6.46 -5.64 21.47
CA SER A 2623 -6.45 -6.30 20.19
C SER A 2623 -5.50 -5.55 19.26
N SER A 2624 -5.45 -5.97 18.00
CA SER A 2624 -4.55 -5.33 17.05
C SER A 2624 -4.93 -3.88 16.78
N ALA A 2625 -6.17 -3.49 17.05
CA ALA A 2625 -6.64 -2.13 16.82
C ALA A 2625 -6.66 -1.29 18.09
N THR A 2626 -6.00 -1.73 19.15
CA THR A 2626 -6.02 -1.00 20.41
C THR A 2626 -5.21 0.28 20.30
N THR A 2627 -5.77 1.35 20.84
CA THR A 2627 -5.16 2.67 20.91
C THR A 2627 -5.25 3.16 22.35
N PRO A 2628 -4.56 4.26 22.69
CA PRO A 2628 -4.74 4.85 24.02
C PRO A 2628 -6.17 5.24 24.34
N GLU A 2629 -7.06 5.27 23.35
CA GLU A 2629 -8.44 5.65 23.61
C GLU A 2629 -9.12 4.65 24.55
N LEU A 2630 -8.75 3.38 24.47
CA LEU A 2630 -9.33 2.39 25.39
C LEU A 2630 -8.93 2.68 26.83
N LEU A 2631 -7.65 2.98 27.06
CA LEU A 2631 -7.20 3.34 28.40
C LEU A 2631 -7.86 4.63 28.86
N LEU A 2632 -8.04 5.60 27.96
CA LEU A 2632 -8.69 6.85 28.34
C LEU A 2632 -10.15 6.63 28.71
N LYS A 2633 -10.85 5.74 28.00
CA LYS A 2633 -12.23 5.43 28.38
C LYS A 2633 -12.28 4.73 29.73
N THR A 2634 -11.33 3.83 29.99
CA THR A 2634 -11.24 3.21 31.31
C THR A 2634 -11.01 4.25 32.39
N PHE A 2635 -10.14 5.22 32.12
CA PHE A 2635 -9.89 6.31 33.07
C PHE A 2635 -11.15 7.13 33.30
N ASP A 2636 -11.90 7.41 32.23
CA ASP A 2636 -13.13 8.18 32.38
C ASP A 2636 -14.15 7.44 33.22
N HIS A 2637 -14.25 6.12 33.02
CA HIS A 2637 -15.25 5.35 33.76
C HIS A 2637 -14.86 5.17 35.23
N TYR A 2638 -13.61 4.81 35.49
CA TYR A 2638 -13.20 4.39 36.83
C TYR A 2638 -12.42 5.44 37.60
N CYS A 2639 -12.05 6.55 36.98
CA CYS A 2639 -11.24 7.57 37.62
C CYS A 2639 -11.86 8.93 37.38
N GLU A 2640 -11.36 9.94 38.09
CA GLU A 2640 -11.82 11.31 37.92
C GLU A 2640 -10.64 12.26 38.00
N TYR A 2641 -10.71 13.35 37.24
CA TYR A 2641 -9.67 14.36 37.21
C TYR A 2641 -10.00 15.45 38.23
N ARG A 2642 -9.03 15.78 39.08
CA ARG A 2642 -9.16 16.88 40.02
C ARG A 2642 -7.96 17.79 39.87
N ARG A 2643 -8.21 19.10 39.96
CA ARG A 2643 -7.17 20.11 39.76
C ARG A 2643 -6.57 20.46 41.11
N THR A 2644 -5.51 19.74 41.49
CA THR A 2644 -4.75 20.09 42.66
C THR A 2644 -3.90 21.34 42.38
N PRO A 2645 -3.45 22.03 43.44
CA PRO A 2645 -2.57 23.19 43.20
C PRO A 2645 -1.28 22.84 42.47
N ASN A 2646 -0.80 21.61 42.57
CA ASN A 2646 0.38 21.19 41.82
C ASN A 2646 0.07 20.84 40.37
N GLY A 2647 -1.19 20.64 40.03
CA GLY A 2647 -1.56 20.28 38.67
C GLY A 2647 -2.81 19.42 38.68
N VAL A 2648 -3.10 18.85 37.52
CA VAL A 2648 -4.25 17.97 37.36
C VAL A 2648 -3.83 16.55 37.72
N VAL A 2649 -4.64 15.90 38.56
CA VAL A 2649 -4.34 14.56 39.08
C VAL A 2649 -5.49 13.64 38.69
N LEU A 2650 -5.15 12.49 38.12
CA LEU A 2650 -6.13 11.46 37.80
C LEU A 2650 -6.04 10.35 38.84
N ALA A 2651 -7.10 10.17 39.61
CA ALA A 2651 -7.16 9.18 40.66
C ALA A 2651 -8.46 8.39 40.58
N PRO A 2652 -8.48 7.16 41.08
CA PRO A 2652 -9.73 6.38 41.06
C PRO A 2652 -10.82 7.07 41.87
N VAL A 2653 -12.07 6.84 41.45
CA VAL A 2653 -13.20 7.48 42.10
C VAL A 2653 -13.31 7.05 43.55
N GLN A 2654 -13.06 5.77 43.84
CA GLN A 2654 -13.13 5.26 45.21
C GLN A 2654 -11.87 5.68 45.96
N LEU A 2655 -12.06 6.43 47.05
CA LEU A 2655 -10.93 6.93 47.81
C LEU A 2655 -10.27 5.82 48.59
N GLY A 2656 -8.94 5.85 48.64
CA GLY A 2656 -8.17 4.90 49.43
C GLY A 2656 -7.91 3.58 48.76
N LYS A 2657 -8.39 3.36 47.54
CA LYS A 2657 -8.18 2.12 46.81
C LYS A 2657 -7.30 2.35 45.59
N TRP A 2658 -6.34 1.45 45.40
CA TRP A 2658 -5.48 1.47 44.23
C TRP A 2658 -6.18 0.77 43.08
N LEU A 2659 -6.05 1.32 41.88
CA LEU A 2659 -6.65 0.75 40.69
C LEU A 2659 -5.59 0.02 39.88
N VAL A 2660 -5.86 -1.24 39.55
CA VAL A 2660 -4.99 -2.06 38.72
C VAL A 2660 -5.64 -2.20 37.36
N LEU A 2661 -4.96 -1.71 36.32
CA LEU A 2661 -5.44 -1.88 34.95
C LEU A 2661 -4.78 -3.12 34.37
N PHE A 2662 -5.53 -4.21 34.29
CA PHE A 2662 -5.03 -5.47 33.76
C PHE A 2662 -5.24 -5.49 32.26
N CYS A 2663 -4.14 -5.52 31.51
CA CYS A 2663 -4.18 -5.61 30.05
C CYS A 2663 -3.96 -7.06 29.66
N ASP A 2664 -4.95 -7.66 29.00
CA ASP A 2664 -4.95 -9.10 28.81
C ASP A 2664 -3.95 -9.55 27.77
N GLU A 2665 -3.84 -8.82 26.65
CA GLU A 2665 -2.94 -9.18 25.56
C GLU A 2665 -2.14 -7.95 25.20
N ILE A 2666 -1.03 -7.72 25.93
CA ILE A 2666 -0.36 -6.43 25.85
C ILE A 2666 0.50 -6.30 24.60
N ASN A 2667 0.83 -7.39 23.91
CA ASN A 2667 1.71 -7.33 22.76
C ASN A 2667 1.01 -7.57 21.44
N LEU A 2668 -0.32 -7.58 21.42
CA LEU A 2668 -1.09 -7.66 20.19
C LEU A 2668 -1.19 -6.37 19.36
N PRO A 2669 -1.30 -5.18 19.97
CA PRO A 2669 -1.58 -3.98 19.17
C PRO A 2669 -0.59 -3.80 18.04
N ASP A 2670 -1.12 -3.39 16.88
CA ASP A 2670 -0.34 -3.39 15.65
C ASP A 2670 0.81 -2.39 15.72
N MET A 2671 1.97 -2.82 15.24
CA MET A 2671 3.10 -1.93 15.03
C MET A 2671 2.93 -1.23 13.69
N ASP A 2672 3.10 0.09 13.67
CA ASP A 2672 3.05 0.81 12.42
C ASP A 2672 4.28 0.48 11.58
N LYS A 2673 4.36 1.07 10.39
CA LYS A 2673 5.47 0.76 9.50
C LYS A 2673 6.81 1.25 10.03
N TYR A 2674 6.84 1.84 11.22
CA TYR A 2674 8.07 2.32 11.84
C TYR A 2674 8.34 1.65 13.18
N GLY A 2675 7.77 0.47 13.41
CA GLY A 2675 8.06 -0.33 14.59
C GLY A 2675 7.68 0.29 15.92
N THR A 2676 6.48 0.84 16.01
CA THR A 2676 6.01 1.47 17.24
C THR A 2676 4.58 1.08 17.52
N GLN A 2677 4.29 0.68 18.76
CA GLN A 2677 2.94 0.49 19.23
C GLN A 2677 2.53 1.71 20.05
N ARG A 2678 1.51 2.43 19.57
CA ARG A 2678 1.14 3.69 20.20
C ARG A 2678 0.67 3.49 21.63
N VAL A 2679 -0.11 2.44 21.88
CA VAL A 2679 -0.62 2.20 23.23
C VAL A 2679 0.52 1.80 24.16
N ILE A 2680 1.50 1.04 23.66
CA ILE A 2680 2.65 0.67 24.48
C ILE A 2680 3.47 1.90 24.82
N SER A 2681 3.61 2.84 23.86
CA SER A 2681 4.27 4.10 24.15
C SER A 2681 3.49 4.92 25.17
N PHE A 2682 2.17 4.91 25.10
CA PHE A 2682 1.34 5.60 26.09
C PHE A 2682 1.55 5.03 27.49
N ILE A 2683 1.56 3.69 27.60
CA ILE A 2683 1.75 3.06 28.90
C ILE A 2683 3.17 3.30 29.41
N ARG A 2684 4.15 3.29 28.52
CA ARG A 2684 5.53 3.58 28.92
C ARG A 2684 5.67 5.02 29.39
N GLN A 2685 4.93 5.94 28.77
CA GLN A 2685 4.91 7.32 29.25
C GLN A 2685 4.27 7.41 30.62
N MET A 2686 3.17 6.71 30.83
CA MET A 2686 2.49 6.73 32.13
C MET A 2686 3.29 6.06 33.23
N VAL A 2687 4.18 5.13 32.89
CA VAL A 2687 5.00 4.45 33.89
C VAL A 2687 6.30 5.21 34.15
N GLU A 2688 6.95 5.69 33.09
CA GLU A 2688 8.18 6.47 33.25
C GLU A 2688 7.92 7.79 33.96
N HIS A 2689 7.06 8.63 33.39
CA HIS A 2689 6.84 9.98 33.90
C HIS A 2689 5.65 10.07 34.85
N GLY A 2690 4.97 8.96 35.11
CA GLY A 2690 3.87 8.99 36.06
C GLY A 2690 2.69 9.84 35.64
N GLY A 2691 2.37 9.84 34.36
CA GLY A 2691 1.24 10.61 33.89
C GLY A 2691 1.20 10.64 32.38
N PHE A 2692 0.30 11.49 31.86
CA PHE A 2692 0.14 11.65 30.42
C PHE A 2692 -0.35 13.06 30.15
N TYR A 2693 -0.51 13.39 28.87
CA TYR A 2693 -0.99 14.69 28.42
C TYR A 2693 -2.45 14.58 28.01
N ARG A 2694 -3.30 15.42 28.59
CA ARG A 2694 -4.70 15.48 28.20
C ARG A 2694 -4.82 16.36 26.96
N THR A 2695 -5.16 15.74 25.83
CA THR A 2695 -5.20 16.45 24.57
C THR A 2695 -6.35 17.45 24.47
N SER A 2696 -7.28 17.44 25.42
CA SER A 2696 -8.37 18.41 25.41
C SER A 2696 -7.85 19.83 25.57
N ASP A 2697 -6.91 20.03 26.50
CA ASP A 2697 -6.36 21.35 26.77
C ASP A 2697 -4.85 21.33 26.95
N GLN A 2698 -4.18 20.29 26.45
CA GLN A 2698 -2.72 20.19 26.48
C GLN A 2698 -2.17 20.35 27.90
N THR A 2699 -2.82 19.67 28.85
CA THR A 2699 -2.46 19.75 30.25
C THR A 2699 -1.85 18.43 30.70
N TRP A 2700 -0.70 18.51 31.36
CA TRP A 2700 -0.06 17.31 31.90
C TRP A 2700 -0.88 16.78 33.07
N VAL A 2701 -1.37 15.56 32.94
CA VAL A 2701 -2.17 14.90 33.96
C VAL A 2701 -1.30 13.90 34.69
N LYS A 2702 -1.25 14.00 36.01
CA LYS A 2702 -0.44 13.13 36.84
C LYS A 2702 -1.28 11.99 37.40
N LEU A 2703 -0.83 10.76 37.17
CA LEU A 2703 -1.53 9.60 37.71
C LEU A 2703 -1.35 9.50 39.22
N GLU A 2704 -2.37 9.00 39.90
CA GLU A 2704 -2.30 8.73 41.32
C GLU A 2704 -3.14 7.50 41.63
N ARG A 2705 -2.57 6.59 42.43
CA ARG A 2705 -3.25 5.37 42.85
C ARG A 2705 -3.69 4.51 41.66
N ILE A 2706 -2.87 4.50 40.62
CA ILE A 2706 -3.13 3.72 39.41
C ILE A 2706 -1.88 2.93 39.07
N GLN A 2707 -2.04 1.62 38.85
CA GLN A 2707 -0.93 0.77 38.45
C GLN A 2707 -1.39 -0.15 37.32
N PHE A 2708 -0.41 -0.72 36.62
CA PHE A 2708 -0.67 -1.51 35.43
C PHE A 2708 -0.11 -2.92 35.59
N VAL A 2709 -0.89 -3.90 35.16
CA VAL A 2709 -0.45 -5.29 35.05
C VAL A 2709 -0.81 -5.77 33.65
N GLY A 2710 0.16 -6.37 32.98
CA GLY A 2710 -0.02 -6.87 31.62
C GLY A 2710 0.13 -8.38 31.57
N ALA A 2711 -0.54 -8.99 30.60
CA ALA A 2711 -0.38 -10.39 30.29
C ALA A 2711 -0.22 -10.55 28.79
N CYS A 2712 0.46 -11.61 28.38
CA CYS A 2712 0.69 -11.82 26.96
C CYS A 2712 1.19 -13.23 26.72
N ASN A 2713 0.98 -13.71 25.50
CA ASN A 2713 1.63 -14.90 25.01
C ASN A 2713 3.05 -14.56 24.58
N PRO A 2714 3.94 -15.55 24.48
CA PRO A 2714 5.33 -15.26 24.10
C PRO A 2714 5.40 -14.53 22.77
N PRO A 2715 6.33 -13.59 22.62
CA PRO A 2715 6.39 -12.79 21.39
C PRO A 2715 6.74 -13.60 20.15
N THR A 2716 6.99 -14.90 20.27
CA THR A 2716 7.20 -15.76 19.12
C THR A 2716 5.91 -16.38 18.60
N ASP A 2717 4.80 -16.18 19.32
CA ASP A 2717 3.51 -16.68 18.84
C ASP A 2717 3.00 -15.81 17.70
N PRO A 2718 2.23 -16.37 16.78
CA PRO A 2718 1.74 -15.59 15.63
C PRO A 2718 0.87 -14.43 16.07
N GLY A 2719 1.13 -13.26 15.51
CA GLY A 2719 0.41 -12.06 15.84
C GLY A 2719 0.94 -11.29 17.02
N ARG A 2720 1.92 -11.82 17.74
CA ARG A 2720 2.50 -11.17 18.91
C ARG A 2720 3.77 -10.43 18.51
N LYS A 2721 3.87 -9.18 18.93
CA LYS A 2721 5.00 -8.30 18.65
C LYS A 2721 5.89 -8.18 19.87
N PRO A 2722 7.21 -8.23 19.70
CA PRO A 2722 8.10 -8.03 20.85
C PRO A 2722 7.97 -6.63 21.42
N LEU A 2723 7.91 -6.54 22.74
CA LEU A 2723 7.73 -5.26 23.40
C LEU A 2723 9.00 -4.44 23.34
N SER A 2724 8.85 -3.12 23.40
CA SER A 2724 9.98 -2.22 23.29
C SER A 2724 10.90 -2.37 24.50
N HIS A 2725 12.19 -2.14 24.27
CA HIS A 2725 13.16 -2.26 25.35
C HIS A 2725 13.03 -1.12 26.34
N ARG A 2726 12.49 0.03 25.91
CA ARG A 2726 12.26 1.13 26.84
C ARG A 2726 11.04 0.85 27.71
N PHE A 2727 10.04 0.16 27.17
CA PHE A 2727 8.89 -0.24 27.98
C PHE A 2727 9.24 -1.40 28.90
N LEU A 2728 9.99 -2.38 28.39
CA LEU A 2728 10.37 -3.54 29.20
C LEU A 2728 11.32 -3.19 30.32
N ARG A 2729 11.91 -1.99 30.30
CA ARG A 2729 12.85 -1.61 31.36
C ARG A 2729 12.14 -1.46 32.70
N HIS A 2730 10.88 -1.05 32.69
CA HIS A 2730 10.15 -0.79 33.93
C HIS A 2730 9.24 -1.93 34.36
N VAL A 2731 8.97 -2.89 33.49
CA VAL A 2731 8.01 -3.94 33.78
C VAL A 2731 8.78 -5.25 33.96
N PRO A 2732 8.89 -5.78 35.18
CA PRO A 2732 9.36 -7.16 35.35
C PRO A 2732 8.43 -8.14 34.66
N VAL A 2733 9.03 -9.21 34.13
CA VAL A 2733 8.30 -10.24 33.41
C VAL A 2733 8.46 -11.56 34.16
N VAL A 2734 7.34 -12.22 34.42
CA VAL A 2734 7.33 -13.55 35.02
C VAL A 2734 6.74 -14.51 34.00
N TYR A 2735 7.43 -15.61 33.75
CA TYR A 2735 7.00 -16.60 32.78
C TYR A 2735 6.15 -17.65 33.48
N VAL A 2736 4.86 -17.69 33.15
CA VAL A 2736 3.96 -18.71 33.68
C VAL A 2736 3.77 -19.76 32.59
N ASP A 2737 4.32 -20.95 32.81
CA ASP A 2737 4.26 -22.02 31.84
C ASP A 2737 3.11 -22.97 32.16
N TYR A 2738 2.83 -23.88 31.22
CA TYR A 2738 1.71 -24.83 31.42
C TYR A 2738 2.04 -25.77 32.58
N PRO A 2739 1.08 -26.07 33.48
CA PRO A 2739 1.32 -27.05 34.55
C PRO A 2739 1.72 -28.39 33.93
N GLY A 2740 2.75 -29.04 34.46
CA GLY A 2740 3.24 -30.33 33.91
C GLY A 2740 2.34 -31.48 34.31
N PRO A 2741 2.59 -32.72 33.82
CA PRO A 2741 1.67 -33.84 34.10
C PRO A 2741 1.49 -34.11 35.58
N ALA A 2742 2.53 -33.91 36.40
CA ALA A 2742 2.37 -34.07 37.84
C ALA A 2742 1.48 -32.97 38.42
N SER A 2743 1.70 -31.72 38.02
CA SER A 2743 0.88 -30.62 38.53
C SER A 2743 -0.55 -30.72 38.01
N LEU A 2744 -0.71 -31.11 36.74
CA LEU A 2744 -2.05 -31.33 36.21
C LEU A 2744 -2.76 -32.44 36.97
N THR A 2745 -2.04 -33.54 37.24
CA THR A 2745 -2.62 -34.62 38.02
C THR A 2745 -3.04 -34.14 39.40
N GLN A 2746 -2.22 -33.31 40.03
CA GLN A 2746 -2.56 -32.76 41.37
C GLN A 2746 -3.79 -31.84 41.28
N ILE A 2747 -3.79 -30.88 40.36
CA ILE A 2747 -4.91 -29.88 40.28
C ILE A 2747 -6.24 -30.57 39.99
N TYR A 2748 -6.32 -31.35 38.90
CA TYR A 2748 -7.61 -31.95 38.49
C TYR A 2748 -7.92 -33.20 39.32
N GLY A 2749 -6.91 -33.78 39.96
CA GLY A 2749 -7.19 -34.90 40.88
C GLY A 2749 -8.01 -34.41 42.05
N THR A 2750 -7.69 -33.22 42.56
CA THR A 2750 -8.46 -32.61 43.68
C THR A 2750 -9.88 -32.29 43.18
N PHE A 2751 -9.99 -31.75 41.97
CA PHE A 2751 -11.31 -31.40 41.39
C PHE A 2751 -12.15 -32.67 41.19
N ASN A 2752 -11.52 -33.75 40.72
CA ASN A 2752 -12.26 -35.01 40.46
C ASN A 2752 -12.64 -35.63 41.80
N ARG A 2753 -11.74 -35.63 42.78
CA ARG A 2753 -12.08 -36.14 44.10
C ARG A 2753 -13.22 -35.34 44.71
N ALA A 2754 -13.19 -34.02 44.56
CA ALA A 2754 -14.32 -33.22 45.02
C ALA A 2754 -15.58 -33.56 44.24
N MET A 2755 -15.44 -33.80 42.93
CA MET A 2755 -16.60 -34.09 42.08
C MET A 2755 -17.21 -35.45 42.40
N LEU A 2756 -16.38 -36.49 42.48
CA LEU A 2756 -16.89 -37.85 42.61
C LEU A 2756 -17.47 -38.15 43.98
N ARG A 2757 -17.42 -37.20 44.91
CA ARG A 2757 -18.14 -37.34 46.17
C ARG A 2757 -19.65 -37.27 45.99
N LEU A 2758 -20.12 -36.80 44.83
CA LEU A 2758 -21.56 -36.82 44.56
C LEU A 2758 -22.09 -38.23 44.52
N ILE A 2759 -21.35 -39.15 43.90
CA ILE A 2759 -21.75 -40.55 43.80
C ILE A 2759 -20.75 -41.40 44.57
N PRO A 2760 -21.06 -41.80 45.81
CA PRO A 2760 -20.07 -42.55 46.60
C PRO A 2760 -19.66 -43.87 45.99
N SER A 2761 -20.50 -44.46 45.13
CA SER A 2761 -20.14 -45.72 44.50
C SER A 2761 -19.02 -45.56 43.48
N LEU A 2762 -18.81 -44.35 42.96
CA LEU A 2762 -17.75 -44.06 42.01
C LEU A 2762 -16.51 -43.49 42.68
N ARG A 2763 -16.41 -43.62 44.01
CA ARG A 2763 -15.33 -42.98 44.76
C ARG A 2763 -13.96 -43.54 44.37
N THR A 2764 -13.91 -44.80 43.95
CA THR A 2764 -12.62 -45.45 43.69
C THR A 2764 -12.06 -45.16 42.31
N TYR A 2765 -12.77 -44.42 41.46
CA TYR A 2765 -12.36 -44.21 40.08
C TYR A 2765 -11.76 -42.84 39.82
N ALA A 2766 -11.54 -42.04 40.87
CA ALA A 2766 -11.03 -40.69 40.66
C ALA A 2766 -9.63 -40.69 40.07
N GLU A 2767 -8.73 -41.54 40.61
CA GLU A 2767 -7.36 -41.55 40.10
C GLU A 2767 -7.28 -42.02 38.65
N PRO A 2768 -7.85 -43.15 38.24
CA PRO A 2768 -7.80 -43.51 36.82
C PRO A 2768 -8.52 -42.53 35.91
N LEU A 2769 -9.61 -41.92 36.38
CA LEU A 2769 -10.29 -40.92 35.57
C LEU A 2769 -9.40 -39.71 35.33
N THR A 2770 -8.73 -39.21 36.37
CA THR A 2770 -7.82 -38.09 36.21
C THR A 2770 -6.65 -38.47 35.32
N ALA A 2771 -6.13 -39.68 35.46
CA ALA A 2771 -5.04 -40.14 34.61
C ALA A 2771 -5.46 -40.17 33.14
N ALA A 2772 -6.67 -40.67 32.86
CA ALA A 2772 -7.16 -40.70 31.49
C ALA A 2772 -7.34 -39.29 30.95
N MET A 2773 -7.90 -38.39 31.76
CA MET A 2773 -8.07 -37.01 31.33
C MET A 2773 -6.72 -36.39 30.96
N VAL A 2774 -5.73 -36.54 31.83
CA VAL A 2774 -4.42 -35.93 31.61
C VAL A 2774 -3.75 -36.53 30.38
N GLU A 2775 -3.82 -37.86 30.23
CA GLU A 2775 -3.17 -38.52 29.10
C GLU A 2775 -3.79 -38.08 27.77
N PHE A 2776 -5.13 -38.06 27.71
CA PHE A 2776 -5.76 -37.64 26.46
C PHE A 2776 -5.49 -36.18 26.16
N TYR A 2777 -5.50 -35.32 27.18
CA TYR A 2777 -5.19 -33.92 26.96
C TYR A 2777 -3.76 -33.75 26.45
N THR A 2778 -2.82 -34.50 27.02
CA THR A 2778 -1.44 -34.40 26.58
C THR A 2778 -1.27 -34.85 25.13
N MET A 2779 -1.90 -35.97 24.76
CA MET A 2779 -1.78 -36.40 23.37
C MET A 2779 -2.46 -35.44 22.42
N SER A 2780 -3.60 -34.88 22.82
CA SER A 2780 -4.26 -33.90 21.96
C SER A 2780 -3.40 -32.66 21.77
N GLN A 2781 -2.73 -32.22 22.84
CA GLN A 2781 -1.85 -31.06 22.75
C GLN A 2781 -0.65 -31.35 21.85
N GLU A 2782 -0.09 -32.55 21.94
CA GLU A 2782 1.06 -32.89 21.10
C GLU A 2782 0.64 -33.06 19.63
N ARG A 2783 -0.52 -33.68 19.40
CA ARG A 2783 -0.95 -33.99 18.04
C ARG A 2783 -1.40 -32.75 17.30
N PHE A 2784 -2.20 -31.90 17.93
CA PHE A 2784 -2.79 -30.73 17.30
C PHE A 2784 -2.10 -29.48 17.83
N THR A 2785 -1.27 -28.86 17.00
CA THR A 2785 -0.55 -27.65 17.36
C THR A 2785 -0.99 -26.50 16.46
N GLN A 2786 -0.55 -25.30 16.81
CA GLN A 2786 -0.90 -24.11 16.05
C GLN A 2786 -0.25 -24.06 14.68
N ASP A 2787 0.70 -24.97 14.40
CA ASP A 2787 1.26 -25.05 13.06
C ASP A 2787 0.21 -25.48 12.05
N THR A 2788 -0.64 -26.44 12.42
CA THR A 2788 -1.67 -26.91 11.51
C THR A 2788 -2.76 -25.87 11.32
N GLN A 2789 -3.45 -25.52 12.39
CA GLN A 2789 -4.51 -24.52 12.36
C GLN A 2789 -4.33 -23.53 13.50
N PRO A 2790 -4.71 -22.26 13.29
CA PRO A 2790 -4.51 -21.25 14.33
C PRO A 2790 -5.25 -21.53 15.62
N HIS A 2791 -6.42 -22.15 15.54
CA HIS A 2791 -7.27 -22.36 16.72
C HIS A 2791 -6.98 -23.66 17.45
N TYR A 2792 -5.95 -24.40 17.04
CA TYR A 2792 -5.58 -25.65 17.71
C TYR A 2792 -4.74 -25.34 18.95
N ILE A 2793 -5.39 -24.69 19.91
CA ILE A 2793 -4.75 -24.31 21.17
C ILE A 2793 -5.42 -25.09 22.29
N TYR A 2794 -4.65 -25.93 22.96
CA TYR A 2794 -5.14 -26.76 24.05
C TYR A 2794 -4.41 -26.38 25.32
N SER A 2795 -5.18 -26.07 26.38
CA SER A 2795 -4.59 -25.60 27.64
C SER A 2795 -5.33 -26.22 28.82
N PRO A 2796 -4.86 -26.04 30.08
CA PRO A 2796 -5.60 -26.55 31.24
C PRO A 2796 -7.03 -26.01 31.30
N ARG A 2797 -7.34 -24.99 30.50
CA ARG A 2797 -8.72 -24.43 30.46
C ARG A 2797 -9.69 -25.50 29.97
N GLU A 2798 -9.31 -26.27 28.95
CA GLU A 2798 -10.16 -27.38 28.45
C GLU A 2798 -10.26 -28.45 29.53
N MET A 2799 -9.16 -28.71 30.24
CA MET A 2799 -9.16 -29.70 31.35
C MET A 2799 -10.15 -29.27 32.42
N THR A 2800 -10.29 -27.96 32.64
CA THR A 2800 -11.24 -27.42 33.65
C THR A 2800 -12.67 -27.55 33.10
N ARG A 2801 -12.87 -27.21 31.84
CA ARG A 2801 -14.21 -27.33 31.20
C ARG A 2801 -14.61 -28.81 31.20
N TRP A 2802 -13.63 -29.71 31.08
CA TRP A 2802 -13.92 -31.14 31.15
C TRP A 2802 -14.47 -31.51 32.52
N VAL A 2803 -13.78 -31.09 33.57
CA VAL A 2803 -14.20 -31.42 34.93
C VAL A 2803 -15.56 -30.78 35.22
N ARG A 2804 -15.74 -29.52 34.80
CA ARG A 2804 -17.02 -28.84 35.02
C ARG A 2804 -18.15 -29.53 34.26
N GLY A 2805 -17.90 -29.98 33.04
CA GLY A 2805 -18.94 -30.66 32.28
C GLY A 2805 -19.33 -31.99 32.89
N ILE A 2806 -18.35 -32.77 33.32
CA ILE A 2806 -18.68 -34.04 33.98
C ILE A 2806 -19.41 -33.78 35.29
N PHE A 2807 -19.02 -32.72 36.01
CA PHE A 2807 -19.71 -32.38 37.25
C PHE A 2807 -21.16 -31.98 37.00
N GLU A 2808 -21.41 -31.19 35.94
CA GLU A 2808 -22.77 -30.79 35.63
C GLU A 2808 -23.62 -31.96 35.15
N ALA A 2809 -23.01 -32.92 34.44
CA ALA A 2809 -23.74 -34.10 34.02
C ALA A 2809 -23.92 -35.11 35.14
N LEU A 2810 -23.14 -35.02 36.21
CA LEU A 2810 -23.24 -35.93 37.35
C LEU A 2810 -24.06 -35.37 38.49
N ARG A 2811 -24.22 -34.05 38.57
CA ARG A 2811 -24.82 -33.43 39.75
C ARG A 2811 -26.24 -33.91 40.05
N PRO A 2812 -27.18 -33.92 39.10
CA PRO A 2812 -28.56 -34.31 39.46
C PRO A 2812 -28.77 -35.80 39.62
N LEU A 2813 -27.88 -36.64 39.11
CA LEU A 2813 -28.07 -38.08 39.19
C LEU A 2813 -27.85 -38.58 40.62
N GLU A 2814 -28.73 -39.46 41.07
CA GLU A 2814 -28.57 -40.06 42.39
C GLU A 2814 -27.51 -41.16 42.37
N THR A 2815 -27.42 -41.92 41.28
CA THR A 2815 -26.44 -42.99 41.17
C THR A 2815 -26.10 -43.19 39.71
N LEU A 2816 -24.96 -43.85 39.48
CA LEU A 2816 -24.48 -44.09 38.12
C LEU A 2816 -23.42 -45.20 38.11
N PRO A 2817 -23.49 -46.13 37.17
CA PRO A 2817 -22.42 -47.12 37.03
C PRO A 2817 -21.18 -46.52 36.43
N VAL A 2818 -20.09 -47.30 36.45
CA VAL A 2818 -18.81 -46.81 35.94
C VAL A 2818 -18.90 -46.56 34.44
N GLU A 2819 -19.64 -47.39 33.71
CA GLU A 2819 -19.77 -47.21 32.27
C GLU A 2819 -20.47 -45.89 31.94
N GLY A 2820 -21.45 -45.49 32.74
CA GLY A 2820 -22.04 -44.18 32.55
C GLY A 2820 -21.04 -43.06 32.76
N LEU A 2821 -20.17 -43.20 33.76
CA LEU A 2821 -19.12 -42.21 33.99
C LEU A 2821 -18.18 -42.12 32.80
N ILE A 2822 -17.79 -43.27 32.25
CA ILE A 2822 -16.90 -43.27 31.08
C ILE A 2822 -17.62 -42.67 29.88
N ARG A 2823 -18.93 -42.90 29.77
CA ARG A 2823 -19.68 -42.30 28.67
C ARG A 2823 -19.71 -40.78 28.78
N ILE A 2824 -19.94 -40.25 29.98
CA ILE A 2824 -19.89 -38.80 30.17
C ILE A 2824 -18.50 -38.28 29.88
N TRP A 2825 -17.47 -38.99 30.35
CA TRP A 2825 -16.09 -38.60 30.09
C TRP A 2825 -15.80 -38.50 28.60
N ALA A 2826 -16.21 -39.53 27.85
CA ALA A 2826 -15.97 -39.55 26.41
C ALA A 2826 -16.78 -38.48 25.69
N HIS A 2827 -18.02 -38.24 26.13
CA HIS A 2827 -18.83 -37.20 25.52
C HIS A 2827 -18.19 -35.84 25.70
N GLU A 2828 -17.72 -35.53 26.90
CA GLU A 2828 -17.05 -34.26 27.14
C GLU A 2828 -15.74 -34.17 26.38
N ALA A 2829 -15.01 -35.29 26.27
CA ALA A 2829 -13.78 -35.28 25.49
C ALA A 2829 -14.07 -34.96 24.03
N LEU A 2830 -15.11 -35.56 23.46
CA LEU A 2830 -15.49 -35.24 22.09
C LEU A 2830 -15.86 -33.78 21.94
N ARG A 2831 -16.71 -33.28 22.85
CA ARG A 2831 -17.18 -31.90 22.74
C ARG A 2831 -16.06 -30.89 22.93
N LEU A 2832 -15.00 -31.23 23.67
CA LEU A 2832 -13.93 -30.28 23.92
C LEU A 2832 -12.75 -30.40 22.95
N PHE A 2833 -12.49 -31.59 22.41
CA PHE A 2833 -11.31 -31.79 21.60
C PHE A 2833 -11.61 -32.05 20.13
N GLN A 2834 -12.85 -32.39 19.78
CA GLN A 2834 -13.18 -32.76 18.41
C GLN A 2834 -14.04 -31.74 17.69
N ASP A 2835 -14.68 -30.82 18.40
CA ASP A 2835 -15.59 -29.89 17.75
C ASP A 2835 -14.85 -28.85 16.92
N ARG A 2836 -13.62 -28.52 17.30
CA ARG A 2836 -12.84 -27.51 16.59
C ARG A 2836 -12.04 -28.09 15.43
N LEU A 2837 -11.97 -29.41 15.30
CA LEU A 2837 -11.12 -30.01 14.29
C LEU A 2837 -11.69 -29.81 12.90
N VAL A 2838 -10.81 -29.59 11.93
CA VAL A 2838 -11.20 -29.30 10.55
C VAL A 2838 -11.28 -30.59 9.75
N GLU A 2839 -10.16 -31.29 9.62
CA GLU A 2839 -10.11 -32.47 8.77
C GLU A 2839 -10.79 -33.65 9.45
N ASP A 2840 -11.27 -34.60 8.63
CA ASP A 2840 -11.92 -35.79 9.15
C ASP A 2840 -10.91 -36.77 9.74
N GLU A 2841 -9.66 -36.75 9.25
CA GLU A 2841 -8.63 -37.59 9.82
C GLU A 2841 -8.38 -37.24 11.27
N GLU A 2842 -8.38 -35.93 11.59
CA GLU A 2842 -8.20 -35.50 12.97
C GLU A 2842 -9.36 -35.99 13.86
N ARG A 2843 -10.59 -35.90 13.36
CA ARG A 2843 -11.73 -36.37 14.13
C ARG A 2843 -11.64 -37.88 14.35
N ARG A 2844 -11.25 -38.63 13.33
CA ARG A 2844 -11.10 -40.07 13.48
C ARG A 2844 -10.03 -40.41 14.50
N TRP A 2845 -8.90 -39.70 14.45
CA TRP A 2845 -7.84 -39.92 15.43
C TRP A 2845 -8.33 -39.63 16.84
N THR A 2846 -9.05 -38.51 17.02
CA THR A 2846 -9.55 -38.15 18.34
C THR A 2846 -10.49 -39.22 18.88
N ASP A 2847 -11.40 -39.71 18.04
CA ASP A 2847 -12.35 -40.71 18.47
C ASP A 2847 -11.65 -42.02 18.83
N GLU A 2848 -10.75 -42.49 17.96
CA GLU A 2848 -10.05 -43.74 18.21
C GLU A 2848 -9.23 -43.66 19.48
N ASN A 2849 -8.54 -42.54 19.70
CA ASN A 2849 -7.71 -42.41 20.88
C ASN A 2849 -8.52 -42.18 22.14
N ILE A 2850 -9.70 -41.59 22.04
CA ILE A 2850 -10.61 -41.56 23.19
C ILE A 2850 -10.97 -42.98 23.61
N ASP A 2851 -11.33 -43.82 22.63
CA ASP A 2851 -11.62 -45.21 22.95
C ASP A 2851 -10.41 -45.92 23.55
N THR A 2852 -9.23 -45.68 22.97
CA THR A 2852 -8.01 -46.32 23.46
C THR A 2852 -7.71 -45.93 24.90
N VAL A 2853 -7.79 -44.64 25.22
CA VAL A 2853 -7.51 -44.19 26.58
C VAL A 2853 -8.53 -44.74 27.56
N ALA A 2854 -9.81 -44.70 27.18
CA ALA A 2854 -10.85 -45.18 28.08
C ALA A 2854 -10.66 -46.66 28.41
N LEU A 2855 -10.27 -47.46 27.41
CA LEU A 2855 -10.05 -48.88 27.69
C LEU A 2855 -8.70 -49.13 28.35
N LYS A 2856 -7.72 -48.23 28.16
CA LYS A 2856 -6.44 -48.39 28.83
C LYS A 2856 -6.56 -48.16 30.34
N HIS A 2857 -7.21 -47.05 30.73
CA HIS A 2857 -7.32 -46.73 32.14
C HIS A 2857 -8.51 -47.38 32.82
N PHE A 2858 -9.46 -47.92 32.06
CA PHE A 2858 -10.62 -48.62 32.60
C PHE A 2858 -10.72 -49.96 31.87
N PRO A 2859 -9.93 -50.95 32.28
CA PRO A 2859 -9.93 -52.21 31.51
C PRO A 2859 -11.18 -53.04 31.69
N ASN A 2860 -11.70 -53.13 32.91
CA ASN A 2860 -12.83 -54.01 33.20
C ASN A 2860 -14.14 -53.23 33.15
N ILE A 2861 -14.45 -52.73 31.94
CA ILE A 2861 -15.72 -52.08 31.66
C ILE A 2861 -16.29 -52.66 30.38
N ASP A 2862 -17.59 -52.47 30.20
CA ASP A 2862 -18.26 -52.89 28.98
C ASP A 2862 -17.98 -51.86 27.89
N ARG A 2863 -17.24 -52.27 26.86
CA ARG A 2863 -16.86 -51.35 25.80
C ARG A 2863 -18.08 -50.77 25.09
N GLU A 2864 -19.05 -51.62 24.77
CA GLU A 2864 -20.18 -51.17 23.97
C GLU A 2864 -21.10 -50.23 24.74
N LYS A 2865 -21.36 -50.55 26.02
CA LYS A 2865 -22.31 -49.76 26.79
C LYS A 2865 -21.76 -48.39 27.16
N ALA A 2866 -20.44 -48.20 27.05
CA ALA A 2866 -19.83 -46.91 27.34
C ALA A 2866 -19.27 -46.20 26.12
N MET A 2867 -18.99 -46.92 25.03
CA MET A 2867 -18.37 -46.32 23.86
C MET A 2867 -19.25 -46.42 22.62
N SER A 2868 -20.56 -46.65 22.78
CA SER A 2868 -21.49 -46.64 21.68
C SER A 2868 -21.36 -45.34 20.88
N ARG A 2869 -21.01 -45.47 19.61
CA ARG A 2869 -20.45 -44.34 18.85
C ARG A 2869 -21.31 -43.09 18.85
N PRO A 2870 -22.63 -43.15 18.62
CA PRO A 2870 -23.43 -41.92 18.73
C PRO A 2870 -23.60 -41.50 20.18
N ILE A 2871 -22.54 -40.96 20.79
CA ILE A 2871 -22.60 -40.50 22.18
C ILE A 2871 -23.37 -39.19 22.19
N LEU A 2872 -24.64 -39.24 22.54
CA LEU A 2872 -25.52 -38.09 22.54
C LEU A 2872 -26.08 -37.88 23.94
N TYR A 2873 -26.01 -36.66 24.43
CA TYR A 2873 -26.60 -36.28 25.71
C TYR A 2873 -27.50 -35.08 25.50
N SER A 2874 -28.65 -35.08 26.16
CA SER A 2874 -29.60 -34.00 26.00
C SER A 2874 -30.57 -33.97 27.17
N ASN A 2875 -30.93 -32.76 27.59
CA ASN A 2875 -31.94 -32.55 28.62
C ASN A 2875 -33.29 -32.14 28.02
N TRP A 2876 -33.51 -32.50 26.76
CA TRP A 2876 -34.74 -32.12 26.07
C TRP A 2876 -35.86 -33.12 26.31
N LEU A 2877 -35.55 -34.41 26.24
CA LEU A 2877 -36.56 -35.44 26.46
C LEU A 2877 -36.89 -35.60 27.93
N SER A 2878 -35.91 -35.46 28.81
CA SER A 2878 -36.07 -35.63 30.24
C SER A 2878 -35.67 -34.35 30.97
N LYS A 2879 -35.80 -34.38 32.29
CA LYS A 2879 -35.42 -33.24 33.11
C LYS A 2879 -33.90 -33.13 33.28
N ASP A 2880 -33.20 -34.27 33.27
CA ASP A 2880 -31.77 -34.30 33.53
C ASP A 2880 -30.99 -34.35 32.23
N TYR A 2881 -29.67 -34.22 32.35
CA TYR A 2881 -28.77 -34.29 31.21
C TYR A 2881 -28.30 -35.74 31.00
N ILE A 2882 -29.27 -36.61 30.79
CA ILE A 2882 -29.01 -38.03 30.60
C ILE A 2882 -28.71 -38.26 29.12
N PRO A 2883 -28.06 -39.37 28.75
CA PRO A 2883 -27.84 -39.65 27.33
C PRO A 2883 -29.17 -39.83 26.59
N VAL A 2884 -29.19 -39.40 25.34
CA VAL A 2884 -30.36 -39.48 24.49
C VAL A 2884 -30.01 -40.35 23.29
N ASP A 2885 -31.01 -41.06 22.77
CA ASP A 2885 -30.81 -41.86 21.57
C ASP A 2885 -31.13 -41.04 20.33
N GLN A 2886 -30.60 -41.50 19.19
CA GLN A 2886 -30.66 -40.69 17.97
C GLN A 2886 -32.08 -40.61 17.42
N GLU A 2887 -32.82 -41.71 17.43
CA GLU A 2887 -34.14 -41.72 16.79
C GLU A 2887 -35.16 -40.90 17.58
N GLU A 2888 -35.20 -41.09 18.91
CA GLU A 2888 -36.11 -40.31 19.73
C GLU A 2888 -35.76 -38.83 19.68
N LEU A 2889 -34.47 -38.51 19.69
CA LEU A 2889 -34.05 -37.12 19.54
C LEU A 2889 -34.50 -36.56 18.19
N ARG A 2890 -34.39 -37.36 17.13
CA ARG A 2890 -34.82 -36.91 15.82
C ARG A 2890 -36.32 -36.64 15.79
N ASP A 2891 -37.11 -37.53 16.40
CA ASP A 2891 -38.55 -37.31 16.44
C ASP A 2891 -38.90 -36.05 17.23
N TYR A 2892 -38.25 -35.85 18.38
CA TYR A 2892 -38.50 -34.66 19.17
C TYR A 2892 -38.13 -33.40 18.40
N VAL A 2893 -37.00 -33.41 17.70
CA VAL A 2893 -36.58 -32.26 16.93
C VAL A 2893 -37.54 -32.02 15.77
N LYS A 2894 -38.08 -33.09 15.18
CA LYS A 2894 -39.07 -32.93 14.11
C LYS A 2894 -40.32 -32.24 14.62
N ALA A 2895 -40.84 -32.68 15.77
CA ALA A 2895 -42.02 -32.03 16.34
C ALA A 2895 -41.73 -30.57 16.70
N ARG A 2896 -40.59 -30.32 17.33
CA ARG A 2896 -40.24 -28.96 17.68
C ARG A 2896 -40.02 -28.10 16.44
N LEU A 2897 -39.57 -28.69 15.34
CA LEU A 2897 -39.39 -27.94 14.11
C LEU A 2897 -40.73 -27.60 13.47
N LYS A 2898 -41.70 -28.51 13.57
CA LYS A 2898 -43.05 -28.16 13.12
C LYS A 2898 -43.59 -26.98 13.90
N VAL A 2899 -43.45 -27.02 15.23
CA VAL A 2899 -43.90 -25.88 16.03
C VAL A 2899 -43.08 -24.63 15.71
N PHE A 2900 -41.80 -24.79 15.41
CA PHE A 2900 -40.95 -23.67 15.02
C PHE A 2900 -41.43 -23.03 13.73
N TYR A 2901 -41.82 -23.84 12.75
CA TYR A 2901 -42.39 -23.32 11.51
C TYR A 2901 -43.68 -22.56 11.80
N GLU A 2902 -44.51 -23.09 12.70
CA GLU A 2902 -45.79 -22.44 12.98
C GLU A 2902 -45.59 -21.02 13.53
N GLU A 2903 -44.66 -20.83 14.47
CA GLU A 2903 -44.49 -19.54 15.12
C GLU A 2903 -43.32 -18.72 14.58
N GLU A 2904 -42.31 -19.37 14.01
CA GLU A 2904 -41.12 -18.68 13.51
C GLU A 2904 -40.88 -19.06 12.05
N LEU A 2905 -39.67 -18.78 11.55
CA LEU A 2905 -39.29 -19.06 10.17
C LEU A 2905 -39.91 -20.34 9.65
N ASP A 2906 -40.55 -20.24 8.48
CA ASP A 2906 -41.25 -21.37 7.88
C ASP A 2906 -40.41 -22.07 6.83
N VAL A 2907 -39.09 -21.96 6.89
CA VAL A 2907 -38.22 -22.65 5.94
C VAL A 2907 -38.09 -24.11 6.36
N PRO A 2908 -38.51 -25.05 5.53
CA PRO A 2908 -38.37 -26.47 5.88
C PRO A 2908 -36.90 -26.89 5.92
N LEU A 2909 -36.60 -27.79 6.85
CA LEU A 2909 -35.24 -28.30 7.03
C LEU A 2909 -35.25 -29.81 6.93
N VAL A 2910 -34.19 -30.36 6.36
CA VAL A 2910 -33.97 -31.80 6.30
C VAL A 2910 -33.07 -32.19 7.48
N LEU A 2911 -33.50 -33.18 8.23
CA LEU A 2911 -32.80 -33.59 9.44
C LEU A 2911 -31.88 -34.76 9.13
N PHE A 2912 -30.58 -34.55 9.33
CA PHE A 2912 -29.59 -35.61 9.28
C PHE A 2912 -28.78 -35.57 10.58
N ASN A 2913 -28.04 -36.65 10.82
CA ASN A 2913 -27.38 -36.82 12.13
C ASN A 2913 -26.49 -35.63 12.48
N GLU A 2914 -25.85 -35.03 11.49
CA GLU A 2914 -25.01 -33.87 11.76
C GLU A 2914 -25.83 -32.69 12.28
N VAL A 2915 -27.07 -32.54 11.80
CA VAL A 2915 -27.93 -31.47 12.29
C VAL A 2915 -28.27 -31.70 13.76
N LEU A 2916 -28.57 -32.94 14.14
CA LEU A 2916 -28.85 -33.25 15.54
C LEU A 2916 -27.63 -32.98 16.40
N ASP A 2917 -26.46 -33.41 15.95
CA ASP A 2917 -25.23 -33.11 16.69
C ASP A 2917 -25.05 -31.61 16.87
N HIS A 2918 -25.25 -30.84 15.81
CA HIS A 2918 -25.00 -29.40 15.86
C HIS A 2918 -26.01 -28.71 16.77
N VAL A 2919 -27.27 -29.12 16.74
CA VAL A 2919 -28.25 -28.47 17.61
C VAL A 2919 -27.97 -28.81 19.06
N LEU A 2920 -27.54 -30.05 19.35
CA LEU A 2920 -27.15 -30.37 20.72
C LEU A 2920 -25.95 -29.55 21.17
N ARG A 2921 -24.97 -29.37 20.29
CA ARG A 2921 -23.80 -28.57 20.61
C ARG A 2921 -24.17 -27.12 20.90
N ILE A 2922 -25.06 -26.54 20.08
CA ILE A 2922 -25.48 -25.17 20.30
C ILE A 2922 -26.28 -25.04 21.59
N ASP A 2923 -27.16 -26.01 21.87
CA ASP A 2923 -27.93 -25.99 23.09
C ASP A 2923 -27.05 -26.08 24.33
N ARG A 2924 -25.93 -26.81 24.23
CA ARG A 2924 -24.99 -26.85 25.35
C ARG A 2924 -24.45 -25.47 25.68
N ILE A 2925 -24.07 -24.70 24.67
CA ILE A 2925 -23.49 -23.39 24.90
C ILE A 2925 -24.55 -22.40 25.38
N PHE A 2926 -25.76 -22.48 24.83
CA PHE A 2926 -26.81 -21.55 25.23
C PHE A 2926 -27.24 -21.73 26.68
N ARG A 2927 -26.86 -22.83 27.32
CA ARG A 2927 -27.21 -23.09 28.71
C ARG A 2927 -26.06 -22.79 29.68
N GLN A 2928 -25.16 -21.89 29.30
CA GLN A 2928 -24.01 -21.56 30.13
C GLN A 2928 -23.92 -20.05 30.32
N PRO A 2929 -23.38 -19.61 31.46
CA PRO A 2929 -23.17 -18.16 31.64
C PRO A 2929 -22.02 -17.66 30.79
N GLN A 2930 -22.24 -16.51 30.15
CA GLN A 2930 -21.28 -15.92 29.21
C GLN A 2930 -20.90 -16.94 28.15
N GLY A 2931 -21.90 -17.65 27.62
CA GLY A 2931 -21.66 -18.66 26.61
C GLY A 2931 -21.79 -18.12 25.21
N HIS A 2932 -20.67 -17.97 24.52
CA HIS A 2932 -20.63 -17.45 23.16
C HIS A 2932 -20.16 -18.54 22.21
N LEU A 2933 -20.73 -18.52 21.00
CA LEU A 2933 -20.44 -19.51 19.98
C LEU A 2933 -19.70 -18.88 18.82
N LEU A 2934 -18.87 -19.68 18.15
CA LEU A 2934 -18.18 -19.29 16.92
C LEU A 2934 -18.37 -20.44 15.94
N LEU A 2935 -19.38 -20.32 15.08
CA LEU A 2935 -19.69 -21.36 14.10
C LEU A 2935 -18.96 -21.05 12.80
N ILE A 2936 -18.11 -21.98 12.37
CA ILE A 2936 -17.31 -21.81 11.17
C ILE A 2936 -17.71 -22.90 10.18
N GLY A 2937 -18.12 -22.48 9.00
CA GLY A 2937 -18.53 -23.41 7.96
C GLY A 2937 -18.92 -22.66 6.73
N VAL A 2938 -19.18 -23.42 5.66
CA VAL A 2938 -19.56 -22.82 4.39
C VAL A 2938 -20.94 -22.18 4.53
N SER A 2939 -21.19 -21.13 3.74
CA SER A 2939 -22.47 -20.45 3.77
C SER A 2939 -23.57 -21.37 3.24
N GLY A 2940 -24.77 -21.19 3.79
CA GLY A 2940 -25.88 -22.03 3.42
C GLY A 2940 -25.88 -23.40 4.07
N ALA A 2941 -25.04 -23.63 5.07
CA ALA A 2941 -24.96 -24.90 5.76
C ALA A 2941 -25.96 -25.01 6.90
N GLY A 2942 -26.69 -23.95 7.21
CA GLY A 2942 -27.68 -23.98 8.26
C GLY A 2942 -27.26 -23.41 9.58
N LYS A 2943 -26.13 -22.71 9.65
CA LYS A 2943 -25.62 -22.22 10.93
C LYS A 2943 -26.59 -21.23 11.57
N THR A 2944 -27.01 -20.21 10.82
CA THR A 2944 -27.91 -19.21 11.37
C THR A 2944 -29.28 -19.80 11.70
N THR A 2945 -29.81 -20.66 10.82
CA THR A 2945 -31.11 -21.26 11.07
C THR A 2945 -31.07 -22.17 12.30
N LEU A 2946 -30.02 -22.98 12.43
CA LEU A 2946 -29.89 -23.83 13.61
C LEU A 2946 -29.73 -23.01 14.87
N SER A 2947 -28.95 -21.92 14.81
CA SER A 2947 -28.79 -21.06 15.97
C SER A 2947 -30.13 -20.46 16.38
N ARG A 2948 -30.89 -19.95 15.41
CA ARG A 2948 -32.20 -19.38 15.72
C ARG A 2948 -33.15 -20.43 16.30
N PHE A 2949 -33.12 -21.63 15.74
CA PHE A 2949 -34.02 -22.69 16.21
C PHE A 2949 -33.69 -23.10 17.64
N VAL A 2950 -32.40 -23.29 17.92
CA VAL A 2950 -31.99 -23.68 19.27
C VAL A 2950 -32.28 -22.57 20.26
N ALA A 2951 -32.05 -21.31 19.86
CA ALA A 2951 -32.41 -20.18 20.71
C ALA A 2951 -33.90 -20.14 20.96
N TRP A 2952 -34.70 -20.52 19.97
CA TRP A 2952 -36.15 -20.59 20.16
C TRP A 2952 -36.52 -21.65 21.20
N MET A 2953 -35.86 -22.82 21.15
CA MET A 2953 -36.11 -23.80 22.20
C MET A 2953 -35.70 -23.29 23.58
N ASN A 2954 -34.53 -22.68 23.70
CA ASN A 2954 -34.02 -22.25 24.99
C ASN A 2954 -34.64 -20.96 25.49
N GLY A 2955 -35.67 -20.46 24.81
CA GLY A 2955 -36.29 -19.22 25.22
C GLY A 2955 -35.38 -18.02 25.10
N LEU A 2956 -34.50 -18.03 24.11
CA LEU A 2956 -33.59 -16.92 23.86
C LEU A 2956 -34.17 -16.04 22.76
N SER A 2957 -34.21 -14.74 22.99
CA SER A 2957 -34.59 -13.81 21.93
C SER A 2957 -33.47 -13.70 20.93
N VAL A 2958 -33.80 -13.75 19.64
CA VAL A 2958 -32.80 -13.66 18.59
C VAL A 2958 -32.71 -12.21 18.14
N TYR A 2959 -31.51 -11.64 18.23
CA TYR A 2959 -31.23 -10.30 17.76
C TYR A 2959 -30.16 -10.36 16.69
N GLN A 2960 -30.46 -9.79 15.53
CA GLN A 2960 -29.50 -9.66 14.45
C GLN A 2960 -29.46 -8.20 14.01
N ILE A 2961 -28.26 -7.70 13.77
CA ILE A 2961 -28.10 -6.31 13.35
C ILE A 2961 -28.41 -6.20 11.87
N LYS A 2962 -29.22 -5.20 11.51
CA LYS A 2962 -29.63 -4.98 10.13
C LYS A 2962 -28.61 -4.07 9.46
N VAL A 2963 -27.65 -4.68 8.78
CA VAL A 2963 -26.55 -3.95 8.16
C VAL A 2963 -26.94 -3.57 6.74
N HIS A 2964 -26.59 -2.33 6.36
CA HIS A 2964 -26.83 -1.87 5.00
C HIS A 2964 -25.66 -1.02 4.51
N ARG A 2965 -25.85 -0.32 3.39
CA ARG A 2965 -24.76 0.47 2.83
C ARG A 2965 -24.41 1.66 3.70
N LYS A 2966 -25.42 2.33 4.27
CA LYS A 2966 -25.20 3.50 5.10
C LYS A 2966 -24.90 3.15 6.56
N TYR A 2967 -24.84 1.86 6.89
CA TYR A 2967 -24.50 1.45 8.25
C TYR A 2967 -23.09 1.89 8.60
N THR A 2968 -22.92 2.43 9.80
CA THR A 2968 -21.61 2.88 10.26
C THR A 2968 -21.39 2.55 11.73
N GLY A 2969 -20.33 3.11 12.31
CA GLY A 2969 -19.98 2.77 13.68
C GLY A 2969 -21.04 3.17 14.69
N GLU A 2970 -21.65 4.34 14.52
CA GLU A 2970 -22.64 4.80 15.49
C GLU A 2970 -23.88 3.91 15.47
N ASP A 2971 -24.25 3.39 14.31
CA ASP A 2971 -25.38 2.47 14.24
C ASP A 2971 -25.08 1.19 15.01
N PHE A 2972 -23.86 0.65 14.86
CA PHE A 2972 -23.49 -0.53 15.61
C PHE A 2972 -23.45 -0.25 17.11
N ASP A 2973 -22.98 0.93 17.50
CA ASP A 2973 -22.99 1.29 18.91
C ASP A 2973 -24.41 1.37 19.44
N GLU A 2974 -25.34 1.92 18.66
CA GLU A 2974 -26.72 2.00 19.09
C GLU A 2974 -27.35 0.61 19.20
N ASP A 2975 -27.06 -0.28 18.25
CA ASP A 2975 -27.56 -1.64 18.35
C ASP A 2975 -26.99 -2.37 19.57
N LEU A 2976 -25.70 -2.14 19.84
CA LEU A 2976 -25.08 -2.72 21.03
C LEU A 2976 -25.74 -2.19 22.29
N ARG A 2977 -26.04 -0.89 22.33
CA ARG A 2977 -26.71 -0.31 23.49
C ARG A 2977 -28.10 -0.90 23.67
N THR A 2978 -28.83 -1.09 22.57
CA THR A 2978 -30.15 -1.72 22.65
C THR A 2978 -30.05 -3.12 23.21
N VAL A 2979 -29.11 -3.92 22.69
CA VAL A 2979 -28.95 -5.30 23.16
C VAL A 2979 -28.55 -5.33 24.63
N LEU A 2980 -27.62 -4.47 25.03
CA LEU A 2980 -27.17 -4.45 26.41
C LEU A 2980 -28.27 -4.01 27.36
N ARG A 2981 -29.06 -3.01 26.95
CA ARG A 2981 -30.17 -2.58 27.78
C ARG A 2981 -31.22 -3.67 27.92
N ARG A 2982 -31.53 -4.38 26.85
CA ARG A 2982 -32.51 -5.46 26.94
C ARG A 2982 -32.00 -6.59 27.81
N SER A 2983 -30.74 -7.00 27.64
CA SER A 2983 -30.23 -8.16 28.34
C SER A 2983 -29.93 -7.86 29.81
N GLY A 2984 -29.36 -6.70 30.09
CA GLY A 2984 -28.97 -6.36 31.44
C GLY A 2984 -30.06 -5.70 32.26
N CYS A 2985 -30.58 -4.58 31.77
CA CYS A 2985 -31.58 -3.83 32.54
C CYS A 2985 -32.90 -4.59 32.63
N LYS A 2986 -33.35 -5.20 31.53
CA LYS A 2986 -34.65 -5.83 31.47
C LYS A 2986 -34.60 -7.34 31.72
N ASN A 2987 -33.42 -7.89 31.98
CA ASN A 2987 -33.25 -9.31 32.29
C ASN A 2987 -33.84 -10.19 31.18
N GLU A 2988 -33.41 -9.94 29.96
CA GLU A 2988 -33.89 -10.65 28.78
C GLU A 2988 -32.76 -11.51 28.22
N LYS A 2989 -33.03 -12.79 28.03
CA LYS A 2989 -32.05 -13.69 27.43
C LYS A 2989 -32.05 -13.52 25.92
N ILE A 2990 -30.92 -13.08 25.38
CA ILE A 2990 -30.80 -12.72 23.96
C ILE A 2990 -29.71 -13.55 23.32
N ALA A 2991 -30.01 -14.11 22.15
CA ALA A 2991 -29.02 -14.77 21.31
C ALA A 2991 -28.60 -13.79 20.22
N PHE A 2992 -27.47 -13.11 20.44
CA PHE A 2992 -26.99 -12.09 19.52
C PHE A 2992 -26.24 -12.78 18.39
N ILE A 2993 -26.94 -13.04 17.29
CA ILE A 2993 -26.36 -13.70 16.13
C ILE A 2993 -25.74 -12.64 15.23
N MET A 2994 -24.45 -12.79 14.95
CA MET A 2994 -23.71 -11.80 14.16
C MET A 2994 -22.88 -12.53 13.12
N ASP A 2995 -22.92 -12.04 11.89
CA ASP A 2995 -22.21 -12.64 10.76
C ASP A 2995 -20.97 -11.83 10.41
N GLU A 2996 -19.98 -12.50 9.85
CA GLU A 2996 -18.73 -11.81 9.48
C GLU A 2996 -18.98 -10.76 8.41
N SER A 2997 -20.01 -10.94 7.58
CA SER A 2997 -20.35 -9.93 6.58
C SER A 2997 -20.90 -8.66 7.21
N ASN A 2998 -21.38 -8.73 8.45
CA ASN A 2998 -21.84 -7.55 9.16
C ASN A 2998 -20.69 -6.69 9.66
N VAL A 2999 -19.47 -7.22 9.67
CA VAL A 2999 -18.30 -6.47 10.15
C VAL A 2999 -17.84 -5.60 9.00
N LEU A 3000 -18.27 -4.34 9.00
CA LEU A 3000 -17.86 -3.37 8.01
C LEU A 3000 -16.65 -2.55 8.45
N ASP A 3001 -16.20 -2.71 9.69
CA ASP A 3001 -15.12 -1.89 10.21
C ASP A 3001 -14.47 -2.60 11.38
N SER A 3002 -13.21 -2.26 11.64
CA SER A 3002 -12.48 -2.85 12.76
C SER A 3002 -13.02 -2.41 14.11
N GLY A 3003 -13.70 -1.26 14.17
CA GLY A 3003 -14.34 -0.84 15.40
C GLY A 3003 -15.40 -1.80 15.89
N PHE A 3004 -16.14 -2.41 14.97
CA PHE A 3004 -17.12 -3.43 15.35
C PHE A 3004 -16.44 -4.57 16.09
N LEU A 3005 -15.33 -5.06 15.54
CA LEU A 3005 -14.60 -6.16 16.17
C LEU A 3005 -13.95 -5.75 17.48
N GLU A 3006 -13.47 -4.51 17.60
CA GLU A 3006 -12.93 -4.07 18.88
C GLU A 3006 -14.01 -4.04 19.96
N ARG A 3007 -15.17 -3.46 19.64
CA ARG A 3007 -16.27 -3.42 20.60
C ARG A 3007 -16.74 -4.82 20.96
N MET A 3008 -16.84 -5.71 19.97
CA MET A 3008 -17.24 -7.08 20.26
C MET A 3008 -16.19 -7.83 21.07
N ASN A 3009 -14.91 -7.52 20.85
CA ASN A 3009 -13.86 -8.12 21.67
C ASN A 3009 -14.02 -7.73 23.13
N THR A 3010 -14.20 -6.44 23.40
CA THR A 3010 -14.40 -6.00 24.78
C THR A 3010 -15.68 -6.60 25.37
N LEU A 3011 -16.76 -6.63 24.60
CA LEU A 3011 -18.02 -7.18 25.10
C LEU A 3011 -17.91 -8.67 25.41
N LEU A 3012 -17.29 -9.42 24.50
CA LEU A 3012 -17.17 -10.87 24.68
C LEU A 3012 -16.29 -11.20 25.86
N ALA A 3013 -15.21 -10.44 26.06
CA ALA A 3013 -14.31 -10.75 27.16
C ALA A 3013 -14.89 -10.28 28.50
N ASN A 3014 -15.19 -8.99 28.62
CA ASN A 3014 -15.58 -8.42 29.91
C ASN A 3014 -17.07 -8.54 30.20
N GLY A 3015 -17.91 -8.60 29.16
CA GLY A 3015 -19.33 -8.51 29.36
C GLY A 3015 -19.86 -7.09 29.44
N GLU A 3016 -19.01 -6.10 29.19
CA GLU A 3016 -19.42 -4.70 29.25
C GLU A 3016 -18.41 -3.87 28.47
N VAL A 3017 -18.91 -2.85 27.78
CA VAL A 3017 -18.07 -1.94 27.00
C VAL A 3017 -17.99 -0.62 27.76
N PRO A 3018 -16.82 -0.26 28.31
CA PRO A 3018 -16.75 0.93 29.16
C PRO A 3018 -17.14 2.23 28.47
N GLY A 3019 -16.80 2.39 27.20
CA GLY A 3019 -17.10 3.62 26.49
C GLY A 3019 -18.41 3.66 25.76
N LEU A 3020 -19.22 2.60 25.85
CA LEU A 3020 -20.45 2.54 25.09
C LEU A 3020 -21.47 3.55 25.62
N PHE A 3021 -21.67 3.57 26.94
CA PHE A 3021 -22.64 4.46 27.58
C PHE A 3021 -21.87 5.64 28.17
N GLU A 3022 -22.01 6.81 27.56
CA GLU A 3022 -21.41 8.02 28.08
C GLU A 3022 -22.29 9.22 27.73
N GLY A 3023 -22.42 10.14 28.67
CA GLY A 3023 -23.28 11.30 28.48
C GLY A 3023 -24.67 11.05 29.04
N ASP A 3024 -25.69 11.47 28.30
CA ASP A 3024 -27.06 11.22 28.72
C ASP A 3024 -27.41 9.73 28.66
N GLU A 3025 -26.80 8.99 27.72
CA GLU A 3025 -27.06 7.56 27.63
C GLU A 3025 -26.66 6.85 28.91
N TYR A 3026 -25.56 7.27 29.53
CA TYR A 3026 -25.17 6.67 30.79
C TYR A 3026 -26.20 6.93 31.88
N ALA A 3027 -26.74 8.16 31.93
CA ALA A 3027 -27.75 8.49 32.93
C ALA A 3027 -29.01 7.64 32.73
N THR A 3028 -29.47 7.52 31.49
CA THR A 3028 -30.65 6.68 31.22
C THR A 3028 -30.37 5.23 31.57
N LEU A 3029 -29.19 4.72 31.20
CA LEU A 3029 -28.82 3.35 31.56
C LEU A 3029 -28.81 3.16 33.06
N MET A 3030 -28.35 4.16 33.81
CA MET A 3030 -28.21 4.00 35.24
C MET A 3030 -29.57 4.02 35.91
N THR A 3031 -30.47 4.89 35.43
CA THR A 3031 -31.86 4.84 35.89
C THR A 3031 -32.47 3.46 35.65
N GLN A 3032 -32.38 2.97 34.40
CA GLN A 3032 -32.95 1.67 34.08
C GLN A 3032 -32.34 0.56 34.91
N CYS A 3033 -31.04 0.64 35.20
CA CYS A 3033 -30.42 -0.34 36.08
C CYS A 3033 -31.00 -0.25 37.49
N LYS A 3034 -31.31 0.97 37.94
CA LYS A 3034 -31.94 1.12 39.25
C LYS A 3034 -33.29 0.41 39.29
N GLU A 3035 -34.16 0.66 38.29
CA GLU A 3035 -35.44 -0.05 38.32
C GLU A 3035 -35.26 -1.56 38.14
N GLY A 3036 -34.28 -1.97 37.32
CA GLY A 3036 -34.07 -3.40 37.14
C GLY A 3036 -33.64 -4.11 38.42
N ALA A 3037 -32.69 -3.51 39.14
CA ALA A 3037 -32.28 -4.07 40.42
C ALA A 3037 -33.42 -4.03 41.44
N GLN A 3038 -34.26 -3.00 41.38
CA GLN A 3038 -35.43 -2.98 42.26
C GLN A 3038 -36.38 -4.12 41.94
N LYS A 3039 -36.60 -4.40 40.66
CA LYS A 3039 -37.47 -5.52 40.27
C LYS A 3039 -36.87 -6.85 40.70
N GLU A 3040 -35.55 -7.01 40.56
CA GLU A 3040 -34.92 -8.25 41.01
C GLU A 3040 -35.01 -8.40 42.53
N GLY A 3041 -35.05 -7.29 43.26
CA GLY A 3041 -35.10 -7.32 44.70
C GLY A 3041 -33.87 -6.77 45.40
N LEU A 3042 -32.94 -6.15 44.67
CA LEU A 3042 -31.73 -5.58 45.23
C LEU A 3042 -31.88 -4.07 45.31
N MET A 3043 -31.61 -3.50 46.48
CA MET A 3043 -31.65 -2.05 46.68
C MET A 3043 -30.22 -1.53 46.60
N LEU A 3044 -29.83 -1.10 45.41
CA LEU A 3044 -28.48 -0.59 45.16
C LEU A 3044 -28.56 0.90 44.87
N ASP A 3045 -27.60 1.66 45.41
CA ASP A 3045 -27.64 3.12 45.36
C ASP A 3045 -26.53 3.69 44.49
N SER A 3046 -25.27 3.39 44.79
CA SER A 3046 -24.16 4.00 44.10
C SER A 3046 -24.06 3.52 42.67
N HIS A 3047 -23.54 4.40 41.80
CA HIS A 3047 -23.36 4.04 40.40
C HIS A 3047 -22.45 2.85 40.20
N GLU A 3048 -21.43 2.69 41.05
CA GLU A 3048 -20.47 1.61 40.87
C GLU A 3048 -21.14 0.25 41.00
N GLU A 3049 -21.93 0.07 42.06
CA GLU A 3049 -22.61 -1.20 42.27
C GLU A 3049 -23.72 -1.44 41.26
N LEU A 3050 -24.40 -0.37 40.80
CA LEU A 3050 -25.38 -0.54 39.73
C LEU A 3050 -24.69 -1.02 38.45
N TYR A 3051 -23.54 -0.44 38.11
CA TYR A 3051 -22.85 -0.88 36.90
C TYR A 3051 -22.31 -2.29 37.05
N LYS A 3052 -21.87 -2.66 38.24
CA LYS A 3052 -21.45 -4.05 38.46
C LYS A 3052 -22.62 -5.01 38.26
N TRP A 3053 -23.80 -4.65 38.78
CA TRP A 3053 -24.98 -5.49 38.58
C TRP A 3053 -25.35 -5.57 37.11
N PHE A 3054 -25.25 -4.45 36.39
CA PHE A 3054 -25.54 -4.45 34.96
C PHE A 3054 -24.58 -5.36 34.20
N THR A 3055 -23.30 -5.29 34.55
CA THR A 3055 -22.32 -6.15 33.90
C THR A 3055 -22.59 -7.62 34.19
N SER A 3056 -22.94 -7.95 35.44
CA SER A 3056 -23.28 -9.34 35.76
C SER A 3056 -24.50 -9.81 34.99
N GLN A 3057 -25.52 -8.95 34.86
CA GLN A 3057 -26.71 -9.31 34.10
C GLN A 3057 -26.39 -9.54 32.63
N VAL A 3058 -25.56 -8.68 32.04
CA VAL A 3058 -25.19 -8.86 30.64
C VAL A 3058 -24.39 -10.15 30.47
N ILE A 3059 -23.51 -10.45 31.43
CA ILE A 3059 -22.75 -11.69 31.38
C ILE A 3059 -23.67 -12.89 31.43
N ARG A 3060 -24.67 -12.85 32.31
CA ARG A 3060 -25.54 -14.01 32.49
C ARG A 3060 -26.48 -14.21 31.31
N ASN A 3061 -26.98 -13.11 30.72
CA ASN A 3061 -28.09 -13.19 29.78
C ASN A 3061 -27.66 -13.16 28.31
N LEU A 3062 -26.72 -12.30 27.95
CA LEU A 3062 -26.38 -12.12 26.54
C LEU A 3062 -25.52 -13.28 26.03
N HIS A 3063 -25.96 -13.89 24.93
CA HIS A 3063 -25.21 -14.92 24.23
C HIS A 3063 -24.93 -14.44 22.82
N VAL A 3064 -23.67 -14.49 22.42
CA VAL A 3064 -23.23 -14.00 21.11
C VAL A 3064 -22.89 -15.20 20.24
N VAL A 3065 -23.55 -15.30 19.09
CA VAL A 3065 -23.26 -16.33 18.09
C VAL A 3065 -22.61 -15.65 16.90
N PHE A 3066 -21.41 -16.08 16.54
CA PHE A 3066 -20.64 -15.48 15.46
C PHE A 3066 -20.41 -16.54 14.39
N THR A 3067 -20.86 -16.26 13.17
CA THR A 3067 -20.76 -17.19 12.06
C THR A 3067 -19.82 -16.62 11.00
N MET A 3068 -18.93 -17.46 10.48
CA MET A 3068 -17.98 -17.03 9.47
C MET A 3068 -17.65 -18.20 8.56
N ASN A 3069 -17.17 -17.86 7.37
CA ASN A 3069 -16.73 -18.87 6.41
C ASN A 3069 -15.34 -19.39 6.77
N PRO A 3070 -15.03 -20.64 6.42
CA PRO A 3070 -13.74 -21.23 6.84
C PRO A 3070 -12.58 -20.81 5.96
N SER A 3071 -12.24 -19.52 6.03
CA SER A 3071 -11.08 -19.01 5.31
C SER A 3071 -9.80 -19.36 6.07
N SER A 3072 -8.72 -19.54 5.31
CA SER A 3072 -7.44 -19.89 5.92
C SER A 3072 -6.79 -18.68 6.56
N GLU A 3073 -6.53 -17.64 5.76
CA GLU A 3073 -5.91 -16.42 6.30
C GLU A 3073 -6.89 -15.59 7.10
N GLY A 3074 -8.19 -15.72 6.83
CA GLY A 3074 -9.18 -14.97 7.60
C GLY A 3074 -9.22 -15.38 9.06
N LEU A 3075 -9.09 -16.69 9.32
CA LEU A 3075 -9.05 -17.15 10.70
C LEU A 3075 -7.82 -16.62 11.42
N LYS A 3076 -6.66 -16.60 10.76
CA LYS A 3076 -5.46 -16.06 11.36
C LYS A 3076 -5.61 -14.56 11.62
N ASP A 3077 -6.24 -13.84 10.70
CA ASP A 3077 -6.48 -12.41 10.89
C ASP A 3077 -7.38 -12.16 12.09
N ARG A 3078 -8.46 -12.94 12.21
CA ARG A 3078 -9.38 -12.78 13.33
C ARG A 3078 -8.78 -13.24 14.65
N ALA A 3079 -7.79 -14.13 14.61
CA ALA A 3079 -7.13 -14.55 15.85
C ALA A 3079 -6.36 -13.41 16.51
N ALA A 3080 -6.08 -12.34 15.77
CA ALA A 3080 -5.41 -11.16 16.30
C ALA A 3080 -6.31 -9.95 16.38
N THR A 3081 -7.20 -9.77 15.40
CA THR A 3081 -8.11 -8.62 15.44
C THR A 3081 -9.11 -8.75 16.58
N SER A 3082 -9.59 -9.97 16.83
CA SER A 3082 -10.51 -10.25 17.93
C SER A 3082 -10.00 -11.47 18.68
N PRO A 3083 -9.01 -11.29 19.57
CA PRO A 3083 -8.49 -12.44 20.33
C PRO A 3083 -9.52 -13.12 21.21
N ALA A 3084 -10.57 -12.39 21.65
CA ALA A 3084 -11.59 -13.00 22.48
C ALA A 3084 -12.43 -14.01 21.73
N LEU A 3085 -12.43 -13.95 20.39
CA LEU A 3085 -13.20 -14.89 19.59
C LEU A 3085 -12.68 -16.32 19.69
N PHE A 3086 -11.47 -16.52 20.21
CA PHE A 3086 -10.86 -17.83 20.25
C PHE A 3086 -10.52 -18.32 21.65
N ASN A 3087 -10.69 -17.49 22.68
CA ASN A 3087 -10.54 -17.92 24.06
C ASN A 3087 -11.74 -17.59 24.94
N ARG A 3088 -12.72 -16.84 24.43
CA ARG A 3088 -13.98 -16.64 25.13
C ARG A 3088 -15.16 -17.28 24.43
N CYS A 3089 -15.05 -17.55 23.13
CA CYS A 3089 -16.08 -18.25 22.38
C CYS A 3089 -15.77 -19.75 22.32
N VAL A 3090 -16.80 -20.52 22.00
CA VAL A 3090 -16.68 -21.96 21.80
C VAL A 3090 -16.70 -22.21 20.31
N LEU A 3091 -15.53 -22.54 19.75
CA LEU A 3091 -15.41 -22.75 18.31
C LEU A 3091 -16.03 -24.09 17.93
N ASN A 3092 -16.91 -24.05 16.94
CA ASN A 3092 -17.51 -25.27 16.38
C ASN A 3092 -17.30 -25.22 14.87
N TRP A 3093 -16.54 -26.17 14.35
CA TRP A 3093 -16.27 -26.24 12.91
C TRP A 3093 -17.39 -27.02 12.25
N PHE A 3094 -18.37 -26.30 11.71
CA PHE A 3094 -19.42 -26.96 10.94
C PHE A 3094 -18.88 -27.50 9.63
N GLY A 3095 -18.25 -26.64 8.83
CA GLY A 3095 -17.72 -27.03 7.54
C GLY A 3095 -18.83 -27.25 6.53
N ASP A 3096 -18.42 -27.74 5.36
CA ASP A 3096 -19.37 -28.12 4.35
C ASP A 3096 -20.05 -29.44 4.72
N TRP A 3097 -21.24 -29.65 4.17
CA TRP A 3097 -21.94 -30.91 4.39
C TRP A 3097 -21.09 -32.06 3.89
N SER A 3098 -20.90 -33.06 4.74
CA SER A 3098 -20.09 -34.21 4.36
C SER A 3098 -20.84 -35.07 3.35
N THR A 3099 -20.14 -36.09 2.84
CA THR A 3099 -20.78 -37.02 1.92
C THR A 3099 -21.95 -37.74 2.58
N GLU A 3100 -21.82 -38.07 3.86
CA GLU A 3100 -22.94 -38.66 4.58
C GLU A 3100 -24.11 -37.69 4.68
N ALA A 3101 -23.83 -36.41 4.95
CA ALA A 3101 -24.90 -35.42 5.03
C ALA A 3101 -25.59 -35.24 3.69
N LEU A 3102 -24.82 -35.17 2.61
CA LEU A 3102 -25.42 -35.05 1.27
C LEU A 3102 -26.25 -36.27 0.94
N TYR A 3103 -25.74 -37.47 1.26
CA TYR A 3103 -26.50 -38.68 0.99
C TYR A 3103 -27.81 -38.70 1.77
N GLN A 3104 -27.77 -38.31 3.05
CA GLN A 3104 -28.98 -38.32 3.85
C GLN A 3104 -29.99 -37.30 3.36
N VAL A 3105 -29.52 -36.10 2.98
CA VAL A 3105 -30.43 -35.09 2.45
C VAL A 3105 -31.08 -35.57 1.16
N GLY A 3106 -30.27 -36.14 0.26
CA GLY A 3106 -30.83 -36.64 -0.98
C GLY A 3106 -31.82 -37.76 -0.78
N LYS A 3107 -31.49 -38.71 0.09
CA LYS A 3107 -32.38 -39.83 0.34
C LYS A 3107 -33.69 -39.38 0.98
N GLU A 3108 -33.62 -38.42 1.92
CA GLU A 3108 -34.84 -37.94 2.56
C GLU A 3108 -35.70 -37.14 1.58
N PHE A 3109 -35.09 -36.31 0.74
CA PHE A 3109 -35.93 -35.46 -0.10
C PHE A 3109 -36.49 -36.25 -1.28
N THR A 3110 -35.73 -37.19 -1.83
CA THR A 3110 -36.19 -38.00 -2.95
C THR A 3110 -36.98 -39.22 -2.52
N SER A 3111 -37.38 -39.32 -1.24
CA SER A 3111 -38.17 -40.45 -0.79
C SER A 3111 -39.51 -40.50 -1.51
N LYS A 3112 -40.11 -39.33 -1.75
CA LYS A 3112 -41.40 -39.25 -2.42
C LYS A 3112 -41.30 -39.70 -3.87
N MET A 3113 -40.15 -39.45 -4.49
CA MET A 3113 -39.89 -39.83 -5.87
C MET A 3113 -39.96 -41.34 -6.03
N ASP A 3114 -40.51 -41.79 -7.15
CA ASP A 3114 -40.61 -43.22 -7.45
C ASP A 3114 -39.33 -43.65 -8.17
N LEU A 3115 -38.25 -43.75 -7.40
CA LEU A 3115 -36.91 -43.99 -7.94
C LEU A 3115 -36.47 -45.44 -7.81
N GLU A 3116 -37.39 -46.35 -7.49
CA GLU A 3116 -37.07 -47.76 -7.41
C GLU A 3116 -37.41 -48.45 -8.72
N LYS A 3117 -36.44 -49.16 -9.28
CA LYS A 3117 -36.60 -49.88 -10.53
C LYS A 3117 -36.22 -51.33 -10.32
N PRO A 3118 -37.17 -52.26 -10.27
CA PRO A 3118 -36.82 -53.67 -10.08
C PRO A 3118 -35.93 -54.23 -11.17
N ASN A 3119 -35.96 -53.63 -12.36
CA ASN A 3119 -35.12 -54.08 -13.47
C ASN A 3119 -33.68 -53.62 -13.34
N TYR A 3120 -33.36 -52.78 -12.36
CA TYR A 3120 -32.01 -52.27 -12.19
C TYR A 3120 -31.03 -53.40 -11.94
N ILE A 3121 -29.90 -53.36 -12.65
CA ILE A 3121 -28.84 -54.35 -12.52
C ILE A 3121 -27.61 -53.63 -11.98
N VAL A 3122 -27.12 -54.09 -10.84
CA VAL A 3122 -25.96 -53.43 -10.23
C VAL A 3122 -24.72 -53.70 -11.08
N PRO A 3123 -23.95 -52.67 -11.45
CA PRO A 3123 -22.72 -52.91 -12.20
C PRO A 3123 -21.70 -53.68 -11.37
N ASP A 3124 -20.80 -54.36 -12.08
CA ASP A 3124 -19.75 -55.12 -11.39
C ASP A 3124 -18.89 -54.22 -10.53
N TYR A 3125 -18.52 -53.05 -11.05
CA TYR A 3125 -17.82 -52.03 -10.27
C TYR A 3125 -18.77 -50.86 -10.06
N MET A 3126 -19.06 -50.56 -8.80
CA MET A 3126 -19.97 -49.47 -8.48
C MET A 3126 -19.17 -48.21 -8.15
N PRO A 3127 -19.45 -47.08 -8.81
CA PRO A 3127 -18.73 -45.85 -8.47
C PRO A 3127 -19.15 -45.32 -7.11
N VAL A 3128 -18.66 -45.97 -6.06
CA VAL A 3128 -19.11 -45.66 -4.70
C VAL A 3128 -18.55 -44.30 -4.29
N VAL A 3129 -19.45 -43.36 -4.02
CA VAL A 3129 -19.09 -42.07 -3.46
C VAL A 3129 -19.33 -42.03 -1.95
N TYR A 3130 -20.48 -42.52 -1.52
CA TYR A 3130 -20.80 -42.63 -0.10
C TYR A 3130 -20.22 -43.95 0.41
N ASP A 3131 -19.23 -43.85 1.30
CA ASP A 3131 -18.50 -45.04 1.74
C ASP A 3131 -19.41 -46.01 2.48
N LYS A 3132 -20.48 -45.53 3.10
CA LYS A 3132 -21.40 -46.38 3.85
C LYS A 3132 -22.61 -46.81 3.01
N LEU A 3133 -22.52 -46.71 1.69
CA LEU A 3133 -23.61 -47.15 0.83
C LEU A 3133 -23.78 -48.66 0.92
N PRO A 3134 -25.01 -49.17 0.94
CA PRO A 3134 -25.21 -50.62 1.03
C PRO A 3134 -24.54 -51.35 -0.13
N GLN A 3135 -23.97 -52.52 0.17
CA GLN A 3135 -23.21 -53.27 -0.82
C GLN A 3135 -24.07 -53.74 -1.99
N PRO A 3136 -25.28 -54.25 -1.80
CA PRO A 3136 -26.21 -54.40 -2.93
C PRO A 3136 -27.09 -53.17 -3.09
N PRO A 3137 -26.58 -52.10 -3.73
CA PRO A 3137 -27.35 -50.85 -3.76
C PRO A 3137 -28.56 -50.98 -4.68
N SER A 3138 -29.71 -50.51 -4.20
CA SER A 3138 -30.90 -50.47 -5.02
C SER A 3138 -30.81 -49.30 -6.00
N HIS A 3139 -31.85 -49.13 -6.81
CA HIS A 3139 -31.86 -48.02 -7.76
C HIS A 3139 -31.89 -46.68 -7.04
N ARG A 3140 -32.69 -46.57 -5.97
CA ARG A 3140 -32.78 -45.29 -5.25
C ARG A 3140 -31.46 -44.91 -4.61
N GLU A 3141 -30.78 -45.87 -4.00
CA GLU A 3141 -29.48 -45.60 -3.39
C GLU A 3141 -28.45 -45.20 -4.44
N ALA A 3142 -28.46 -45.86 -5.60
CA ALA A 3142 -27.55 -45.47 -6.67
C ALA A 3142 -27.87 -44.07 -7.18
N ILE A 3143 -29.15 -43.71 -7.24
CA ILE A 3143 -29.54 -42.38 -7.67
C ILE A 3143 -29.02 -41.32 -6.70
N VAL A 3144 -29.17 -41.57 -5.40
CA VAL A 3144 -28.69 -40.60 -4.41
C VAL A 3144 -27.17 -40.53 -4.44
N ASN A 3145 -26.50 -41.66 -4.66
CA ASN A 3145 -25.04 -41.66 -4.81
C ASN A 3145 -24.62 -40.83 -6.01
N SER A 3146 -25.35 -40.95 -7.12
CA SER A 3146 -25.09 -40.13 -8.29
C SER A 3146 -25.29 -38.64 -7.99
N CYS A 3147 -26.31 -38.32 -7.20
CA CYS A 3147 -26.52 -36.92 -6.81
C CYS A 3147 -25.35 -36.39 -6.00
N VAL A 3148 -24.84 -37.18 -5.06
CA VAL A 3148 -23.70 -36.76 -4.27
C VAL A 3148 -22.47 -36.57 -5.16
N PHE A 3149 -22.26 -37.50 -6.10
CA PHE A 3149 -21.15 -37.35 -7.03
C PHE A 3149 -21.29 -36.09 -7.86
N VAL A 3150 -22.51 -35.79 -8.31
CA VAL A 3150 -22.75 -34.57 -9.09
C VAL A 3150 -22.38 -33.34 -8.27
N HIS A 3151 -22.74 -33.34 -6.98
CA HIS A 3151 -22.36 -32.21 -6.14
C HIS A 3151 -20.85 -32.08 -6.03
N GLN A 3152 -20.15 -33.22 -5.86
CA GLN A 3152 -18.70 -33.16 -5.66
C GLN A 3152 -17.96 -32.76 -6.95
N THR A 3153 -18.53 -33.06 -8.12
CA THR A 3153 -17.89 -32.66 -9.36
C THR A 3153 -17.76 -31.15 -9.48
N LEU A 3154 -18.66 -30.40 -8.83
CA LEU A 3154 -18.53 -28.94 -8.87
C LEU A 3154 -17.35 -28.46 -8.04
N HIS A 3155 -17.09 -29.10 -6.90
CA HIS A 3155 -15.87 -28.78 -6.16
C HIS A 3155 -14.63 -29.11 -6.97
N GLN A 3156 -14.65 -30.26 -7.66
CA GLN A 3156 -13.50 -30.61 -8.50
C GLN A 3156 -13.31 -29.61 -9.63
N ALA A 3157 -14.39 -29.18 -10.28
CA ALA A 3157 -14.30 -28.23 -11.38
C ALA A 3157 -13.84 -26.87 -10.88
N ASN A 3158 -14.30 -26.46 -9.69
CA ASN A 3158 -13.85 -25.20 -9.13
C ASN A 3158 -12.36 -25.25 -8.80
N ALA A 3159 -11.88 -26.41 -8.31
CA ALA A 3159 -10.45 -26.57 -8.11
C ALA A 3159 -9.69 -26.44 -9.42
N ARG A 3160 -10.20 -27.07 -10.48
CA ARG A 3160 -9.55 -26.97 -11.79
C ARG A 3160 -9.51 -25.54 -12.30
N LEU A 3161 -10.60 -24.78 -12.10
CA LEU A 3161 -10.58 -23.36 -12.44
C LEU A 3161 -9.55 -22.60 -11.61
N ALA A 3162 -9.46 -22.90 -10.32
CA ALA A 3162 -8.54 -22.17 -9.45
C ALA A 3162 -7.09 -22.41 -9.87
N LYS A 3163 -6.74 -23.65 -10.20
CA LYS A 3163 -5.37 -23.93 -10.61
C LYS A 3163 -5.05 -23.39 -12.00
N ARG A 3164 -6.06 -23.03 -12.80
CA ARG A 3164 -5.81 -22.40 -14.08
C ARG A 3164 -5.98 -20.89 -14.04
N GLY A 3165 -6.08 -20.29 -12.85
CA GLY A 3165 -6.15 -18.86 -12.73
C GLY A 3165 -7.51 -18.25 -12.99
N GLY A 3166 -8.52 -19.07 -13.30
CA GLY A 3166 -9.84 -18.56 -13.52
C GLY A 3166 -10.56 -18.20 -12.24
N ARG A 3167 -11.79 -17.72 -12.39
CA ARG A 3167 -12.60 -17.31 -11.25
C ARG A 3167 -13.59 -18.42 -10.89
N THR A 3168 -13.72 -18.69 -9.60
CA THR A 3168 -14.58 -19.74 -9.09
C THR A 3168 -15.65 -19.13 -8.19
N MET A 3169 -16.81 -19.77 -8.17
CA MET A 3169 -17.89 -19.40 -7.25
C MET A 3169 -18.08 -20.50 -6.24
N ALA A 3170 -18.37 -20.12 -5.00
CA ALA A 3170 -18.47 -21.09 -3.91
C ALA A 3170 -19.63 -22.05 -4.17
N ILE A 3171 -19.38 -23.34 -3.95
CA ILE A 3171 -20.38 -24.38 -4.06
C ILE A 3171 -20.89 -24.66 -2.65
N THR A 3172 -22.10 -24.21 -2.38
CA THR A 3172 -22.72 -24.28 -1.06
C THR A 3172 -23.76 -25.40 -1.02
N PRO A 3173 -24.14 -25.85 0.18
CA PRO A 3173 -25.21 -26.85 0.27
C PRO A 3173 -26.53 -26.39 -0.32
N ARG A 3174 -26.75 -25.08 -0.41
CA ARG A 3174 -27.95 -24.58 -1.08
C ARG A 3174 -27.96 -24.98 -2.56
N HIS A 3175 -26.79 -25.09 -3.18
CA HIS A 3175 -26.72 -25.63 -4.52
C HIS A 3175 -27.25 -27.05 -4.58
N TYR A 3176 -26.88 -27.88 -3.60
CA TYR A 3176 -27.37 -29.24 -3.54
C TYR A 3176 -28.87 -29.28 -3.30
N LEU A 3177 -29.36 -28.42 -2.43
CA LEU A 3177 -30.80 -28.37 -2.18
C LEU A 3177 -31.56 -27.98 -3.44
N ASP A 3178 -31.06 -26.99 -4.18
CA ASP A 3178 -31.68 -26.63 -5.45
C ASP A 3178 -31.62 -27.78 -6.44
N PHE A 3179 -30.48 -28.48 -6.49
CA PHE A 3179 -30.36 -29.60 -7.42
C PHE A 3179 -31.39 -30.68 -7.13
N ILE A 3180 -31.54 -31.06 -5.87
CA ILE A 3180 -32.47 -32.14 -5.54
C ILE A 3180 -33.91 -31.68 -5.71
N ASN A 3181 -34.21 -30.42 -5.37
CA ASN A 3181 -35.55 -29.88 -5.59
C ASN A 3181 -35.88 -29.85 -7.08
N HIS A 3182 -34.94 -29.42 -7.91
CA HIS A 3182 -35.13 -29.42 -9.36
C HIS A 3182 -35.33 -30.84 -9.87
N TYR A 3183 -34.59 -31.80 -9.32
CA TYR A 3183 -34.76 -33.19 -9.70
C TYR A 3183 -36.18 -33.66 -9.43
N ALA A 3184 -36.69 -33.40 -8.23
CA ALA A 3184 -38.06 -33.81 -7.90
C ALA A 3184 -39.08 -33.13 -8.80
N ASN A 3185 -38.95 -31.81 -8.99
CA ASN A 3185 -39.92 -31.08 -9.81
C ASN A 3185 -39.91 -31.57 -11.26
N LEU A 3186 -38.71 -31.72 -11.84
CA LEU A 3186 -38.61 -32.18 -13.21
C LEU A 3186 -39.13 -33.60 -13.36
N PHE A 3187 -38.83 -34.47 -12.40
CA PHE A 3187 -39.32 -35.84 -12.45
C PHE A 3187 -40.85 -35.86 -12.47
N HIS A 3188 -41.47 -35.15 -11.54
CA HIS A 3188 -42.93 -35.14 -11.48
C HIS A 3188 -43.54 -34.55 -12.75
N GLU A 3189 -43.01 -33.42 -13.23
CA GLU A 3189 -43.56 -32.77 -14.41
C GLU A 3189 -43.42 -33.66 -15.65
N LYS A 3190 -42.24 -34.26 -15.82
CA LYS A 3190 -42.01 -35.09 -17.00
C LYS A 3190 -42.86 -36.36 -16.96
N ARG A 3191 -43.02 -36.97 -15.78
CA ARG A 3191 -43.90 -38.13 -15.69
C ARG A 3191 -45.33 -37.77 -16.02
N SER A 3192 -45.81 -36.63 -15.49
CA SER A 3192 -47.18 -36.22 -15.82
C SER A 3192 -47.34 -36.01 -17.32
N GLU A 3193 -46.40 -35.30 -17.94
CA GLU A 3193 -46.50 -35.03 -19.37
C GLU A 3193 -46.47 -36.32 -20.18
N LEU A 3194 -45.56 -37.24 -19.85
CA LEU A 3194 -45.44 -38.48 -20.60
C LEU A 3194 -46.67 -39.36 -20.42
N GLU A 3195 -47.22 -39.42 -19.20
CA GLU A 3195 -48.42 -40.20 -18.96
C GLU A 3195 -49.60 -39.65 -19.74
N GLU A 3196 -49.76 -38.33 -19.74
CA GLU A 3196 -50.85 -37.73 -20.52
C GLU A 3196 -50.67 -37.98 -22.01
N GLN A 3197 -49.43 -37.87 -22.51
CA GLN A 3197 -49.16 -38.15 -23.91
C GLN A 3197 -49.53 -39.59 -24.26
N GLN A 3198 -49.12 -40.55 -23.44
CA GLN A 3198 -49.41 -41.95 -23.72
C GLN A 3198 -50.92 -42.20 -23.69
N MET A 3199 -51.63 -41.59 -22.73
CA MET A 3199 -53.07 -41.71 -22.69
C MET A 3199 -53.71 -41.19 -23.98
N HIS A 3200 -53.28 -40.02 -24.44
CA HIS A 3200 -53.86 -39.43 -25.63
C HIS A 3200 -53.62 -40.30 -26.86
N LEU A 3201 -52.39 -40.79 -27.03
CA LEU A 3201 -52.11 -41.65 -28.18
C LEU A 3201 -52.88 -42.98 -28.11
N ASN A 3202 -52.99 -43.57 -26.92
CA ASN A 3202 -53.75 -44.82 -26.83
C ASN A 3202 -55.21 -44.59 -27.20
N VAL A 3203 -55.80 -43.49 -26.73
CA VAL A 3203 -57.16 -43.17 -27.10
C VAL A 3203 -57.25 -42.97 -28.62
N GLY A 3204 -56.28 -42.28 -29.19
CA GLY A 3204 -56.31 -42.03 -30.62
C GLY A 3204 -56.25 -43.30 -31.46
N LEU A 3205 -55.33 -44.20 -31.12
CA LEU A 3205 -55.23 -45.45 -31.87
C LEU A 3205 -56.46 -46.32 -31.67
N ARG A 3206 -57.04 -46.36 -30.45
CA ARG A 3206 -58.23 -47.19 -30.28
C ARG A 3206 -59.39 -46.62 -31.11
N LYS A 3207 -59.50 -45.29 -31.19
CA LYS A 3207 -60.53 -44.70 -32.04
C LYS A 3207 -60.30 -45.05 -33.51
N ILE A 3208 -59.05 -44.97 -33.98
CA ILE A 3208 -58.79 -45.23 -35.39
C ILE A 3208 -59.02 -46.72 -35.70
N LYS A 3209 -58.69 -47.60 -34.76
CA LYS A 3209 -58.95 -49.02 -34.95
C LYS A 3209 -60.45 -49.30 -34.98
N GLU A 3210 -61.22 -48.59 -34.15
CA GLU A 3210 -62.67 -48.68 -34.23
C GLU A 3210 -63.16 -48.27 -35.61
N THR A 3211 -62.59 -47.18 -36.15
CA THR A 3211 -62.94 -46.74 -37.50
C THR A 3211 -62.62 -47.82 -38.53
N VAL A 3212 -61.47 -48.47 -38.40
CA VAL A 3212 -61.06 -49.50 -39.35
C VAL A 3212 -62.04 -50.68 -39.31
N ASP A 3213 -62.39 -51.13 -38.10
CA ASP A 3213 -63.35 -52.23 -37.99
C ASP A 3213 -64.69 -51.84 -38.58
N GLN A 3214 -65.15 -50.61 -38.32
CA GLN A 3214 -66.42 -50.15 -38.86
C GLN A 3214 -66.40 -50.10 -40.38
N VAL A 3215 -65.29 -49.65 -40.98
CA VAL A 3215 -65.24 -49.58 -42.43
C VAL A 3215 -65.15 -50.97 -43.05
N GLU A 3216 -64.50 -51.92 -42.37
CA GLU A 3216 -64.49 -53.30 -42.86
C GLU A 3216 -65.91 -53.87 -42.89
N GLU A 3217 -66.64 -53.74 -41.77
CA GLU A 3217 -68.01 -54.23 -41.76
C GLU A 3217 -68.89 -53.44 -42.74
N LEU A 3218 -68.56 -52.17 -42.99
CA LEU A 3218 -69.32 -51.36 -43.93
C LEU A 3218 -69.11 -51.83 -45.36
N ARG A 3219 -67.87 -52.21 -45.70
CA ARG A 3219 -67.62 -52.80 -47.03
C ARG A 3219 -68.34 -54.12 -47.18
N ARG A 3220 -68.36 -54.94 -46.12
CA ARG A 3220 -69.13 -56.18 -46.17
C ARG A 3220 -70.61 -55.91 -46.40
N ASP A 3221 -71.15 -54.91 -45.70
CA ASP A 3221 -72.56 -54.55 -45.89
C ASP A 3221 -72.81 -53.97 -47.29
N LEU A 3222 -71.82 -53.27 -47.85
CA LEU A 3222 -71.94 -52.77 -49.22
C LEU A 3222 -72.04 -53.93 -50.20
N ARG A 3223 -71.22 -54.96 -50.03
CA ARG A 3223 -71.33 -56.13 -50.89
C ARG A 3223 -72.67 -56.82 -50.72
N ILE A 3224 -73.15 -56.93 -49.47
CA ILE A 3224 -74.46 -57.54 -49.22
C ILE A 3224 -75.56 -56.75 -49.92
N LYS A 3225 -75.50 -55.42 -49.83
CA LYS A 3225 -76.50 -54.57 -50.47
C LYS A 3225 -76.44 -54.70 -51.99
N SER A 3226 -75.24 -54.83 -52.55
CA SER A 3226 -75.12 -55.04 -53.99
C SER A 3226 -75.76 -56.36 -54.41
N GLN A 3227 -75.53 -57.42 -53.63
CA GLN A 3227 -76.17 -58.70 -53.94
C GLN A 3227 -77.68 -58.60 -53.85
N GLU A 3228 -78.18 -57.93 -52.81
CA GLU A 3228 -79.63 -57.76 -52.66
C GLU A 3228 -80.21 -56.97 -53.82
N LEU A 3229 -79.50 -55.92 -54.26
CA LEU A 3229 -79.95 -55.14 -55.40
C LEU A 3229 -79.99 -55.99 -56.66
N GLU A 3230 -78.98 -56.83 -56.87
CA GLU A 3230 -78.98 -57.71 -58.03
C GLU A 3230 -80.18 -58.65 -58.00
N VAL A 3231 -80.44 -59.27 -56.84
CA VAL A 3231 -81.57 -60.19 -56.74
C VAL A 3231 -82.88 -59.46 -56.99
N LYS A 3232 -83.05 -58.27 -56.38
CA LYS A 3232 -84.31 -57.54 -56.52
C LYS A 3232 -84.54 -57.10 -57.96
N ASN A 3233 -83.51 -56.59 -58.64
CA ASN A 3233 -83.71 -56.14 -60.01
C ASN A 3233 -83.95 -57.32 -60.94
N ALA A 3234 -83.29 -58.46 -60.69
CA ALA A 3234 -83.57 -59.65 -61.49
C ALA A 3234 -85.01 -60.10 -61.30
N ALA A 3235 -85.50 -60.10 -60.06
CA ALA A 3235 -86.88 -60.48 -59.80
C ALA A 3235 -87.86 -59.52 -60.46
N ALA A 3236 -87.59 -58.22 -60.39
CA ALA A 3236 -88.48 -57.24 -61.02
C ALA A 3236 -88.51 -57.41 -62.53
N ASN A 3237 -87.34 -57.62 -63.15
CA ASN A 3237 -87.28 -57.82 -64.59
C ASN A 3237 -88.02 -59.10 -64.99
N ASP A 3238 -87.87 -60.17 -64.22
CA ASP A 3238 -88.58 -61.41 -64.52
C ASP A 3238 -90.08 -61.22 -64.39
N LYS A 3239 -90.54 -60.50 -63.36
CA LYS A 3239 -91.96 -60.25 -63.20
C LYS A 3239 -92.50 -59.37 -64.31
N LEU A 3240 -91.69 -58.44 -64.83
CA LEU A 3240 -92.13 -57.59 -65.93
C LEU A 3240 -92.36 -58.39 -67.21
N LYS A 3241 -91.81 -59.60 -67.31
CA LYS A 3241 -92.00 -60.43 -68.49
C LYS A 3241 -93.36 -61.14 -68.48
N LYS A 3242 -94.11 -61.06 -67.40
CA LYS A 3242 -95.45 -61.65 -67.34
C LYS A 3242 -96.47 -60.75 -68.02
N GLU A 3449 -99.07 -52.22 -61.12
CA GLU A 3449 -99.03 -51.76 -59.74
C GLU A 3449 -97.89 -52.43 -58.97
N GLU A 3450 -97.95 -53.76 -58.87
CA GLU A 3450 -96.93 -54.49 -58.12
C GLU A 3450 -95.54 -54.33 -58.75
N TYR A 3451 -95.48 -54.40 -60.08
CA TYR A 3451 -94.21 -54.20 -60.76
C TYR A 3451 -93.69 -52.78 -60.55
N ALA A 3452 -94.59 -51.81 -60.49
CA ALA A 3452 -94.17 -50.44 -60.20
C ALA A 3452 -93.58 -50.34 -58.80
N VAL A 3453 -94.18 -51.01 -57.82
CA VAL A 3453 -93.63 -51.01 -56.47
C VAL A 3453 -92.26 -51.68 -56.46
N LEU A 3454 -92.12 -52.80 -57.19
CA LEU A 3454 -90.83 -53.49 -57.23
C LEU A 3454 -89.74 -52.62 -57.84
N ILE A 3455 -90.05 -51.95 -58.95
CA ILE A 3455 -89.02 -51.11 -59.57
C ILE A 3455 -88.73 -49.88 -58.71
N SER A 3456 -89.74 -49.34 -58.02
CA SER A 3456 -89.49 -48.22 -57.12
C SER A 3456 -88.58 -48.62 -55.97
N GLU A 3457 -88.82 -49.78 -55.36
CA GLU A 3457 -87.95 -50.23 -54.28
C GLU A 3457 -86.57 -50.60 -54.80
N ALA A 3458 -86.47 -51.08 -56.05
CA ALA A 3458 -85.17 -51.32 -56.65
C ALA A 3458 -84.40 -50.02 -56.83
N GLN A 3459 -85.07 -48.96 -57.26
CA GLN A 3459 -84.41 -47.66 -57.38
C GLN A 3459 -83.99 -47.12 -56.01
N ALA A 3460 -84.83 -47.33 -55.00
CA ALA A 3460 -84.47 -46.93 -53.64
C ALA A 3460 -83.23 -47.68 -53.16
N ILE A 3461 -83.16 -48.99 -53.44
CA ILE A 3461 -81.99 -49.77 -53.08
C ILE A 3461 -80.76 -49.30 -53.84
N LYS A 3462 -80.95 -48.90 -55.11
CA LYS A 3462 -79.85 -48.34 -55.89
C LYS A 3462 -79.31 -47.08 -55.25
N ALA A 3463 -80.20 -46.17 -54.85
CA ALA A 3463 -79.76 -44.94 -54.19
C ALA A 3463 -79.06 -45.23 -52.86
N ASP A 3464 -79.60 -46.17 -52.09
CA ASP A 3464 -78.96 -46.53 -50.82
C ASP A 3464 -77.58 -47.13 -51.06
N LEU A 3465 -77.43 -47.97 -52.07
CA LEU A 3465 -76.13 -48.54 -52.40
C LEU A 3465 -75.15 -47.46 -52.84
N ALA A 3466 -75.63 -46.49 -53.62
CA ALA A 3466 -74.77 -45.37 -54.02
C ALA A 3466 -74.28 -44.60 -52.80
N ALA A 3467 -75.19 -44.31 -51.86
CA ALA A 3467 -74.79 -43.61 -50.64
C ALA A 3467 -73.79 -44.43 -49.83
N VAL A 3468 -74.01 -45.74 -49.73
CA VAL A 3468 -73.13 -46.60 -48.96
C VAL A 3468 -71.74 -46.65 -49.58
N GLU A 3469 -71.66 -46.78 -50.90
CA GLU A 3469 -70.35 -46.82 -51.55
C GLU A 3469 -69.65 -45.48 -51.50
N ALA A 3470 -70.40 -44.38 -51.57
CA ALA A 3470 -69.79 -43.06 -51.38
C ALA A 3470 -69.20 -42.93 -49.98
N LYS A 3471 -69.94 -43.38 -48.97
CA LYS A 3471 -69.41 -43.36 -47.60
C LYS A 3471 -68.19 -44.26 -47.46
N VAL A 3472 -68.19 -45.42 -48.13
CA VAL A 3472 -67.05 -46.33 -48.08
C VAL A 3472 -65.81 -45.67 -48.67
N ASN A 3473 -65.98 -45.01 -49.82
CA ASN A 3473 -64.85 -44.30 -50.43
C ASN A 3473 -64.37 -43.17 -49.53
N ARG A 3474 -65.29 -42.43 -48.92
CA ARG A 3474 -64.91 -41.36 -48.00
C ARG A 3474 -64.11 -41.90 -46.83
N SER A 3475 -64.55 -43.03 -46.27
CA SER A 3475 -63.87 -43.61 -45.12
C SER A 3475 -62.52 -44.19 -45.51
N THR A 3476 -62.40 -44.76 -46.71
CA THR A 3476 -61.11 -45.23 -47.18
C THR A 3476 -60.14 -44.07 -47.38
N ALA A 3477 -60.65 -42.95 -47.89
CA ALA A 3477 -59.82 -41.75 -47.99
C ALA A 3477 -59.39 -41.26 -46.61
N LEU A 3478 -60.30 -41.32 -45.63
CA LEU A 3478 -59.94 -40.96 -44.26
C LEU A 3478 -58.84 -41.86 -43.72
N LEU A 3479 -58.95 -43.16 -43.95
CA LEU A 3479 -57.92 -44.09 -43.48
C LEU A 3479 -56.58 -43.82 -44.15
N LYS A 3480 -56.60 -43.55 -45.46
CA LYS A 3480 -55.35 -43.24 -46.15
C LYS A 3480 -54.73 -41.96 -45.63
N SER A 3481 -55.55 -40.95 -45.35
CA SER A 3481 -55.05 -39.70 -44.80
C SER A 3481 -54.46 -39.90 -43.41
N LEU A 3482 -55.08 -40.76 -42.59
CA LEU A 3482 -54.62 -41.00 -41.24
C LEU A 3482 -53.60 -42.14 -41.14
N SER A 3483 -53.19 -42.72 -42.27
CA SER A 3483 -52.23 -43.82 -42.23
C SER A 3483 -50.89 -43.37 -41.68
N ALA A 3484 -50.42 -42.18 -42.07
CA ALA A 3484 -49.15 -41.67 -41.55
C ALA A 3484 -49.24 -41.44 -40.04
N GLU A 3485 -50.37 -40.93 -39.57
CA GLU A 3485 -50.56 -40.74 -38.14
C GLU A 3485 -50.53 -42.07 -37.41
N ARG A 3486 -51.13 -43.12 -38.00
CA ARG A 3486 -51.03 -44.45 -37.42
C ARG A 3486 -49.59 -44.86 -37.17
N GLU A 3487 -48.73 -44.75 -38.19
CA GLU A 3487 -47.36 -45.25 -38.03
C GLU A 3487 -46.56 -44.35 -37.09
N ARG A 3488 -46.74 -43.03 -37.18
CA ARG A 3488 -46.01 -42.13 -36.29
C ARG A 3488 -46.40 -42.37 -34.83
N TRP A 3489 -47.69 -42.48 -34.55
CA TRP A 3489 -48.13 -42.68 -33.17
C TRP A 3489 -47.78 -44.06 -32.68
N GLU A 3490 -47.82 -45.08 -33.55
CA GLU A 3490 -47.38 -46.41 -33.15
C GLU A 3490 -45.90 -46.40 -32.78
N LYS A 3491 -45.07 -45.74 -33.57
CA LYS A 3491 -43.65 -45.65 -33.25
C LYS A 3491 -43.44 -44.90 -31.94
N THR A 3492 -44.17 -43.80 -31.73
CA THR A 3492 -44.01 -43.03 -30.49
C THR A 3492 -44.44 -43.85 -29.27
N SER A 3493 -45.57 -44.54 -29.36
CA SER A 3493 -46.07 -45.29 -28.22
C SER A 3493 -45.28 -46.57 -27.98
N GLU A 3494 -44.62 -47.10 -29.01
CA GLU A 3494 -43.81 -48.29 -28.82
C GLU A 3494 -42.63 -48.04 -27.91
N THR A 3495 -42.09 -46.81 -27.93
CA THR A 3495 -40.94 -46.45 -27.12
C THR A 3495 -41.31 -45.95 -25.73
N PHE A 3496 -42.61 -45.93 -25.40
CA PHE A 3496 -43.06 -45.34 -24.14
C PHE A 3496 -42.34 -45.97 -22.94
N LYS A 3497 -42.14 -47.28 -22.97
CA LYS A 3497 -41.40 -47.94 -21.90
C LYS A 3497 -39.96 -47.44 -21.86
N ASN A 3498 -39.37 -47.15 -23.02
CA ASN A 3498 -38.00 -46.65 -23.05
C ASN A 3498 -37.90 -45.25 -22.46
N GLN A 3499 -38.88 -44.38 -22.76
CA GLN A 3499 -38.88 -43.07 -22.10
C GLN A 3499 -39.09 -43.20 -20.60
N MET A 3500 -39.97 -44.11 -20.19
CA MET A 3500 -40.19 -44.31 -18.75
C MET A 3500 -38.94 -44.85 -18.07
N SER A 3501 -38.12 -45.61 -18.80
CA SER A 3501 -36.90 -46.15 -18.22
C SER A 3501 -35.83 -45.07 -18.03
N THR A 3502 -35.74 -44.11 -18.95
CA THR A 3502 -34.65 -43.15 -18.97
C THR A 3502 -35.02 -41.81 -18.33
N ILE A 3503 -36.22 -41.70 -17.76
CA ILE A 3503 -36.64 -40.39 -17.25
C ILE A 3503 -35.85 -40.01 -16.00
N ALA A 3504 -35.49 -40.98 -15.16
CA ALA A 3504 -34.74 -40.67 -13.95
C ALA A 3504 -33.38 -40.07 -14.27
N GLY A 3505 -32.62 -40.69 -15.17
CA GLY A 3505 -31.31 -40.16 -15.52
C GLY A 3505 -31.40 -38.83 -16.24
N ASP A 3506 -32.35 -38.69 -17.16
CA ASP A 3506 -32.52 -37.43 -17.87
C ASP A 3506 -32.86 -36.30 -16.92
N CYS A 3507 -33.79 -36.55 -15.98
CA CYS A 3507 -34.16 -35.52 -15.02
C CYS A 3507 -33.02 -35.20 -14.07
N LEU A 3508 -32.25 -36.22 -13.67
CA LEU A 3508 -31.09 -35.95 -12.82
C LEU A 3508 -30.09 -35.04 -13.54
N LEU A 3509 -29.79 -35.36 -14.81
CA LEU A 3509 -28.85 -34.54 -15.56
C LEU A 3509 -29.38 -33.13 -15.76
N SER A 3510 -30.67 -32.99 -16.09
CA SER A 3510 -31.25 -31.68 -16.32
C SER A 3510 -31.25 -30.84 -15.05
N ALA A 3511 -31.61 -31.45 -13.91
CA ALA A 3511 -31.60 -30.74 -12.64
C ALA A 3511 -30.19 -30.31 -12.27
N ALA A 3512 -29.21 -31.19 -12.49
CA ALA A 3512 -27.83 -30.82 -12.22
C ALA A 3512 -27.39 -29.65 -13.09
N PHE A 3513 -27.75 -29.66 -14.37
CA PHE A 3513 -27.39 -28.58 -15.26
C PHE A 3513 -28.03 -27.27 -14.82
N ILE A 3514 -29.32 -27.30 -14.46
CA ILE A 3514 -30.00 -26.08 -14.06
C ILE A 3514 -29.42 -25.53 -12.77
N ALA A 3515 -29.12 -26.40 -11.80
CA ALA A 3515 -28.70 -25.94 -10.48
C ALA A 3515 -27.22 -25.60 -10.39
N TYR A 3516 -26.38 -26.16 -11.26
CA TYR A 3516 -24.94 -26.04 -11.09
C TYR A 3516 -24.24 -25.29 -12.22
N ALA A 3517 -24.55 -25.59 -13.47
CA ALA A 3517 -23.77 -25.14 -14.61
C ALA A 3517 -24.14 -23.73 -15.06
N GLY A 3518 -24.81 -22.95 -14.23
CA GLY A 3518 -25.23 -21.62 -14.65
C GLY A 3518 -24.07 -20.67 -14.86
N TYR A 3519 -23.10 -20.67 -13.94
CA TYR A 3519 -22.04 -19.66 -13.97
C TYR A 3519 -20.99 -19.95 -15.03
N PHE A 3520 -20.79 -21.21 -15.40
CA PHE A 3520 -19.68 -21.59 -16.25
C PHE A 3520 -19.98 -21.27 -17.71
N ASP A 3521 -18.94 -21.36 -18.53
CA ASP A 3521 -19.07 -21.12 -19.97
C ASP A 3521 -19.42 -22.42 -20.69
N GLN A 3522 -19.46 -22.36 -22.01
CA GLN A 3522 -19.93 -23.50 -22.79
C GLN A 3522 -19.03 -24.72 -22.61
N GLN A 3523 -17.71 -24.52 -22.64
CA GLN A 3523 -16.80 -25.65 -22.56
C GLN A 3523 -16.91 -26.37 -21.22
N MET A 3524 -16.96 -25.61 -20.12
CA MET A 3524 -17.04 -26.26 -18.81
C MET A 3524 -18.44 -26.79 -18.51
N ARG A 3525 -19.48 -26.15 -19.05
CA ARG A 3525 -20.81 -26.74 -18.98
C ARG A 3525 -20.82 -28.11 -19.65
N GLN A 3526 -20.22 -28.20 -20.83
CA GLN A 3526 -20.14 -29.47 -21.54
C GLN A 3526 -19.28 -30.48 -20.76
N ASN A 3527 -18.18 -30.01 -20.16
CA ASN A 3527 -17.34 -30.90 -19.39
C ASN A 3527 -18.10 -31.50 -18.20
N LEU A 3528 -18.84 -30.66 -17.48
CA LEU A 3528 -19.62 -31.14 -16.35
C LEU A 3528 -20.70 -32.10 -16.79
N PHE A 3529 -21.41 -31.78 -17.88
CA PHE A 3529 -22.45 -32.69 -18.35
C PHE A 3529 -21.86 -34.02 -18.79
N THR A 3530 -20.70 -34.00 -19.45
CA THR A 3530 -20.06 -35.24 -19.87
C THR A 3530 -19.62 -36.06 -18.67
N THR A 3531 -19.08 -35.42 -17.63
CA THR A 3531 -18.68 -36.15 -16.43
C THR A 3531 -19.88 -36.80 -15.75
N TRP A 3532 -20.98 -36.06 -15.62
CA TRP A 3532 -22.17 -36.62 -15.00
C TRP A 3532 -22.74 -37.77 -15.83
N SER A 3533 -22.75 -37.62 -17.16
CA SER A 3533 -23.26 -38.68 -18.02
C SER A 3533 -22.39 -39.92 -17.93
N HIS A 3534 -21.07 -39.74 -17.87
CA HIS A 3534 -20.17 -40.88 -17.73
C HIS A 3534 -20.40 -41.59 -16.41
N HIS A 3535 -20.59 -40.85 -15.33
CA HIS A 3535 -20.88 -41.49 -14.05
C HIS A 3535 -22.20 -42.25 -14.09
N LEU A 3536 -23.23 -41.65 -14.69
CA LEU A 3536 -24.52 -42.34 -14.80
C LEU A 3536 -24.38 -43.60 -15.64
N GLN A 3537 -23.53 -43.58 -16.66
CA GLN A 3537 -23.25 -44.78 -17.43
C GLN A 3537 -22.56 -45.83 -16.58
N GLN A 3538 -21.62 -45.41 -15.73
CA GLN A 3538 -20.91 -46.36 -14.87
C GLN A 3538 -21.85 -47.05 -13.90
N ALA A 3539 -22.83 -46.32 -13.35
CA ALA A 3539 -23.74 -46.86 -12.35
C ALA A 3539 -24.97 -47.51 -12.97
N ASN A 3540 -24.97 -47.73 -14.28
CA ASN A 3540 -26.07 -48.39 -14.98
C ASN A 3540 -27.40 -47.68 -14.74
N ILE A 3541 -27.39 -46.36 -14.82
CA ILE A 3541 -28.60 -45.55 -14.76
C ILE A 3541 -28.91 -45.07 -16.17
N GLN A 3542 -30.06 -45.47 -16.69
CA GLN A 3542 -30.40 -45.21 -18.08
C GLN A 3542 -30.75 -43.75 -18.30
N PHE A 3543 -30.30 -43.22 -19.44
CA PHE A 3543 -30.68 -41.89 -19.90
C PHE A 3543 -30.43 -41.83 -21.40
N ARG A 3544 -31.12 -40.89 -22.05
CA ARG A 3544 -31.04 -40.77 -23.51
C ARG A 3544 -29.90 -39.82 -23.87
N THR A 3545 -29.04 -40.26 -24.78
CA THR A 3545 -27.89 -39.46 -25.19
C THR A 3545 -28.21 -38.56 -26.37
N ASP A 3546 -29.19 -38.94 -27.20
CA ASP A 3546 -29.48 -38.19 -28.41
C ASP A 3546 -30.02 -36.80 -28.12
N ILE A 3547 -30.93 -36.69 -27.14
CA ILE A 3547 -31.64 -35.43 -26.94
C ILE A 3547 -30.69 -34.36 -26.41
N ALA A 3548 -31.03 -33.10 -26.67
CA ALA A 3548 -30.28 -31.95 -26.21
C ALA A 3548 -30.95 -31.35 -24.98
N ARG A 3549 -30.15 -30.62 -24.19
CA ARG A 3549 -30.66 -30.05 -22.95
C ARG A 3549 -31.73 -28.99 -23.23
N THR A 3550 -31.50 -28.13 -24.22
CA THR A 3550 -32.46 -27.07 -24.52
C THR A 3550 -33.78 -27.64 -25.00
N GLU A 3551 -33.74 -28.67 -25.84
CA GLU A 3551 -34.97 -29.28 -26.34
C GLU A 3551 -35.67 -30.08 -25.25
N TYR A 3552 -34.92 -30.67 -24.32
CA TYR A 3552 -35.53 -31.46 -23.27
C TYR A 3552 -36.17 -30.59 -22.20
N LEU A 3553 -35.55 -29.47 -21.84
CA LEU A 3553 -36.03 -28.63 -20.76
C LEU A 3553 -36.97 -27.53 -21.22
N SER A 3554 -37.33 -27.49 -22.49
CA SER A 3554 -38.23 -26.46 -22.99
C SER A 3554 -38.96 -26.98 -24.21
N ASN A 3555 -40.10 -26.36 -24.52
CA ASN A 3555 -40.85 -26.64 -25.73
C ASN A 3555 -40.68 -25.48 -26.71
N ALA A 3556 -40.96 -25.75 -27.97
CA ALA A 3556 -40.64 -24.79 -29.02
C ALA A 3556 -41.58 -23.59 -29.01
N ASP A 3557 -42.75 -23.70 -28.37
CA ASP A 3557 -43.63 -22.55 -28.25
C ASP A 3557 -43.00 -21.45 -27.41
N GLU A 3558 -42.50 -21.80 -26.22
CA GLU A 3558 -41.82 -20.82 -25.40
C GLU A 3558 -40.42 -20.47 -25.93
N ARG A 3559 -39.80 -21.35 -26.69
CA ARG A 3559 -38.56 -20.99 -27.39
C ARG A 3559 -38.83 -19.89 -28.41
N LEU A 3560 -39.92 -20.01 -29.16
CA LEU A 3560 -40.31 -18.97 -30.10
C LEU A 3560 -40.70 -17.69 -29.37
N ARG A 3561 -41.38 -17.83 -28.22
CA ARG A 3561 -41.74 -16.66 -27.43
C ARG A 3561 -40.50 -15.91 -26.94
N TRP A 3562 -39.48 -16.65 -26.49
CA TRP A 3562 -38.24 -16.01 -26.05
C TRP A 3562 -37.56 -15.26 -27.19
N GLN A 3563 -37.58 -15.85 -28.39
CA GLN A 3563 -36.98 -15.19 -29.55
C GLN A 3563 -37.67 -13.86 -29.84
N ALA A 3564 -38.99 -13.81 -29.64
CA ALA A 3564 -39.72 -12.55 -29.82
C ALA A 3564 -39.34 -11.52 -28.76
N SER A 3565 -38.81 -11.95 -27.62
CA SER A 3565 -38.41 -11.05 -26.55
C SER A 3565 -36.95 -10.65 -26.64
N SER A 3566 -36.38 -10.67 -27.84
CA SER A 3566 -34.99 -10.27 -28.08
C SER A 3566 -34.01 -11.16 -27.31
N LEU A 3567 -34.11 -12.47 -27.57
CA LEU A 3567 -33.15 -13.42 -27.03
C LEU A 3567 -32.34 -14.02 -28.15
N PRO A 3568 -31.01 -13.95 -28.09
CA PRO A 3568 -30.17 -14.56 -29.12
C PRO A 3568 -30.43 -16.06 -29.23
N ALA A 3569 -30.32 -16.57 -30.44
CA ALA A 3569 -30.67 -17.96 -30.75
C ALA A 3569 -29.56 -18.94 -30.40
N ASP A 3570 -28.59 -18.55 -29.58
CA ASP A 3570 -27.54 -19.47 -29.16
C ASP A 3570 -28.10 -20.55 -28.24
N ASP A 3571 -27.47 -21.73 -28.27
CA ASP A 3571 -27.85 -22.79 -27.35
C ASP A 3571 -27.55 -22.40 -25.91
N LEU A 3572 -26.43 -21.72 -25.68
CA LEU A 3572 -26.11 -21.26 -24.33
C LEU A 3572 -27.15 -20.25 -23.84
N CYS A 3573 -27.61 -19.36 -24.72
CA CYS A 3573 -28.61 -18.40 -24.31
C CYS A 3573 -29.96 -19.07 -24.07
N THR A 3574 -30.29 -20.12 -24.82
CA THR A 3574 -31.49 -20.88 -24.53
C THR A 3574 -31.39 -21.58 -23.17
N GLU A 3575 -30.21 -22.13 -22.85
CA GLU A 3575 -30.00 -22.72 -21.54
C GLU A 3575 -30.16 -21.67 -20.44
N ASN A 3576 -29.63 -20.46 -20.67
CA ASN A 3576 -29.76 -19.40 -19.69
C ASN A 3576 -31.21 -18.97 -19.52
N ALA A 3577 -31.99 -18.95 -20.61
CA ALA A 3577 -33.41 -18.65 -20.50
C ALA A 3577 -34.15 -19.73 -19.73
N ILE A 3578 -33.79 -21.00 -19.95
CA ILE A 3578 -34.37 -22.09 -19.18
C ILE A 3578 -34.07 -21.92 -17.70
N MET A 3579 -32.82 -21.54 -17.37
CA MET A 3579 -32.46 -21.29 -15.99
C MET A 3579 -33.26 -20.13 -15.41
N LEU A 3580 -33.42 -19.06 -16.19
CA LEU A 3580 -34.20 -17.90 -15.77
C LEU A 3580 -35.69 -18.20 -15.67
N LYS A 3581 -36.15 -19.33 -16.21
CA LYS A 3581 -37.54 -19.75 -16.03
C LYS A 3581 -37.71 -20.69 -14.84
N ARG A 3582 -36.92 -21.76 -14.78
CA ARG A 3582 -36.98 -22.72 -13.68
C ARG A 3582 -35.85 -22.44 -12.71
N PHE A 3583 -36.05 -21.41 -11.87
CA PHE A 3583 -35.07 -21.06 -10.86
C PHE A 3583 -35.70 -21.20 -9.48
N ASN A 3584 -34.96 -21.84 -8.56
CA ASN A 3584 -35.40 -21.88 -7.18
C ASN A 3584 -34.94 -20.62 -6.44
N ARG A 3585 -33.63 -20.40 -6.38
CA ARG A 3585 -33.11 -19.15 -5.85
C ARG A 3585 -33.18 -18.07 -6.92
N TYR A 3586 -33.35 -16.83 -6.48
CA TYR A 3586 -33.50 -15.72 -7.40
C TYR A 3586 -32.25 -15.57 -8.24
N PRO A 3587 -32.37 -15.47 -9.56
CA PRO A 3587 -31.18 -15.52 -10.42
C PRO A 3587 -30.33 -14.26 -10.29
N LEU A 3588 -29.04 -14.43 -10.54
CA LEU A 3588 -28.10 -13.33 -10.68
C LEU A 3588 -27.58 -13.37 -12.10
N ILE A 3589 -28.00 -12.41 -12.92
CA ILE A 3589 -27.71 -12.41 -14.34
C ILE A 3589 -26.41 -11.64 -14.59
N ILE A 3590 -25.49 -12.26 -15.32
CA ILE A 3590 -24.23 -11.63 -15.70
C ILE A 3590 -24.27 -11.46 -17.21
N ASP A 3591 -24.49 -10.23 -17.66
CA ASP A 3591 -24.49 -9.91 -19.08
C ASP A 3591 -23.74 -8.59 -19.29
N PRO A 3592 -22.60 -8.61 -19.97
CA PRO A 3592 -21.90 -7.35 -20.24
C PRO A 3592 -22.53 -6.59 -21.38
N SER A 3593 -23.15 -7.32 -22.32
CA SER A 3593 -23.75 -6.69 -23.49
C SER A 3593 -25.06 -5.98 -23.15
N GLY A 3594 -25.88 -6.59 -22.31
CA GLY A 3594 -27.16 -6.03 -21.93
C GLY A 3594 -28.37 -6.65 -22.62
N GLN A 3595 -28.18 -7.68 -23.44
CA GLN A 3595 -29.31 -8.32 -24.08
C GLN A 3595 -30.17 -9.08 -23.07
N ALA A 3596 -29.55 -9.62 -22.03
CA ALA A 3596 -30.30 -10.38 -21.03
C ALA A 3596 -31.28 -9.50 -20.28
N THR A 3597 -30.86 -8.27 -19.94
CA THR A 3597 -31.76 -7.34 -19.26
C THR A 3597 -32.97 -6.99 -20.15
N GLU A 3598 -32.72 -6.73 -21.44
CA GLU A 3598 -33.82 -6.45 -22.36
C GLU A 3598 -34.75 -7.64 -22.49
N PHE A 3599 -34.18 -8.85 -22.54
CA PHE A 3599 -35.00 -10.06 -22.64
C PHE A 3599 -35.87 -10.23 -21.41
N ILE A 3600 -35.29 -10.01 -20.22
CA ILE A 3600 -36.07 -10.12 -18.98
C ILE A 3600 -37.20 -9.10 -18.96
N MET A 3601 -36.90 -7.86 -19.37
CA MET A 3601 -37.93 -6.83 -19.38
C MET A 3601 -39.03 -7.14 -20.37
N ASN A 3602 -38.68 -7.65 -21.55
CA ASN A 3602 -39.69 -8.00 -22.53
C ASN A 3602 -40.52 -9.20 -22.08
N GLU A 3603 -39.91 -10.11 -21.31
CA GLU A 3603 -40.65 -11.28 -20.84
C GLU A 3603 -41.69 -10.91 -19.80
N TYR A 3604 -41.35 -10.00 -18.87
CA TYR A 3604 -42.23 -9.62 -17.78
C TYR A 3604 -42.88 -8.26 -18.01
N LYS A 3605 -43.02 -7.84 -19.27
CA LYS A 3605 -43.65 -6.55 -19.55
C LYS A 3605 -45.12 -6.56 -19.16
N ASP A 3606 -45.81 -7.69 -19.37
CA ASP A 3606 -47.22 -7.77 -19.01
C ASP A 3606 -47.41 -7.68 -17.51
N ARG A 3607 -46.42 -8.09 -16.74
CA ARG A 3607 -46.47 -8.04 -15.28
C ARG A 3607 -45.90 -6.74 -14.72
N LYS A 3608 -45.53 -5.79 -15.59
CA LYS A 3608 -45.06 -4.46 -15.19
C LYS A 3608 -43.78 -4.55 -14.35
N ILE A 3609 -42.75 -5.17 -14.93
CA ILE A 3609 -41.46 -5.24 -14.25
C ILE A 3609 -40.78 -3.87 -14.32
N THR A 3610 -40.18 -3.46 -13.21
CA THR A 3610 -39.55 -2.16 -13.09
C THR A 3610 -38.05 -2.32 -12.87
N ARG A 3611 -37.28 -1.37 -13.39
CA ARG A 3611 -35.84 -1.39 -13.20
C ARG A 3611 -35.44 -0.53 -12.00
N THR A 3612 -34.46 -1.03 -11.25
CA THR A 3612 -33.94 -0.35 -10.08
C THR A 3612 -32.46 -0.69 -10.00
N SER A 3613 -31.72 0.06 -9.21
CA SER A 3613 -30.32 -0.24 -8.94
C SER A 3613 -30.08 -0.19 -7.44
N PHE A 3614 -29.09 -0.97 -6.99
CA PHE A 3614 -28.71 -0.93 -5.59
C PHE A 3614 -28.18 0.45 -5.20
N LEU A 3615 -27.62 1.17 -6.18
CA LEU A 3615 -27.10 2.51 -5.91
C LEU A 3615 -28.23 3.52 -5.75
N ASP A 3616 -29.34 3.31 -6.46
CA ASP A 3616 -30.46 4.25 -6.43
C ASP A 3616 -31.03 4.36 -5.02
N ASP A 3617 -31.29 5.60 -4.59
CA ASP A 3617 -31.86 5.82 -3.27
C ASP A 3617 -33.26 5.24 -3.16
N ALA A 3618 -34.03 5.28 -4.25
CA ALA A 3618 -35.40 4.75 -4.25
C ALA A 3618 -35.44 3.23 -4.30
N PHE A 3619 -34.31 2.55 -4.09
CA PHE A 3619 -34.31 1.09 -4.14
C PHE A 3619 -35.19 0.50 -3.04
N ARG A 3620 -35.15 1.08 -1.83
CA ARG A 3620 -35.94 0.55 -0.73
C ARG A 3620 -37.42 0.64 -1.03
N LYS A 3621 -37.88 1.79 -1.53
CA LYS A 3621 -39.29 1.96 -1.81
C LYS A 3621 -39.76 1.03 -2.92
N ASN A 3622 -38.96 0.91 -3.98
CA ASN A 3622 -39.33 0.02 -5.09
C ASN A 3622 -39.37 -1.43 -4.63
N LEU A 3623 -38.40 -1.84 -3.81
CA LEU A 3623 -38.38 -3.20 -3.29
C LEU A 3623 -39.60 -3.48 -2.42
N GLU A 3624 -39.93 -2.53 -1.53
CA GLU A 3624 -41.09 -2.70 -0.66
C GLU A 3624 -42.38 -2.76 -1.45
N SER A 3625 -42.50 -1.92 -2.48
CA SER A 3625 -43.69 -1.92 -3.32
C SER A 3625 -43.80 -3.23 -4.09
N ALA A 3626 -42.68 -3.74 -4.59
CA ALA A 3626 -42.70 -5.03 -5.30
C ALA A 3626 -43.09 -6.16 -4.37
N LEU A 3627 -42.57 -6.15 -3.14
CA LEU A 3627 -42.91 -7.20 -2.18
C LEU A 3627 -44.39 -7.15 -1.82
N ARG A 3628 -44.92 -5.96 -1.56
CA ARG A 3628 -46.33 -5.86 -1.18
C ARG A 3628 -47.24 -6.22 -2.34
N PHE A 3629 -47.01 -5.63 -3.51
CA PHE A 3629 -47.92 -5.77 -4.65
C PHE A 3629 -47.61 -6.95 -5.54
N GLY A 3630 -46.52 -7.68 -5.27
CA GLY A 3630 -46.16 -8.82 -6.09
C GLY A 3630 -45.76 -8.46 -7.51
N ASN A 3631 -45.00 -7.41 -7.68
CA ASN A 3631 -44.54 -7.05 -9.01
C ASN A 3631 -43.11 -7.53 -9.23
N PRO A 3632 -42.77 -7.97 -10.44
CA PRO A 3632 -41.38 -8.34 -10.72
C PRO A 3632 -40.45 -7.15 -10.58
N LEU A 3633 -39.23 -7.42 -10.14
CA LEU A 3633 -38.22 -6.40 -9.94
C LEU A 3633 -36.92 -6.83 -10.59
N LEU A 3634 -36.16 -5.84 -11.08
CA LEU A 3634 -34.83 -6.08 -11.63
C LEU A 3634 -33.88 -5.04 -11.07
N VAL A 3635 -32.78 -5.50 -10.48
CA VAL A 3635 -31.77 -4.62 -9.90
C VAL A 3635 -30.49 -4.78 -10.72
N GLN A 3636 -29.95 -3.66 -11.20
CA GLN A 3636 -28.98 -3.68 -12.28
C GLN A 3636 -27.54 -3.49 -11.83
N ASP A 3637 -27.27 -3.20 -10.56
CA ASP A 3637 -25.91 -3.03 -10.06
C ASP A 3637 -25.75 -3.87 -8.80
N VAL A 3638 -25.45 -5.16 -8.96
CA VAL A 3638 -25.40 -6.07 -7.83
C VAL A 3638 -24.02 -6.09 -7.16
N GLU A 3639 -23.00 -5.52 -7.80
CA GLU A 3639 -21.70 -5.38 -7.17
C GLU A 3639 -21.72 -4.48 -5.94
N SER A 3640 -22.78 -3.69 -5.76
CA SER A 3640 -23.00 -2.90 -4.55
C SER A 3640 -24.22 -3.43 -3.83
N TYR A 3641 -24.31 -4.76 -3.71
CA TYR A 3641 -25.48 -5.42 -3.17
C TYR A 3641 -25.82 -4.89 -1.78
N ASP A 3642 -27.09 -4.56 -1.58
CA ASP A 3642 -27.57 -4.04 -0.31
C ASP A 3642 -28.02 -5.20 0.56
N PRO A 3643 -27.45 -5.39 1.76
CA PRO A 3643 -27.75 -6.59 2.54
C PRO A 3643 -29.16 -6.69 3.09
N VAL A 3644 -30.04 -5.72 2.80
CA VAL A 3644 -31.41 -5.82 3.26
C VAL A 3644 -32.18 -6.89 2.52
N LEU A 3645 -31.66 -7.37 1.39
CA LEU A 3645 -32.31 -8.41 0.60
C LEU A 3645 -32.07 -9.80 1.16
N ASN A 3646 -31.24 -9.93 2.19
CA ASN A 3646 -30.91 -11.26 2.72
C ASN A 3646 -32.14 -12.04 3.16
N PRO A 3647 -33.10 -11.50 3.92
CA PRO A 3647 -34.32 -12.26 4.19
C PRO A 3647 -35.10 -12.60 2.93
N VAL A 3648 -35.11 -11.71 1.93
CA VAL A 3648 -35.86 -11.98 0.70
C VAL A 3648 -35.22 -13.10 -0.09
N LEU A 3649 -33.88 -13.07 -0.22
CA LEU A 3649 -33.21 -14.11 -0.99
C LEU A 3649 -33.28 -15.46 -0.29
N ASN A 3650 -33.23 -15.46 1.04
CA ASN A 3650 -33.37 -16.70 1.80
C ASN A 3650 -34.82 -17.16 1.93
N ARG A 3651 -35.77 -16.33 1.53
CA ARG A 3651 -37.21 -16.62 1.69
C ARG A 3651 -37.55 -16.88 3.15
N GLU A 3652 -37.05 -16.03 4.04
CA GLU A 3652 -37.30 -16.14 5.48
C GLU A 3652 -38.63 -15.45 5.79
N VAL A 3653 -39.72 -16.17 5.54
CA VAL A 3653 -41.08 -15.66 5.71
C VAL A 3653 -41.74 -16.41 6.86
N ARG A 3654 -42.44 -15.67 7.71
CA ARG A 3654 -43.26 -16.24 8.78
C ARG A 3654 -44.73 -16.11 8.38
N ARG A 3655 -45.45 -17.23 8.43
CA ARG A 3655 -46.85 -17.27 8.00
C ARG A 3655 -47.72 -17.22 9.26
N THR A 3656 -47.94 -16.01 9.75
CA THR A 3656 -48.77 -15.78 10.93
C THR A 3656 -50.20 -15.53 10.48
N GLY A 3657 -51.11 -16.41 10.88
CA GLY A 3657 -52.48 -16.31 10.41
C GLY A 3657 -52.56 -16.49 8.91
N GLY A 3658 -53.27 -15.57 8.26
CA GLY A 3658 -53.37 -15.55 6.82
C GLY A 3658 -52.35 -14.69 6.12
N ARG A 3659 -51.37 -14.16 6.84
CA ARG A 3659 -50.40 -13.22 6.30
C ARG A 3659 -49.02 -13.89 6.23
N VAL A 3660 -48.43 -13.89 5.04
CA VAL A 3660 -47.05 -14.32 4.87
C VAL A 3660 -46.17 -13.09 5.05
N LEU A 3661 -45.48 -13.02 6.18
CA LEU A 3661 -44.78 -11.82 6.60
C LEU A 3661 -43.29 -11.95 6.34
N ILE A 3662 -42.69 -10.86 5.85
CA ILE A 3662 -41.25 -10.77 5.62
C ILE A 3662 -40.77 -9.47 6.23
N THR A 3663 -39.57 -9.49 6.80
CA THR A 3663 -39.02 -8.35 7.53
C THR A 3663 -37.88 -7.72 6.74
N LEU A 3664 -37.98 -6.43 6.49
CA LEU A 3664 -36.90 -5.63 5.92
C LEU A 3664 -36.42 -4.66 6.98
N GLY A 3665 -35.19 -4.85 7.46
CA GLY A 3665 -34.65 -4.02 8.50
C GLY A 3665 -35.47 -4.13 9.78
N ASP A 3666 -36.17 -3.07 10.14
CA ASP A 3666 -37.03 -3.06 11.32
C ASP A 3666 -38.51 -3.02 10.95
N GLN A 3667 -38.86 -3.31 9.71
CA GLN A 3667 -40.22 -3.21 9.21
C GLN A 3667 -40.73 -4.57 8.80
N ASP A 3668 -42.03 -4.80 9.02
CA ASP A 3668 -42.70 -6.04 8.66
C ASP A 3668 -43.56 -5.79 7.43
N ILE A 3669 -43.44 -6.66 6.43
CA ILE A 3669 -44.06 -6.48 5.13
C ILE A 3669 -44.77 -7.76 4.73
N ASP A 3670 -45.98 -7.62 4.19
CA ASP A 3670 -46.77 -8.76 3.73
C ASP A 3670 -46.28 -9.17 2.34
N LEU A 3671 -45.59 -10.30 2.26
CA LEU A 3671 -45.09 -10.79 0.98
C LEU A 3671 -46.23 -11.29 0.10
N SER A 3672 -46.15 -10.98 -1.19
CA SER A 3672 -47.11 -11.46 -2.17
C SER A 3672 -46.53 -12.64 -2.95
N PRO A 3673 -47.35 -13.64 -3.28
CA PRO A 3673 -46.82 -14.84 -3.95
C PRO A 3673 -46.32 -14.60 -5.37
N SER A 3674 -46.69 -13.49 -6.00
CA SER A 3674 -46.28 -13.21 -7.38
C SER A 3674 -45.03 -12.35 -7.47
N PHE A 3675 -44.43 -11.99 -6.34
CA PHE A 3675 -43.20 -11.21 -6.36
C PHE A 3675 -42.04 -12.05 -6.87
N VAL A 3676 -41.17 -11.43 -7.67
CA VAL A 3676 -39.96 -12.07 -8.17
C VAL A 3676 -38.95 -10.97 -8.45
N ILE A 3677 -37.70 -11.20 -8.03
CA ILE A 3677 -36.63 -10.22 -8.18
C ILE A 3677 -35.51 -10.83 -9.00
N PHE A 3678 -34.98 -10.05 -9.93
CA PHE A 3678 -33.85 -10.44 -10.75
C PHE A 3678 -32.68 -9.51 -10.48
N LEU A 3679 -31.53 -10.09 -10.18
CA LEU A 3679 -30.31 -9.32 -9.96
C LEU A 3679 -29.43 -9.44 -11.19
N SER A 3680 -28.90 -8.31 -11.65
CA SER A 3680 -28.09 -8.30 -12.87
C SER A 3680 -26.84 -7.47 -12.66
N THR A 3681 -25.81 -7.80 -13.44
CA THR A 3681 -24.57 -7.04 -13.45
C THR A 3681 -23.98 -7.07 -14.85
N ARG A 3682 -23.23 -6.03 -15.18
CA ARG A 3682 -22.55 -5.93 -16.47
C ARG A 3682 -21.06 -6.26 -16.37
N ASP A 3683 -20.57 -6.61 -15.19
CA ASP A 3683 -19.16 -6.90 -15.02
C ASP A 3683 -18.97 -8.41 -14.94
N PRO A 3684 -18.41 -9.05 -15.97
CA PRO A 3684 -18.10 -10.49 -15.87
C PRO A 3684 -16.90 -10.80 -15.01
N THR A 3685 -16.13 -9.78 -14.60
CA THR A 3685 -14.94 -9.96 -13.80
C THR A 3685 -15.15 -9.68 -12.32
N VAL A 3686 -16.40 -9.50 -11.90
CA VAL A 3686 -16.69 -9.21 -10.50
C VAL A 3686 -16.69 -10.50 -9.71
N GLU A 3687 -16.22 -10.42 -8.46
CA GLU A 3687 -16.14 -11.56 -7.56
C GLU A 3687 -17.12 -11.35 -6.42
N PHE A 3688 -17.94 -12.37 -6.16
CA PHE A 3688 -18.97 -12.25 -5.14
C PHE A 3688 -18.59 -13.03 -3.89
N PRO A 3689 -18.94 -12.54 -2.71
CA PRO A 3689 -18.68 -13.29 -1.48
C PRO A 3689 -19.52 -14.55 -1.42
N PRO A 3690 -19.06 -15.57 -0.70
CA PRO A 3690 -19.83 -16.82 -0.64
C PRO A 3690 -21.23 -16.65 -0.07
N ASP A 3691 -21.44 -15.68 0.81
CA ASP A 3691 -22.77 -15.46 1.36
C ASP A 3691 -23.77 -15.07 0.27
N LEU A 3692 -23.36 -14.19 -0.64
CA LEU A 3692 -24.22 -13.87 -1.78
C LEU A 3692 -24.27 -14.99 -2.80
N CYS A 3693 -23.16 -15.70 -2.99
CA CYS A 3693 -23.15 -16.82 -3.93
C CYS A 3693 -24.07 -17.95 -3.50
N SER A 3694 -24.38 -18.05 -2.21
CA SER A 3694 -25.28 -19.09 -1.73
C SER A 3694 -26.74 -18.77 -1.98
N ARG A 3695 -27.12 -17.49 -2.02
CA ARG A 3695 -28.52 -17.10 -2.06
C ARG A 3695 -29.07 -16.93 -3.47
N VAL A 3696 -28.22 -17.00 -4.51
CA VAL A 3696 -28.65 -16.73 -5.88
C VAL A 3696 -28.14 -17.83 -6.79
N THR A 3697 -28.80 -17.96 -7.95
CA THR A 3697 -28.35 -18.83 -9.03
C THR A 3697 -27.74 -17.94 -10.10
N PHE A 3698 -26.48 -18.21 -10.45
CA PHE A 3698 -25.79 -17.41 -11.45
C PHE A 3698 -26.24 -17.80 -12.85
N VAL A 3699 -26.59 -16.82 -13.66
CA VAL A 3699 -26.97 -17.02 -15.05
C VAL A 3699 -26.00 -16.20 -15.88
N ASN A 3700 -24.92 -16.83 -16.33
CA ASN A 3700 -23.82 -16.13 -16.99
C ASN A 3700 -24.08 -16.12 -18.50
N PHE A 3701 -24.40 -14.94 -19.04
CA PHE A 3701 -24.55 -14.76 -20.48
C PHE A 3701 -23.19 -14.43 -21.05
N THR A 3702 -22.45 -15.47 -21.45
CA THR A 3702 -21.15 -15.31 -22.07
C THR A 3702 -21.30 -15.23 -23.59
N VAL A 3703 -20.18 -15.11 -24.28
CA VAL A 3703 -20.14 -15.11 -25.74
C VAL A 3703 -19.44 -16.38 -26.19
N THR A 3704 -20.11 -17.14 -27.06
CA THR A 3704 -19.55 -18.37 -27.60
C THR A 3704 -19.06 -18.15 -29.02
N ARG A 3705 -18.19 -19.06 -29.47
CA ARG A 3705 -17.64 -18.94 -30.82
C ARG A 3705 -18.74 -19.12 -31.87
N SER A 3706 -19.62 -20.09 -31.68
CA SER A 3706 -20.65 -20.36 -32.68
C SER A 3706 -21.61 -19.18 -32.83
N SER A 3707 -22.05 -18.62 -31.70
CA SER A 3707 -22.98 -17.50 -31.76
C SER A 3707 -22.34 -16.28 -32.41
N LEU A 3708 -21.07 -16.01 -32.09
CA LEU A 3708 -20.38 -14.88 -32.71
C LEU A 3708 -20.18 -15.11 -34.20
N GLN A 3709 -19.85 -16.35 -34.60
CA GLN A 3709 -19.72 -16.65 -36.02
C GLN A 3709 -21.04 -16.42 -36.74
N SER A 3710 -22.15 -16.87 -36.15
CA SER A 3710 -23.45 -16.65 -36.76
C SER A 3710 -23.77 -15.17 -36.86
N GLN A 3711 -23.49 -14.41 -35.81
CA GLN A 3711 -23.77 -12.98 -35.81
C GLN A 3711 -22.95 -12.25 -36.87
N CYS A 3712 -21.66 -12.57 -36.98
CA CYS A 3712 -20.81 -11.94 -37.98
C CYS A 3712 -21.17 -12.36 -39.39
N LEU A 3713 -21.56 -13.62 -39.58
CA LEU A 3713 -22.02 -14.05 -40.90
C LEU A 3713 -23.28 -13.32 -41.31
N ASN A 3714 -24.22 -13.16 -40.38
CA ASN A 3714 -25.42 -12.39 -40.68
C ASN A 3714 -25.10 -10.94 -41.00
N GLU A 3715 -24.15 -10.34 -40.25
CA GLU A 3715 -23.78 -8.96 -40.52
C GLU A 3715 -23.13 -8.80 -41.88
N VAL A 3716 -22.23 -9.71 -42.27
CA VAL A 3716 -21.59 -9.59 -43.57
C VAL A 3716 -22.59 -9.86 -44.69
N LEU A 3717 -23.54 -10.78 -44.47
CA LEU A 3717 -24.57 -11.01 -45.46
C LEU A 3717 -25.44 -9.78 -45.63
N LYS A 3718 -25.80 -9.12 -44.54
CA LYS A 3718 -26.60 -7.90 -44.62
C LYS A 3718 -25.84 -6.79 -45.33
N ALA A 3719 -24.54 -6.64 -45.04
CA ALA A 3719 -23.77 -5.55 -45.62
C ALA A 3719 -23.49 -5.78 -47.09
N GLU A 3720 -23.09 -7.00 -47.47
CA GLU A 3720 -22.64 -7.27 -48.83
C GLU A 3720 -23.76 -7.74 -49.75
N ARG A 3721 -24.71 -8.52 -49.23
CA ARG A 3721 -25.81 -9.07 -50.03
C ARG A 3721 -27.12 -8.77 -49.33
N PRO A 3722 -27.55 -7.50 -49.32
CA PRO A 3722 -28.77 -7.15 -48.57
C PRO A 3722 -30.01 -7.88 -49.05
N ASP A 3723 -30.14 -8.13 -50.36
CA ASP A 3723 -31.28 -8.88 -50.86
C ASP A 3723 -31.27 -10.32 -50.37
N VAL A 3724 -30.10 -10.97 -50.38
CA VAL A 3724 -30.01 -12.32 -49.85
C VAL A 3724 -30.32 -12.34 -48.37
N ASP A 3725 -29.87 -11.32 -47.63
CA ASP A 3725 -30.14 -11.28 -46.20
C ASP A 3725 -31.62 -11.10 -45.91
N GLU A 3726 -32.30 -10.21 -46.64
CA GLU A 3726 -33.73 -10.03 -46.42
C GLU A 3726 -34.50 -11.28 -46.83
N LYS A 3727 -34.07 -11.95 -47.91
CA LYS A 3727 -34.69 -13.21 -48.29
C LYS A 3727 -34.50 -14.25 -47.18
N ARG A 3728 -33.31 -14.31 -46.60
CA ARG A 3728 -33.05 -15.25 -45.51
C ARG A 3728 -33.91 -14.96 -44.29
N SER A 3729 -34.05 -13.69 -43.93
CA SER A 3729 -34.89 -13.34 -42.78
C SER A 3729 -36.35 -13.70 -43.03
N ASP A 3730 -36.86 -13.40 -44.23
CA ASP A 3730 -38.23 -13.78 -44.56
C ASP A 3730 -38.40 -15.29 -44.51
N LEU A 3731 -37.39 -16.04 -44.99
CA LEU A 3731 -37.48 -17.49 -44.97
C LEU A 3731 -37.47 -18.04 -43.55
N LEU A 3732 -36.68 -17.44 -42.66
CA LEU A 3732 -36.71 -17.85 -41.26
C LEU A 3732 -38.07 -17.60 -40.64
N LYS A 3733 -38.65 -16.43 -40.91
CA LYS A 3733 -39.99 -16.14 -40.38
C LYS A 3733 -41.01 -17.14 -40.90
N LEU A 3734 -40.94 -17.45 -42.19
CA LEU A 3734 -41.87 -18.43 -42.77
C LEU A 3734 -41.64 -19.82 -42.19
N GLN A 3735 -40.39 -20.21 -41.95
CA GLN A 3735 -40.10 -21.50 -41.32
C GLN A 3735 -40.74 -21.58 -39.95
N GLY A 3736 -40.57 -20.52 -39.14
CA GLY A 3736 -41.15 -20.52 -37.82
C GLY A 3736 -42.67 -20.59 -37.85
N GLU A 3737 -43.29 -19.80 -38.72
CA GLU A 3737 -44.75 -19.81 -38.83
C GLU A 3737 -45.26 -21.15 -39.32
N PHE A 3738 -44.58 -21.76 -40.30
CA PHE A 3738 -45.00 -23.05 -40.82
C PHE A 3738 -44.89 -24.14 -39.75
N GLN A 3739 -43.80 -24.14 -38.98
CA GLN A 3739 -43.66 -25.16 -37.95
C GLN A 3739 -44.67 -24.96 -36.83
N LEU A 3740 -44.95 -23.70 -36.47
CA LEU A 3740 -46.03 -23.44 -35.51
C LEU A 3740 -47.36 -23.96 -36.03
N ARG A 3741 -47.64 -23.73 -37.31
CA ARG A 3741 -48.89 -24.21 -37.89
C ARG A 3741 -48.96 -25.72 -37.89
N LEU A 3742 -47.85 -26.39 -38.24
CA LEU A 3742 -47.84 -27.85 -38.25
C LEU A 3742 -48.05 -28.42 -36.85
N ARG A 3743 -47.41 -27.83 -35.84
CA ARG A 3743 -47.64 -28.26 -34.47
C ARG A 3743 -49.10 -28.07 -34.07
N GLN A 3744 -49.68 -26.91 -34.41
CA GLN A 3744 -51.07 -26.66 -34.05
C GLN A 3744 -51.99 -27.66 -34.74
N LEU A 3745 -51.73 -27.94 -36.03
CA LEU A 3745 -52.56 -28.88 -36.76
C LEU A 3745 -52.47 -30.28 -36.15
N GLU A 3746 -51.27 -30.73 -35.82
CA GLU A 3746 -51.12 -32.07 -35.25
C GLU A 3746 -51.81 -32.17 -33.91
N LYS A 3747 -51.63 -31.16 -33.05
CA LYS A 3747 -52.23 -31.18 -31.72
C LYS A 3747 -53.75 -31.12 -31.82
N SER A 3748 -54.27 -30.28 -32.72
CA SER A 3748 -55.72 -30.18 -32.88
C SER A 3748 -56.30 -31.47 -33.46
N LEU A 3749 -55.58 -32.10 -34.40
CA LEU A 3749 -56.04 -33.37 -34.95
C LEU A 3749 -56.13 -34.42 -33.86
N LEU A 3750 -55.08 -34.53 -33.03
CA LEU A 3750 -55.11 -35.53 -31.97
C LEU A 3750 -56.21 -35.25 -30.97
N GLN A 3751 -56.39 -33.98 -30.59
CA GLN A 3751 -57.45 -33.64 -29.64
C GLN A 3751 -58.83 -33.94 -30.20
N ALA A 3752 -59.07 -33.58 -31.47
CA ALA A 3752 -60.37 -33.84 -32.07
C ALA A 3752 -60.63 -35.32 -32.21
N LEU A 3753 -59.59 -36.10 -32.53
CA LEU A 3753 -59.74 -37.54 -32.62
C LEU A 3753 -59.99 -38.16 -31.25
N ASN A 3754 -59.50 -37.52 -30.18
CA ASN A 3754 -59.83 -37.97 -28.83
C ASN A 3754 -61.24 -37.57 -28.42
N GLU A 3755 -61.72 -36.42 -28.89
CA GLU A 3755 -63.01 -35.90 -28.44
C GLU A 3755 -64.18 -36.66 -29.06
N VAL A 3756 -63.95 -37.41 -30.15
CA VAL A 3756 -65.06 -38.09 -30.81
C VAL A 3756 -65.63 -39.17 -29.90
N LYS A 3757 -66.91 -39.47 -30.09
CA LYS A 3757 -67.64 -40.41 -29.25
C LYS A 3757 -67.40 -41.87 -29.65
N GLY A 3758 -66.34 -42.16 -30.37
CA GLY A 3758 -66.05 -43.51 -30.79
C GLY A 3758 -66.57 -43.89 -32.16
N ARG A 3759 -67.32 -43.01 -32.83
CA ARG A 3759 -67.86 -43.29 -34.15
C ARG A 3759 -67.60 -42.09 -35.05
N ILE A 3760 -66.45 -42.10 -35.72
CA ILE A 3760 -66.14 -41.05 -36.70
C ILE A 3760 -67.03 -41.19 -37.92
N LEU A 3761 -67.32 -42.43 -38.33
CA LEU A 3761 -68.17 -42.66 -39.49
C LEU A 3761 -69.57 -42.09 -39.28
N ASP A 3762 -70.10 -42.24 -38.07
CA ASP A 3762 -71.48 -41.83 -37.82
C ASP A 3762 -71.65 -40.32 -37.91
N ASP A 3763 -70.67 -39.56 -37.42
CA ASP A 3763 -70.76 -38.10 -37.37
C ASP A 3763 -69.94 -37.53 -38.54
N ASP A 3764 -70.63 -36.85 -39.46
CA ASP A 3764 -69.94 -36.28 -40.62
C ASP A 3764 -69.12 -35.07 -40.25
N THR A 3765 -69.48 -34.39 -39.15
CA THR A 3765 -68.73 -33.22 -38.71
C THR A 3765 -67.29 -33.58 -38.37
N ILE A 3766 -67.10 -34.70 -37.67
CA ILE A 3766 -65.76 -35.15 -37.32
C ILE A 3766 -64.98 -35.51 -38.57
N ILE A 3767 -65.63 -36.16 -39.54
CA ILE A 3767 -64.95 -36.52 -40.79
C ILE A 3767 -64.51 -35.26 -41.52
N THR A 3768 -65.39 -34.26 -41.60
CA THR A 3768 -65.03 -33.01 -42.26
C THR A 3768 -63.86 -32.32 -41.56
N THR A 3769 -63.88 -32.29 -40.23
CA THR A 3769 -62.77 -31.67 -39.51
C THR A 3769 -61.46 -32.41 -39.76
N LEU A 3770 -61.50 -33.75 -39.73
CA LEU A 3770 -60.28 -34.52 -39.97
C LEU A 3770 -59.74 -34.27 -41.38
N GLU A 3771 -60.62 -34.27 -42.38
CA GLU A 3771 -60.18 -34.04 -43.75
C GLU A 3771 -59.61 -32.63 -43.92
N ASN A 3772 -60.26 -31.63 -43.31
CA ASN A 3772 -59.75 -30.27 -43.40
C ASN A 3772 -58.37 -30.14 -42.76
N LEU A 3773 -58.20 -30.72 -41.58
CA LEU A 3773 -56.90 -30.66 -40.91
C LEU A 3773 -55.83 -31.38 -41.72
N LYS A 3774 -56.16 -32.54 -42.30
CA LYS A 3774 -55.17 -33.27 -43.08
C LYS A 3774 -54.79 -32.51 -44.35
N ARG A 3775 -55.77 -31.89 -45.01
CA ARG A 3775 -55.47 -31.10 -46.21
C ARG A 3775 -54.60 -29.91 -45.88
N GLU A 3776 -54.91 -29.22 -44.77
CA GLU A 3776 -54.08 -28.10 -44.35
C GLU A 3776 -52.67 -28.55 -44.03
N ALA A 3777 -52.54 -29.70 -43.36
CA ALA A 3777 -51.22 -30.25 -43.05
C ALA A 3777 -50.43 -30.57 -44.31
N ALA A 3778 -51.09 -31.17 -45.30
CA ALA A 3778 -50.40 -31.49 -46.56
C ALA A 3778 -49.93 -30.23 -47.27
N GLU A 3779 -50.78 -29.20 -47.35
CA GLU A 3779 -50.36 -27.99 -48.04
C GLU A 3779 -49.26 -27.27 -47.28
N VAL A 3780 -49.29 -27.30 -45.95
CA VAL A 3780 -48.23 -26.69 -45.17
C VAL A 3780 -46.93 -27.46 -45.34
N THR A 3781 -47.00 -28.78 -45.44
CA THR A 3781 -45.79 -29.57 -45.68
C THR A 3781 -45.18 -29.24 -47.04
N ARG A 3782 -46.02 -29.10 -48.07
CA ARG A 3782 -45.50 -28.72 -49.38
C ARG A 3782 -44.85 -27.34 -49.33
N LYS A 3783 -45.48 -26.38 -48.63
CA LYS A 3783 -44.89 -25.06 -48.49
C LYS A 3783 -43.56 -25.12 -47.74
N VAL A 3784 -43.48 -25.98 -46.72
CA VAL A 3784 -42.23 -26.15 -45.99
C VAL A 3784 -41.14 -26.68 -46.91
N GLU A 3785 -41.48 -27.65 -47.77
CA GLU A 3785 -40.48 -28.19 -48.69
C GLU A 3785 -39.96 -27.11 -49.63
N GLU A 3786 -40.86 -26.31 -50.21
CA GLU A 3786 -40.40 -25.30 -51.16
C GLU A 3786 -39.60 -24.20 -50.47
N THR A 3787 -40.02 -23.78 -49.28
CA THR A 3787 -39.24 -22.78 -48.56
C THR A 3787 -37.90 -23.33 -48.09
N ASP A 3788 -37.81 -24.65 -47.88
CA ASP A 3788 -36.51 -25.27 -47.61
C ASP A 3788 -35.61 -25.21 -48.82
N ILE A 3789 -36.17 -25.41 -50.02
CA ILE A 3789 -35.36 -25.28 -51.24
C ILE A 3789 -34.81 -23.86 -51.35
N VAL A 3790 -35.67 -22.86 -51.11
CA VAL A 3790 -35.20 -21.47 -51.15
C VAL A 3790 -34.15 -21.21 -50.08
N MET A 3791 -34.32 -21.82 -48.90
CA MET A 3791 -33.32 -21.72 -47.84
C MET A 3791 -31.98 -22.26 -48.31
N GLN A 3792 -31.99 -23.38 -49.01
CA GLN A 3792 -30.75 -23.94 -49.54
C GLN A 3792 -30.11 -22.99 -50.54
N GLU A 3793 -30.94 -22.34 -51.38
CA GLU A 3793 -30.41 -21.35 -52.32
C GLU A 3793 -29.70 -20.22 -51.58
N VAL A 3794 -30.27 -19.77 -50.46
CA VAL A 3794 -29.65 -18.69 -49.69
C VAL A 3794 -28.36 -19.18 -49.02
N GLU A 3795 -28.39 -20.41 -48.49
CA GLU A 3795 -27.22 -20.96 -47.81
C GLU A 3795 -26.04 -21.08 -48.77
N THR A 3796 -26.33 -21.41 -50.03
CA THR A 3796 -25.26 -21.48 -51.03
C THR A 3796 -24.52 -20.15 -51.13
N VAL A 3797 -25.26 -19.04 -51.11
CA VAL A 3797 -24.64 -17.72 -51.13
C VAL A 3797 -23.85 -17.49 -49.85
N SER A 3798 -24.42 -17.88 -48.71
CA SER A 3798 -23.76 -17.60 -47.42
C SER A 3798 -22.44 -18.35 -47.30
N GLN A 3799 -22.32 -19.52 -47.94
CA GLN A 3799 -21.11 -20.34 -47.80
C GLN A 3799 -19.86 -19.58 -48.22
N GLN A 3800 -20.00 -18.62 -49.13
CA GLN A 3800 -18.85 -17.80 -49.50
C GLN A 3800 -18.41 -16.92 -48.35
N TYR A 3801 -19.33 -16.56 -47.46
CA TYR A 3801 -19.07 -15.61 -46.37
C TYR A 3801 -18.85 -16.28 -45.03
N LEU A 3802 -18.99 -17.62 -44.93
CA LEU A 3802 -18.60 -18.29 -43.68
C LEU A 3802 -17.16 -18.00 -43.25
N PRO A 3803 -16.14 -18.09 -44.11
CA PRO A 3803 -14.75 -17.97 -43.58
C PRO A 3803 -14.47 -16.66 -42.87
N LEU A 3804 -15.05 -15.56 -43.34
CA LEU A 3804 -14.85 -14.27 -42.67
C LEU A 3804 -15.42 -14.29 -41.26
N SER A 3805 -16.56 -14.96 -41.08
CA SER A 3805 -17.15 -15.07 -39.74
C SER A 3805 -16.24 -15.85 -38.80
N THR A 3806 -15.66 -16.94 -39.30
CA THR A 3806 -14.71 -17.71 -38.49
C THR A 3806 -13.50 -16.87 -38.12
N ALA A 3807 -12.99 -16.10 -39.07
CA ALA A 3807 -11.86 -15.21 -38.79
C ALA A 3807 -12.24 -14.16 -37.75
N CYS A 3808 -13.45 -13.62 -37.85
CA CYS A 3808 -13.90 -12.63 -36.87
C CYS A 3808 -14.00 -13.22 -35.48
N SER A 3809 -14.55 -14.43 -35.37
CA SER A 3809 -14.65 -15.06 -34.06
C SER A 3809 -13.26 -15.34 -33.48
N SER A 3810 -12.34 -15.82 -34.32
CA SER A 3810 -10.98 -16.08 -33.84
C SER A 3810 -10.30 -14.79 -33.39
N ILE A 3811 -10.50 -13.70 -34.13
CA ILE A 3811 -9.90 -12.43 -33.77
C ILE A 3811 -10.45 -11.94 -32.44
N TYR A 3812 -11.78 -12.02 -32.27
CA TYR A 3812 -12.37 -11.55 -31.03
C TYR A 3812 -11.91 -12.39 -29.85
N PHE A 3813 -11.79 -13.71 -30.04
CA PHE A 3813 -11.38 -14.55 -28.91
C PHE A 3813 -9.89 -14.48 -28.65
N THR A 3814 -9.09 -14.00 -29.61
CA THR A 3814 -7.72 -13.63 -29.31
C THR A 3814 -7.67 -12.32 -28.53
N MET A 3815 -8.52 -11.35 -28.92
CA MET A 3815 -8.64 -10.10 -28.16
C MET A 3815 -9.06 -10.36 -26.73
N GLU A 3816 -9.99 -11.31 -26.51
CA GLU A 3816 -10.53 -11.54 -25.18
C GLU A 3816 -9.49 -12.13 -24.24
N SER A 3817 -8.56 -12.91 -24.79
CA SER A 3817 -7.51 -13.53 -23.98
C SER A 3817 -6.27 -12.64 -23.86
N LEU A 3818 -6.29 -11.44 -24.43
CA LEU A 3818 -5.15 -10.53 -24.31
C LEU A 3818 -4.95 -10.05 -22.87
N LYS A 3819 -5.98 -10.13 -22.04
CA LYS A 3819 -5.87 -9.71 -20.65
C LYS A 3819 -4.97 -10.63 -19.83
N GLN A 3820 -4.61 -11.80 -20.36
CA GLN A 3820 -3.73 -12.70 -19.64
C GLN A 3820 -2.28 -12.23 -19.65
N ILE A 3821 -1.90 -11.36 -20.58
CA ILE A 3821 -0.53 -10.87 -20.68
C ILE A 3821 -0.36 -9.47 -20.09
N HIS A 3822 -1.46 -8.76 -19.84
CA HIS A 3822 -1.40 -7.44 -19.19
C HIS A 3822 -2.79 -7.08 -18.72
N PHE A 3823 -2.87 -6.49 -17.53
CA PHE A 3823 -4.17 -6.15 -16.95
C PHE A 3823 -4.87 -5.05 -17.74
N LEU A 3824 -4.11 -4.22 -18.45
CA LEU A 3824 -4.68 -3.09 -19.18
C LEU A 3824 -5.40 -3.50 -20.45
N TYR A 3825 -5.22 -4.74 -20.90
CA TYR A 3825 -5.76 -5.18 -22.18
C TYR A 3825 -7.17 -5.76 -21.98
N GLN A 3826 -8.10 -4.86 -21.70
CA GLN A 3826 -9.50 -5.20 -21.53
C GLN A 3826 -10.28 -4.69 -22.73
N TYR A 3827 -10.93 -5.61 -23.44
CA TYR A 3827 -11.68 -5.27 -24.65
C TYR A 3827 -13.04 -5.94 -24.59
N SER A 3828 -14.09 -5.17 -24.85
CA SER A 3828 -15.44 -5.68 -24.85
C SER A 3828 -15.84 -6.18 -26.24
N LEU A 3829 -17.01 -6.81 -26.30
CA LEU A 3829 -17.52 -7.26 -27.59
C LEU A 3829 -17.90 -6.09 -28.48
N GLN A 3830 -18.35 -4.98 -27.88
CA GLN A 3830 -18.73 -3.82 -28.67
C GLN A 3830 -17.53 -3.19 -29.37
N PHE A 3831 -16.35 -3.28 -28.76
CA PHE A 3831 -15.14 -2.79 -29.42
C PHE A 3831 -14.86 -3.57 -30.70
N PHE A 3832 -14.93 -4.90 -30.63
CA PHE A 3832 -14.71 -5.70 -31.82
C PHE A 3832 -15.83 -5.50 -32.84
N LEU A 3833 -17.06 -5.31 -32.37
CA LEU A 3833 -18.15 -5.05 -33.29
C LEU A 3833 -17.98 -3.71 -34.00
N ASP A 3834 -17.45 -2.71 -33.31
CA ASP A 3834 -17.11 -1.44 -33.96
C ASP A 3834 -16.03 -1.66 -35.01
N ILE A 3835 -15.02 -2.48 -34.69
CA ILE A 3835 -13.98 -2.80 -35.69
C ILE A 3835 -14.62 -3.44 -36.92
N TYR A 3836 -15.50 -4.41 -36.68
CA TYR A 3836 -16.15 -5.14 -37.78
C TYR A 3836 -17.01 -4.21 -38.62
N HIS A 3837 -17.76 -3.32 -37.97
CA HIS A 3837 -18.59 -2.36 -38.70
C HIS A 3837 -17.72 -1.40 -39.51
N ASN A 3838 -16.63 -0.90 -38.93
CA ASN A 3838 -15.71 -0.03 -39.64
C ASN A 3838 -15.01 -0.74 -40.80
N VAL A 3839 -14.93 -2.07 -40.76
CA VAL A 3839 -14.42 -2.81 -41.91
C VAL A 3839 -15.50 -2.98 -42.99
N LEU A 3840 -16.70 -3.40 -42.59
CA LEU A 3840 -17.78 -3.59 -43.58
C LEU A 3840 -18.25 -2.26 -44.15
N TYR A 3841 -18.56 -1.30 -43.29
CA TYR A 3841 -18.94 0.03 -43.69
C TYR A 3841 -17.80 0.99 -43.41
N GLU A 3842 -17.80 2.13 -44.10
CA GLU A 3842 -16.77 3.15 -43.94
C GLU A 3842 -15.39 2.59 -44.26
N ASN A 3843 -15.32 1.73 -45.28
CA ASN A 3843 -14.05 1.20 -45.75
C ASN A 3843 -13.62 1.96 -47.00
N PRO A 3844 -12.56 2.76 -46.95
CA PRO A 3844 -12.13 3.50 -48.15
C PRO A 3844 -11.75 2.59 -49.32
N ASN A 3845 -11.34 1.36 -49.05
CA ASN A 3845 -10.91 0.44 -50.11
C ASN A 3845 -12.08 -0.19 -50.84
N LEU A 3846 -13.32 0.04 -50.41
CA LEU A 3846 -14.50 -0.52 -51.04
C LEU A 3846 -15.32 0.53 -51.79
N LYS A 3847 -14.75 1.70 -52.04
CA LYS A 3847 -15.51 2.80 -52.61
C LYS A 3847 -15.95 2.49 -54.04
N GLY A 3848 -15.02 2.03 -54.88
CA GLY A 3848 -15.31 1.76 -56.27
C GLY A 3848 -15.31 0.32 -56.70
N VAL A 3849 -15.31 -0.63 -55.77
CA VAL A 3849 -15.25 -2.05 -56.10
C VAL A 3849 -16.67 -2.61 -56.10
N THR A 3850 -16.99 -3.37 -57.15
CA THR A 3850 -18.34 -3.90 -57.30
C THR A 3850 -18.36 -5.42 -57.26
N ASP A 3851 -17.25 -6.06 -57.62
CA ASP A 3851 -17.17 -7.51 -57.59
C ASP A 3851 -17.37 -8.01 -56.17
N HIS A 3852 -18.06 -9.14 -56.04
CA HIS A 3852 -18.35 -9.67 -54.70
C HIS A 3852 -17.15 -10.36 -54.09
N THR A 3853 -16.47 -11.21 -54.86
CA THR A 3853 -15.32 -11.94 -54.31
C THR A 3853 -14.18 -11.00 -53.96
N GLN A 3854 -13.91 -10.01 -54.81
CA GLN A 3854 -12.87 -9.04 -54.51
C GLN A 3854 -13.22 -8.20 -53.30
N ARG A 3855 -14.49 -7.80 -53.16
CA ARG A 3855 -14.91 -7.08 -51.97
C ARG A 3855 -14.74 -7.93 -50.72
N LEU A 3856 -15.04 -9.23 -50.82
CA LEU A 3856 -14.85 -10.13 -49.69
C LEU A 3856 -13.38 -10.22 -49.31
N SER A 3857 -12.49 -10.32 -50.30
CA SER A 3857 -11.06 -10.37 -50.02
C SER A 3857 -10.59 -9.07 -49.36
N ILE A 3858 -11.06 -7.94 -49.86
CA ILE A 3858 -10.70 -6.65 -49.27
C ILE A 3858 -11.16 -6.57 -47.83
N ILE A 3859 -12.40 -7.00 -47.57
CA ILE A 3859 -12.94 -6.97 -46.22
C ILE A 3859 -12.12 -7.89 -45.30
N THR A 3860 -11.75 -9.07 -45.79
CA THR A 3860 -10.96 -9.98 -44.98
C THR A 3860 -9.60 -9.39 -44.64
N LYS A 3861 -8.94 -8.73 -45.60
CA LYS A 3861 -7.65 -8.12 -45.33
C LYS A 3861 -7.76 -6.97 -44.33
N ASP A 3862 -8.68 -6.05 -44.58
CA ASP A 3862 -8.82 -4.92 -43.67
C ASP A 3862 -9.40 -5.31 -42.32
N LEU A 3863 -10.02 -6.48 -42.19
CA LEU A 3863 -10.43 -6.93 -40.86
C LEU A 3863 -9.22 -7.09 -39.95
N PHE A 3864 -8.23 -7.85 -40.39
CA PHE A 3864 -6.99 -8.00 -39.63
C PHE A 3864 -6.26 -6.67 -39.50
N GLN A 3865 -6.19 -5.88 -40.58
CA GLN A 3865 -5.46 -4.62 -40.50
C GLN A 3865 -6.07 -3.68 -39.46
N VAL A 3866 -7.39 -3.48 -39.51
CA VAL A 3866 -8.07 -2.58 -38.59
C VAL A 3866 -8.04 -3.13 -37.17
N ALA A 3867 -8.18 -4.45 -37.01
CA ALA A 3867 -8.09 -5.03 -35.68
C ALA A 3867 -6.74 -4.76 -35.05
N PHE A 3868 -5.65 -4.95 -35.80
CA PHE A 3868 -4.34 -4.65 -35.27
C PHE A 3868 -4.17 -3.17 -34.98
N ASN A 3869 -4.61 -2.32 -35.90
CA ASN A 3869 -4.42 -0.88 -35.72
C ASN A 3869 -5.15 -0.37 -34.48
N ARG A 3870 -6.38 -0.85 -34.27
CA ARG A 3870 -7.16 -0.38 -33.12
C ARG A 3870 -6.67 -0.99 -31.81
N VAL A 3871 -6.33 -2.28 -31.82
CA VAL A 3871 -5.95 -2.95 -30.59
C VAL A 3871 -4.55 -2.54 -30.16
N ALA A 3872 -3.61 -2.49 -31.10
CA ALA A 3872 -2.22 -2.20 -30.75
C ALA A 3872 -2.01 -0.77 -30.32
N ARG A 3873 -2.96 0.13 -30.59
CA ARG A 3873 -2.83 1.49 -30.11
C ARG A 3873 -2.95 1.58 -28.60
N GLY A 3874 -3.64 0.62 -28.00
CA GLY A 3874 -3.78 0.57 -26.55
C GLY A 3874 -2.95 -0.55 -25.94
N MET A 3875 -1.77 -0.79 -26.49
CA MET A 3875 -0.88 -1.82 -25.99
C MET A 3875 0.54 -1.26 -25.91
N LEU A 3876 1.33 -1.81 -25.00
CA LEU A 3876 2.75 -1.49 -24.96
C LEU A 3876 3.44 -2.05 -26.19
N HIS A 3877 4.48 -1.32 -26.66
CA HIS A 3877 5.12 -1.69 -27.91
C HIS A 3877 5.74 -3.07 -27.86
N GLN A 3878 6.12 -3.54 -26.68
CA GLN A 3878 6.68 -4.88 -26.55
C GLN A 3878 5.64 -5.96 -26.81
N ASP A 3879 4.35 -5.62 -26.79
CA ASP A 3879 3.28 -6.57 -26.99
C ASP A 3879 2.66 -6.49 -28.38
N HIS A 3880 3.12 -5.57 -29.24
CA HIS A 3880 2.59 -5.51 -30.60
C HIS A 3880 2.92 -6.77 -31.38
N ILE A 3881 4.15 -7.28 -31.21
CA ILE A 3881 4.60 -8.42 -31.99
C ILE A 3881 3.83 -9.68 -31.60
N THR A 3882 3.47 -9.83 -30.33
CA THR A 3882 2.69 -11.00 -29.91
C THR A 3882 1.32 -11.02 -30.60
N PHE A 3883 0.62 -9.88 -30.56
CA PHE A 3883 -0.68 -9.81 -31.22
C PHE A 3883 -0.55 -10.01 -32.72
N ALA A 3884 0.49 -9.43 -33.34
CA ALA A 3884 0.69 -9.63 -34.77
C ALA A 3884 0.97 -11.08 -35.10
N MET A 3885 1.77 -11.77 -34.28
CA MET A 3885 2.05 -13.18 -34.50
C MET A 3885 0.78 -14.02 -34.41
N LEU A 3886 -0.06 -13.73 -33.42
CA LEU A 3886 -1.29 -14.50 -33.28
C LEU A 3886 -2.29 -14.20 -34.41
N LEU A 3887 -2.34 -12.94 -34.86
CA LEU A 3887 -3.15 -12.63 -36.04
C LEU A 3887 -2.63 -13.35 -37.28
N ALA A 3888 -1.31 -13.43 -37.43
CA ALA A 3888 -0.74 -14.17 -38.55
C ALA A 3888 -1.10 -15.64 -38.48
N ARG A 3889 -1.07 -16.21 -37.28
CA ARG A 3889 -1.49 -17.60 -37.11
C ARG A 3889 -2.96 -17.79 -37.47
N ILE A 3890 -3.82 -16.86 -37.04
CA ILE A 3890 -5.24 -16.92 -37.38
C ILE A 3890 -5.43 -16.90 -38.89
N LYS A 3891 -4.74 -16.00 -39.58
CA LYS A 3891 -4.85 -15.95 -41.04
C LYS A 3891 -4.29 -17.21 -41.68
N LEU A 3892 -3.22 -17.76 -41.11
CA LEU A 3892 -2.62 -18.99 -41.64
C LEU A 3892 -3.60 -20.14 -41.58
N LYS A 3893 -4.33 -20.28 -40.46
CA LYS A 3893 -5.33 -21.33 -40.38
C LYS A 3893 -6.46 -21.12 -41.38
N GLY A 3894 -6.77 -19.87 -41.72
CA GLY A 3894 -7.83 -19.56 -42.65
C GLY A 3894 -7.47 -19.69 -44.12
N THR A 3895 -6.23 -20.03 -44.44
CA THR A 3895 -5.79 -20.20 -45.81
C THR A 3895 -5.91 -21.66 -46.21
N VAL A 3896 -6.64 -21.91 -47.30
CA VAL A 3896 -6.89 -23.29 -47.73
C VAL A 3896 -5.62 -23.93 -48.27
N GLY A 3897 -4.83 -23.17 -49.03
CA GLY A 3897 -3.63 -23.72 -49.63
C GLY A 3897 -2.40 -23.65 -48.75
N GLU A 3898 -2.56 -23.98 -47.46
CA GLU A 3898 -1.46 -23.95 -46.52
C GLU A 3898 -1.53 -25.16 -45.60
N PRO A 3899 -0.39 -25.74 -45.24
CA PRO A 3899 -0.40 -26.81 -44.22
C PRO A 3899 -0.74 -26.24 -42.85
N THR A 3900 -1.06 -27.15 -41.93
CA THR A 3900 -1.41 -26.74 -40.57
C THR A 3900 -0.20 -26.17 -39.83
N TYR A 3901 0.98 -26.76 -40.04
CA TYR A 3901 2.20 -26.38 -39.34
C TYR A 3901 2.04 -26.46 -37.82
N ASP A 3902 1.30 -27.46 -37.36
CA ASP A 3902 1.04 -27.59 -35.92
C ASP A 3902 2.28 -28.06 -35.17
N ALA A 3903 3.04 -28.99 -35.75
CA ALA A 3903 4.25 -29.48 -35.09
C ALA A 3903 5.29 -28.37 -34.98
N GLU A 3904 5.46 -27.59 -36.04
CA GLU A 3904 6.44 -26.51 -36.02
C GLU A 3904 6.12 -25.48 -34.94
N PHE A 3905 4.85 -25.08 -34.84
CA PHE A 3905 4.47 -24.09 -33.83
C PHE A 3905 4.48 -24.70 -32.43
N GLN A 3906 4.15 -25.98 -32.31
CA GLN A 3906 4.23 -26.65 -31.01
C GLN A 3906 5.67 -26.65 -30.51
N HIS A 3907 6.63 -26.91 -31.39
CA HIS A 3907 8.03 -26.84 -30.99
C HIS A 3907 8.48 -25.40 -30.79
N PHE A 3908 7.94 -24.45 -31.56
CA PHE A 3908 8.32 -23.06 -31.40
C PHE A 3908 7.90 -22.52 -30.03
N LEU A 3909 6.70 -22.87 -29.58
CA LEU A 3909 6.19 -22.35 -28.32
C LEU A 3909 6.62 -23.17 -27.11
N ARG A 3910 6.68 -24.50 -27.25
CA ARG A 3910 7.03 -25.39 -26.15
C ARG A 3910 8.22 -26.29 -26.52
N GLY A 3911 9.26 -25.70 -27.11
CA GLY A 3911 10.44 -26.48 -27.46
C GLY A 3911 11.46 -26.61 -26.35
N ASN A 3912 11.37 -25.76 -25.32
CA ASN A 3912 12.27 -25.83 -24.17
C ASN A 3912 11.80 -26.83 -23.13
N GLU A 3913 10.68 -27.50 -23.35
CA GLU A 3913 10.16 -28.49 -22.43
C GLU A 3913 10.62 -29.91 -22.78
N ILE A 3914 11.47 -30.06 -23.79
CA ILE A 3914 11.98 -31.38 -24.16
C ILE A 3914 13.11 -31.76 -23.22
N VAL A 3915 12.99 -32.95 -22.61
CA VAL A 3915 13.97 -33.41 -21.65
C VAL A 3915 15.22 -33.88 -22.37
N LEU A 3916 16.38 -33.45 -21.89
CA LEU A 3916 17.67 -33.81 -22.47
C LEU A 3916 18.55 -34.47 -21.42
N SER A 3917 19.79 -34.77 -21.80
CA SER A 3917 20.78 -35.32 -20.89
C SER A 3917 22.15 -34.80 -21.30
N ALA A 3918 23.07 -34.78 -20.33
CA ALA A 3918 24.42 -34.28 -20.59
C ALA A 3918 25.15 -35.17 -21.58
N GLY A 3919 25.03 -36.48 -21.42
CA GLY A 3919 25.73 -37.39 -22.31
C GLY A 3919 25.07 -37.49 -23.67
N SER A 3920 23.85 -36.98 -23.80
CA SER A 3920 23.14 -37.04 -25.06
C SER A 3920 23.55 -35.90 -26.00
N THR A 3921 24.30 -34.93 -25.49
CA THR A 3921 24.65 -33.75 -26.26
C THR A 3921 25.93 -33.99 -27.07
N PRO A 3922 25.89 -33.88 -28.40
CA PRO A 3922 27.07 -34.10 -29.22
C PRO A 3922 28.25 -33.16 -28.95
N ARG A 3923 28.02 -31.99 -28.36
CA ARG A 3923 29.03 -30.94 -28.25
C ARG A 3923 29.51 -30.53 -29.65
N ILE A 3924 28.57 -29.95 -30.40
CA ILE A 3924 28.83 -29.54 -31.77
C ILE A 3924 29.90 -28.44 -31.79
N GLN A 3925 30.82 -28.55 -32.74
CA GLN A 3925 31.88 -27.58 -32.89
C GLN A 3925 31.34 -26.26 -33.42
N GLY A 3926 31.88 -25.16 -32.88
CA GLY A 3926 31.50 -23.83 -33.31
C GLY A 3926 30.20 -23.36 -32.71
N LEU A 3927 29.62 -24.16 -31.83
CA LEU A 3927 28.36 -23.87 -31.19
C LEU A 3927 28.52 -23.89 -29.68
N THR A 3928 27.88 -22.94 -29.00
CA THR A 3928 27.93 -22.91 -27.56
C THR A 3928 27.12 -24.07 -26.98
N VAL A 3929 27.16 -24.19 -25.64
CA VAL A 3929 26.46 -25.28 -24.98
C VAL A 3929 24.95 -25.15 -25.19
N GLU A 3930 24.41 -23.94 -24.97
CA GLU A 3930 22.98 -23.72 -25.13
C GLU A 3930 22.56 -23.87 -26.59
N GLN A 3931 23.40 -23.40 -27.52
CA GLN A 3931 23.10 -23.60 -28.95
C GLN A 3931 23.06 -25.07 -29.29
N ALA A 3932 23.97 -25.87 -28.73
CA ALA A 3932 23.95 -27.31 -28.95
C ALA A 3932 22.68 -27.93 -28.40
N GLU A 3933 22.26 -27.52 -27.20
CA GLU A 3933 21.01 -28.05 -26.66
C GLU A 3933 19.83 -27.70 -27.55
N ALA A 3934 19.78 -26.46 -28.04
CA ALA A 3934 18.71 -26.06 -28.94
C ALA A 3934 18.72 -26.86 -30.24
N VAL A 3935 19.91 -27.13 -30.78
CA VAL A 3935 20.03 -27.91 -32.01
C VAL A 3935 19.51 -29.33 -31.79
N VAL A 3936 19.94 -29.97 -30.70
CA VAL A 3936 19.48 -31.34 -30.48
C VAL A 3936 18.00 -31.37 -30.14
N ARG A 3937 17.47 -30.32 -29.51
CA ARG A 3937 16.03 -30.23 -29.31
C ARG A 3937 15.31 -30.00 -30.63
N LEU A 3938 15.86 -29.11 -31.47
CA LEU A 3938 15.25 -28.84 -32.78
C LEU A 3938 15.31 -30.06 -33.69
N SER A 3939 16.28 -30.95 -33.46
CA SER A 3939 16.42 -32.14 -34.29
C SER A 3939 15.29 -33.13 -34.11
N CYS A 3940 14.48 -32.99 -33.07
CA CYS A 3940 13.38 -33.91 -32.86
C CYS A 3940 12.35 -33.84 -33.99
N LEU A 3941 12.24 -32.68 -34.63
CA LEU A 3941 11.32 -32.55 -35.76
C LEU A 3941 11.82 -33.39 -36.93
N PRO A 3942 10.92 -34.08 -37.63
CA PRO A 3942 11.35 -34.82 -38.83
C PRO A 3942 12.08 -33.95 -39.86
N ALA A 3943 11.64 -32.70 -40.04
CA ALA A 3943 12.26 -31.84 -41.02
C ALA A 3943 13.67 -31.40 -40.63
N PHE A 3944 14.02 -31.52 -39.35
CA PHE A 3944 15.34 -31.13 -38.87
C PHE A 3944 16.12 -32.34 -38.36
N LYS A 3945 15.79 -33.53 -38.84
CA LYS A 3945 16.51 -34.73 -38.40
C LYS A 3945 17.98 -34.67 -38.81
N ASP A 3946 18.24 -34.27 -40.06
CA ASP A 3946 19.62 -34.16 -40.57
C ASP A 3946 20.02 -32.70 -40.43
N LEU A 3947 20.39 -32.32 -39.21
CA LEU A 3947 20.76 -30.95 -38.89
C LEU A 3947 22.20 -30.82 -38.44
N ILE A 3948 22.62 -31.62 -37.46
CA ILE A 3948 23.99 -31.55 -36.97
C ILE A 3948 24.97 -31.87 -38.09
N ALA A 3949 24.65 -32.88 -38.90
CA ALA A 3949 25.47 -33.15 -40.09
C ALA A 3949 25.46 -31.97 -41.05
N LYS A 3950 24.30 -31.34 -41.22
CA LYS A 3950 24.22 -30.17 -42.09
C LYS A 3950 25.04 -29.01 -41.53
N VAL A 3951 24.98 -28.79 -40.22
CA VAL A 3951 25.75 -27.71 -39.60
C VAL A 3951 27.24 -27.97 -39.76
N GLN A 3952 27.67 -29.20 -39.50
CA GLN A 3952 29.10 -29.52 -39.61
C GLN A 3952 29.58 -29.43 -41.05
N ALA A 3953 28.78 -29.89 -42.00
CA ALA A 3953 29.21 -29.89 -43.40
C ALA A 3953 29.38 -28.47 -43.93
N ASP A 3954 28.48 -27.57 -43.57
CA ASP A 3954 28.56 -26.20 -44.07
C ASP A 3954 29.70 -25.46 -43.42
N GLU A 3955 30.61 -24.92 -44.24
CA GLU A 3955 31.74 -24.15 -43.76
C GLU A 3955 31.42 -22.67 -43.60
N GLN A 3956 30.42 -22.18 -44.34
CA GLN A 3956 29.99 -20.79 -44.23
C GLN A 3956 29.10 -20.55 -43.01
N PHE A 3957 28.72 -21.62 -42.30
CA PHE A 3957 27.81 -21.47 -41.16
C PHE A 3957 28.44 -20.62 -40.06
N GLY A 3958 29.76 -20.71 -39.89
CA GLY A 3958 30.43 -19.86 -38.92
C GLY A 3958 30.28 -18.39 -39.24
N ILE A 3959 30.30 -18.05 -40.53
CA ILE A 3959 30.09 -16.66 -40.94
C ILE A 3959 28.67 -16.22 -40.64
N TRP A 3960 27.70 -17.09 -40.89
CA TRP A 3960 26.30 -16.75 -40.62
C TRP A 3960 26.04 -16.57 -39.13
N LEU A 3961 26.63 -17.44 -38.30
CA LEU A 3961 26.33 -17.42 -36.87
C LEU A 3961 26.71 -16.09 -36.24
N ASP A 3962 27.86 -15.53 -36.63
CA ASP A 3962 28.34 -14.27 -36.09
C ASP A 3962 27.90 -13.07 -36.92
N SER A 3963 26.94 -13.25 -37.82
CA SER A 3963 26.44 -12.14 -38.62
C SER A 3963 25.65 -11.17 -37.76
N SER A 3964 25.63 -9.91 -38.18
CA SER A 3964 24.89 -8.89 -37.44
C SER A 3964 23.38 -9.15 -37.51
N SER A 3965 22.88 -9.49 -38.69
CA SER A 3965 21.45 -9.76 -38.91
C SER A 3965 21.32 -11.09 -39.62
N PRO A 3966 21.48 -12.20 -38.90
CA PRO A 3966 21.37 -13.52 -39.55
C PRO A 3966 19.98 -13.86 -40.01
N GLU A 3967 18.95 -13.18 -39.50
CA GLU A 3967 17.57 -13.51 -39.86
C GLU A 3967 17.30 -13.24 -41.33
N GLN A 3968 18.08 -12.36 -41.96
CA GLN A 3968 17.87 -12.06 -43.36
C GLN A 3968 18.39 -13.15 -44.29
N THR A 3969 19.38 -13.93 -43.86
CA THR A 3969 20.04 -14.91 -44.71
C THR A 3969 20.17 -16.25 -43.98
N VAL A 3970 19.09 -16.71 -43.38
CA VAL A 3970 19.11 -17.98 -42.65
C VAL A 3970 19.43 -19.12 -43.61
N PRO A 3971 20.39 -19.99 -43.31
CA PRO A 3971 20.74 -21.05 -44.24
C PRO A 3971 19.65 -22.11 -44.35
N TYR A 3972 19.67 -22.81 -45.47
CA TYR A 3972 18.71 -23.88 -45.75
C TYR A 3972 19.18 -25.18 -45.06
N LEU A 3973 18.92 -25.23 -43.76
CA LEU A 3973 19.39 -26.32 -42.91
C LEU A 3973 18.34 -27.42 -42.72
N TRP A 3974 17.20 -27.33 -43.39
CA TRP A 3974 16.16 -28.35 -43.30
C TRP A 3974 15.95 -28.97 -44.67
N SER A 3975 15.59 -30.25 -44.68
CA SER A 3975 15.31 -31.00 -45.90
C SER A 3975 13.85 -31.43 -45.91
N GLU A 3976 13.18 -31.17 -47.02
CA GLU A 3976 11.76 -31.52 -47.19
C GLU A 3976 11.55 -32.14 -48.55
N GLU A 3977 10.50 -32.96 -48.67
CA GLU A 3977 10.25 -33.69 -49.91
C GLU A 3977 9.83 -32.76 -51.04
N THR A 3978 8.87 -31.88 -50.78
CA THR A 3978 8.36 -30.99 -51.81
C THR A 3978 8.62 -29.54 -51.43
N PRO A 3979 8.93 -28.68 -52.40
CA PRO A 3979 9.34 -27.31 -52.07
C PRO A 3979 8.31 -26.60 -51.21
N ALA A 3980 8.79 -25.86 -50.22
CA ALA A 3980 7.95 -25.25 -49.21
C ALA A 3980 7.44 -23.89 -49.67
N THR A 3981 6.24 -23.55 -49.21
CA THR A 3981 5.67 -22.24 -49.45
C THR A 3981 6.47 -21.19 -48.66
N PRO A 3982 6.44 -19.93 -49.10
CA PRO A 3982 7.18 -18.89 -48.35
C PRO A 3982 6.80 -18.81 -46.88
N ILE A 3983 5.54 -19.09 -46.52
CA ILE A 3983 5.15 -19.10 -45.12
C ILE A 3983 5.82 -20.25 -44.38
N GLY A 3984 5.85 -21.44 -45.00
CA GLY A 3984 6.55 -22.56 -44.38
C GLY A 3984 8.02 -22.33 -44.26
N GLN A 3985 8.63 -21.72 -45.28
CA GLN A 3985 10.02 -21.31 -45.18
C GLN A 3985 10.22 -20.34 -44.02
N ALA A 3986 9.30 -19.39 -43.86
CA ALA A 3986 9.41 -18.44 -42.76
C ALA A 3986 9.34 -19.14 -41.41
N ILE A 3987 8.45 -20.13 -41.28
CA ILE A 3987 8.35 -20.86 -40.01
C ILE A 3987 9.63 -21.63 -39.74
N HIS A 3988 10.19 -22.28 -40.77
CA HIS A 3988 11.42 -23.04 -40.58
C HIS A 3988 12.59 -22.14 -40.21
N ARG A 3989 12.70 -20.98 -40.86
CA ARG A 3989 13.74 -20.02 -40.50
C ARG A 3989 13.51 -19.47 -39.10
N LEU A 3990 12.25 -19.31 -38.69
CA LEU A 3990 11.96 -18.87 -37.33
C LEU A 3990 12.44 -19.88 -36.31
N LEU A 3991 12.21 -21.17 -36.58
CA LEU A 3991 12.72 -22.21 -35.70
C LEU A 3991 14.24 -22.21 -35.66
N LEU A 3992 14.89 -22.06 -36.82
CA LEU A 3992 16.34 -22.03 -36.86
C LEU A 3992 16.89 -20.83 -36.09
N ILE A 3993 16.28 -19.66 -36.25
CA ILE A 3993 16.72 -18.47 -35.52
C ILE A 3993 16.54 -18.65 -34.02
N GLN A 3994 15.42 -19.26 -33.62
CA GLN A 3994 15.21 -19.52 -32.20
C GLN A 3994 16.28 -20.45 -31.65
N ALA A 3995 16.66 -21.47 -32.43
CA ALA A 3995 17.68 -22.41 -31.96
C ALA A 3995 19.06 -21.76 -31.90
N PHE A 3996 19.42 -20.98 -32.92
CA PHE A 3996 20.79 -20.51 -33.08
C PHE A 3996 21.00 -19.12 -32.50
N ARG A 3997 20.18 -18.15 -32.92
CA ARG A 3997 20.36 -16.74 -32.58
C ARG A 3997 19.10 -16.21 -31.92
N PRO A 3998 18.87 -16.51 -30.65
CA PRO A 3998 17.66 -16.03 -29.97
C PRO A 3998 17.56 -14.51 -29.90
N ASP A 3999 18.69 -13.79 -29.98
CA ASP A 3999 18.63 -12.33 -29.96
C ASP A 3999 17.99 -11.76 -31.22
N ARG A 4000 17.94 -12.55 -32.30
CA ARG A 4000 17.27 -12.15 -33.53
C ARG A 4000 15.89 -12.77 -33.67
N LEU A 4001 15.34 -13.33 -32.59
CA LEU A 4001 14.02 -13.96 -32.67
C LEU A 4001 12.94 -12.93 -32.96
N LEU A 4002 13.06 -11.73 -32.40
CA LEU A 4002 12.04 -10.70 -32.63
C LEU A 4002 12.02 -10.26 -34.09
N ALA A 4003 13.19 -10.08 -34.68
CA ALA A 4003 13.25 -9.67 -36.08
C ALA A 4003 12.71 -10.75 -37.00
N MET A 4004 13.01 -12.02 -36.70
CA MET A 4004 12.47 -13.10 -37.51
C MET A 4004 10.96 -13.24 -37.32
N ALA A 4005 10.45 -12.97 -36.11
CA ALA A 4005 9.00 -12.93 -35.92
C ALA A 4005 8.37 -11.80 -36.73
N HIS A 4006 9.04 -10.65 -36.80
CA HIS A 4006 8.56 -9.56 -37.65
C HIS A 4006 8.53 -9.99 -39.11
N MET A 4007 9.55 -10.70 -39.56
CA MET A 4007 9.58 -11.20 -40.93
C MET A 4007 8.46 -12.20 -41.18
N PHE A 4008 8.18 -13.07 -40.20
CA PHE A 4008 7.07 -14.01 -40.31
C PHE A 4008 5.74 -13.28 -40.44
N VAL A 4009 5.53 -12.26 -39.62
CA VAL A 4009 4.32 -11.44 -39.72
C VAL A 4009 4.22 -10.80 -41.09
N SER A 4010 5.33 -10.27 -41.60
CA SER A 4010 5.33 -9.66 -42.92
C SER A 4010 5.00 -10.68 -44.00
N THR A 4011 5.53 -11.90 -43.88
CA THR A 4011 5.21 -12.95 -44.84
C THR A 4011 3.73 -13.29 -44.83
N ASN A 4012 3.11 -13.32 -43.66
CA ASN A 4012 1.68 -13.62 -43.60
C ASN A 4012 0.82 -12.40 -43.89
N LEU A 4013 1.02 -11.32 -43.14
CA LEU A 4013 0.09 -10.19 -43.11
C LEU A 4013 0.55 -9.01 -43.95
N GLY A 4014 1.62 -9.15 -44.72
CA GLY A 4014 2.11 -8.06 -45.53
C GLY A 4014 3.20 -7.26 -44.83
N GLU A 4015 4.01 -6.57 -45.64
CA GLU A 4015 5.18 -5.88 -45.10
C GLU A 4015 4.80 -4.64 -44.32
N SER A 4016 3.70 -3.98 -44.69
CA SER A 4016 3.28 -2.76 -44.03
C SER A 4016 2.16 -2.99 -43.02
N PHE A 4017 2.04 -4.21 -42.49
CA PHE A 4017 1.00 -4.50 -41.52
C PHE A 4017 1.20 -3.70 -40.23
N MET A 4018 2.44 -3.68 -39.72
CA MET A 4018 2.76 -3.03 -38.46
C MET A 4018 3.39 -1.66 -38.65
N SER A 4019 3.33 -1.10 -39.86
CA SER A 4019 3.98 0.18 -40.14
C SER A 4019 3.20 1.37 -39.59
N ILE A 4020 1.94 1.19 -39.20
CA ILE A 4020 1.19 2.29 -38.62
C ILE A 4020 1.68 2.58 -37.20
N MET A 4021 2.11 1.54 -36.48
CA MET A 4021 2.49 1.71 -35.08
C MET A 4021 3.79 2.48 -34.91
N GLU A 4022 4.55 2.68 -36.00
CA GLU A 4022 5.80 3.43 -35.94
C GLU A 4022 5.62 4.88 -36.36
N GLN A 4023 4.38 5.33 -36.57
CA GLN A 4023 4.00 6.68 -36.91
C GLN A 4023 3.34 7.36 -35.72
N PRO A 4024 3.45 8.68 -35.60
CA PRO A 4024 2.83 9.38 -34.48
C PRO A 4024 1.31 9.19 -34.49
N LEU A 4025 0.75 9.07 -33.28
CA LEU A 4025 -0.68 8.85 -33.14
C LEU A 4025 -1.47 10.05 -33.66
N ASP A 4026 -2.45 9.79 -34.51
CA ASP A 4026 -3.29 10.83 -35.09
C ASP A 4026 -4.58 10.89 -34.31
N LEU A 4027 -4.59 11.66 -33.22
CA LEU A 4027 -5.74 11.74 -32.35
C LEU A 4027 -6.93 12.43 -33.01
N THR A 4028 -6.70 13.28 -34.01
CA THR A 4028 -7.79 14.01 -34.63
C THR A 4028 -8.81 13.07 -35.27
N HIS A 4029 -8.33 12.15 -36.11
CA HIS A 4029 -9.22 11.22 -36.79
C HIS A 4029 -9.83 10.21 -35.83
N ILE A 4030 -9.08 9.78 -34.81
CA ILE A 4030 -9.57 8.76 -33.90
C ILE A 4030 -10.49 9.33 -32.83
N VAL A 4031 -10.51 10.65 -32.64
CA VAL A 4031 -11.43 11.28 -31.69
C VAL A 4031 -12.66 11.83 -32.40
N GLY A 4032 -12.46 12.51 -33.55
CA GLY A 4032 -13.61 13.00 -34.30
C GLY A 4032 -14.51 11.87 -34.76
N THR A 4033 -13.92 10.78 -35.25
CA THR A 4033 -14.62 9.57 -35.61
C THR A 4033 -14.05 8.40 -34.80
N GLU A 4034 -14.73 7.26 -34.89
CA GLU A 4034 -14.36 6.00 -34.25
C GLU A 4034 -14.53 6.01 -32.73
N VAL A 4035 -14.90 7.14 -32.13
CA VAL A 4035 -15.12 7.23 -30.69
C VAL A 4035 -16.51 7.81 -30.46
N LYS A 4036 -17.35 7.06 -29.76
CA LYS A 4036 -18.69 7.52 -29.43
C LYS A 4036 -18.63 8.53 -28.28
N PRO A 4037 -19.59 9.44 -28.21
CA PRO A 4037 -19.59 10.42 -27.11
C PRO A 4037 -19.67 9.78 -25.73
N ASN A 4038 -20.33 8.63 -25.59
CA ASN A 4038 -20.44 7.96 -24.31
C ASN A 4038 -19.27 7.05 -24.01
N THR A 4039 -18.29 6.95 -24.92
CA THR A 4039 -17.10 6.14 -24.70
C THR A 4039 -15.97 7.04 -24.24
N PRO A 4040 -15.49 6.91 -22.99
CA PRO A 4040 -14.38 7.74 -22.54
C PRO A 4040 -13.09 7.40 -23.27
N VAL A 4041 -12.22 8.40 -23.39
CA VAL A 4041 -10.92 8.22 -24.02
C VAL A 4041 -9.89 8.08 -22.92
N LEU A 4042 -9.37 6.86 -22.75
CA LEU A 4042 -8.45 6.57 -21.66
C LEU A 4042 -7.03 6.86 -22.14
N MET A 4043 -6.42 7.89 -21.56
CA MET A 4043 -5.13 8.40 -22.02
C MET A 4043 -4.01 7.80 -21.18
N CYS A 4044 -3.89 6.48 -21.24
CA CYS A 4044 -2.99 5.75 -20.36
C CYS A 4044 -1.53 5.95 -20.75
N SER A 4045 -0.67 6.12 -19.75
CA SER A 4045 0.73 6.42 -20.01
C SER A 4045 1.63 5.70 -19.02
N VAL A 4046 2.83 5.36 -19.49
CA VAL A 4046 3.86 4.77 -18.64
C VAL A 4046 4.39 5.86 -17.71
N PRO A 4047 5.05 5.53 -16.60
CA PRO A 4047 5.57 6.57 -15.71
C PRO A 4047 6.53 7.50 -16.46
N GLY A 4048 6.39 8.79 -16.18
CA GLY A 4048 7.17 9.81 -16.84
C GLY A 4048 6.55 10.41 -18.07
N TYR A 4049 5.43 9.88 -18.55
CA TYR A 4049 4.72 10.43 -19.70
C TYR A 4049 3.34 10.89 -19.27
N ASP A 4050 2.96 12.08 -19.74
CA ASP A 4050 1.65 12.64 -19.47
C ASP A 4050 1.00 13.00 -20.80
N ALA A 4051 -0.24 12.53 -21.00
CA ALA A 4051 -0.97 12.75 -22.24
C ALA A 4051 -1.93 13.94 -22.16
N SER A 4052 -1.89 14.71 -21.07
CA SER A 4052 -2.75 15.89 -20.98
C SER A 4052 -2.40 16.93 -22.03
N GLY A 4053 -1.10 17.13 -22.29
CA GLY A 4053 -0.70 18.08 -23.31
C GLY A 4053 -1.21 17.72 -24.69
N HIS A 4054 -1.26 16.43 -24.99
CA HIS A 4054 -1.84 15.99 -26.26
C HIS A 4054 -3.30 16.41 -26.37
N VAL A 4055 -4.06 16.25 -25.28
CA VAL A 4055 -5.48 16.61 -25.31
C VAL A 4055 -5.66 18.12 -25.43
N GLU A 4056 -4.84 18.89 -24.71
CA GLU A 4056 -4.91 20.34 -24.85
C GLU A 4056 -4.59 20.80 -26.27
N ASP A 4057 -3.54 20.23 -26.87
CA ASP A 4057 -3.19 20.61 -28.24
C ASP A 4057 -4.27 20.20 -29.23
N LEU A 4058 -4.83 18.99 -29.06
CA LEU A 4058 -5.88 18.52 -29.94
C LEU A 4058 -7.13 19.41 -29.83
N ALA A 4059 -7.49 19.81 -28.61
CA ALA A 4059 -8.64 20.69 -28.44
C ALA A 4059 -8.37 22.07 -29.03
N ALA A 4060 -7.13 22.56 -28.88
CA ALA A 4060 -6.80 23.88 -29.42
C ALA A 4060 -6.83 23.90 -30.94
N GLU A 4061 -6.31 22.84 -31.58
CA GLU A 4061 -6.26 22.83 -33.03
C GLU A 4061 -7.65 22.68 -33.64
N GLN A 4062 -8.54 21.97 -32.96
CA GLN A 4062 -9.92 21.84 -33.42
C GLN A 4062 -10.81 22.98 -32.94
N ASN A 4063 -10.26 23.93 -32.18
CA ASN A 4063 -11.03 25.03 -31.61
C ASN A 4063 -12.20 24.52 -30.78
N THR A 4064 -11.96 23.41 -30.08
CA THR A 4064 -12.95 22.81 -29.19
C THR A 4064 -12.61 23.19 -27.76
N GLN A 4065 -13.51 23.92 -27.12
CA GLN A 4065 -13.33 24.29 -25.72
C GLN A 4065 -13.32 23.04 -24.83
N ILE A 4066 -12.43 23.04 -23.84
CA ILE A 4066 -12.19 21.88 -22.99
C ILE A 4066 -12.03 22.35 -21.54
N THR A 4067 -12.50 21.51 -20.62
CA THR A 4067 -12.35 21.74 -19.19
C THR A 4067 -11.42 20.65 -18.65
N SER A 4068 -10.28 21.07 -18.11
CA SER A 4068 -9.30 20.13 -17.54
C SER A 4068 -9.39 20.18 -16.03
N ILE A 4069 -9.59 19.01 -15.41
CA ILE A 4069 -9.78 18.89 -13.98
C ILE A 4069 -8.83 17.82 -13.46
N ALA A 4070 -8.11 18.14 -12.39
CA ALA A 4070 -7.16 17.20 -11.80
C ALA A 4070 -7.82 16.50 -10.61
N ILE A 4071 -7.86 15.16 -10.68
CA ILE A 4071 -8.57 14.36 -9.68
C ILE A 4071 -7.71 14.23 -8.42
N GLY A 4072 -8.37 14.11 -7.27
CA GLY A 4072 -7.67 13.93 -6.02
C GLY A 4072 -8.32 14.59 -4.82
N SER A 4073 -9.11 15.63 -5.06
CA SER A 4073 -9.80 16.34 -3.99
C SER A 4073 -11.31 16.25 -4.16
N ALA A 4074 -12.03 16.47 -3.06
CA ALA A 4074 -13.49 16.45 -3.11
C ALA A 4074 -14.02 17.57 -4.01
N GLU A 4075 -13.43 18.76 -3.91
CA GLU A 4075 -13.76 19.81 -4.86
C GLU A 4075 -13.49 19.37 -6.28
N GLY A 4076 -12.46 18.54 -6.49
CA GLY A 4076 -12.21 18.01 -7.81
C GLY A 4076 -13.34 17.13 -8.31
N PHE A 4077 -13.88 16.27 -7.43
CA PHE A 4077 -15.01 15.43 -7.84
C PHE A 4077 -16.24 16.26 -8.13
N ASN A 4078 -16.52 17.28 -7.31
CA ASN A 4078 -17.67 18.13 -7.57
C ASN A 4078 -17.52 18.87 -8.89
N GLN A 4079 -16.33 19.40 -9.15
CA GLN A 4079 -16.09 20.10 -10.42
C GLN A 4079 -16.20 19.15 -11.60
N ALA A 4080 -15.70 17.91 -11.45
CA ALA A 4080 -15.81 16.94 -12.52
C ALA A 4080 -17.27 16.61 -12.83
N ASP A 4081 -18.07 16.41 -11.78
CA ASP A 4081 -19.48 16.12 -11.98
C ASP A 4081 -20.18 17.27 -12.68
N LYS A 4082 -19.93 18.50 -12.23
CA LYS A 4082 -20.55 19.66 -12.86
C LYS A 4082 -20.12 19.80 -14.31
N ALA A 4083 -18.84 19.63 -14.59
CA ALA A 4083 -18.32 19.79 -15.95
C ALA A 4083 -18.90 18.74 -16.88
N ILE A 4084 -18.97 17.48 -16.42
CA ILE A 4084 -19.53 16.43 -17.25
C ILE A 4084 -21.02 16.68 -17.51
N ASN A 4085 -21.76 17.08 -16.47
CA ASN A 4085 -23.18 17.33 -16.64
C ASN A 4085 -23.42 18.47 -17.62
N THR A 4086 -22.59 19.51 -17.57
CA THR A 4086 -22.75 20.62 -18.50
C THR A 4086 -22.34 20.22 -19.91
N ALA A 4087 -21.26 19.45 -20.05
CA ALA A 4087 -20.72 19.16 -21.37
C ALA A 4087 -21.54 18.12 -22.12
N VAL A 4088 -22.18 17.18 -21.42
CA VAL A 4088 -23.00 16.21 -22.13
C VAL A 4088 -24.18 16.87 -22.82
N LYS A 4089 -24.53 18.09 -22.42
CA LYS A 4089 -25.58 18.85 -23.08
C LYS A 4089 -25.03 19.90 -24.05
N SER A 4090 -24.04 20.68 -23.62
CA SER A 4090 -23.51 21.73 -24.47
C SER A 4090 -22.60 21.20 -25.57
N GLY A 4091 -21.91 20.09 -25.34
CA GLY A 4091 -21.00 19.55 -26.32
C GLY A 4091 -19.54 19.90 -26.12
N ARG A 4092 -19.18 20.48 -24.98
CA ARG A 4092 -17.80 20.79 -24.66
C ARG A 4092 -17.00 19.50 -24.48
N TRP A 4093 -15.68 19.64 -24.41
CA TRP A 4093 -14.79 18.55 -24.05
C TRP A 4093 -14.43 18.64 -22.57
N VAL A 4094 -14.19 17.49 -21.96
CA VAL A 4094 -13.81 17.41 -20.56
C VAL A 4094 -12.69 16.39 -20.43
N MET A 4095 -11.61 16.78 -19.76
CA MET A 4095 -10.53 15.87 -19.43
C MET A 4095 -10.33 15.85 -17.92
N LEU A 4096 -10.29 14.66 -17.36
CA LEU A 4096 -9.99 14.46 -15.94
C LEU A 4096 -8.64 13.77 -15.83
N LYS A 4097 -7.73 14.38 -15.07
CA LYS A 4097 -6.36 13.91 -14.99
C LYS A 4097 -6.12 13.13 -13.71
N ASN A 4098 -5.19 12.17 -13.79
CA ASN A 4098 -4.80 11.34 -12.65
C ASN A 4098 -6.00 10.63 -12.04
N VAL A 4099 -6.89 10.10 -12.88
CA VAL A 4099 -8.07 9.41 -12.39
C VAL A 4099 -7.71 8.09 -11.72
N HIS A 4100 -6.48 7.60 -11.92
CA HIS A 4100 -6.04 6.38 -11.25
C HIS A 4100 -5.92 6.56 -9.74
N LEU A 4101 -5.92 7.81 -9.26
CA LEU A 4101 -5.83 8.08 -7.83
C LEU A 4101 -7.18 7.94 -7.12
N ALA A 4102 -8.28 7.78 -7.86
CA ALA A 4102 -9.60 7.61 -7.29
C ALA A 4102 -10.27 6.40 -7.94
N PRO A 4103 -9.79 5.19 -7.65
CA PRO A 4103 -10.41 4.00 -8.25
C PRO A 4103 -11.85 3.79 -7.84
N GLY A 4104 -12.23 4.18 -6.63
CA GLY A 4104 -13.61 4.03 -6.21
C GLY A 4104 -14.56 4.93 -6.98
N TRP A 4105 -14.13 6.16 -7.27
CA TRP A 4105 -14.95 7.09 -8.02
C TRP A 4105 -15.06 6.70 -9.49
N LEU A 4106 -14.12 5.90 -9.99
CA LEU A 4106 -14.17 5.49 -11.39
C LEU A 4106 -15.34 4.53 -11.64
N MET A 4107 -15.68 3.71 -10.65
CA MET A 4107 -16.90 2.90 -10.74
C MET A 4107 -18.12 3.77 -10.98
N GLN A 4108 -18.29 4.79 -10.14
CA GLN A 4108 -19.44 5.68 -10.26
C GLN A 4108 -19.41 6.44 -11.59
N LEU A 4109 -18.22 6.87 -12.03
CA LEU A 4109 -18.12 7.56 -13.30
C LEU A 4109 -18.54 6.66 -14.46
N GLU A 4110 -18.11 5.40 -14.43
CA GLU A 4110 -18.51 4.46 -15.48
C GLU A 4110 -20.02 4.24 -15.46
N LYS A 4111 -20.60 4.10 -14.27
CA LYS A 4111 -22.05 3.92 -14.18
C LYS A 4111 -22.79 5.13 -14.71
N LYS A 4112 -22.30 6.32 -14.39
CA LYS A 4112 -22.89 7.56 -14.90
C LYS A 4112 -22.80 7.63 -16.41
N LEU A 4113 -21.67 7.22 -16.98
CA LEU A 4113 -21.48 7.30 -18.42
C LEU A 4113 -22.36 6.30 -19.16
N HIS A 4114 -22.53 5.10 -18.59
CA HIS A 4114 -23.30 4.06 -19.28
C HIS A 4114 -24.73 4.49 -19.51
N SER A 4115 -25.37 5.09 -18.49
CA SER A 4115 -26.75 5.54 -18.59
C SER A 4115 -26.78 7.02 -18.98
N LEU A 4116 -26.40 7.28 -20.22
CA LEU A 4116 -26.27 8.65 -20.69
C LEU A 4116 -26.38 8.68 -22.21
N GLN A 4117 -26.94 9.77 -22.73
CA GLN A 4117 -27.06 10.01 -24.16
C GLN A 4117 -26.51 11.41 -24.45
N PRO A 4118 -25.18 11.57 -24.36
CA PRO A 4118 -24.61 12.92 -24.45
C PRO A 4118 -24.67 13.53 -25.84
N HIS A 4119 -24.25 14.79 -25.94
CA HIS A 4119 -24.20 15.48 -27.22
C HIS A 4119 -23.31 14.71 -28.21
N ALA A 4120 -23.50 15.00 -29.50
CA ALA A 4120 -22.74 14.30 -30.53
C ALA A 4120 -21.25 14.62 -30.44
N CYS A 4121 -20.91 15.85 -30.06
CA CYS A 4121 -19.52 16.29 -30.04
C CYS A 4121 -18.88 16.18 -28.66
N PHE A 4122 -19.60 15.67 -27.66
CA PHE A 4122 -19.03 15.54 -26.32
C PHE A 4122 -17.95 14.47 -26.31
N ARG A 4123 -16.83 14.78 -25.66
CA ARG A 4123 -15.74 13.84 -25.49
C ARG A 4123 -15.25 13.90 -24.05
N LEU A 4124 -14.95 12.74 -23.47
CA LEU A 4124 -14.41 12.65 -22.12
C LEU A 4124 -13.04 11.99 -22.21
N PHE A 4125 -12.03 12.69 -21.72
CA PHE A 4125 -10.65 12.19 -21.70
C PHE A 4125 -10.26 11.90 -20.26
N LEU A 4126 -9.70 10.72 -20.03
CA LEU A 4126 -9.26 10.31 -18.71
C LEU A 4126 -7.79 9.91 -18.80
N THR A 4127 -6.90 10.79 -18.34
CA THR A 4127 -5.47 10.51 -18.33
C THR A 4127 -5.12 9.83 -17.01
N MET A 4128 -4.44 8.69 -17.10
CA MET A 4128 -4.06 7.96 -15.90
C MET A 4128 -2.76 7.21 -16.15
N GLU A 4129 -2.07 6.90 -15.05
CA GLU A 4129 -0.90 6.05 -15.12
C GLU A 4129 -1.34 4.59 -15.24
N ILE A 4130 -0.49 3.78 -15.86
CA ILE A 4130 -0.81 2.37 -16.05
C ILE A 4130 -0.55 1.62 -14.75
N ASN A 4131 -1.58 1.50 -13.92
CA ASN A 4131 -1.49 0.81 -12.64
C ASN A 4131 -2.73 -0.07 -12.47
N PRO A 4132 -2.61 -1.18 -11.74
CA PRO A 4132 -3.73 -2.13 -11.64
C PRO A 4132 -4.94 -1.60 -10.90
N LYS A 4133 -4.83 -0.48 -10.19
CA LYS A 4133 -5.98 0.02 -9.42
C LYS A 4133 -7.10 0.52 -10.32
N VAL A 4134 -6.85 0.72 -11.61
CA VAL A 4134 -7.89 1.19 -12.53
C VAL A 4134 -8.95 0.10 -12.69
N PRO A 4135 -10.24 0.42 -12.58
CA PRO A 4135 -11.27 -0.61 -12.72
C PRO A 4135 -11.24 -1.27 -14.09
N VAL A 4136 -11.56 -2.56 -14.11
CA VAL A 4136 -11.62 -3.30 -15.37
C VAL A 4136 -12.81 -2.84 -16.20
N ASN A 4137 -13.94 -2.57 -15.55
CA ASN A 4137 -15.13 -2.15 -16.29
C ASN A 4137 -14.94 -0.81 -16.97
N LEU A 4138 -14.21 0.12 -16.33
CA LEU A 4138 -13.90 1.38 -17.00
C LEU A 4138 -12.98 1.16 -18.20
N LEU A 4139 -12.03 0.25 -18.08
CA LEU A 4139 -11.16 -0.06 -19.21
C LEU A 4139 -11.96 -0.64 -20.37
N ARG A 4140 -12.92 -1.51 -20.07
CA ARG A 4140 -13.74 -2.09 -21.13
C ARG A 4140 -14.69 -1.06 -21.73
N ALA A 4141 -15.18 -0.12 -20.93
CA ALA A 4141 -16.15 0.85 -21.43
C ALA A 4141 -15.53 1.92 -22.32
N GLY A 4142 -14.22 2.18 -22.19
CA GLY A 4142 -13.56 3.22 -22.94
C GLY A 4142 -12.47 2.67 -23.84
N ARG A 4143 -11.94 3.54 -24.69
CA ARG A 4143 -10.87 3.19 -25.59
C ARG A 4143 -9.52 3.55 -24.97
N ILE A 4144 -8.60 2.60 -24.96
CA ILE A 4144 -7.32 2.75 -24.30
C ILE A 4144 -6.28 3.22 -25.30
N PHE A 4145 -5.51 4.24 -24.92
CA PHE A 4145 -4.41 4.76 -25.73
C PHE A 4145 -3.16 4.76 -24.84
N VAL A 4146 -2.24 3.83 -25.10
CA VAL A 4146 -1.01 3.75 -24.33
C VAL A 4146 -0.01 4.77 -24.86
N PHE A 4147 0.56 5.57 -23.97
CA PHE A 4147 1.58 6.54 -24.33
C PHE A 4147 2.89 6.17 -23.64
N GLU A 4148 3.96 6.14 -24.42
CA GLU A 4148 5.23 5.62 -23.97
C GLU A 4148 6.31 6.16 -24.89
N PRO A 4149 7.59 5.97 -24.57
CA PRO A 4149 8.66 6.44 -25.46
C PRO A 4149 8.53 5.84 -26.85
N PRO A 4150 8.79 6.63 -27.89
CA PRO A 4150 8.68 6.09 -29.24
C PRO A 4150 9.69 4.99 -29.47
N PRO A 4151 9.35 4.01 -30.31
CA PRO A 4151 10.21 2.81 -30.50
C PRO A 4151 11.31 3.01 -31.55
N GLY A 4152 12.27 3.84 -31.23
CA GLY A 4152 13.44 4.02 -32.09
C GLY A 4152 13.73 5.48 -32.36
N VAL A 4153 14.89 5.73 -32.96
CA VAL A 4153 15.29 7.09 -33.32
C VAL A 4153 14.36 7.65 -34.39
N LYS A 4154 14.05 6.85 -35.41
CA LYS A 4154 13.19 7.33 -36.49
C LYS A 4154 11.80 7.69 -35.99
N ALA A 4155 11.20 6.82 -35.19
CA ALA A 4155 9.87 7.10 -34.66
C ALA A 4155 9.89 8.31 -33.72
N ASN A 4156 10.94 8.43 -32.91
CA ASN A 4156 11.05 9.56 -31.99
C ASN A 4156 11.16 10.87 -32.75
N MET A 4157 11.97 10.89 -33.81
CA MET A 4157 12.11 12.11 -34.60
C MET A 4157 10.84 12.43 -35.36
N LEU A 4158 10.12 11.41 -35.84
CA LEU A 4158 8.84 11.65 -36.49
C LEU A 4158 7.84 12.26 -35.52
N ARG A 4159 7.79 11.74 -34.29
CA ARG A 4159 6.93 12.33 -33.28
C ARG A 4159 7.32 13.76 -32.96
N THR A 4160 8.64 14.02 -32.87
CA THR A 4160 9.11 15.36 -32.58
C THR A 4160 8.70 16.35 -33.68
N PHE A 4161 8.89 15.96 -34.94
CA PHE A 4161 8.54 16.85 -36.04
C PHE A 4161 7.03 17.02 -36.16
N SER A 4162 6.25 16.00 -35.81
CA SER A 4162 4.81 16.17 -35.81
C SER A 4162 4.33 17.08 -34.69
N SER A 4163 5.00 17.04 -33.53
CA SER A 4163 4.58 17.85 -32.40
C SER A 4163 4.81 19.33 -32.65
N ILE A 4164 5.98 19.70 -33.17
CA ILE A 4164 6.29 21.11 -33.38
C ILE A 4164 5.51 21.63 -34.57
N PRO A 4165 4.81 22.77 -34.45
CA PRO A 4165 4.08 23.30 -35.61
C PRO A 4165 5.02 23.68 -36.74
N VAL A 4166 4.48 23.61 -37.97
CA VAL A 4166 5.28 23.89 -39.16
C VAL A 4166 5.72 25.35 -39.18
N SER A 4167 4.83 26.26 -38.77
CA SER A 4167 5.15 27.68 -38.83
C SER A 4167 6.28 28.06 -37.87
N ARG A 4168 6.47 27.29 -36.81
CA ARG A 4168 7.53 27.60 -35.86
C ARG A 4168 8.90 27.25 -36.42
N ILE A 4169 9.02 26.09 -37.08
CA ILE A 4169 10.31 25.70 -37.65
C ILE A 4169 10.65 26.58 -38.85
N CYS A 4170 9.67 26.90 -39.68
CA CYS A 4170 9.88 27.74 -40.86
C CYS A 4170 9.66 29.18 -40.46
N LYS A 4171 10.74 29.87 -40.10
CA LYS A 4171 10.68 31.26 -39.67
C LYS A 4171 11.81 32.02 -40.35
N SER A 4172 12.08 33.23 -39.88
CA SER A 4172 12.95 34.16 -40.59
C SER A 4172 14.33 33.60 -40.92
N PRO A 4173 15.09 33.00 -39.99
CA PRO A 4173 16.38 32.43 -40.39
C PRO A 4173 16.24 31.01 -40.94
N ASN A 4174 16.84 30.75 -42.09
CA ASN A 4174 16.74 29.44 -42.71
C ASN A 4174 17.52 28.38 -41.94
N GLU A 4175 18.36 28.78 -40.99
CA GLU A 4175 19.10 27.87 -40.14
C GLU A 4175 18.29 27.36 -38.96
N ARG A 4176 17.13 27.95 -38.72
CA ARG A 4176 16.27 27.50 -37.63
C ARG A 4176 15.80 26.06 -37.87
N ALA A 4177 15.50 25.71 -39.12
CA ALA A 4177 15.10 24.34 -39.42
C ALA A 4177 16.22 23.35 -39.13
N ARG A 4178 17.45 23.72 -39.48
CA ARG A 4178 18.58 22.85 -39.19
C ARG A 4178 18.80 22.71 -37.68
N LEU A 4179 18.65 23.80 -36.94
CA LEU A 4179 18.80 23.71 -35.48
C LEU A 4179 17.70 22.83 -34.88
N TYR A 4180 16.47 22.95 -35.37
CA TYR A 4180 15.40 22.10 -34.89
C TYR A 4180 15.65 20.64 -35.22
N PHE A 4181 16.21 20.36 -36.41
CA PHE A 4181 16.55 18.99 -36.75
C PHE A 4181 17.63 18.44 -35.84
N LEU A 4182 18.67 19.25 -35.56
CA LEU A 4182 19.71 18.82 -34.66
C LEU A 4182 19.15 18.55 -33.27
N LEU A 4183 18.23 19.41 -32.81
CA LEU A 4183 17.61 19.21 -31.52
C LEU A 4183 16.78 17.94 -31.49
N ALA A 4184 16.04 17.66 -32.57
CA ALA A 4184 15.26 16.43 -32.65
C ALA A 4184 16.15 15.20 -32.63
N TRP A 4185 17.26 15.24 -33.37
CA TRP A 4185 18.19 14.11 -33.36
C TRP A 4185 18.81 13.91 -31.98
N PHE A 4186 19.21 15.00 -31.33
CA PHE A 4186 19.79 14.92 -30.00
C PHE A 4186 18.78 14.34 -29.02
N HIS A 4187 17.52 14.80 -29.08
CA HIS A 4187 16.49 14.29 -28.19
C HIS A 4187 16.24 12.81 -28.42
N ALA A 4188 16.18 12.40 -29.69
CA ALA A 4188 15.97 10.99 -30.01
C ALA A 4188 17.11 10.12 -29.51
N ILE A 4189 18.35 10.57 -29.71
CA ILE A 4189 19.50 9.80 -29.24
C ILE A 4189 19.51 9.72 -27.72
N ILE A 4190 19.19 10.83 -27.06
CA ILE A 4190 19.21 10.87 -25.60
C ILE A 4190 18.16 9.94 -25.03
N GLN A 4191 16.94 9.96 -25.59
CA GLN A 4191 15.87 9.13 -25.05
C GLN A 4191 16.08 7.66 -25.38
N GLU A 4192 16.63 7.35 -26.55
CA GLU A 4192 16.81 5.96 -26.94
C GLU A 4192 17.90 5.26 -26.12
N ARG A 4193 18.84 6.01 -25.55
CA ARG A 4193 19.85 5.41 -24.70
C ARG A 4193 19.27 4.94 -23.37
N LEU A 4194 18.09 5.44 -22.98
CA LEU A 4194 17.49 5.05 -21.72
C LEU A 4194 17.06 3.59 -21.70
N ARG A 4195 16.87 2.98 -22.87
CA ARG A 4195 16.47 1.56 -22.90
C ARG A 4195 17.59 0.66 -22.41
N TYR A 4196 18.82 1.19 -22.33
CA TYR A 4196 19.97 0.42 -21.86
C TYR A 4196 20.43 1.07 -20.56
N ALA A 4197 19.78 0.65 -19.46
CA ALA A 4197 19.78 1.45 -18.24
C ALA A 4197 21.17 1.62 -17.62
N PRO A 4198 21.96 0.56 -17.39
CA PRO A 4198 23.28 0.80 -16.79
C PRO A 4198 24.29 1.38 -17.77
N LEU A 4199 24.12 1.15 -19.06
CA LEU A 4199 25.13 1.47 -20.05
C LEU A 4199 24.84 2.77 -20.81
N GLY A 4200 23.62 2.93 -21.32
CA GLY A 4200 23.26 4.16 -22.01
C GLY A 4200 23.34 5.37 -21.09
N TRP A 4201 22.84 5.23 -19.87
CA TRP A 4201 22.97 6.25 -18.83
C TRP A 4201 23.37 5.51 -17.55
N SER A 4202 23.33 6.22 -16.42
CA SER A 4202 23.54 5.57 -15.14
C SER A 4202 22.24 5.31 -14.39
N LYS A 4203 21.19 6.06 -14.70
CA LYS A 4203 19.88 5.84 -14.10
C LYS A 4203 18.82 6.29 -15.10
N LYS A 4204 17.60 5.83 -14.87
CA LYS A 4204 16.49 6.09 -15.79
C LYS A 4204 16.04 7.54 -15.60
N TYR A 4205 16.70 8.45 -16.30
CA TYR A 4205 16.30 9.85 -16.25
C TYR A 4205 15.00 10.06 -17.01
N GLU A 4206 14.28 11.11 -16.63
CA GLU A 4206 12.98 11.39 -17.23
C GLU A 4206 13.10 12.45 -18.33
N PHE A 4207 13.86 12.11 -19.37
CA PHE A 4207 14.02 12.97 -20.52
C PHE A 4207 12.73 12.93 -21.34
N GLY A 4208 11.89 13.94 -21.18
CA GLY A 4208 10.58 13.92 -21.79
C GLY A 4208 10.27 15.10 -22.69
N GLU A 4209 8.98 15.33 -22.96
CA GLU A 4209 8.58 16.40 -23.85
C GLU A 4209 8.85 17.77 -23.25
N SER A 4210 8.85 17.89 -21.92
CA SER A 4210 9.11 19.18 -21.30
C SER A 4210 10.52 19.66 -21.64
N ASP A 4211 11.50 18.75 -21.61
CA ASP A 4211 12.86 19.11 -21.98
C ASP A 4211 12.95 19.54 -23.43
N LEU A 4212 12.26 18.83 -24.32
CA LEU A 4212 12.29 19.21 -25.73
C LEU A 4212 11.65 20.57 -25.97
N ARG A 4213 10.53 20.86 -25.30
CA ARG A 4213 9.89 22.16 -25.44
C ARG A 4213 10.78 23.28 -24.89
N SER A 4214 11.42 23.04 -23.75
CA SER A 4214 12.33 24.04 -23.20
C SER A 4214 13.50 24.29 -24.14
N ALA A 4215 14.04 23.23 -24.74
CA ALA A 4215 15.14 23.39 -25.68
C ALA A 4215 14.71 24.14 -26.93
N CYS A 4216 13.50 23.85 -27.43
CA CYS A 4216 12.97 24.60 -28.56
C CYS A 4216 12.79 26.08 -28.23
N ASP A 4217 12.30 26.37 -27.03
CA ASP A 4217 12.15 27.76 -26.60
C ASP A 4217 13.50 28.45 -26.52
N THR A 4218 14.51 27.76 -25.99
CA THR A 4218 15.86 28.34 -25.92
C THR A 4218 16.41 28.61 -27.31
N VAL A 4219 16.26 27.66 -28.23
CA VAL A 4219 16.74 27.85 -29.59
C VAL A 4219 16.05 29.04 -30.23
N ASP A 4220 14.73 29.13 -30.08
CA ASP A 4220 13.99 30.26 -30.64
C ASP A 4220 14.50 31.58 -30.07
N THR A 4221 14.61 31.66 -28.74
CA THR A 4221 14.99 32.91 -28.10
C THR A 4221 16.38 33.36 -28.53
N TRP A 4222 17.35 32.45 -28.51
CA TRP A 4222 18.71 32.88 -28.81
C TRP A 4222 18.92 33.10 -30.30
N LEU A 4223 18.23 32.35 -31.17
CA LEU A 4223 18.30 32.65 -32.60
C LEU A 4223 17.68 34.00 -32.91
N ASP A 4224 16.55 34.32 -32.28
CA ASP A 4224 15.93 35.62 -32.48
C ASP A 4224 16.83 36.74 -31.98
N ASP A 4225 17.48 36.53 -30.83
CA ASP A 4225 18.39 37.54 -30.30
C ASP A 4225 19.59 37.75 -31.23
N THR A 4226 20.14 36.66 -31.79
CA THR A 4226 21.32 36.79 -32.64
C THR A 4226 20.97 37.29 -34.03
N ALA A 4227 19.85 36.84 -34.58
CA ALA A 4227 19.42 37.22 -35.93
C ALA A 4227 18.15 38.06 -35.78
N LYS A 4228 18.30 39.38 -35.93
CA LYS A 4228 17.20 40.32 -35.75
C LYS A 4228 16.33 40.35 -37.01
N GLY A 4229 15.66 39.23 -37.26
CA GLY A 4229 14.78 39.09 -38.40
C GLY A 4229 15.47 38.82 -39.71
N ARG A 4230 16.80 38.66 -39.72
CA ARG A 4230 17.53 38.43 -40.96
C ARG A 4230 17.12 37.09 -41.57
N GLN A 4231 17.05 37.06 -42.90
CA GLN A 4231 16.67 35.84 -43.60
C GLN A 4231 17.74 34.76 -43.44
N ASN A 4232 19.01 35.15 -43.41
CA ASN A 4232 20.11 34.21 -43.30
C ASN A 4232 21.05 34.66 -42.20
N ILE A 4233 21.56 33.70 -41.42
CA ILE A 4233 22.59 33.94 -40.41
C ILE A 4233 23.72 32.96 -40.67
N SER A 4234 24.95 33.44 -40.54
CA SER A 4234 26.10 32.58 -40.75
C SER A 4234 26.11 31.47 -39.68
N PRO A 4235 26.48 30.24 -40.05
CA PRO A 4235 26.57 29.17 -39.04
C PRO A 4235 27.54 29.49 -37.91
N ASP A 4236 28.58 30.28 -38.19
CA ASP A 4236 29.49 30.69 -37.12
C ASP A 4236 28.83 31.67 -36.17
N LYS A 4237 27.95 32.53 -36.69
CA LYS A 4237 27.32 33.54 -35.85
C LYS A 4237 26.25 32.97 -34.93
N ILE A 4238 25.82 31.73 -35.18
CA ILE A 4238 24.79 31.09 -34.36
C ILE A 4238 25.31 30.93 -32.94
N PRO A 4239 24.54 31.29 -31.91
CA PRO A 4239 25.03 31.19 -30.53
C PRO A 4239 25.16 29.75 -30.07
N TRP A 4240 26.20 29.06 -30.54
CA TRP A 4240 26.41 27.66 -30.17
C TRP A 4240 26.67 27.51 -28.69
N SER A 4241 27.51 28.39 -28.13
CA SER A 4241 27.89 28.27 -26.72
C SER A 4241 26.68 28.44 -25.81
N ALA A 4242 25.81 29.39 -26.13
CA ALA A 4242 24.62 29.61 -25.32
C ALA A 4242 23.73 28.38 -25.31
N LEU A 4243 23.46 27.81 -26.48
CA LEU A 4243 22.61 26.63 -26.56
C LEU A 4243 23.23 25.45 -25.84
N LYS A 4244 24.52 25.19 -26.06
CA LYS A 4244 25.17 24.06 -25.42
C LYS A 4244 25.18 24.21 -23.90
N THR A 4245 25.55 25.39 -23.40
CA THR A 4245 25.58 25.59 -21.96
C THR A 4245 24.20 25.48 -21.35
N LEU A 4246 23.18 26.07 -21.99
CA LEU A 4246 21.85 25.98 -21.43
C LEU A 4246 21.34 24.54 -21.42
N MET A 4247 21.58 23.80 -22.51
CA MET A 4247 21.09 22.42 -22.56
C MET A 4247 21.86 21.52 -21.59
N ALA A 4248 23.12 21.85 -21.30
CA ALA A 4248 23.90 21.03 -20.37
C ALA A 4248 23.76 21.48 -18.92
N GLN A 4249 23.15 22.64 -18.66
CA GLN A 4249 23.09 23.13 -17.29
C GLN A 4249 21.67 23.24 -16.76
N SER A 4250 20.71 23.61 -17.61
CA SER A 4250 19.36 23.94 -17.17
C SER A 4250 18.30 23.01 -17.74
N ILE A 4251 18.34 22.75 -19.04
CA ILE A 4251 17.24 22.05 -19.72
C ILE A 4251 17.38 20.54 -19.54
N TYR A 4252 18.47 19.98 -20.05
CA TYR A 4252 18.70 18.54 -19.97
C TYR A 4252 19.63 18.14 -18.84
N GLY A 4253 20.56 19.02 -18.46
CA GLY A 4253 21.48 18.71 -17.38
C GLY A 4253 20.90 18.87 -15.99
N GLY A 4254 19.71 19.44 -15.86
CA GLY A 4254 19.08 19.55 -14.55
C GLY A 4254 18.75 18.20 -13.96
N ARG A 4255 18.22 17.29 -14.78
CA ARG A 4255 17.89 15.95 -14.29
C ARG A 4255 19.14 15.15 -13.93
N VAL A 4256 20.27 15.44 -14.59
CA VAL A 4256 21.48 14.65 -14.40
C VAL A 4256 22.08 14.97 -13.04
N ASP A 4257 22.26 13.93 -12.22
CA ASP A 4257 22.85 14.08 -10.89
C ASP A 4257 24.17 13.31 -10.76
N ASN A 4258 24.81 12.98 -11.89
CA ASN A 4258 26.01 12.18 -11.89
C ASN A 4258 27.08 12.90 -12.70
N GLU A 4259 28.33 12.80 -12.24
CA GLU A 4259 29.43 13.43 -12.95
C GLU A 4259 29.65 12.81 -14.32
N PHE A 4260 29.54 11.48 -14.42
CA PHE A 4260 29.78 10.78 -15.67
C PHE A 4260 28.61 10.91 -16.64
N ASP A 4261 27.38 10.95 -16.14
CA ASP A 4261 26.25 11.26 -17.02
C ASP A 4261 26.35 12.67 -17.57
N GLN A 4262 26.77 13.62 -16.73
CA GLN A 4262 27.01 14.98 -17.21
C GLN A 4262 28.12 15.01 -18.25
N ARG A 4263 29.16 14.20 -18.02
CA ARG A 4263 30.24 14.10 -19.01
C ARG A 4263 29.72 13.60 -20.35
N LEU A 4264 28.87 12.57 -20.32
CA LEU A 4264 28.29 12.03 -21.55
C LEU A 4264 27.40 13.05 -22.24
N LEU A 4265 26.58 13.76 -21.47
CA LEU A 4265 25.70 14.78 -22.05
C LEU A 4265 26.51 15.90 -22.68
N ASN A 4266 27.59 16.33 -22.01
CA ASN A 4266 28.46 17.36 -22.58
C ASN A 4266 29.12 16.85 -23.85
N THR A 4267 29.57 15.60 -23.87
CA THR A 4267 30.15 15.03 -25.08
C THR A 4267 29.17 15.10 -26.24
N PHE A 4268 27.92 14.67 -26.01
CA PHE A 4268 26.92 14.70 -27.08
C PHE A 4268 26.65 16.13 -27.54
N LEU A 4269 26.53 17.07 -26.60
CA LEU A 4269 26.19 18.44 -26.98
C LEU A 4269 27.32 19.11 -27.76
N GLU A 4270 28.56 18.93 -27.31
CA GLU A 4270 29.69 19.49 -28.06
C GLU A 4270 29.87 18.82 -29.41
N ARG A 4271 29.49 17.55 -29.53
CA ARG A 4271 29.60 16.88 -30.82
C ARG A 4271 28.53 17.36 -31.80
N LEU A 4272 27.30 17.56 -31.33
CA LEU A 4272 26.20 17.83 -32.24
C LEU A 4272 26.01 19.33 -32.52
N PHE A 4273 26.10 20.17 -31.50
CA PHE A 4273 25.79 21.59 -31.64
C PHE A 4273 27.09 22.36 -31.88
N THR A 4274 27.44 22.50 -33.15
CA THR A 4274 28.66 23.20 -33.54
C THR A 4274 28.50 23.69 -34.97
N THR A 4275 29.42 24.59 -35.37
CA THR A 4275 29.36 25.14 -36.72
C THR A 4275 29.55 24.06 -37.78
N ARG A 4276 30.32 23.01 -37.45
CA ARG A 4276 30.55 21.94 -38.42
C ARG A 4276 29.30 21.15 -38.74
N SER A 4277 28.23 21.30 -37.95
CA SER A 4277 26.99 20.61 -38.23
C SER A 4277 26.31 21.13 -39.48
N PHE A 4278 26.72 22.30 -39.98
CA PHE A 4278 26.17 22.87 -41.19
C PHE A 4278 26.96 22.49 -42.43
N ASP A 4279 28.08 21.78 -42.27
CA ASP A 4279 28.82 21.28 -43.41
C ASP A 4279 28.05 20.15 -44.08
N SER A 4280 28.44 19.85 -45.32
CA SER A 4280 27.80 18.78 -46.06
C SER A 4280 28.33 17.40 -45.71
N GLU A 4281 29.47 17.33 -45.03
CA GLU A 4281 30.10 16.05 -44.69
C GLU A 4281 29.88 15.67 -43.23
N PHE A 4282 29.01 16.37 -42.51
CA PHE A 4282 28.80 16.10 -41.10
C PHE A 4282 28.23 14.71 -40.88
N LYS A 4283 28.76 14.01 -39.88
CA LYS A 4283 28.36 12.64 -39.56
C LYS A 4283 27.56 12.67 -38.26
N LEU A 4284 26.26 12.41 -38.36
CA LEU A 4284 25.43 12.34 -37.15
C LEU A 4284 25.88 11.21 -36.23
N ALA A 4285 26.20 10.06 -36.81
CA ALA A 4285 26.69 8.93 -36.03
C ALA A 4285 27.65 8.13 -36.90
N CYS A 4286 28.90 8.04 -36.47
CA CYS A 4286 29.91 7.32 -37.23
C CYS A 4286 29.85 5.82 -36.92
N LYS A 4287 30.29 5.03 -37.89
CA LYS A 4287 30.42 3.57 -37.78
C LYS A 4287 29.20 2.93 -37.09
N VAL A 4288 28.03 3.18 -37.66
CA VAL A 4288 26.80 2.61 -37.11
C VAL A 4288 26.76 1.11 -37.33
N ASP A 4289 27.35 0.62 -38.42
CA ASP A 4289 27.45 -0.81 -38.64
C ASP A 4289 28.66 -1.05 -39.54
N GLY A 4290 29.71 -1.66 -38.98
CA GLY A 4290 30.94 -1.81 -39.72
C GLY A 4290 31.53 -0.46 -40.09
N HIS A 4291 31.47 -0.11 -41.37
CA HIS A 4291 31.97 1.17 -41.85
C HIS A 4291 30.88 2.20 -42.11
N LYS A 4292 29.64 1.76 -42.31
CA LYS A 4292 28.55 2.68 -42.66
C LYS A 4292 28.29 3.65 -41.51
N ASP A 4293 27.82 4.84 -41.86
CA ASP A 4293 27.60 5.90 -40.89
C ASP A 4293 26.44 6.78 -41.32
N ILE A 4294 25.82 7.45 -40.34
CA ILE A 4294 24.71 8.34 -40.62
C ILE A 4294 25.24 9.69 -41.09
N GLN A 4295 24.66 10.20 -42.17
CA GLN A 4295 25.04 11.48 -42.74
C GLN A 4295 24.02 12.56 -42.39
N MET A 4296 24.54 13.75 -42.10
CA MET A 4296 23.68 14.90 -41.84
C MET A 4296 22.98 15.32 -43.13
N PRO A 4297 21.67 15.57 -43.10
CA PRO A 4297 20.98 16.06 -44.31
C PRO A 4297 21.57 17.38 -44.79
N ASP A 4298 21.63 17.53 -46.11
CA ASP A 4298 22.19 18.73 -46.73
C ASP A 4298 21.09 19.73 -47.08
N GLY A 4299 19.84 19.45 -46.71
CA GLY A 4299 18.76 20.36 -46.99
C GLY A 4299 18.74 21.55 -46.05
N ILE A 4300 17.87 22.49 -46.36
CA ILE A 4300 17.72 23.72 -45.57
C ILE A 4300 16.28 23.99 -45.18
N ARG A 4301 15.34 23.12 -45.52
CA ARG A 4301 13.94 23.32 -45.24
C ARG A 4301 13.42 22.17 -44.38
N ARG A 4302 12.35 22.44 -43.63
CA ARG A 4302 11.77 21.42 -42.76
C ARG A 4302 11.36 20.19 -43.55
N GLU A 4303 10.84 20.38 -44.77
CA GLU A 4303 10.39 19.25 -45.58
C GLU A 4303 11.55 18.32 -45.90
N GLU A 4304 12.71 18.87 -46.23
CA GLU A 4304 13.88 18.03 -46.53
C GLU A 4304 14.29 17.20 -45.34
N PHE A 4305 14.31 17.80 -44.14
CA PHE A 4305 14.68 17.06 -42.94
C PHE A 4305 13.66 15.98 -42.61
N VAL A 4306 12.37 16.29 -42.76
CA VAL A 4306 11.33 15.31 -42.46
C VAL A 4306 11.41 14.15 -43.44
N GLN A 4307 11.68 14.43 -44.71
CA GLN A 4307 11.85 13.37 -45.69
C GLN A 4307 13.09 12.54 -45.40
N TRP A 4308 14.17 13.17 -44.92
CA TRP A 4308 15.34 12.40 -44.50
C TRP A 4308 14.99 11.47 -43.36
N VAL A 4309 14.19 11.95 -42.41
CA VAL A 4309 13.77 11.11 -41.29
C VAL A 4309 12.94 9.94 -41.78
N GLU A 4310 12.00 10.19 -42.69
CA GLU A 4310 11.12 9.12 -43.16
C GLU A 4310 11.87 8.07 -43.97
N LEU A 4311 12.89 8.47 -44.73
CA LEU A 4311 13.72 7.52 -45.45
C LEU A 4311 14.89 7.00 -44.64
N LEU A 4312 14.80 7.06 -43.31
CA LEU A 4312 15.79 6.39 -42.48
C LEU A 4312 15.65 4.88 -42.61
N PRO A 4313 16.76 4.15 -42.61
CA PRO A 4313 16.67 2.68 -42.69
C PRO A 4313 16.00 2.09 -41.46
N ASP A 4314 15.31 0.97 -41.65
CA ASP A 4314 14.75 0.20 -40.54
C ASP A 4314 15.76 -0.80 -40.00
N THR A 4315 16.97 -0.33 -39.69
CA THR A 4315 18.07 -1.17 -39.24
C THR A 4315 18.77 -0.49 -38.06
N GLN A 4316 17.99 0.03 -37.12
CA GLN A 4316 18.56 0.74 -35.99
C GLN A 4316 19.29 -0.22 -35.07
N THR A 4317 20.50 0.15 -34.69
CA THR A 4317 21.37 -0.57 -33.79
C THR A 4317 21.86 0.39 -32.71
N PRO A 4318 22.32 -0.12 -31.57
CA PRO A 4318 22.83 0.78 -30.52
C PRO A 4318 23.97 1.67 -30.97
N SER A 4319 24.63 1.35 -32.09
CA SER A 4319 25.72 2.19 -32.57
C SER A 4319 25.22 3.54 -33.07
N TRP A 4320 23.93 3.65 -33.40
CA TRP A 4320 23.36 4.95 -33.70
C TRP A 4320 23.43 5.87 -32.48
N LEU A 4321 23.35 5.30 -31.30
CA LEU A 4321 23.41 6.04 -30.05
C LEU A 4321 24.83 6.22 -29.53
N GLY A 4322 25.82 5.71 -30.25
CA GLY A 4322 27.19 5.68 -29.78
C GLY A 4322 27.55 4.48 -28.96
N LEU A 4323 26.57 3.61 -28.66
CA LEU A 4323 26.77 2.44 -27.83
C LEU A 4323 27.35 1.29 -28.64
N PRO A 4324 27.93 0.30 -27.97
CA PRO A 4324 28.34 -0.92 -28.68
C PRO A 4324 27.12 -1.70 -29.17
N ASN A 4325 27.32 -2.45 -30.25
CA ASN A 4325 26.21 -3.18 -30.86
C ASN A 4325 25.76 -4.36 -30.00
N ASN A 4326 26.55 -4.78 -29.02
CA ASN A 4326 26.18 -5.89 -28.15
C ASN A 4326 25.31 -5.46 -26.97
N ALA A 4327 24.99 -4.18 -26.86
CA ALA A 4327 24.18 -3.71 -25.74
C ALA A 4327 22.76 -4.28 -25.79
N GLU A 4328 22.25 -4.57 -26.98
CA GLU A 4328 20.88 -5.03 -27.14
C GLU A 4328 20.74 -6.54 -27.16
N ARG A 4329 21.85 -7.29 -27.17
CA ARG A 4329 21.77 -8.74 -27.31
C ARG A 4329 21.00 -9.38 -26.17
N VAL A 4330 21.37 -9.07 -24.92
CA VAL A 4330 20.68 -9.64 -23.77
C VAL A 4330 19.23 -9.17 -23.72
N LEU A 4331 19.00 -7.88 -23.97
CA LEU A 4331 17.64 -7.34 -23.94
C LEU A 4331 16.78 -7.98 -25.03
N LEU A 4332 17.33 -8.12 -26.23
CA LEU A 4332 16.57 -8.75 -27.32
C LEU A 4332 16.27 -10.21 -27.02
N THR A 4333 17.24 -10.94 -26.46
CA THR A 4333 16.99 -12.34 -26.11
C THR A 4333 15.90 -12.46 -25.05
N THR A 4334 15.95 -11.61 -24.02
CA THR A 4334 14.93 -11.63 -22.99
C THR A 4334 13.56 -11.26 -23.56
N GLN A 4335 13.52 -10.28 -24.47
CA GLN A 4335 12.25 -9.89 -25.07
C GLN A 4335 11.67 -10.99 -25.94
N GLY A 4336 12.51 -11.71 -26.68
CA GLY A 4336 12.03 -12.84 -27.45
C GLY A 4336 11.48 -13.95 -26.58
N VAL A 4337 12.18 -14.26 -25.49
CA VAL A 4337 11.69 -15.27 -24.55
C VAL A 4337 10.37 -14.83 -23.94
N ASP A 4338 10.25 -13.54 -23.61
CA ASP A 4338 9.00 -13.03 -23.05
C ASP A 4338 7.87 -13.09 -24.06
N MET A 4339 8.16 -12.83 -25.34
CA MET A 4339 7.13 -12.94 -26.36
C MET A 4339 6.67 -14.38 -26.50
N ILE A 4340 7.60 -15.34 -26.45
CA ILE A 4340 7.21 -16.75 -26.49
C ILE A 4340 6.33 -17.08 -25.29
N SER A 4341 6.71 -16.61 -24.11
CA SER A 4341 5.92 -16.88 -22.91
C SER A 4341 4.53 -16.25 -23.00
N LYS A 4342 4.43 -15.06 -23.58
CA LYS A 4342 3.13 -14.41 -23.73
C LYS A 4342 2.25 -15.15 -24.73
N MET A 4343 2.83 -15.61 -25.84
CA MET A 4343 2.06 -16.40 -26.79
C MET A 4343 1.58 -17.70 -26.16
N LEU A 4344 2.42 -18.31 -25.32
CA LEU A 4344 2.04 -19.56 -24.68
C LEU A 4344 1.02 -19.35 -23.57
N LYS A 4345 1.08 -18.22 -22.87
CA LYS A 4345 0.20 -17.95 -21.74
C LYS A 4345 -1.26 -17.89 -22.16
N MET A 4346 -1.54 -17.52 -23.40
CA MET A 4346 -2.89 -17.40 -23.94
C MET A 4346 -3.08 -18.30 -25.15
N GLN A 4347 -2.64 -19.54 -25.02
CA GLN A 4347 -2.87 -20.59 -26.00
C GLN A 4347 -4.32 -21.05 -26.02
N PRO A 4374 5.25 -32.24 4.26
CA PRO A 4374 4.96 -31.73 2.92
C PRO A 4374 6.18 -31.76 2.00
N ALA A 4375 5.98 -31.49 0.72
CA ALA A 4375 7.10 -31.49 -0.22
C ALA A 4375 8.00 -30.28 -0.03
N TRP A 4376 7.40 -29.12 0.27
CA TRP A 4376 8.19 -27.92 0.49
C TRP A 4376 9.14 -28.10 1.67
N MET A 4377 8.68 -28.80 2.71
CA MET A 4377 9.53 -29.08 3.86
C MET A 4377 10.75 -29.89 3.45
N ARG A 4378 10.55 -30.94 2.64
CA ARG A 4378 11.67 -31.79 2.24
C ARG A 4378 12.64 -31.05 1.34
N THR A 4379 12.15 -30.31 0.34
CA THR A 4379 13.06 -29.61 -0.55
C THR A 4379 13.80 -28.49 0.20
N LEU A 4380 13.13 -27.80 1.12
CA LEU A 4380 13.82 -26.79 1.91
C LEU A 4380 14.84 -27.41 2.84
N HIS A 4381 14.54 -28.57 3.41
CA HIS A 4381 15.52 -29.26 4.24
C HIS A 4381 16.76 -29.61 3.43
N THR A 4382 16.57 -30.16 2.23
CA THR A 4382 17.72 -30.49 1.39
C THR A 4382 18.51 -29.24 1.01
N THR A 4383 17.80 -28.16 0.65
CA THR A 4383 18.47 -26.92 0.26
C THR A 4383 19.28 -26.34 1.41
N ALA A 4384 18.70 -26.32 2.60
CA ALA A 4384 19.39 -25.75 3.76
C ALA A 4384 20.58 -26.60 4.17
N SER A 4385 20.45 -27.93 4.10
CA SER A 4385 21.59 -28.79 4.40
C SER A 4385 22.72 -28.55 3.40
N ASN A 4386 22.39 -28.44 2.12
CA ASN A 4386 23.41 -28.18 1.11
C ASN A 4386 24.07 -26.82 1.33
N TRP A 4387 23.28 -25.81 1.69
CA TRP A 4387 23.85 -24.50 1.98
C TRP A 4387 24.78 -24.55 3.19
N LEU A 4388 24.35 -25.23 4.26
CA LEU A 4388 25.21 -25.35 5.44
C LEU A 4388 26.51 -26.05 5.11
N HIS A 4389 26.47 -27.07 4.24
CA HIS A 4389 27.72 -27.68 3.80
C HIS A 4389 28.55 -26.72 2.97
N LEU A 4390 27.90 -25.91 2.12
CA LEU A 4390 28.62 -25.02 1.22
C LEU A 4390 29.31 -23.90 1.98
N ILE A 4391 28.58 -23.22 2.86
CA ILE A 4391 29.11 -22.04 3.57
C ILE A 4391 30.20 -22.49 4.53
N PRO A 4392 31.32 -21.76 4.65
CA PRO A 4392 32.39 -22.19 5.57
C PRO A 4392 31.91 -22.27 7.00
N GLN A 4393 32.51 -23.21 7.74
CA GLN A 4393 32.05 -23.50 9.10
C GLN A 4393 32.32 -22.35 10.05
N THR A 4394 33.55 -21.85 10.06
CA THR A 4394 33.97 -20.87 11.06
C THR A 4394 34.88 -19.83 10.44
N LEU A 4395 35.01 -18.70 11.15
CA LEU A 4395 35.86 -17.60 10.73
C LEU A 4395 36.53 -17.02 11.97
N SER A 4396 37.85 -17.06 12.00
CA SER A 4396 38.61 -16.71 13.20
C SER A 4396 38.91 -15.21 13.22
N HIS A 4397 38.69 -14.59 14.37
CA HIS A 4397 38.97 -13.17 14.53
C HIS A 4397 40.46 -12.89 14.45
N LEU A 4398 40.80 -11.67 14.04
CA LEU A 4398 42.19 -11.26 13.98
C LEU A 4398 42.71 -10.95 15.39
N LYS A 4399 43.86 -11.50 15.73
CA LYS A 4399 44.41 -11.33 17.07
C LYS A 4399 44.93 -9.91 17.25
N ARG A 4400 44.46 -9.24 18.30
CA ARG A 4400 44.82 -7.87 18.57
C ARG A 4400 46.15 -7.79 19.31
N THR A 4401 47.00 -6.88 18.88
CA THR A 4401 48.31 -6.67 19.47
C THR A 4401 48.52 -5.18 19.68
N VAL A 4402 49.45 -4.84 20.57
CA VAL A 4402 49.71 -3.43 20.87
C VAL A 4402 50.14 -2.68 19.62
N GLU A 4403 51.03 -3.28 18.83
CA GLU A 4403 51.46 -2.66 17.58
C GLU A 4403 50.46 -2.84 16.45
N ASN A 4404 49.49 -3.75 16.61
CA ASN A 4404 48.48 -3.96 15.57
C ASN A 4404 47.41 -2.87 15.58
N ILE A 4405 47.11 -2.29 16.74
CA ILE A 4405 45.99 -1.37 16.86
C ILE A 4405 46.20 -0.13 15.98
N LYS A 4406 47.42 0.42 15.98
CA LYS A 4406 47.67 1.64 15.24
C LYS A 4406 47.68 1.44 13.73
N ASP A 4407 47.84 0.21 13.26
CA ASP A 4407 47.89 -0.06 11.83
C ASP A 4407 46.52 0.15 11.21
N PRO A 4408 46.41 0.95 10.14
CA PRO A 4408 45.09 1.11 9.49
C PRO A 4408 44.65 -0.11 8.70
N LEU A 4409 45.58 -0.79 8.02
CA LEU A 4409 45.21 -1.99 7.29
C LEU A 4409 44.75 -3.09 8.23
N PHE A 4410 45.43 -3.25 9.36
CA PHE A 4410 44.99 -4.24 10.33
C PHE A 4410 43.62 -3.90 10.89
N ARG A 4411 43.38 -2.62 11.17
CA ARG A 4411 42.07 -2.22 11.71
C ARG A 4411 40.96 -2.50 10.70
N PHE A 4412 41.20 -2.18 9.43
CA PHE A 4412 40.20 -2.47 8.40
C PHE A 4412 39.94 -3.96 8.30
N PHE A 4413 41.00 -4.77 8.24
CA PHE A 4413 40.81 -6.21 8.09
C PHE A 4413 40.17 -6.82 9.33
N GLU A 4414 40.49 -6.29 10.51
CA GLU A 4414 39.87 -6.78 11.74
C GLU A 4414 38.38 -6.48 11.75
N ARG A 4415 37.98 -5.28 11.35
CA ARG A 4415 36.56 -4.98 11.26
C ARG A 4415 35.87 -5.86 10.22
N GLU A 4416 36.53 -6.08 9.08
CA GLU A 4416 35.98 -6.97 8.06
C GLU A 4416 35.75 -8.37 8.61
N VAL A 4417 36.74 -8.92 9.30
CA VAL A 4417 36.63 -10.27 9.83
C VAL A 4417 35.56 -10.35 10.90
N LYS A 4418 35.46 -9.32 11.75
CA LYS A 4418 34.42 -9.33 12.78
C LYS A 4418 33.03 -9.31 12.15
N MET A 4419 32.80 -8.43 11.17
CA MET A 4419 31.50 -8.38 10.52
C MET A 4419 31.18 -9.68 9.80
N GLY A 4420 32.17 -10.24 9.10
CA GLY A 4420 31.95 -11.48 8.40
C GLY A 4420 31.66 -12.64 9.33
N ALA A 4421 32.37 -12.71 10.46
CA ALA A 4421 32.13 -13.76 11.43
C ALA A 4421 30.74 -13.63 12.05
N LYS A 4422 30.33 -12.40 12.38
CA LYS A 4422 28.99 -12.22 12.94
C LYS A 4422 27.90 -12.63 11.94
N LEU A 4423 28.02 -12.17 10.70
CA LEU A 4423 27.04 -12.53 9.69
C LEU A 4423 27.03 -14.03 9.42
N LEU A 4424 28.22 -14.64 9.37
CA LEU A 4424 28.32 -16.07 9.15
C LEU A 4424 27.67 -16.86 10.27
N GLN A 4425 27.91 -16.45 11.52
CA GLN A 4425 27.29 -17.13 12.65
C GLN A 4425 25.77 -17.01 12.59
N ASP A 4426 25.27 -15.80 12.29
CA ASP A 4426 23.82 -15.62 12.19
C ASP A 4426 23.23 -16.48 11.09
N VAL A 4427 23.87 -16.50 9.92
CA VAL A 4427 23.34 -17.25 8.78
C VAL A 4427 23.35 -18.75 9.06
N ARG A 4428 24.45 -19.24 9.64
CA ARG A 4428 24.54 -20.67 9.94
C ARG A 4428 23.52 -21.08 11.00
N GLN A 4429 23.33 -20.25 12.03
CA GLN A 4429 22.31 -20.56 13.03
C GLN A 4429 20.92 -20.55 12.42
N ASP A 4430 20.63 -19.59 11.54
CA ASP A 4430 19.32 -19.55 10.89
C ASP A 4430 19.09 -20.78 10.03
N LEU A 4431 20.11 -21.21 9.28
CA LEU A 4431 19.98 -22.40 8.46
C LEU A 4431 19.80 -23.65 9.30
N ALA A 4432 20.51 -23.73 10.42
CA ALA A 4432 20.33 -24.86 11.33
C ALA A 4432 18.91 -24.88 11.89
N ASP A 4433 18.38 -23.72 12.25
CA ASP A 4433 17.00 -23.65 12.74
C ASP A 4433 16.01 -24.06 11.66
N VAL A 4434 16.25 -23.65 10.41
CA VAL A 4434 15.38 -24.07 9.31
C VAL A 4434 15.44 -25.58 9.13
N VAL A 4435 16.64 -26.16 9.22
CA VAL A 4435 16.77 -27.60 9.09
C VAL A 4435 16.01 -28.30 10.21
N GLN A 4436 16.14 -27.82 11.44
CA GLN A 4436 15.44 -28.45 12.57
C GLN A 4436 13.93 -28.34 12.41
N VAL A 4437 13.44 -27.20 11.92
CA VAL A 4437 12.01 -27.06 11.67
C VAL A 4437 11.57 -28.05 10.60
N CYS A 4438 12.35 -28.17 9.53
CA CYS A 4438 12.01 -29.08 8.45
C CYS A 4438 12.13 -30.54 8.85
N GLU A 4439 12.86 -30.85 9.91
CA GLU A 4439 12.89 -32.20 10.46
C GLU A 4439 11.74 -32.46 11.42
N GLY A 4440 10.91 -31.46 11.68
CA GLY A 4440 9.81 -31.63 12.62
C GLY A 4440 10.24 -31.67 14.07
N LYS A 4441 11.42 -31.15 14.39
CA LYS A 4441 11.94 -31.20 15.76
C LYS A 4441 11.57 -29.97 16.57
N LYS A 4442 11.96 -28.79 16.10
CA LYS A 4442 11.74 -27.56 16.85
C LYS A 4442 10.52 -26.82 16.30
N LYS A 4443 9.95 -25.99 17.18
CA LYS A 4443 8.69 -25.31 16.89
C LYS A 4443 8.94 -24.03 16.10
N GLN A 4444 8.11 -23.79 15.10
CA GLN A 4444 8.28 -22.65 14.21
C GLN A 4444 7.80 -21.37 14.87
N THR A 4445 8.66 -20.36 14.93
CA THR A 4445 8.36 -19.08 15.54
C THR A 4445 8.06 -18.05 14.47
N ASN A 4446 7.80 -16.81 14.91
CA ASN A 4446 7.48 -15.74 13.96
C ASN A 4446 8.65 -15.46 13.04
N TYR A 4447 9.84 -15.26 13.61
CA TYR A 4447 11.01 -15.00 12.78
C TYR A 4447 11.32 -16.19 11.88
N LEU A 4448 11.21 -17.41 12.42
CA LEU A 4448 11.40 -18.60 11.61
C LEU A 4448 10.34 -18.71 10.53
N ARG A 4449 9.09 -18.33 10.84
CA ARG A 4449 8.06 -18.32 9.81
C ARG A 4449 8.45 -17.40 8.66
N THR A 4450 8.86 -16.17 8.97
CA THR A 4450 9.24 -15.23 7.92
C THR A 4450 10.43 -15.74 7.13
N LEU A 4451 11.47 -16.24 7.83
CA LEU A 4451 12.67 -16.70 7.16
C LEU A 4451 12.38 -17.88 6.25
N ILE A 4452 11.57 -18.83 6.71
CA ILE A 4452 11.21 -19.98 5.88
C ILE A 4452 10.38 -19.54 4.69
N ASN A 4453 9.46 -18.59 4.88
CA ASN A 4453 8.67 -18.10 3.75
C ASN A 4453 9.56 -17.50 2.68
N GLU A 4454 10.51 -16.63 3.09
CA GLU A 4454 11.41 -16.03 2.10
C GLU A 4454 12.30 -17.08 1.45
N LEU A 4455 12.81 -18.04 2.23
CA LEU A 4455 13.71 -19.04 1.67
C LEU A 4455 13.00 -19.93 0.65
N VAL A 4456 11.77 -20.35 0.95
CA VAL A 4456 11.01 -21.16 0.00
C VAL A 4456 10.64 -20.34 -1.23
N LYS A 4457 10.20 -19.09 -1.02
CA LYS A 4457 9.81 -18.24 -2.13
C LYS A 4457 11.00 -17.73 -2.94
N GLY A 4458 12.23 -17.93 -2.47
CA GLY A 4458 13.40 -17.56 -3.22
C GLY A 4458 13.91 -16.15 -3.01
N ILE A 4459 13.29 -15.38 -2.12
CA ILE A 4459 13.73 -14.02 -1.83
C ILE A 4459 14.78 -14.06 -0.74
N LEU A 4460 15.84 -13.28 -0.92
CA LEU A 4460 16.88 -13.19 0.09
C LEU A 4460 16.31 -12.62 1.39
N PRO A 4461 16.50 -13.28 2.52
CA PRO A 4461 16.00 -12.73 3.78
C PRO A 4461 16.63 -11.38 4.08
N ARG A 4462 15.81 -10.45 4.59
CA ARG A 4462 16.30 -9.12 4.89
C ARG A 4462 17.24 -9.14 6.10
N SER A 4463 17.09 -10.15 6.96
CA SER A 4463 17.98 -10.29 8.11
C SER A 4463 19.37 -10.77 7.73
N TRP A 4464 19.59 -11.14 6.47
CA TRP A 4464 20.90 -11.58 6.01
C TRP A 4464 21.63 -10.53 5.17
N SER A 4465 20.93 -9.55 4.63
CA SER A 4465 21.53 -8.56 3.73
C SER A 4465 22.18 -7.46 4.57
N HIS A 4466 23.46 -7.64 4.88
CA HIS A 4466 24.23 -6.66 5.63
C HIS A 4466 25.30 -5.96 4.79
N TYR A 4467 25.34 -6.21 3.48
CA TYR A 4467 26.25 -5.49 2.61
C TYR A 4467 25.53 -5.17 1.31
N THR A 4468 26.14 -4.32 0.49
CA THR A 4468 25.53 -3.88 -0.75
C THR A 4468 25.36 -5.05 -1.71
N VAL A 4469 24.15 -5.21 -2.22
CA VAL A 4469 23.78 -6.34 -3.08
C VAL A 4469 22.95 -5.80 -4.23
N PRO A 4470 23.08 -6.34 -5.44
CA PRO A 4470 22.18 -5.95 -6.53
C PRO A 4470 20.73 -6.22 -6.15
N ALA A 4471 19.84 -5.34 -6.64
CA ALA A 4471 18.46 -5.32 -6.17
C ALA A 4471 17.71 -6.62 -6.48
N GLY A 4472 18.13 -7.34 -7.52
CA GLY A 4472 17.43 -8.53 -7.94
C GLY A 4472 18.09 -9.86 -7.61
N MET A 4473 19.11 -9.88 -6.77
CA MET A 4473 19.83 -11.12 -6.49
C MET A 4473 18.99 -12.05 -5.62
N THR A 4474 19.01 -13.33 -5.96
CA THR A 4474 18.23 -14.34 -5.26
C THR A 4474 19.05 -14.94 -4.11
N VAL A 4475 18.56 -16.05 -3.56
CA VAL A 4475 19.19 -16.62 -2.37
C VAL A 4475 20.35 -17.53 -2.74
N ILE A 4476 20.24 -18.25 -3.85
CA ILE A 4476 21.33 -19.13 -4.27
C ILE A 4476 22.56 -18.32 -4.65
N GLN A 4477 22.36 -17.26 -5.43
CA GLN A 4477 23.47 -16.37 -5.77
C GLN A 4477 24.06 -15.73 -4.53
N TRP A 4478 23.20 -15.30 -3.61
CA TRP A 4478 23.69 -14.66 -2.39
C TRP A 4478 24.49 -15.63 -1.55
N VAL A 4479 24.05 -16.90 -1.47
CA VAL A 4479 24.78 -17.89 -0.69
C VAL A 4479 26.14 -18.16 -1.31
N SER A 4480 26.20 -18.28 -2.65
CA SER A 4480 27.48 -18.50 -3.30
C SER A 4480 28.42 -17.30 -3.09
N ASP A 4481 27.90 -16.08 -3.25
CA ASP A 4481 28.71 -14.89 -3.06
C ASP A 4481 29.19 -14.78 -1.62
N PHE A 4482 28.31 -15.05 -0.66
CA PHE A 4482 28.68 -15.00 0.75
C PHE A 4482 29.73 -16.05 1.08
N SER A 4483 29.62 -17.24 0.49
CA SER A 4483 30.63 -18.26 0.69
C SER A 4483 31.98 -17.78 0.16
N GLU A 4484 32.00 -17.16 -1.01
CA GLU A 4484 33.26 -16.65 -1.54
C GLU A 4484 33.84 -15.54 -0.66
N ARG A 4485 32.98 -14.65 -0.15
CA ARG A 4485 33.44 -13.59 0.73
C ARG A 4485 34.02 -14.15 2.02
N ILE A 4486 33.36 -15.15 2.60
CA ILE A 4486 33.86 -15.75 3.83
C ILE A 4486 35.16 -16.49 3.57
N LYS A 4487 35.30 -17.12 2.40
CA LYS A 4487 36.57 -17.77 2.07
C LYS A 4487 37.69 -16.75 1.96
N GLN A 4488 37.42 -15.60 1.34
CA GLN A 4488 38.44 -14.55 1.29
C GLN A 4488 38.79 -14.05 2.68
N LEU A 4489 37.79 -13.90 3.55
CA LEU A 4489 38.06 -13.49 4.92
C LEU A 4489 38.88 -14.54 5.67
N GLN A 4490 38.62 -15.83 5.41
CA GLN A 4490 39.43 -16.88 6.00
C GLN A 4490 40.87 -16.80 5.53
N ASN A 4491 41.08 -16.53 4.24
CA ASN A 4491 42.43 -16.36 3.72
C ASN A 4491 43.12 -15.17 4.38
N ILE A 4492 42.40 -14.06 4.56
CA ILE A 4492 42.97 -12.89 5.22
C ILE A 4492 43.35 -13.22 6.66
N SER A 4493 42.47 -13.92 7.37
CA SER A 4493 42.77 -14.29 8.75
C SER A 4493 43.98 -15.21 8.84
N LEU A 4494 44.07 -16.18 7.92
CA LEU A 4494 45.22 -17.08 7.91
C LEU A 4494 46.50 -16.34 7.61
N ALA A 4495 46.47 -15.40 6.66
CA ALA A 4495 47.65 -14.60 6.35
C ALA A 4495 48.07 -13.74 7.53
N ALA A 4496 47.11 -13.14 8.23
CA ALA A 4496 47.43 -12.32 9.39
C ALA A 4496 48.01 -13.18 10.51
N ALA A 4497 47.46 -14.37 10.73
CA ALA A 4497 47.96 -15.24 11.79
C ALA A 4497 49.35 -15.76 11.47
N SER A 4498 49.60 -16.14 10.21
CA SER A 4498 50.91 -16.67 9.84
C SER A 4498 52.00 -15.63 10.00
N GLY A 4499 51.72 -14.40 9.57
CA GLY A 4499 52.67 -13.32 9.73
C GLY A 4499 52.21 -12.28 10.72
N GLY A 4500 51.70 -11.16 10.21
CA GLY A 4500 51.21 -10.11 11.09
C GLY A 4500 50.58 -9.01 10.28
N ALA A 4501 50.67 -7.79 10.81
CA ALA A 4501 50.19 -6.63 10.07
C ALA A 4501 51.05 -6.35 8.85
N LYS A 4502 52.28 -6.85 8.83
CA LYS A 4502 53.14 -6.67 7.67
C LYS A 4502 52.63 -7.47 6.47
N GLU A 4503 52.09 -8.66 6.73
CA GLU A 4503 51.60 -9.50 5.64
C GLU A 4503 50.31 -8.95 5.04
N LEU A 4504 49.52 -8.22 5.84
CA LEU A 4504 48.26 -7.67 5.35
C LEU A 4504 48.46 -6.69 4.21
N LYS A 4505 49.66 -6.14 4.05
CA LYS A 4505 49.97 -5.28 2.92
C LYS A 4505 50.17 -6.05 1.63
N ASN A 4506 50.65 -7.30 1.70
CA ASN A 4506 51.05 -8.06 0.54
C ASN A 4506 50.00 -9.08 0.10
N ILE A 4507 48.78 -8.98 0.60
CA ILE A 4507 47.70 -9.86 0.21
C ILE A 4507 46.80 -9.13 -0.78
N HIS A 4508 46.52 -9.77 -1.92
CA HIS A 4508 45.67 -9.17 -2.93
C HIS A 4508 44.21 -9.43 -2.59
N VAL A 4509 43.45 -8.36 -2.41
CA VAL A 4509 42.07 -8.46 -2.00
C VAL A 4509 41.18 -8.33 -3.23
N CYS A 4510 39.98 -8.90 -3.13
CA CYS A 4510 38.93 -8.72 -4.13
C CYS A 4510 37.99 -7.65 -3.60
N LEU A 4511 37.96 -6.49 -4.27
CA LEU A 4511 37.14 -5.38 -3.80
C LEU A 4511 35.66 -5.73 -3.80
N GLY A 4512 35.24 -6.65 -4.68
CA GLY A 4512 33.87 -7.10 -4.68
C GLY A 4512 33.51 -8.00 -3.52
N GLY A 4513 34.50 -8.65 -2.92
CA GLY A 4513 34.29 -9.53 -1.79
C GLY A 4513 34.40 -8.87 -0.44
N LEU A 4514 34.68 -7.56 -0.39
CA LEU A 4514 34.78 -6.83 0.86
C LEU A 4514 33.47 -6.13 1.15
N PHE A 4515 33.13 -6.04 2.45
CA PHE A 4515 31.89 -5.39 2.84
C PHE A 4515 31.94 -3.90 2.56
N VAL A 4516 33.08 -3.26 2.79
CA VAL A 4516 33.26 -1.84 2.53
C VAL A 4516 34.55 -1.60 1.75
N PRO A 4517 34.55 -1.75 0.43
CA PRO A 4517 35.79 -1.53 -0.34
C PRO A 4517 36.32 -0.11 -0.25
N GLU A 4518 35.46 0.89 -0.15
CA GLU A 4518 35.93 2.26 -0.01
C GLU A 4518 36.72 2.44 1.28
N ALA A 4519 36.33 1.73 2.34
CA ALA A 4519 37.14 1.73 3.56
C ALA A 4519 38.50 1.10 3.31
N TYR A 4520 38.58 0.09 2.44
CA TYR A 4520 39.87 -0.48 2.10
C TYR A 4520 40.75 0.53 1.36
N ILE A 4521 40.16 1.26 0.42
CA ILE A 4521 40.92 2.28 -0.30
C ILE A 4521 41.43 3.34 0.66
N THR A 4522 40.57 3.79 1.58
CA THR A 4522 40.97 4.77 2.57
C THR A 4522 42.07 4.23 3.48
N ALA A 4523 41.97 2.95 3.87
CA ALA A 4523 42.97 2.35 4.74
C ALA A 4523 44.32 2.25 4.05
N THR A 4524 44.34 1.88 2.76
CA THR A 4524 45.60 1.85 2.02
C THR A 4524 46.19 3.25 1.86
N ARG A 4525 45.35 4.24 1.58
CA ARG A 4525 45.82 5.63 1.52
C ARG A 4525 46.44 6.04 2.85
N GLN A 4526 45.78 5.69 3.95
CA GLN A 4526 46.27 6.04 5.28
C GLN A 4526 47.58 5.33 5.59
N TYR A 4527 47.70 4.07 5.18
CA TYR A 4527 48.95 3.35 5.35
C TYR A 4527 50.10 4.03 4.61
N VAL A 4528 49.86 4.42 3.36
CA VAL A 4528 50.92 5.07 2.58
C VAL A 4528 51.28 6.42 3.21
N ALA A 4529 50.27 7.17 3.66
CA ALA A 4529 50.54 8.47 4.26
C ALA A 4529 51.35 8.33 5.55
N GLN A 4530 50.99 7.37 6.40
CA GLN A 4530 51.71 7.19 7.65
C GLN A 4530 53.12 6.68 7.41
N ALA A 4531 53.29 5.75 6.48
CA ALA A 4531 54.60 5.17 6.23
C ALA A 4531 55.60 6.20 5.73
N ASN A 4532 55.16 7.10 4.85
CA ASN A 4532 56.02 8.11 4.25
C ASN A 4532 55.90 9.48 4.92
N SER A 4533 55.13 9.56 6.01
CA SER A 4533 54.96 10.82 6.76
C SER A 4533 54.41 11.93 5.86
N TRP A 4534 53.53 11.57 4.94
CA TRP A 4534 52.84 12.53 4.08
C TRP A 4534 51.51 12.92 4.70
N SER A 4535 50.80 13.80 4.02
CA SER A 4535 49.46 14.21 4.43
C SER A 4535 48.42 13.51 3.58
N LEU A 4536 47.31 13.13 4.19
CA LEU A 4536 46.30 12.35 3.50
C LEU A 4536 45.71 13.11 2.32
N GLU A 4537 45.43 14.40 2.50
CA GLU A 4537 44.70 15.16 1.49
C GLU A 4537 45.53 15.41 0.23
N GLU A 4538 46.85 15.22 0.29
CA GLU A 4538 47.72 15.48 -0.85
C GLU A 4538 48.22 14.20 -1.50
N LEU A 4539 47.43 13.14 -1.44
CA LEU A 4539 47.76 11.86 -2.07
C LEU A 4539 46.80 11.60 -3.22
N CYS A 4540 47.34 11.17 -4.35
CA CYS A 4540 46.54 10.77 -5.51
C CYS A 4540 46.80 9.30 -5.82
N LEU A 4541 45.90 8.71 -6.59
CA LEU A 4541 45.94 7.30 -6.91
C LEU A 4541 46.24 7.10 -8.38
N GLU A 4542 47.12 6.15 -8.68
CA GLU A 4542 47.41 5.75 -10.05
C GLU A 4542 47.40 4.22 -10.12
N VAL A 4543 46.87 3.71 -11.23
CA VAL A 4543 46.53 2.30 -11.38
C VAL A 4543 47.41 1.68 -12.44
N ASN A 4544 47.96 0.51 -12.15
CA ASN A 4544 48.83 -0.24 -13.06
C ASN A 4544 48.33 -1.66 -13.12
N VAL A 4545 47.76 -2.05 -14.26
CA VAL A 4545 47.18 -3.39 -14.42
C VAL A 4545 48.24 -4.32 -15.00
N THR A 4546 48.61 -5.34 -14.24
CA THR A 4546 49.59 -6.33 -14.65
C THR A 4546 49.06 -7.74 -14.36
N THR A 4547 49.85 -8.73 -14.74
CA THR A 4547 49.54 -10.11 -14.45
C THR A 4547 49.73 -10.39 -12.96
N SER A 4548 48.88 -11.27 -12.42
CA SER A 4548 48.89 -11.58 -10.99
C SER A 4548 50.23 -12.14 -10.53
N GLN A 4549 50.74 -13.17 -11.21
CA GLN A 4549 52.02 -13.75 -10.82
C GLN A 4549 53.17 -12.81 -11.16
N GLY A 4550 53.16 -12.25 -12.37
CA GLY A 4550 54.24 -11.38 -12.80
C GLY A 4550 54.03 -9.93 -12.38
N ALA A 4551 54.14 -9.67 -11.07
CA ALA A 4551 53.94 -8.33 -10.56
C ALA A 4551 54.83 -8.11 -9.34
N THR A 4552 55.17 -6.85 -9.11
CA THR A 4552 55.97 -6.45 -7.95
C THR A 4552 55.24 -5.33 -7.23
N LEU A 4553 54.99 -5.51 -5.94
CA LEU A 4553 54.34 -4.50 -5.12
C LEU A 4553 55.39 -3.76 -4.30
N ASP A 4554 55.50 -2.45 -4.52
CA ASP A 4554 56.43 -1.64 -3.75
C ASP A 4554 55.78 -1.18 -2.44
N ALA A 4555 56.41 -0.24 -1.75
CA ALA A 4555 55.91 0.24 -0.47
C ALA A 4555 54.62 1.02 -0.57
N CYS A 4556 54.23 1.46 -1.78
CA CYS A 4556 53.02 2.25 -1.96
C CYS A 4556 51.99 1.59 -2.86
N SER A 4557 52.25 0.37 -3.33
CA SER A 4557 51.38 -0.32 -4.27
C SER A 4557 50.65 -1.45 -3.57
N PHE A 4558 49.34 -1.53 -3.81
CA PHE A 4558 48.48 -2.58 -3.24
C PHE A 4558 47.80 -3.33 -4.36
N GLY A 4559 47.88 -4.66 -4.34
CA GLY A 4559 47.26 -5.46 -5.38
C GLY A 4559 45.78 -5.67 -5.12
N VAL A 4560 45.01 -5.61 -6.19
CA VAL A 4560 43.56 -5.80 -6.15
C VAL A 4560 43.17 -6.71 -7.32
N THR A 4561 42.35 -7.72 -7.04
CA THR A 4561 41.89 -8.65 -8.04
C THR A 4561 40.39 -8.52 -8.24
N GLY A 4562 39.90 -9.15 -9.30
CA GLY A 4562 38.48 -9.21 -9.56
C GLY A 4562 37.88 -8.01 -10.26
N LEU A 4563 38.69 -7.01 -10.61
CA LEU A 4563 38.17 -5.84 -11.30
C LEU A 4563 37.89 -6.16 -12.75
N LYS A 4564 36.66 -5.90 -13.18
CA LYS A 4564 36.20 -6.21 -14.53
C LYS A 4564 36.07 -4.92 -15.33
N LEU A 4565 36.68 -4.90 -16.51
CA LEU A 4565 36.64 -3.74 -17.39
C LEU A 4565 35.51 -3.93 -18.40
N GLN A 4566 34.58 -2.98 -18.44
CA GLN A 4566 33.39 -3.08 -19.26
C GLN A 4566 33.63 -2.36 -20.59
N GLY A 4567 33.54 -3.11 -21.69
CA GLY A 4567 33.62 -2.51 -23.01
C GLY A 4567 34.98 -2.01 -23.41
N ALA A 4568 36.05 -2.53 -22.81
CA ALA A 4568 37.39 -2.12 -23.18
C ALA A 4568 38.36 -3.22 -22.78
N THR A 4569 39.56 -3.16 -23.37
CA THR A 4569 40.64 -4.08 -23.05
C THR A 4569 41.86 -3.30 -22.62
N CYS A 4570 42.62 -3.87 -21.68
CA CYS A 4570 43.83 -3.25 -21.15
C CYS A 4570 45.02 -4.10 -21.57
N ASN A 4571 45.83 -3.55 -22.48
CA ASN A 4571 47.08 -4.17 -22.89
C ASN A 4571 48.21 -3.18 -22.68
N ASN A 4572 49.24 -3.59 -21.94
CA ASN A 4572 50.36 -2.73 -21.59
C ASN A 4572 49.87 -1.46 -20.88
N ASN A 4573 48.86 -1.62 -20.04
CA ASN A 4573 48.28 -0.54 -19.25
C ASN A 4573 47.71 0.57 -20.14
N LYS A 4574 47.25 0.20 -21.34
CA LYS A 4574 46.62 1.13 -22.26
C LYS A 4574 45.28 0.57 -22.68
N LEU A 4575 44.27 1.43 -22.73
CA LEU A 4575 42.90 1.01 -23.00
C LEU A 4575 42.58 1.04 -24.49
N SER A 4576 41.82 0.04 -24.93
CA SER A 4576 41.29 0.00 -26.29
C SER A 4576 39.86 -0.50 -26.23
N LEU A 4577 39.00 0.06 -27.06
CA LEU A 4577 37.61 -0.37 -27.11
C LEU A 4577 37.49 -1.79 -27.66
N SER A 4578 36.49 -2.51 -27.18
CA SER A 4578 36.29 -3.89 -27.58
C SER A 4578 34.81 -4.21 -27.62
N ASN A 4579 34.47 -5.25 -28.37
CA ASN A 4579 33.09 -5.73 -28.47
C ASN A 4579 32.72 -6.74 -27.41
N ALA A 4580 33.67 -7.13 -26.56
CA ALA A 4580 33.35 -8.00 -25.44
C ALA A 4580 32.58 -7.23 -24.38
N ILE A 4581 31.64 -7.92 -23.73
CA ILE A 4581 30.81 -7.28 -22.71
C ILE A 4581 31.66 -6.81 -21.54
N SER A 4582 32.55 -7.67 -21.05
CA SER A 4582 33.43 -7.31 -19.95
C SER A 4582 34.76 -8.03 -20.12
N THR A 4583 35.84 -7.35 -19.75
CA THR A 4583 37.19 -7.91 -19.79
C THR A 4583 37.76 -7.91 -18.39
N ALA A 4584 38.26 -9.06 -17.95
CA ALA A 4584 38.81 -9.19 -16.61
C ALA A 4584 40.19 -8.58 -16.54
N LEU A 4585 40.42 -7.76 -15.50
CA LEU A 4585 41.75 -7.23 -15.22
C LEU A 4585 42.45 -8.17 -14.24
N PRO A 4586 43.55 -8.82 -14.63
CA PRO A 4586 44.14 -9.86 -13.78
C PRO A 4586 44.54 -9.37 -12.39
N LEU A 4587 45.41 -8.37 -12.33
CA LEU A 4587 45.81 -7.77 -11.06
C LEU A 4587 45.93 -6.28 -11.24
N THR A 4588 45.23 -5.51 -10.42
CA THR A 4588 45.25 -4.06 -10.46
C THR A 4588 46.04 -3.55 -9.27
N GLN A 4589 47.11 -2.80 -9.55
CA GLN A 4589 47.98 -2.27 -8.51
C GLN A 4589 47.62 -0.82 -8.24
N LEU A 4590 47.24 -0.53 -7.00
CA LEU A 4590 46.88 0.83 -6.60
C LEU A 4590 48.08 1.45 -5.89
N ARG A 4591 48.74 2.39 -6.57
CA ARG A 4591 49.88 3.09 -6.01
C ARG A 4591 49.45 4.48 -5.58
N TRP A 4592 49.80 4.84 -4.35
CA TRP A 4592 49.50 6.17 -3.81
C TRP A 4592 50.74 7.03 -3.92
N VAL A 4593 50.61 8.17 -4.60
CA VAL A 4593 51.72 9.08 -4.84
C VAL A 4593 51.27 10.49 -4.52
N LYS A 4594 52.24 11.37 -4.30
CA LYS A 4594 51.95 12.76 -4.00
C LYS A 4594 51.32 13.44 -5.21
N GLN A 4595 50.38 14.34 -4.95
CA GLN A 4595 49.73 15.08 -6.02
C GLN A 4595 50.73 16.02 -6.69
N THR A 4596 50.66 16.10 -8.02
CA THR A 4596 51.57 16.95 -8.79
C THR A 4596 50.93 18.24 -9.28
N ASN A 4597 49.60 18.26 -9.48
CA ASN A 4597 48.88 19.44 -9.95
C ASN A 4597 49.44 19.96 -11.26
N THR A 4598 49.65 19.06 -12.22
CA THR A 4598 50.14 19.40 -13.55
C THR A 4598 49.15 19.04 -14.64
N GLU A 4599 47.86 19.17 -14.35
CA GLU A 4599 46.77 18.83 -15.28
C GLU A 4599 46.89 17.35 -15.66
N LYS A 4600 46.40 16.98 -16.83
CA LYS A 4600 46.46 15.59 -17.27
C LYS A 4600 46.56 15.56 -18.80
N LYS A 4601 47.08 14.45 -19.30
CA LYS A 4601 47.28 14.30 -20.74
C LYS A 4601 45.95 14.19 -21.47
N ALA A 4602 45.99 14.47 -22.77
CA ALA A 4602 44.78 14.36 -23.58
C ALA A 4602 44.42 12.90 -23.85
N SER A 4603 45.37 11.98 -23.66
CA SER A 4603 45.12 10.56 -23.85
C SER A 4603 44.68 9.85 -22.59
N VAL A 4604 44.44 10.58 -21.51
CA VAL A 4604 44.04 10.00 -20.23
C VAL A 4604 42.53 10.05 -20.11
N VAL A 4605 41.92 8.91 -19.79
CA VAL A 4605 40.48 8.81 -19.57
C VAL A 4605 40.24 8.51 -18.10
N THR A 4606 39.15 9.06 -17.57
CA THR A 4606 38.74 8.84 -16.19
C THR A 4606 37.53 7.90 -16.20
N LEU A 4607 37.71 6.72 -15.61
CA LEU A 4607 36.69 5.68 -15.65
C LEU A 4607 36.09 5.48 -14.27
N PRO A 4608 34.77 5.43 -14.15
CA PRO A 4608 34.16 5.11 -12.86
C PRO A 4608 34.41 3.65 -12.50
N VAL A 4609 34.47 3.40 -11.20
CA VAL A 4609 34.58 2.04 -10.66
C VAL A 4609 33.35 1.81 -9.80
N TYR A 4610 32.42 1.00 -10.31
CA TYR A 4610 31.21 0.66 -9.59
C TYR A 4610 31.37 -0.68 -8.89
N LEU A 4611 30.57 -0.89 -7.85
CA LEU A 4611 30.67 -2.13 -7.08
C LEU A 4611 30.10 -3.31 -7.85
N ASN A 4612 29.00 -3.11 -8.57
CA ASN A 4612 28.33 -4.17 -9.30
C ASN A 4612 27.80 -3.62 -10.62
N PHE A 4613 27.17 -4.50 -11.40
CA PHE A 4613 26.71 -4.13 -12.73
C PHE A 4613 25.59 -3.10 -12.73
N THR A 4614 24.90 -2.95 -11.59
CA THR A 4614 23.80 -1.99 -11.53
C THR A 4614 24.29 -0.55 -11.64
N ARG A 4615 25.58 -0.30 -11.40
CA ARG A 4615 26.16 1.03 -11.52
C ARG A 4615 25.47 2.04 -10.61
N ALA A 4616 24.99 1.58 -9.46
CA ALA A 4616 24.29 2.44 -8.51
C ALA A 4616 25.20 3.05 -7.45
N ASP A 4617 26.35 2.45 -7.19
CA ASP A 4617 27.31 2.94 -6.22
C ASP A 4617 28.68 3.10 -6.86
N LEU A 4618 29.38 4.16 -6.50
CA LEU A 4618 30.70 4.45 -7.04
C LEU A 4618 31.73 4.33 -5.93
N ILE A 4619 32.70 3.44 -6.11
CA ILE A 4619 33.74 3.21 -5.10
C ILE A 4619 34.82 4.27 -5.24
N PHE A 4620 35.45 4.32 -6.41
CA PHE A 4620 36.49 5.30 -6.70
C PHE A 4620 36.59 5.45 -8.21
N THR A 4621 37.56 6.23 -8.67
CA THR A 4621 37.77 6.45 -10.09
C THR A 4621 39.22 6.16 -10.44
N VAL A 4622 39.42 5.73 -11.69
CA VAL A 4622 40.74 5.39 -12.19
C VAL A 4622 41.02 6.23 -13.43
N ASP A 4623 42.25 6.75 -13.51
CA ASP A 4623 42.69 7.52 -14.66
C ASP A 4623 43.52 6.60 -15.54
N PHE A 4624 42.92 6.14 -16.64
CA PHE A 4624 43.58 5.24 -17.57
C PHE A 4624 44.05 6.01 -18.80
N GLU A 4625 45.12 5.52 -19.40
CA GLU A 4625 45.67 6.11 -20.61
C GLU A 4625 45.23 5.26 -21.79
N ILE A 4626 44.50 5.87 -22.72
CA ILE A 4626 44.01 5.15 -23.88
C ILE A 4626 45.10 5.08 -24.95
N ALA A 4627 45.07 4.02 -25.74
CA ALA A 4627 46.03 3.84 -26.81
C ALA A 4627 45.76 4.85 -27.92
N THR A 4628 46.71 4.98 -28.83
CA THR A 4628 46.54 5.87 -29.97
C THR A 4628 45.40 5.37 -30.86
N LYS A 4629 44.91 6.27 -31.72
CA LYS A 4629 43.78 6.04 -32.61
C LYS A 4629 42.48 5.85 -31.85
N GLU A 4630 42.46 6.16 -30.56
CA GLU A 4630 41.27 6.05 -29.73
C GLU A 4630 40.77 7.44 -29.37
N ASP A 4631 39.45 7.59 -29.29
CA ASP A 4631 38.84 8.87 -28.97
C ASP A 4631 38.23 8.79 -27.58
N PRO A 4632 38.67 9.61 -26.62
CA PRO A 4632 38.07 9.54 -25.28
C PRO A 4632 36.57 9.81 -25.27
N ARG A 4633 36.06 10.61 -26.22
CA ARG A 4633 34.62 10.79 -26.32
C ARG A 4633 33.93 9.47 -26.65
N SER A 4634 34.57 8.63 -27.46
CA SER A 4634 34.00 7.31 -27.75
C SER A 4634 33.98 6.45 -26.50
N PHE A 4635 34.98 6.60 -25.63
CA PHE A 4635 34.95 5.91 -24.34
C PHE A 4635 33.79 6.40 -23.48
N TYR A 4636 33.53 7.70 -23.51
CA TYR A 4636 32.42 8.24 -22.73
C TYR A 4636 31.08 7.76 -23.27
N GLU A 4637 30.93 7.72 -24.60
CA GLU A 4637 29.65 7.38 -25.20
C GLU A 4637 29.31 5.91 -25.03
N ARG A 4638 30.31 5.03 -25.06
CA ARG A 4638 30.08 3.60 -24.99
C ARG A 4638 29.93 3.09 -23.56
N GLY A 4639 29.96 3.98 -22.58
CA GLY A 4639 29.75 3.58 -21.19
C GLY A 4639 30.83 2.68 -20.63
N VAL A 4640 32.09 2.99 -20.93
CA VAL A 4640 33.19 2.19 -20.41
C VAL A 4640 33.37 2.48 -18.92
N ALA A 4641 33.43 1.43 -18.12
CA ALA A 4641 33.59 1.56 -16.68
C ALA A 4641 34.27 0.30 -16.15
N VAL A 4642 34.58 0.31 -14.86
CA VAL A 4642 35.21 -0.81 -14.18
C VAL A 4642 34.26 -1.30 -13.09
N LEU A 4643 34.11 -2.62 -13.00
CA LEU A 4643 33.24 -3.23 -12.00
C LEU A 4643 34.06 -4.02 -11.00
N CYS A 4644 33.68 -3.93 -9.73
CA CYS A 4644 34.38 -4.69 -8.69
C CYS A 4644 34.02 -6.17 -8.74
N THR A 4645 32.78 -6.50 -9.07
CA THR A 4645 32.35 -7.89 -9.12
C THR A 4645 31.38 -8.13 -10.27
PB AOV B . 18.45 21.53 2.01
O1B AOV B . 19.24 20.51 1.33
O2B AOV B . 17.79 22.50 1.15
O3B AOV B . 17.22 20.87 2.78
PA AOV B . 19.85 23.60 3.30
O1A AOV B . 19.57 24.30 2.05
O2A AOV B . 19.17 24.17 4.49
O3A AOV B . 19.45 22.11 3.10
O5' AOV B . 21.40 23.56 3.40
C5' AOV B . 22.02 22.87 4.46
C4' AOV B . 23.13 23.72 5.01
O4' AOV B . 24.11 23.90 4.03
C3' AOV B . 22.62 25.08 5.39
O3' AOV B . 23.16 25.40 6.65
C2' AOV B . 23.22 25.99 4.39
O2' AOV B . 23.47 27.24 4.99
C1' AOV B . 24.49 25.26 4.06
N9 AOV B . 24.85 25.69 2.73
C8 AOV B . 24.39 25.15 1.63
N7 AOV B . 24.91 25.79 0.55
C5 AOV B . 25.70 26.77 0.96
C6 AOV B . 26.55 27.81 0.36
N6 AOV B . 26.66 27.96 -0.96
N1 AOV B . 27.21 28.63 1.16
C2 AOV B . 27.13 28.53 2.48
N3 AOV B . 26.39 27.61 3.09
C4 AOV B . 25.66 26.71 2.41
VG AOV B . 17.10 18.93 3.12
O1G AOV B . 18.43 18.97 4.72
O2G AOV B . 16.95 16.95 3.52
O3G AOV B . 15.12 19.09 3.68
O4G AOV B . 17.63 18.45 1.15
PG ATP C . 15.68 5.08 28.42
O1G ATP C . 15.93 5.20 26.97
O2G ATP C . 14.87 6.19 28.94
O3G ATP C . 15.14 3.77 28.78
PB ATP C . 17.85 6.52 29.59
O1B ATP C . 19.05 6.77 28.78
O2B ATP C . 16.82 7.57 29.72
O3B ATP C . 17.12 5.21 29.07
PA ATP C . 18.30 6.72 32.51
O1A ATP C . 17.04 7.47 32.69
O2A ATP C . 19.55 7.44 32.84
O3A ATP C . 18.37 6.13 31.04
O5' ATP C . 18.24 5.37 33.35
C5' ATP C . 19.46 4.68 33.69
C4' ATP C . 19.33 4.17 35.09
O4' ATP C . 20.56 4.40 35.81
C3' ATP C . 18.27 4.87 35.93
O3' ATP C . 17.87 4.08 37.05
C2' ATP C . 19.04 6.08 36.43
O2' ATP C . 18.44 6.60 37.60
C1' ATP C . 20.41 5.48 36.70
N9 ATP C . 21.46 6.43 36.46
C8 ATP C . 21.54 7.38 35.46
N7 ATP C . 22.62 8.12 35.55
C5 ATP C . 23.27 7.64 36.67
C6 ATP C . 24.47 8.01 37.30
N6 ATP C . 25.26 8.98 36.88
N1 ATP C . 24.82 7.32 38.41
C2 ATP C . 24.03 6.34 38.85
N3 ATP C . 22.88 5.91 38.33
C4 ATP C . 22.57 6.61 37.24
PB ADP D . -4.35 -17.40 31.14
O1B ADP D . -4.51 -16.07 31.85
O2B ADP D . -5.02 -17.42 29.78
O3B ADP D . -2.92 -17.86 31.09
PA ADP D . -6.52 -18.46 32.81
O1A ADP D . -6.29 -17.99 34.21
O2A ADP D . -7.52 -17.72 31.97
O3A ADP D . -5.13 -18.48 32.04
O5' ADP D . -6.90 -20.01 32.83
C5' ADP D . -5.96 -20.95 33.42
C4' ADP D . -6.56 -22.32 33.41
O4' ADP D . -5.68 -23.23 34.13
C3' ADP D . -7.93 -22.46 34.08
O3' ADP D . -8.71 -23.48 33.45
C2' ADP D . -7.53 -22.89 35.50
O2' ADP D . -8.58 -23.50 36.21
C1' ADP D . -6.40 -23.85 35.18
N9 ADP D . -5.47 -24.05 36.29
C8 ADP D . -4.11 -24.17 36.19
N7 ADP D . -3.53 -24.35 37.35
C5 ADP D . -4.57 -24.39 38.27
C6 ADP D . -4.60 -24.57 39.66
N6 ADP D . -3.52 -24.76 40.40
N1 ADP D . -5.81 -24.55 40.26
C2 ADP D . -6.90 -24.37 39.51
N3 ADP D . -6.99 -24.19 38.19
C4 ADP D . -5.78 -24.21 37.62
PB ADP E . -25.67 -20.10 7.15
O1B ADP E . -25.52 -21.58 7.37
O2B ADP E . -25.83 -19.33 8.43
O3B ADP E . -24.60 -19.53 6.26
PA ADP E . -28.60 -20.06 6.74
O1A ADP E . -28.80 -21.33 7.50
O2A ADP E . -29.07 -18.78 7.37
O3A ADP E . -27.05 -19.91 6.34
O5' ADP E . -29.26 -20.20 5.29
C5' ADP E . -30.67 -20.43 5.18
C4' ADP E . -30.92 -21.41 4.06
O4' ADP E . -30.29 -22.67 4.41
C3' ADP E . -32.39 -21.75 3.76
O3' ADP E . -32.65 -21.62 2.37
C2' ADP E . -32.53 -23.20 4.22
O2' ADP E . -33.49 -23.92 3.48
C1' ADP E . -31.12 -23.72 3.99
N9 ADP E . -30.79 -24.91 4.77
C8 ADP E . -29.70 -25.07 5.58
N7 ADP E . -29.65 -26.25 6.16
C5 ADP E . -30.78 -26.90 5.68
C6 ADP E . -31.29 -28.20 5.92
N6 ADP E . -30.71 -29.09 6.73
N1 ADP E . -32.44 -28.53 5.29
C2 ADP E . -33.01 -27.64 4.48
N3 ADP E . -32.62 -26.41 4.18
C4 ADP E . -31.48 -26.09 4.81
MG MG F . 15.29 8.74 29.14
MG MG G . 15.57 22.42 2.58
#